data_6CDI
#
_entry.id   6CDI
#
loop_
_entity.id
_entity.type
_entity.pdbx_description
1 polymer 'Glycoprotein gp41'
2 polymer 'Glycoprotein 120'
3 polymer 'PGT122 Light Chain'
4 polymer 'PGT122 Heavy Chain'
5 polymer 'VRC03 light chain'
6 polymer 'VRC03 Heavy Chain'
7 polymer 'vFP16.02 Heavy Chain'
8 polymer 'vFP16.02 Light Chain'
9 branched beta-D-mannopyranose-(1-4)-2-acetamido-2-deoxy-beta-D-glucopyranose-(1-4)-2-acetamido-2-deoxy-beta-D-glucopyranose
10 branched alpha-D-mannopyranose-(1-3)-beta-D-mannopyranose-(1-4)-2-acetamido-2-deoxy-beta-D-glucopyranose-(1-4)-2-acetamido-2-deoxy-beta-D-glucopyranose
11 branched 2-acetamido-2-deoxy-beta-D-glucopyranose-(1-4)-2-acetamido-2-deoxy-beta-D-glucopyranose
12 branched alpha-D-mannopyranose-(1-3)-[alpha-D-mannopyranose-(1-6)]beta-D-mannopyranose-(1-4)-2-acetamido-2-deoxy-beta-D-glucopyranose-(1-4)-2-acetamido-2-deoxy-beta-D-glucopyranose
13 branched alpha-D-mannopyranose-(1-2)-alpha-D-mannopyranose-(1-2)-alpha-D-mannopyranose-(1-3)-[alpha-D-mannopyranose-(1-3)-alpha-D-mannopyranose-(1-6)]beta-D-mannopyranose-(1-4)-2-acetamido-2-deoxy-beta-D-glucopyranose-(1-4)-2-acetamido-2-deoxy-beta-D-glucopyranose
14 branched alpha-D-mannopyranose-(1-6)-beta-D-mannopyranose-(1-4)-2-acetamido-2-deoxy-beta-D-glucopyranose-(1-4)-2-acetamido-2-deoxy-beta-D-glucopyranose
15 branched alpha-D-mannopyranose-(1-2)-alpha-D-mannopyranose-(1-3)-[alpha-D-mannopyranose-(1-6)]beta-D-mannopyranose-(1-4)-2-acetamido-2-deoxy-beta-D-glucopyranose-(1-4)-2-acetamido-2-deoxy-beta-D-glucopyranose
16 branched alpha-D-mannopyranose-(1-2)-alpha-D-mannopyranose-(1-2)-alpha-D-mannopyranose-(1-3)-[alpha-D-mannopyranose-(1-3)-[alpha-D-mannopyranose-(1-6)]alpha-D-mannopyranose-(1-6)]beta-D-mannopyranose-(1-4)-2-acetamido-2-deoxy-beta-D-glucopyranose-(1-4)-2-acetamido-2-deoxy-beta-D-glucopyranose
17 non-polymer 2-acetamido-2-deoxy-beta-D-glucopyranose
#
loop_
_entity_poly.entity_id
_entity_poly.type
_entity_poly.pdbx_seq_one_letter_code
_entity_poly.pdbx_strand_id
1 'polypeptide(L)'
;AVGIGAVFLGFLGAAGSTMGAASMTLTVQARNLLSGIVQQQSNLLRAIEAQQHLLKLTVWGIKQLQARVLAVERYLRDQQ
LLGIWGCSGKLICCTNVPWNSSWSNRNLSEIWDNMTWLQWDKEISNYTQIIYGLLEESQNQQEKNEQDLLALD
;
c,A,D
2 'polypeptide(L)'
;AENLWVTVYYGVPVWKDAETTLFCASDAKAYETEKHNVWATHACVPTDPNPQEIHLENVTEEFNMWKNNMVEQMHTDIIS
LWDQSLKPCVKLTPLCVTLQCTNVTNNITDDMRGELKNCSFNMTTELRDKKQKVYSLFYRLDVVQINENQGNRSNNSNKE
YRLINCNTSACTQACPKVSFEPIPIHYCAPAGFAILKCKDKKFNGTGPCPSVSTVQCTHGIKPVVSTQLLLNGSLAEEEV
MIRSENITNNAKNILVQFNTPVQINCTRPNNNTRKSIRIGPGQAFYATGDIIGDIRQAHCNVSKATWNETLGKVVKQLRK
HFGNNTIIRFANSSGGDLEVTTHSFNCGGEFFYCNTSGLFNSTWISNTSVQGSNSTGSNDSITLPCRIKQIINMWQRIGQ
CMYAPPIQGVIRCVSNITGLILTRDGGSTNSTTETFRPGGGDMRDNWRSELYKYKVVKIEPLGVAPTRCKRRV
;
d,2,C
3 'polypeptide(L)'
;APTFVSVAPGQTARITCGEESLGSRSVIWYQQRPGQAPSLIIYNNNDRPSGIPDRFSGSPGSTFGTTATLTITSVEAGDE
ADYYCHIWDSRRPTNWVFGEGTTLIVL
;
n,6,N
4 'polypeptide(L)'
;QVHLQESGPGLVKPSETLSLTCNVSGTLVRDNYWSWIRQPLGKQPEWIGYVHDSGDTNYNPSLKSRVHLSLDKSKNLVSL
RLTGVTAADSAIYYCATTKHGRRIYGVVAFKEWFTYFYMDVWGKGTSVTVSS
;
m,5,M
5 'polypeptide(L)'
;EIVLTQSPGILSLSPGETATLFCKASQGGNAMTWYQKRRGQVPRLLIYDTSRRASGVPDRFVGSGSGTDFFLTINKLDRE
DFAVYYCQQFEFFGLGSELEVH
;
r,7,R
6 'polypeptide(L)'
;QVQLVQSGAVIKTPGSSVKISCRASGYNFRDYSIHWVRLIPDKGFEWIGWIKPLWGAVSYARQLQGRVSMTRQLSQDPDD
PDWGVAYMEFSGLTPADTAEYFCVRRGSCDYCGDFPWQYWGQGTVVVVSSASTKGPSVFPLAPSSGGTAALGCLVKDYFP
EPVTVSWNSGALTSGVHTFPAVLQSSGLYSLSSVVTVPSSSLGTQTYICNVNHKPSNTKVDKKVEPK
;
q,8,Q
7 'polypeptide(L)'
;QVQLLQSGAELVRPGASVTLSCKASGYAFSDYEIHWVKQTPVRGLDWIGAFDPKSGASASNQKVKGRAILTADKSSSTAY
MELRSLTSEDSAVYYCTRLRYFGYFDVWGTGTTVTVSPASTKGPSVFPLAPGTAALGCLVKDYFPEPVTVSWNSGALTSG
VHTFPAVLQSSGLYSLSSVVTVPSSSLGTQTYICNVNHKPSNTKVDKKAEP
;
h,3,H
8 'polypeptide(L)'
;DVLMTQTPLSLPVSLGGQASISCRSSQSVVYSDGDTYLEWYLQKPGQSPKLLIYKVSRRFSGVPDRFSGSGSGTDFTLKI
SRVETEDLGVYYCFQGSHVPYTFGGGTKLEIKRTVAAPSVFIFPPSDEQLKSGTASVVCLLNNFYPREAKVQWKVDNALQ
SGNSQESVTEQDSKDSTYSLSSTLTLSKADYEKHKVYACEVTHQGLSSPVTKSFNR
;
l,4,L
#
loop_
_chem_comp.id
_chem_comp.type
_chem_comp.name
_chem_comp.formula
BMA D-saccharide, beta linking beta-D-mannopyranose 'C6 H12 O6'
MAN D-saccharide, alpha linking alpha-D-mannopyranose 'C6 H12 O6'
NAG D-saccharide, beta linking 2-acetamido-2-deoxy-beta-D-glucopyranose 'C8 H15 N O6'
#
# COMPACT_ATOMS: atom_id res chain seq x y z
N ALA A 1 22.99 45.53 -0.79
CA ALA A 1 22.17 45.86 0.38
C ALA A 1 22.22 44.74 1.41
N VAL A 2 22.52 43.53 0.94
CA VAL A 2 22.63 42.41 1.87
C VAL A 2 24.02 42.37 2.50
N GLY A 3 25.03 42.85 1.81
CA GLY A 3 26.38 42.78 2.35
C GLY A 3 27.06 41.46 2.01
N ILE A 4 28.38 41.54 1.84
CA ILE A 4 29.14 40.35 1.50
C ILE A 4 29.35 39.45 2.72
N GLY A 5 29.46 40.04 3.91
CA GLY A 5 29.66 39.24 5.11
C GLY A 5 28.44 38.46 5.54
N ALA A 6 27.24 38.91 5.14
CA ALA A 6 26.03 38.20 5.50
C ALA A 6 25.92 36.87 4.75
N VAL A 7 26.18 36.90 3.43
CA VAL A 7 26.24 35.66 2.67
C VAL A 7 27.53 34.91 2.89
N PHE A 8 28.54 35.55 3.49
CA PHE A 8 29.69 34.80 3.98
C PHE A 8 29.29 33.89 5.14
N LEU A 9 28.39 34.34 5.99
CA LEU A 9 27.96 33.59 7.15
C LEU A 9 26.84 32.61 6.85
N GLY A 10 26.50 32.41 5.57
CA GLY A 10 25.51 31.44 5.20
C GLY A 10 26.08 30.04 5.15
N PHE A 11 25.24 29.11 4.70
CA PHE A 11 25.65 27.73 4.57
C PHE A 11 26.62 27.57 3.40
N LEU A 12 27.77 26.92 3.67
CA LEU A 12 28.88 26.76 2.73
C LEU A 12 29.41 28.10 2.22
N GLY A 13 29.30 29.15 3.04
CA GLY A 13 29.67 30.47 2.59
C GLY A 13 31.15 30.73 2.49
N ALA A 14 31.98 29.83 3.02
CA ALA A 14 33.42 30.04 3.04
C ALA A 14 34.16 28.96 2.28
N ALA A 15 33.52 28.31 1.31
CA ALA A 15 34.16 27.21 0.60
C ALA A 15 35.25 27.67 -0.35
N GLY A 16 35.25 28.94 -0.73
CA GLY A 16 36.33 29.46 -1.54
C GLY A 16 37.29 30.31 -0.74
N SER A 17 36.96 30.56 0.53
CA SER A 17 37.82 31.32 1.41
C SER A 17 39.00 30.47 1.86
N THR A 18 39.98 31.13 2.46
CA THR A 18 41.10 30.41 3.05
C THR A 18 40.63 29.65 4.29
N MET A 19 41.26 28.51 4.55
CA MET A 19 40.81 27.64 5.64
C MET A 19 41.06 28.25 7.01
N GLY A 20 42.03 29.16 7.12
CA GLY A 20 42.15 29.95 8.33
C GLY A 20 40.97 30.88 8.52
N ALA A 21 40.50 31.50 7.44
CA ALA A 21 39.32 32.34 7.54
C ALA A 21 38.04 31.50 7.55
N ALA A 22 38.07 30.32 6.95
CA ALA A 22 36.91 29.43 7.01
C ALA A 22 36.75 28.79 8.37
N SER A 23 37.80 28.78 9.18
CA SER A 23 37.72 28.20 10.52
C SER A 23 36.87 29.03 11.47
N MET A 24 36.64 30.30 11.16
CA MET A 24 35.84 31.15 12.04
C MET A 24 34.38 30.74 12.06
N THR A 25 33.90 30.14 10.97
CA THR A 25 32.51 29.71 10.85
C THR A 25 32.46 28.23 10.48
N LEU A 26 32.35 27.39 11.50
CA LEU A 26 32.11 25.96 11.29
C LEU A 26 30.76 25.51 11.82
N THR A 27 30.15 26.28 12.71
CA THR A 27 28.86 25.90 13.28
C THR A 27 27.73 25.97 12.27
N VAL A 28 27.88 26.77 11.22
CA VAL A 28 26.82 26.89 10.22
C VAL A 28 26.72 25.63 9.39
N GLN A 29 27.86 25.10 8.95
CA GLN A 29 27.88 23.83 8.23
C GLN A 29 27.51 22.67 9.14
N ALA A 30 27.80 22.77 10.43
CA ALA A 30 27.43 21.73 11.36
C ALA A 30 25.95 21.78 11.73
N ARG A 31 25.29 22.92 11.53
CA ARG A 31 23.89 23.00 11.91
C ARG A 31 22.96 22.59 10.78
N ASN A 32 23.23 22.99 9.55
CA ASN A 32 22.44 22.54 8.40
C ASN A 32 22.93 21.21 7.86
N LEU A 33 23.07 20.28 8.79
CA LEU A 33 23.55 18.93 8.56
C LEU A 33 22.67 17.93 9.31
N LEU A 34 21.82 18.40 10.21
CA LEU A 34 20.95 17.56 11.00
C LEU A 34 19.48 17.79 10.71
N SER A 35 19.00 19.03 10.83
CA SER A 35 17.58 19.31 10.74
C SER A 35 17.13 19.55 9.31
N GLY A 36 17.70 20.55 8.66
CA GLY A 36 17.31 20.91 7.32
C GLY A 36 16.97 22.39 7.21
N THR A 58 1.55 8.98 -0.31
CA THR A 58 1.24 7.79 0.46
C THR A 58 2.41 6.79 0.47
N VAL A 59 3.28 6.92 -0.52
CA VAL A 59 4.48 6.09 -0.65
C VAL A 59 5.68 7.00 -0.36
N TRP A 60 5.50 8.29 -0.64
CA TRP A 60 6.55 9.29 -0.48
C TRP A 60 6.97 9.49 0.96
N GLY A 61 6.09 9.16 1.91
CA GLY A 61 6.46 9.22 3.32
C GLY A 61 7.58 8.27 3.65
N ILE A 62 7.62 7.12 3.00
CA ILE A 62 8.70 6.15 3.21
C ILE A 62 10.02 6.71 2.67
N LYS A 63 9.97 7.40 1.52
CA LYS A 63 11.19 7.96 0.94
C LYS A 63 11.73 9.10 1.77
N GLN A 64 10.86 10.01 2.21
CA GLN A 64 11.33 11.09 3.09
C GLN A 64 11.74 10.56 4.45
N LEU A 65 11.12 9.48 4.91
CA LEU A 65 11.44 8.92 6.20
C LEU A 65 12.81 8.25 6.18
N GLN A 66 13.13 7.57 5.09
CA GLN A 66 14.45 6.96 4.99
C GLN A 66 15.53 8.00 4.71
N ALA A 67 15.17 9.12 4.07
CA ALA A 67 16.13 10.21 3.96
C ALA A 67 16.44 10.83 5.32
N ARG A 68 15.41 11.03 6.15
CA ARG A 68 15.62 11.58 7.49
C ARG A 68 16.44 10.64 8.37
N VAL A 69 16.19 9.34 8.29
CA VAL A 69 16.98 8.45 9.12
C VAL A 69 18.38 8.25 8.58
N LEU A 70 18.59 8.43 7.27
CA LEU A 70 19.95 8.43 6.75
C LEU A 70 20.71 9.65 7.26
N ALA A 71 20.04 10.80 7.33
CA ALA A 71 20.67 12.01 7.84
C ALA A 71 21.06 11.86 9.31
N VAL A 72 20.14 11.36 10.14
CA VAL A 72 20.47 11.27 11.57
C VAL A 72 21.45 10.13 11.82
N GLU A 73 21.44 9.09 10.99
CA GLU A 73 22.38 7.98 11.21
C GLU A 73 23.78 8.38 10.80
N ARG A 74 23.91 9.19 9.74
CA ARG A 74 25.22 9.69 9.35
C ARG A 74 25.74 10.70 10.37
N TYR A 75 24.85 11.52 10.94
CA TYR A 75 25.26 12.44 12.00
C TYR A 75 25.73 11.68 13.22
N LEU A 76 25.08 10.57 13.54
CA LEU A 76 25.51 9.76 14.67
C LEU A 76 26.82 9.04 14.40
N ARG A 77 27.06 8.62 13.15
CA ARG A 77 28.36 8.04 12.80
C ARG A 77 29.47 9.07 12.97
N ASP A 78 29.20 10.31 12.56
CA ASP A 78 30.21 11.36 12.70
C ASP A 78 30.43 11.72 14.17
N GLN A 79 29.37 11.80 14.96
CA GLN A 79 29.55 12.11 16.38
C GLN A 79 30.18 10.95 17.14
N GLN A 80 30.03 9.72 16.66
CA GLN A 80 30.72 8.62 17.30
C GLN A 80 32.20 8.63 16.95
N LEU A 81 32.53 8.95 15.69
CA LEU A 81 33.93 9.05 15.31
C LEU A 81 34.62 10.21 16.02
N LEU A 82 33.88 11.27 16.35
CA LEU A 82 34.44 12.24 17.30
C LEU A 82 34.57 11.64 18.68
N GLY A 83 33.53 10.93 19.14
CA GLY A 83 33.47 10.49 20.53
C GLY A 83 34.49 9.44 20.88
N ILE A 84 34.93 8.64 19.91
CA ILE A 84 36.01 7.70 20.16
C ILE A 84 37.37 8.36 20.16
N TRP A 85 37.45 9.60 19.72
CA TRP A 85 38.64 10.43 19.86
C TRP A 85 38.49 11.27 21.12
N GLY A 86 39.33 12.29 21.29
CA GLY A 86 39.37 13.02 22.53
C GLY A 86 38.19 13.92 22.80
N CYS A 87 37.45 14.30 21.77
CA CYS A 87 36.48 15.38 21.91
C CYS A 87 35.08 14.90 21.59
N SER A 88 34.14 15.23 22.47
CA SER A 88 32.76 14.84 22.24
C SER A 88 31.97 15.96 21.56
N GLY A 89 32.09 17.18 22.08
CA GLY A 89 31.34 18.29 21.52
C GLY A 89 32.12 19.59 21.47
N LYS A 90 33.44 19.49 21.34
CA LYS A 90 34.27 20.69 21.41
C LYS A 90 34.26 21.47 20.08
N LEU A 91 34.13 20.75 18.96
CA LEU A 91 34.03 21.20 17.57
C LEU A 91 35.38 21.70 17.03
N ILE A 92 36.36 21.89 17.91
CA ILE A 92 37.76 22.14 17.59
C ILE A 92 38.55 21.29 18.57
N CYS A 93 39.36 20.37 18.06
CA CYS A 93 39.90 19.32 18.92
C CYS A 93 41.41 19.28 18.82
N CYS A 94 42.08 19.81 19.83
CA CYS A 94 43.49 19.52 20.02
C CYS A 94 43.66 18.06 20.35
N THR A 95 44.71 17.44 19.82
CA THR A 95 45.01 16.05 20.15
C THR A 95 46.52 15.84 20.12
N ASN A 96 46.94 14.61 20.34
CA ASN A 96 48.31 14.30 20.70
C ASN A 96 48.90 13.21 19.83
N VAL A 97 48.81 13.36 18.51
CA VAL A 97 49.63 12.61 17.57
C VAL A 97 50.36 13.61 16.68
N PRO A 98 51.65 13.48 16.47
CA PRO A 98 52.39 14.46 15.67
C PRO A 98 52.07 14.30 14.19
N TRP A 99 52.07 15.44 13.51
CA TRP A 99 51.85 15.42 12.06
C TRP A 99 53.09 14.87 11.38
N ASN A 100 52.99 13.67 10.84
CA ASN A 100 54.07 13.12 10.01
C ASN A 100 54.18 13.99 8.77
N SER A 101 55.32 14.68 8.63
CA SER A 101 55.48 15.68 7.59
C SER A 101 55.56 15.09 6.19
N SER A 102 55.72 13.77 6.07
CA SER A 102 55.63 13.14 4.76
C SER A 102 54.20 13.11 4.22
N TRP A 103 53.20 13.43 5.05
CA TRP A 103 51.82 13.41 4.59
C TRP A 103 51.51 14.57 3.65
N SER A 104 52.05 15.75 3.94
CA SER A 104 51.73 16.93 3.13
C SER A 104 52.92 17.78 2.74
N ASN A 105 54.03 17.74 3.49
CA ASN A 105 55.28 18.51 3.37
C ASN A 105 55.12 19.97 2.96
N ARG A 106 54.13 20.65 3.52
CA ARG A 106 53.86 22.05 3.28
C ARG A 106 54.12 22.86 4.54
N ASN A 107 54.42 24.14 4.37
CA ASN A 107 54.62 25.03 5.49
C ASN A 107 53.27 25.34 6.15
N LEU A 108 53.32 25.93 7.35
CA LEU A 108 52.11 26.20 8.10
C LEU A 108 51.36 27.40 7.53
N SER A 109 52.05 28.53 7.41
CA SER A 109 51.43 29.77 6.96
C SER A 109 51.06 29.76 5.50
N GLU A 110 51.58 28.82 4.71
CA GLU A 110 51.11 28.70 3.35
C GLU A 110 49.79 27.94 3.27
N ILE A 111 49.54 26.99 4.17
CA ILE A 111 48.26 26.27 4.09
C ILE A 111 47.16 27.00 4.85
N TRP A 112 47.48 27.78 5.87
CA TRP A 112 46.40 28.49 6.53
C TRP A 112 46.05 29.80 5.84
N ASP A 113 46.79 30.21 4.82
CA ASP A 113 46.50 31.43 4.09
C ASP A 113 46.42 31.24 2.58
N ASN A 114 46.74 30.06 2.05
CA ASN A 114 46.70 29.84 0.61
C ASN A 114 45.45 29.09 0.19
N MET A 115 45.24 27.90 0.73
CA MET A 115 44.28 26.98 0.16
C MET A 115 42.94 27.02 0.86
N THR A 116 41.93 26.51 0.17
CA THR A 116 40.61 26.31 0.74
C THR A 116 40.58 24.94 1.42
N TRP A 117 39.39 24.51 1.83
CA TRP A 117 39.26 23.16 2.35
C TRP A 117 39.09 22.15 1.21
N LEU A 118 38.38 22.54 0.15
CA LEU A 118 38.23 21.68 -1.02
C LEU A 118 39.57 21.37 -1.67
N GLN A 119 40.49 22.32 -1.65
CA GLN A 119 41.80 22.08 -2.23
C GLN A 119 42.67 21.24 -1.31
N TRP A 120 42.41 21.28 -0.01
CA TRP A 120 43.20 20.53 0.96
C TRP A 120 42.80 19.06 1.03
N ASP A 121 41.52 18.77 0.81
CA ASP A 121 41.03 17.41 0.96
C ASP A 121 41.59 16.49 -0.10
N LYS A 122 41.74 17.00 -1.33
CA LYS A 122 42.38 16.21 -2.38
C LYS A 122 43.86 16.00 -2.09
N GLU A 123 44.49 16.92 -1.36
CA GLU A 123 45.88 16.72 -0.96
C GLU A 123 46.00 15.70 0.17
N ILE A 124 44.96 15.51 0.98
CA ILE A 124 45.07 14.54 2.07
C ILE A 124 44.09 13.38 1.92
N SER A 125 43.46 13.22 0.76
CA SER A 125 42.57 12.08 0.57
C SER A 125 43.33 10.77 0.52
N ASN A 126 44.56 10.80 0.01
CA ASN A 126 45.36 9.59 -0.08
C ASN A 126 45.85 9.15 1.28
N TYR A 127 46.21 10.10 2.14
CA TYR A 127 46.72 9.81 3.48
C TYR A 127 45.60 10.07 4.47
N THR A 128 44.67 9.12 4.55
CA THR A 128 43.57 9.14 5.49
C THR A 128 43.24 7.67 5.73
N GLN A 129 42.65 7.38 6.90
CA GLN A 129 42.40 6.11 7.58
C GLN A 129 43.70 5.61 8.23
N ILE A 130 44.84 6.21 7.92
CA ILE A 130 46.01 6.11 8.79
C ILE A 130 45.85 7.05 9.96
N ILE A 131 45.40 8.28 9.68
CA ILE A 131 45.24 9.31 10.70
C ILE A 131 44.17 8.93 11.70
N TYR A 132 43.10 8.28 11.23
CA TYR A 132 42.00 7.92 12.13
C TYR A 132 42.42 6.80 13.07
N GLY A 133 43.18 5.84 12.56
CA GLY A 133 43.71 4.78 13.41
C GLY A 133 44.71 5.30 14.42
N LEU A 134 45.53 6.28 14.01
CA LEU A 134 46.46 6.90 14.94
C LEU A 134 45.73 7.67 16.04
N LEU A 135 44.61 8.31 15.69
CA LEU A 135 43.80 9.01 16.69
C LEU A 135 43.17 8.03 17.67
N GLU A 136 42.69 6.89 17.18
CA GLU A 136 42.10 5.91 18.09
C GLU A 136 43.15 5.29 18.99
N GLU A 137 44.35 5.04 18.46
CA GLU A 137 45.44 4.53 19.28
C GLU A 137 45.85 5.54 20.34
N SER A 138 45.88 6.82 19.97
CA SER A 138 46.22 7.88 20.92
C SER A 138 45.17 7.97 22.02
N GLN A 139 43.90 7.81 21.68
CA GLN A 139 42.86 7.92 22.70
C GLN A 139 42.85 6.70 23.60
N ASN A 140 43.13 5.52 23.06
CA ASN A 140 43.24 4.33 23.90
C ASN A 140 44.42 4.43 24.86
N GLN A 141 45.55 4.96 24.37
CA GLN A 141 46.71 5.18 25.22
C GLN A 141 46.43 6.23 26.28
N GLN A 142 45.70 7.28 25.93
CA GLN A 142 45.37 8.33 26.89
C GLN A 142 44.42 7.81 27.96
N GLU A 143 43.47 6.96 27.57
CA GLU A 143 42.54 6.41 28.56
C GLU A 143 43.22 5.43 29.50
N LYS A 144 44.14 4.61 29.00
CA LYS A 144 44.82 3.70 29.92
C LYS A 144 45.83 4.44 30.79
N ASN A 145 46.44 5.53 30.28
CA ASN A 145 47.34 6.31 31.13
C ASN A 145 46.57 7.08 32.20
N GLU A 146 45.39 7.60 31.85
CA GLU A 146 44.55 8.26 32.85
C GLU A 146 44.01 7.26 33.86
N GLN A 147 43.72 6.03 33.41
CA GLN A 147 43.29 4.99 34.33
C GLN A 147 44.40 4.63 35.32
N ASP A 148 45.64 4.55 34.84
CA ASP A 148 46.75 4.27 35.74
C ASP A 148 47.01 5.44 36.69
N LEU A 149 46.88 6.66 36.18
CA LEU A 149 47.12 7.85 37.00
C LEU A 149 46.10 7.98 38.12
N LEU A 150 44.82 7.79 37.79
CA LEU A 150 43.78 7.80 38.82
C LEU A 150 43.77 6.51 39.62
N ALA A 151 44.48 5.47 39.18
CA ALA A 151 44.61 4.25 39.95
C ALA A 151 45.62 4.40 41.08
N LEU A 152 46.77 5.00 40.79
CA LEU A 152 47.77 5.17 41.84
C LEU A 152 47.41 6.30 42.81
N ASP A 153 46.46 7.16 42.46
CA ASP A 153 46.02 8.21 43.36
C ASP A 153 44.97 7.69 44.35
N ALA B 1 57.78 24.31 17.73
CA ALA B 1 56.93 24.84 16.67
C ALA B 1 56.93 23.90 15.47
N GLU B 2 58.11 23.36 15.15
CA GLU B 2 58.23 22.41 14.05
C GLU B 2 57.57 21.08 14.34
N ASN B 3 57.31 20.77 15.60
CA ASN B 3 56.51 19.61 16.00
C ASN B 3 55.03 19.94 15.81
N LEU B 4 54.61 19.89 14.56
CA LEU B 4 53.23 20.20 14.23
C LEU B 4 52.31 19.07 14.69
N TRP B 5 51.21 19.42 15.31
CA TRP B 5 50.24 18.46 15.80
C TRP B 5 48.99 18.51 14.94
N VAL B 6 48.29 17.41 14.89
CA VAL B 6 47.09 17.39 14.07
C VAL B 6 45.92 17.85 14.94
N THR B 7 44.91 18.43 14.30
CA THR B 7 43.66 18.79 14.94
C THR B 7 42.52 18.51 13.98
N VAL B 8 41.43 17.92 14.47
CA VAL B 8 40.29 17.71 13.61
C VAL B 8 39.38 18.93 13.71
N TYR B 9 38.58 19.12 12.67
CA TYR B 9 37.67 20.24 12.58
C TYR B 9 36.34 19.71 12.09
N TYR B 10 35.30 19.82 12.89
CA TYR B 10 33.98 19.30 12.53
C TYR B 10 33.13 20.42 11.95
N GLY B 11 32.44 20.14 10.85
CA GLY B 11 31.60 21.15 10.24
C GLY B 11 32.34 21.93 9.18
N VAL B 12 33.14 21.23 8.39
CA VAL B 12 34.05 21.84 7.42
C VAL B 12 33.37 21.91 6.07
N PRO B 13 33.38 23.06 5.39
CA PRO B 13 32.85 23.10 4.03
C PRO B 13 33.76 22.39 3.03
N VAL B 14 33.39 21.17 2.68
CA VAL B 14 34.05 20.35 1.66
C VAL B 14 33.08 19.25 1.29
N TRP B 15 33.01 18.93 0.01
CA TRP B 15 31.98 18.02 -0.47
C TRP B 15 32.53 17.11 -1.56
N LYS B 16 31.76 16.06 -1.85
CA LYS B 16 31.92 15.26 -3.04
C LYS B 16 30.55 15.07 -3.68
N ASP B 17 30.54 14.52 -4.89
CA ASP B 17 29.29 14.27 -5.59
C ASP B 17 28.60 13.05 -4.98
N ALA B 18 27.28 13.02 -5.12
CA ALA B 18 26.51 11.94 -4.55
C ALA B 18 25.24 11.74 -5.35
N GLU B 19 24.57 10.61 -5.08
CA GLU B 19 23.31 10.27 -5.71
C GLU B 19 22.34 9.91 -4.61
N THR B 20 21.36 10.78 -4.38
CA THR B 20 20.36 10.55 -3.34
C THR B 20 19.00 10.92 -3.89
N THR B 21 17.96 10.49 -3.18
CA THR B 21 16.61 10.91 -3.54
C THR B 21 16.39 12.33 -3.08
N LEU B 22 15.79 13.14 -3.94
CA LEU B 22 15.46 14.50 -3.58
C LEU B 22 14.00 14.55 -3.16
N PHE B 23 13.53 15.74 -2.85
CA PHE B 23 12.22 15.91 -2.25
C PHE B 23 11.48 17.05 -2.94
N CYS B 24 10.29 16.76 -3.44
CA CYS B 24 9.50 17.73 -4.17
C CYS B 24 8.80 18.67 -3.19
N ALA B 25 8.52 19.88 -3.69
CA ALA B 25 7.75 20.87 -2.95
C ALA B 25 7.27 21.89 -3.96
N SER B 26 5.99 22.21 -3.91
CA SER B 26 5.45 23.18 -4.86
C SER B 26 4.98 24.44 -4.13
N ASP B 27 4.61 25.44 -4.90
CA ASP B 27 4.34 26.77 -4.36
C ASP B 27 3.01 26.78 -3.62
N ALA B 28 2.91 27.71 -2.65
CA ALA B 28 1.78 27.75 -1.74
C ALA B 28 0.48 28.17 -2.41
N LYS B 29 0.55 28.86 -3.56
CA LYS B 29 -0.67 29.19 -4.28
C LYS B 29 -1.34 27.95 -4.86
N ALA B 30 -0.55 26.93 -5.21
CA ALA B 30 -1.12 25.65 -5.58
C ALA B 30 -1.75 24.95 -4.38
N TYR B 31 -1.23 25.21 -3.18
CA TYR B 31 -1.83 24.69 -1.96
C TYR B 31 -3.02 25.49 -1.48
N GLU B 32 -3.25 26.68 -2.05
CA GLU B 32 -4.47 27.42 -1.73
C GLU B 32 -5.71 26.72 -2.25
N THR B 33 -5.59 25.99 -3.36
CA THR B 33 -6.64 25.12 -3.85
C THR B 33 -6.33 23.69 -3.40
N GLU B 34 -7.37 22.93 -3.10
CA GLU B 34 -7.25 21.76 -2.25
C GLU B 34 -7.82 20.50 -2.90
N LYS B 35 -7.48 19.36 -2.30
CA LYS B 35 -8.13 18.06 -2.46
C LYS B 35 -8.09 17.57 -3.90
N HIS B 36 -6.87 17.27 -4.35
CA HIS B 36 -6.59 16.47 -5.55
C HIS B 36 -7.08 17.14 -6.83
N ASN B 37 -6.97 18.47 -6.88
CA ASN B 37 -7.24 19.19 -8.13
C ASN B 37 -6.25 18.78 -9.21
N VAL B 38 -4.97 18.71 -8.88
CA VAL B 38 -3.91 18.17 -9.70
C VAL B 38 -3.09 17.23 -8.82
N TRP B 39 -2.09 16.61 -9.43
CA TRP B 39 -1.25 15.68 -8.69
C TRP B 39 -0.33 16.40 -7.72
N ALA B 40 0.05 15.66 -6.66
CA ALA B 40 0.99 16.08 -5.61
C ALA B 40 0.56 17.36 -4.91
N THR B 41 -0.73 17.53 -4.67
CA THR B 41 -1.15 18.48 -3.65
C THR B 41 -0.95 17.91 -2.25
N HIS B 42 -0.79 16.59 -2.15
CA HIS B 42 -0.49 15.92 -0.90
C HIS B 42 0.87 15.25 -0.89
N ALA B 43 1.41 14.91 -2.06
CA ALA B 43 2.68 14.19 -2.15
C ALA B 43 3.89 15.09 -1.94
N CYS B 44 3.73 16.40 -2.01
CA CYS B 44 4.81 17.34 -1.76
C CYS B 44 4.44 18.21 -0.56
N VAL B 45 5.44 18.92 -0.02
CA VAL B 45 5.18 19.82 1.11
C VAL B 45 4.99 21.21 0.54
N PRO B 46 4.30 22.12 1.22
CA PRO B 46 4.44 23.55 0.88
C PRO B 46 5.84 24.04 1.19
N THR B 47 6.37 24.86 0.28
CA THR B 47 7.72 25.35 0.42
C THR B 47 7.85 26.30 1.58
N ASP B 48 8.97 26.22 2.28
CA ASP B 48 9.46 27.40 2.96
C ASP B 48 9.75 28.43 1.88
N PRO B 49 9.23 29.66 2.01
CA PRO B 49 9.41 30.64 0.93
C PRO B 49 10.84 31.13 0.80
N ASN B 50 11.07 32.05 -0.16
CA ASN B 50 12.26 32.81 -0.52
C ASN B 50 13.56 32.06 -0.29
N PRO B 51 13.82 31.00 -1.07
CA PRO B 51 14.87 30.04 -0.72
C PRO B 51 16.27 30.63 -0.81
N GLN B 52 17.12 30.20 0.12
CA GLN B 52 18.41 30.83 0.34
C GLN B 52 19.35 30.51 -0.82
N GLU B 53 19.38 31.39 -1.81
CA GLU B 53 20.29 31.28 -2.94
C GLU B 53 21.42 32.26 -2.63
N ILE B 54 22.46 31.73 -2.01
CA ILE B 54 23.58 32.55 -1.55
C ILE B 54 24.80 32.26 -2.42
N HIS B 55 25.51 33.33 -2.77
CA HIS B 55 26.61 33.21 -3.69
C HIS B 55 27.81 32.56 -3.00
N LEU B 56 28.68 31.98 -3.80
CA LEU B 56 29.80 31.21 -3.29
C LEU B 56 30.96 31.51 -4.23
N GLU B 57 32.07 32.00 -3.68
CA GLU B 57 33.12 32.61 -4.48
C GLU B 57 34.30 31.68 -4.65
N ASN B 58 35.12 31.99 -5.65
CA ASN B 58 36.47 31.43 -5.86
C ASN B 58 36.44 29.91 -5.99
N VAL B 59 35.47 29.42 -6.74
CA VAL B 59 35.10 28.01 -6.71
C VAL B 59 34.92 27.54 -8.14
N THR B 60 35.39 26.32 -8.42
CA THR B 60 35.35 25.79 -9.78
C THR B 60 34.89 24.33 -9.68
N GLU B 61 33.57 24.15 -9.76
CA GLU B 61 32.98 22.82 -9.77
C GLU B 61 32.61 22.46 -11.20
N GLU B 62 33.15 21.35 -11.68
CA GLU B 62 32.82 20.90 -13.02
C GLU B 62 31.44 20.29 -13.02
N PHE B 63 30.61 20.68 -13.98
CA PHE B 63 29.27 20.14 -14.04
C PHE B 63 29.19 19.20 -15.23
N ASN B 64 28.08 18.47 -15.31
CA ASN B 64 27.82 17.56 -16.42
C ASN B 64 26.32 17.34 -16.45
N MET B 65 25.62 17.87 -17.44
CA MET B 65 24.18 17.62 -17.50
C MET B 65 23.86 16.26 -18.07
N TRP B 66 24.81 15.59 -18.71
CA TRP B 66 24.50 14.38 -19.45
C TRP B 66 24.62 13.14 -18.58
N LYS B 67 25.64 13.06 -17.74
CA LYS B 67 25.70 12.06 -16.70
C LYS B 67 25.13 12.57 -15.38
N ASN B 68 24.28 13.59 -15.45
CA ASN B 68 23.65 14.14 -14.27
C ASN B 68 22.63 13.16 -13.71
N ASN B 69 22.54 13.12 -12.39
CA ASN B 69 21.41 12.45 -11.78
C ASN B 69 20.32 13.50 -11.56
N MET B 70 19.26 13.15 -10.82
CA MET B 70 18.05 13.92 -10.49
C MET B 70 17.20 14.26 -11.71
N VAL B 71 17.64 13.88 -12.91
CA VAL B 71 16.84 13.94 -14.10
C VAL B 71 16.43 12.51 -14.39
N GLU B 72 17.25 11.57 -13.94
CA GLU B 72 16.87 10.16 -13.98
C GLU B 72 15.75 9.89 -12.99
N GLN B 73 15.90 10.36 -11.75
CA GLN B 73 14.89 10.07 -10.76
C GLN B 73 13.65 10.92 -10.94
N MET B 74 13.76 12.09 -11.59
CA MET B 74 12.54 12.84 -11.91
C MET B 74 11.75 12.15 -13.01
N HIS B 75 12.45 11.61 -14.02
CA HIS B 75 11.78 10.81 -15.03
C HIS B 75 11.17 9.55 -14.46
N THR B 76 11.75 9.00 -13.39
CA THR B 76 11.09 7.90 -12.70
C THR B 76 9.88 8.39 -11.91
N ASP B 77 10.02 9.53 -11.23
CA ASP B 77 9.01 10.00 -10.29
C ASP B 77 7.75 10.47 -11.01
N ILE B 78 7.89 11.13 -12.15
CA ILE B 78 6.72 11.63 -12.84
C ILE B 78 5.95 10.51 -13.50
N ILE B 79 6.65 9.48 -13.98
CA ILE B 79 5.97 8.28 -14.48
C ILE B 79 5.22 7.57 -13.36
N SER B 80 5.88 7.40 -12.21
CA SER B 80 5.26 6.69 -11.10
C SER B 80 4.07 7.46 -10.54
N LEU B 81 4.17 8.78 -10.48
CA LEU B 81 3.08 9.62 -10.00
C LEU B 81 1.97 9.73 -11.04
N TRP B 82 2.32 9.64 -12.33
CA TRP B 82 1.31 9.56 -13.39
C TRP B 82 0.50 8.29 -13.26
N ASP B 83 1.15 7.20 -12.88
CA ASP B 83 0.42 5.98 -12.57
C ASP B 83 -0.38 6.11 -11.28
N GLN B 84 0.14 6.84 -10.28
CA GLN B 84 -0.58 6.97 -9.01
C GLN B 84 -1.80 7.87 -9.11
N SER B 85 -1.96 8.62 -10.19
CA SER B 85 -3.16 9.42 -10.40
C SER B 85 -4.17 8.72 -11.30
N LEU B 86 -4.04 7.40 -11.48
CA LEU B 86 -4.97 6.64 -12.28
C LEU B 86 -5.62 5.48 -11.54
N LYS B 87 -5.16 5.17 -10.33
CA LYS B 87 -5.79 4.10 -9.56
C LYS B 87 -7.22 4.39 -9.10
N PRO B 88 -7.62 5.60 -8.65
CA PRO B 88 -9.04 5.79 -8.33
C PRO B 88 -9.95 5.92 -9.53
N CYS B 89 -9.44 5.95 -10.76
CA CYS B 89 -10.27 6.27 -11.91
C CYS B 89 -10.92 5.03 -12.51
N VAL B 90 -11.79 5.26 -13.49
CA VAL B 90 -12.66 4.24 -14.04
C VAL B 90 -11.91 3.41 -15.07
N LYS B 91 -11.98 2.09 -14.94
CA LYS B 91 -11.46 1.22 -15.99
C LYS B 91 -12.48 1.08 -17.11
N LEU B 92 -11.99 1.06 -18.34
CA LEU B 92 -12.85 0.85 -19.52
C LEU B 92 -12.81 -0.59 -19.98
N THR B 93 -12.72 -1.51 -19.04
CA THR B 93 -12.96 -2.92 -19.34
C THR B 93 -14.33 -3.22 -19.96
N PRO B 94 -15.48 -2.69 -19.50
CA PRO B 94 -16.75 -3.07 -20.14
C PRO B 94 -16.97 -2.44 -21.50
N LEU B 95 -16.08 -1.59 -21.99
CA LEU B 95 -16.34 -0.86 -23.21
C LEU B 95 -15.66 -1.47 -24.43
N CYS B 96 -14.75 -2.43 -24.24
CA CYS B 96 -14.21 -3.18 -25.37
C CYS B 96 -15.29 -4.08 -25.93
N VAL B 97 -15.90 -3.64 -27.02
CA VAL B 97 -17.15 -4.24 -27.50
C VAL B 97 -17.23 -3.96 -28.99
N THR B 98 -18.08 -4.70 -29.69
CA THR B 98 -18.32 -4.47 -31.11
C THR B 98 -18.97 -3.12 -31.31
N LEU B 99 -18.38 -2.30 -32.16
CA LEU B 99 -18.92 -0.97 -32.47
C LEU B 99 -19.54 -1.02 -33.85
N GLN B 100 -20.67 -0.34 -34.01
CA GLN B 100 -21.33 -0.22 -35.31
C GLN B 100 -21.17 1.24 -35.73
N CYS B 101 -20.07 1.54 -36.39
CA CYS B 101 -19.72 2.91 -36.71
C CYS B 101 -20.24 3.30 -38.08
N THR B 102 -20.39 4.61 -38.27
CA THR B 102 -20.77 5.17 -39.55
C THR B 102 -20.21 6.57 -39.63
N ASN B 103 -20.28 7.15 -40.82
CA ASN B 103 -19.78 8.50 -41.02
C ASN B 103 -20.63 9.52 -40.29
N VAL B 104 -19.97 10.57 -39.80
CA VAL B 104 -20.67 11.66 -39.15
C VAL B 104 -21.46 12.43 -40.22
N THR B 105 -22.55 13.08 -39.80
CA THR B 105 -23.29 13.96 -40.69
C THR B 105 -22.40 15.11 -41.09
N ASN B 106 -21.96 15.12 -42.35
CA ASN B 106 -21.03 16.10 -42.89
C ASN B 106 -21.03 15.93 -44.40
N ASN B 107 -20.73 17.02 -45.09
CA ASN B 107 -20.69 17.01 -46.53
C ASN B 107 -19.58 16.03 -46.79
N ILE B 108 -19.85 15.05 -47.65
CA ILE B 108 -18.85 14.01 -47.92
C ILE B 108 -18.31 13.95 -49.34
N THR B 109 -16.99 13.86 -49.42
CA THR B 109 -16.27 13.74 -50.69
C THR B 109 -15.45 12.46 -50.61
N ASP B 110 -15.41 11.71 -51.71
CA ASP B 110 -14.70 10.43 -51.72
C ASP B 110 -13.20 10.56 -51.45
N ASP B 111 -12.55 11.56 -52.03
CA ASP B 111 -11.12 11.75 -51.83
C ASP B 111 -10.78 12.05 -50.37
N MET B 112 -11.57 12.91 -49.75
CA MET B 112 -11.37 13.29 -48.35
C MET B 112 -11.77 12.21 -47.35
N ARG B 113 -11.07 12.18 -46.22
CA ARG B 113 -11.36 11.22 -45.16
C ARG B 113 -11.74 11.99 -43.89
N GLY B 114 -12.86 11.61 -43.28
CA GLY B 114 -13.31 12.30 -42.09
C GLY B 114 -12.49 11.86 -40.89
N GLU B 115 -12.26 12.78 -39.96
CA GLU B 115 -11.49 12.49 -38.77
C GLU B 115 -12.36 11.95 -37.65
N LEU B 116 -13.66 11.92 -37.87
CA LEU B 116 -14.58 11.44 -36.86
C LEU B 116 -15.54 10.40 -37.38
N LYS B 117 -15.89 9.47 -36.52
CA LYS B 117 -16.88 8.44 -36.80
C LYS B 117 -17.95 8.46 -35.73
N ASN B 118 -19.14 8.04 -36.11
CA ASN B 118 -20.34 8.10 -35.29
C ASN B 118 -20.73 6.67 -34.94
N CYS B 119 -20.32 6.20 -33.77
CA CYS B 119 -20.33 4.78 -33.45
C CYS B 119 -21.41 4.48 -32.42
N SER B 120 -22.33 3.59 -32.77
CA SER B 120 -23.37 3.11 -31.87
C SER B 120 -23.01 1.71 -31.39
N PHE B 121 -23.40 1.39 -30.15
CA PHE B 121 -23.02 0.12 -29.55
C PHE B 121 -23.90 -0.16 -28.33
N ASN B 122 -23.97 -1.43 -27.97
CA ASN B 122 -24.64 -1.85 -26.74
C ASN B 122 -23.74 -1.52 -25.56
N MET B 123 -24.36 -1.17 -24.44
CA MET B 123 -23.58 -0.90 -23.25
C MET B 123 -24.41 -1.31 -22.05
N THR B 124 -23.73 -1.80 -21.03
CA THR B 124 -24.40 -2.22 -19.81
C THR B 124 -24.93 -1.00 -19.05
N THR B 125 -25.79 -1.26 -18.09
CA THR B 125 -26.42 -0.22 -17.30
C THR B 125 -26.15 -0.47 -15.83
N GLU B 126 -26.87 0.29 -14.99
CA GLU B 126 -26.89 0.03 -13.57
C GLU B 126 -27.44 -1.35 -13.27
N LEU B 127 -28.37 -1.82 -14.08
CA LEU B 127 -29.03 -3.10 -13.88
C LEU B 127 -28.37 -4.14 -14.77
N ARG B 128 -27.98 -5.27 -14.18
CA ARG B 128 -27.24 -6.29 -14.92
C ARG B 128 -28.09 -7.01 -15.95
N ASP B 129 -29.41 -7.00 -15.79
CA ASP B 129 -30.28 -7.63 -16.78
C ASP B 129 -30.45 -6.77 -18.02
N LYS B 130 -30.49 -5.46 -17.85
CA LYS B 130 -30.84 -4.57 -18.94
C LYS B 130 -29.59 -3.93 -19.53
N LYS B 131 -29.69 -3.51 -20.78
CA LYS B 131 -28.62 -2.83 -21.46
C LYS B 131 -29.23 -1.81 -22.41
N GLN B 132 -28.37 -0.97 -22.99
CA GLN B 132 -28.85 0.19 -23.72
C GLN B 132 -28.05 0.39 -24.99
N LYS B 133 -28.71 0.82 -26.05
CA LYS B 133 -28.04 1.21 -27.28
C LYS B 133 -27.67 2.68 -27.16
N VAL B 134 -26.38 2.97 -27.26
CA VAL B 134 -25.90 4.33 -27.08
C VAL B 134 -24.81 4.61 -28.09
N TYR B 135 -24.70 5.87 -28.50
CA TYR B 135 -23.77 6.26 -29.55
C TYR B 135 -22.81 7.32 -29.02
N SER B 136 -21.68 7.43 -29.70
CA SER B 136 -20.66 8.41 -29.37
C SER B 136 -19.96 8.83 -30.65
N LEU B 137 -19.07 9.81 -30.52
CA LEU B 137 -18.20 10.19 -31.62
C LEU B 137 -16.76 9.87 -31.26
N PHE B 138 -16.05 9.25 -32.19
CA PHE B 138 -14.69 8.84 -31.99
C PHE B 138 -13.82 9.39 -33.11
N TYR B 139 -12.53 9.43 -32.88
CA TYR B 139 -11.62 9.80 -33.95
C TYR B 139 -11.28 8.58 -34.79
N ARG B 140 -10.71 8.82 -35.96
CA ARG B 140 -10.25 7.72 -36.82
C ARG B 140 -9.14 6.94 -36.15
N LEU B 141 -8.33 7.59 -35.33
CA LEU B 141 -7.14 6.98 -34.76
C LEU B 141 -7.45 6.10 -33.57
N ASP B 142 -8.64 6.21 -32.99
CA ASP B 142 -9.01 5.37 -31.87
C ASP B 142 -9.69 4.08 -32.27
N VAL B 143 -10.29 4.03 -33.45
CA VAL B 143 -11.01 2.86 -33.90
C VAL B 143 -10.23 2.18 -35.02
N VAL B 144 -10.36 0.86 -35.09
CA VAL B 144 -9.87 0.07 -36.21
C VAL B 144 -11.01 -0.81 -36.68
N GLN B 145 -10.86 -1.34 -37.88
CA GLN B 145 -11.89 -2.16 -38.48
C GLN B 145 -11.59 -3.63 -38.23
N ILE B 146 -12.59 -4.36 -37.76
CA ILE B 146 -12.49 -5.80 -37.57
C ILE B 146 -13.23 -6.47 -38.72
N ASN B 147 -12.62 -7.52 -39.27
CA ASN B 147 -13.14 -8.13 -40.50
C ASN B 147 -12.65 -9.57 -40.60
N SER B 157 -20.72 -4.61 -47.86
CA SER B 157 -21.42 -5.18 -46.72
C SER B 157 -21.50 -4.18 -45.57
N ASN B 158 -21.43 -4.69 -44.34
CA ASN B 158 -21.49 -3.85 -43.16
C ASN B 158 -20.12 -3.25 -42.86
N LYS B 159 -20.06 -2.42 -41.82
CA LYS B 159 -18.82 -1.76 -41.44
C LYS B 159 -18.85 -1.61 -39.92
N GLU B 160 -18.24 -2.57 -39.23
CA GLU B 160 -18.23 -2.60 -37.78
C GLU B 160 -16.81 -2.50 -37.26
N TYR B 161 -16.63 -1.73 -36.21
CA TYR B 161 -15.31 -1.38 -35.71
C TYR B 161 -15.13 -1.85 -34.27
N ARG B 162 -13.95 -1.56 -33.74
CA ARG B 162 -13.68 -1.68 -32.31
C ARG B 162 -12.52 -0.74 -32.00
N LEU B 163 -12.25 -0.57 -30.71
CA LEU B 163 -11.14 0.28 -30.34
C LEU B 163 -9.82 -0.46 -30.56
N ILE B 164 -8.75 0.33 -30.70
CA ILE B 164 -7.45 -0.24 -31.07
C ILE B 164 -6.83 -0.98 -29.89
N ASN B 165 -6.97 -0.46 -28.68
CA ASN B 165 -6.26 -1.02 -27.55
C ASN B 165 -6.91 -2.26 -26.95
N CYS B 166 -8.04 -2.68 -27.49
CA CYS B 166 -8.75 -3.83 -26.94
C CYS B 166 -7.95 -5.13 -26.96
N ASN B 167 -7.15 -5.32 -28.00
CA ASN B 167 -6.39 -6.56 -28.11
C ASN B 167 -5.10 -6.59 -27.30
N THR B 168 -4.76 -5.52 -26.58
CA THR B 168 -3.52 -5.51 -25.84
C THR B 168 -3.65 -5.05 -24.39
N SER B 169 -4.59 -4.17 -24.07
CA SER B 169 -4.63 -3.60 -22.73
C SER B 169 -6.00 -3.01 -22.46
N ALA B 170 -6.54 -3.32 -21.28
CA ALA B 170 -7.73 -2.62 -20.81
C ALA B 170 -7.34 -1.19 -20.46
N CYS B 171 -8.25 -0.27 -20.73
CA CYS B 171 -7.87 1.13 -20.70
C CYS B 171 -8.51 1.84 -19.51
N THR B 172 -7.92 2.96 -19.13
CA THR B 172 -8.32 3.69 -17.94
C THR B 172 -8.72 5.10 -18.35
N GLN B 173 -9.95 5.49 -18.07
CA GLN B 173 -10.36 6.85 -18.30
C GLN B 173 -9.65 7.76 -17.31
N ALA B 174 -9.22 8.92 -17.76
CA ALA B 174 -8.77 9.93 -16.80
C ALA B 174 -9.97 10.46 -16.06
N CYS B 175 -9.80 10.70 -14.77
CA CYS B 175 -10.86 11.34 -14.01
C CYS B 175 -11.00 12.79 -14.45
N PRO B 176 -12.20 13.25 -14.80
CA PRO B 176 -12.34 14.65 -15.23
C PRO B 176 -12.15 15.66 -14.11
N LYS B 177 -12.18 15.20 -12.86
CA LYS B 177 -11.95 16.10 -11.73
C LYS B 177 -10.49 16.55 -11.69
N VAL B 178 -9.55 15.64 -11.88
CA VAL B 178 -8.13 15.99 -11.84
C VAL B 178 -7.75 16.63 -13.18
N SER B 179 -6.79 17.54 -13.13
CA SER B 179 -6.32 18.24 -14.32
C SER B 179 -4.91 17.79 -14.68
N PHE B 180 -4.47 18.23 -15.86
CA PHE B 180 -3.17 17.86 -16.38
C PHE B 180 -2.21 19.04 -16.48
N GLU B 181 -2.59 20.22 -15.99
CA GLU B 181 -1.79 21.41 -16.19
C GLU B 181 -0.51 21.34 -15.33
N PRO B 182 0.58 21.95 -15.80
CA PRO B 182 1.81 21.94 -15.00
C PRO B 182 1.71 22.85 -13.79
N ILE B 183 2.13 22.33 -12.64
CA ILE B 183 2.36 23.15 -11.46
C ILE B 183 3.85 23.05 -11.15
N PRO B 184 4.53 24.15 -10.82
CA PRO B 184 5.99 24.13 -10.74
C PRO B 184 6.48 23.37 -9.51
N ILE B 185 7.35 22.38 -9.74
CA ILE B 185 8.01 21.64 -8.66
C ILE B 185 9.29 22.37 -8.29
N HIS B 186 9.59 22.42 -7.00
CA HIS B 186 10.89 22.85 -6.51
C HIS B 186 11.53 21.64 -5.85
N TYR B 187 12.58 21.09 -6.46
CA TYR B 187 13.30 19.96 -5.88
C TYR B 187 14.24 20.46 -4.79
N CYS B 188 14.16 19.83 -3.61
CA CYS B 188 14.85 20.29 -2.43
C CYS B 188 15.79 19.20 -1.93
N ALA B 189 16.95 19.61 -1.49
CA ALA B 189 17.90 18.64 -0.98
C ALA B 189 17.60 18.32 0.48
N PRO B 190 17.77 17.07 0.91
CA PRO B 190 17.54 16.74 2.32
C PRO B 190 18.67 17.20 3.21
N ALA B 191 18.62 16.86 4.49
CA ALA B 191 19.65 17.28 5.42
C ALA B 191 20.92 16.47 5.18
N GLY B 192 22.03 17.17 5.04
CA GLY B 192 23.30 16.53 4.72
C GLY B 192 23.66 16.56 3.25
N PHE B 193 22.98 17.36 2.44
CA PHE B 193 23.29 17.50 1.04
C PHE B 193 23.12 18.96 0.66
N ALA B 194 23.44 19.29 -0.59
CA ALA B 194 23.28 20.64 -1.08
C ALA B 194 23.11 20.59 -2.59
N ILE B 195 22.48 21.63 -3.12
CA ILE B 195 22.26 21.77 -4.55
C ILE B 195 23.08 22.95 -5.04
N LEU B 196 23.99 22.69 -5.96
CA LEU B 196 24.78 23.76 -6.57
C LEU B 196 24.14 24.19 -7.88
N LYS B 197 24.30 25.47 -8.20
CA LYS B 197 23.69 26.06 -9.38
C LYS B 197 24.75 26.87 -10.12
N CYS B 198 24.90 26.60 -11.42
CA CYS B 198 25.85 27.34 -12.25
C CYS B 198 25.24 28.69 -12.59
N LYS B 199 25.81 29.75 -12.03
CA LYS B 199 25.34 31.09 -12.32
C LYS B 199 26.01 31.68 -13.56
N ASP B 200 26.85 30.89 -14.24
CA ASP B 200 27.57 31.38 -15.41
C ASP B 200 26.61 31.55 -16.59
N LYS B 201 27.02 32.44 -17.50
CA LYS B 201 26.24 32.84 -18.66
C LYS B 201 26.48 31.91 -19.85
N LYS B 202 27.73 31.78 -20.26
CA LYS B 202 28.12 31.01 -21.44
C LYS B 202 28.59 29.66 -20.93
N PHE B 203 27.69 28.67 -20.97
CA PHE B 203 27.95 27.42 -20.29
C PHE B 203 27.24 26.29 -21.03
N ASN B 204 28.02 25.45 -21.69
CA ASN B 204 27.47 24.32 -22.45
C ASN B 204 27.20 23.08 -21.60
N GLY B 205 27.19 23.21 -20.27
CA GLY B 205 26.80 22.10 -19.44
C GLY B 205 27.83 21.03 -19.24
N THR B 206 29.09 21.30 -19.55
CA THR B 206 30.15 20.31 -19.38
C THR B 206 31.44 21.04 -19.06
N GLY B 207 32.09 20.65 -17.98
CA GLY B 207 33.33 21.27 -17.59
C GLY B 207 33.13 22.33 -16.54
N PRO B 208 34.10 23.23 -16.40
CA PRO B 208 34.12 24.13 -15.25
C PRO B 208 33.10 25.25 -15.35
N CYS B 209 32.46 25.52 -14.22
CA CYS B 209 31.57 26.67 -14.06
C CYS B 209 32.21 27.59 -13.02
N PRO B 210 32.64 28.79 -13.40
CA PRO B 210 33.43 29.62 -12.48
C PRO B 210 32.62 30.25 -11.36
N SER B 211 31.32 30.43 -11.58
CA SER B 211 30.45 31.06 -10.60
C SER B 211 29.32 30.10 -10.25
N VAL B 212 29.51 29.31 -9.20
CA VAL B 212 28.44 28.44 -8.71
C VAL B 212 27.90 29.06 -7.44
N SER B 213 26.72 28.60 -7.06
CA SER B 213 26.07 29.08 -5.84
C SER B 213 25.17 27.99 -5.30
N THR B 214 25.28 27.71 -4.02
CA THR B 214 24.38 26.75 -3.41
C THR B 214 22.99 27.34 -3.27
N VAL B 215 22.00 26.46 -3.17
CA VAL B 215 20.61 26.89 -3.06
C VAL B 215 19.87 25.84 -2.25
N GLN B 216 18.82 26.28 -1.54
CA GLN B 216 18.00 25.36 -0.78
C GLN B 216 17.19 24.45 -1.69
N CYS B 217 16.40 25.03 -2.57
CA CYS B 217 15.57 24.28 -3.50
C CYS B 217 15.76 24.85 -4.89
N THR B 218 15.44 24.04 -5.90
CA THR B 218 15.51 24.51 -7.28
C THR B 218 14.39 25.50 -7.55
N HIS B 219 14.48 26.18 -8.68
CA HIS B 219 13.48 27.18 -9.04
C HIS B 219 12.26 26.47 -9.65
N GLY B 220 11.34 27.25 -10.20
CA GLY B 220 10.10 26.71 -10.71
C GLY B 220 10.26 25.88 -11.96
N ILE B 221 10.08 24.57 -11.83
CA ILE B 221 10.20 23.65 -12.93
C ILE B 221 8.79 23.19 -13.27
N LYS B 222 8.18 23.81 -14.25
CA LYS B 222 6.86 23.34 -14.63
C LYS B 222 7.00 22.13 -15.56
N PRO B 223 6.31 21.04 -15.29
CA PRO B 223 6.45 19.86 -16.12
C PRO B 223 5.61 19.92 -17.38
N VAL B 224 6.25 20.10 -18.51
CA VAL B 224 5.57 20.06 -19.79
C VAL B 224 5.81 18.71 -20.44
N VAL B 225 4.77 18.16 -21.03
CA VAL B 225 4.88 16.98 -21.87
C VAL B 225 4.85 17.42 -23.33
N SER B 226 5.96 17.21 -24.02
CA SER B 226 6.13 17.70 -25.38
C SER B 226 7.30 16.97 -26.01
N THR B 227 7.17 16.59 -27.28
CA THR B 227 8.22 15.79 -27.87
C THR B 227 9.21 16.68 -28.63
N GLN B 228 8.75 17.37 -29.66
CA GLN B 228 9.53 18.45 -30.24
C GLN B 228 9.03 19.75 -29.66
N LEU B 229 9.85 20.80 -29.78
CA LEU B 229 9.47 22.18 -29.49
C LEU B 229 8.97 22.35 -28.05
N LEU B 230 9.90 22.16 -27.12
CA LEU B 230 9.56 22.19 -25.70
C LEU B 230 9.05 23.57 -25.28
N LEU B 231 7.94 23.57 -24.54
CA LEU B 231 7.09 24.72 -24.34
C LEU B 231 7.18 25.21 -22.90
N ASN B 232 6.92 26.52 -22.74
CA ASN B 232 6.82 27.19 -21.44
C ASN B 232 8.05 26.97 -20.57
N GLY B 233 9.21 26.99 -21.20
CA GLY B 233 10.45 26.66 -20.54
C GLY B 233 11.14 27.88 -19.96
N SER B 234 12.43 27.72 -19.68
CA SER B 234 13.25 28.78 -19.13
C SER B 234 14.10 29.37 -20.25
N LEU B 235 14.01 30.67 -20.45
CA LEU B 235 14.74 31.33 -21.52
C LEU B 235 16.19 31.52 -21.11
N ALA B 236 17.06 31.69 -22.12
CA ALA B 236 18.45 31.97 -21.87
C ALA B 236 18.63 33.43 -21.43
N GLU B 237 19.85 33.78 -21.03
CA GLU B 237 20.09 35.14 -20.56
C GLU B 237 20.18 36.13 -21.73
N GLU B 238 21.20 35.99 -22.57
CA GLU B 238 21.31 36.92 -23.68
C GLU B 238 21.45 36.24 -25.03
N GLU B 239 22.21 35.16 -25.11
CA GLU B 239 22.47 34.52 -26.39
C GLU B 239 21.39 33.49 -26.72
N VAL B 240 21.66 32.69 -27.74
CA VAL B 240 20.96 31.44 -28.01
C VAL B 240 21.99 30.34 -27.86
N MET B 241 21.75 29.41 -26.95
CA MET B 241 22.76 28.41 -26.64
C MET B 241 22.31 27.04 -27.09
N ILE B 242 23.13 26.39 -27.90
CA ILE B 242 22.94 25.01 -28.28
C ILE B 242 23.80 24.16 -27.36
N ARG B 243 23.35 22.93 -27.13
CA ARG B 243 23.91 22.10 -26.09
C ARG B 243 23.89 20.66 -26.56
N SER B 244 25.00 19.96 -26.40
CA SER B 244 25.05 18.55 -26.75
C SER B 244 26.10 17.88 -25.88
N GLU B 245 26.05 16.55 -25.86
CA GLU B 245 27.07 15.79 -25.15
C GLU B 245 28.32 15.61 -25.99
N ASN B 246 28.14 15.40 -27.30
CA ASN B 246 29.28 15.25 -28.21
C ASN B 246 28.73 15.61 -29.59
N ILE B 247 29.05 16.83 -30.05
CA ILE B 247 28.39 17.40 -31.23
C ILE B 247 28.80 16.65 -32.49
N THR B 248 30.04 16.15 -32.53
CA THR B 248 30.49 15.36 -33.66
C THR B 248 29.77 14.02 -33.77
N ASN B 249 29.21 13.52 -32.67
CA ASN B 249 28.29 12.39 -32.71
C ASN B 249 26.93 12.88 -33.19
N ASN B 250 26.18 11.98 -33.82
CA ASN B 250 24.85 12.31 -34.31
C ASN B 250 23.72 11.62 -33.58
N ALA B 251 24.00 10.54 -32.85
CA ALA B 251 22.95 9.86 -32.10
C ALA B 251 22.52 10.61 -30.85
N LYS B 252 23.30 11.60 -30.43
CA LYS B 252 22.94 12.43 -29.29
C LYS B 252 22.22 13.67 -29.79
N ASN B 253 21.14 14.03 -29.10
CA ASN B 253 20.32 15.15 -29.53
C ASN B 253 21.04 16.47 -29.27
N ILE B 254 20.55 17.53 -29.92
CA ILE B 254 21.10 18.86 -29.79
C ILE B 254 20.02 19.72 -29.17
N LEU B 255 20.13 19.98 -27.88
CA LEU B 255 19.16 20.81 -27.17
C LEU B 255 19.45 22.27 -27.47
N VAL B 256 18.53 22.93 -28.14
CA VAL B 256 18.65 24.35 -28.46
C VAL B 256 17.81 25.11 -27.45
N GLN B 257 18.33 26.23 -26.97
CA GLN B 257 17.57 27.12 -26.09
C GLN B 257 17.76 28.54 -26.58
N PHE B 258 16.67 29.18 -26.98
CA PHE B 258 16.77 30.52 -27.52
C PHE B 258 16.18 31.57 -26.58
N ASN B 259 16.59 32.81 -26.83
CA ASN B 259 16.41 33.90 -25.87
C ASN B 259 15.00 34.46 -25.90
N THR B 260 14.61 35.04 -27.01
CA THR B 260 13.28 35.59 -27.11
C THR B 260 12.29 34.49 -27.49
N PRO B 261 11.23 34.29 -26.73
CA PRO B 261 10.34 33.16 -27.00
C PRO B 261 9.47 33.43 -28.22
N VAL B 262 9.06 32.35 -28.87
CA VAL B 262 8.11 32.42 -29.96
C VAL B 262 6.75 32.05 -29.42
N GLN B 263 5.80 32.97 -29.54
CA GLN B 263 4.45 32.69 -29.10
C GLN B 263 3.75 31.77 -30.09
N ILE B 264 3.13 30.72 -29.57
CA ILE B 264 2.36 29.79 -30.38
C ILE B 264 0.91 29.80 -29.88
N ASN B 265 -0.02 29.84 -30.82
CA ASN B 265 -1.44 29.84 -30.52
C ASN B 265 -2.05 28.59 -31.13
N CYS B 266 -2.50 27.67 -30.28
CA CYS B 266 -3.10 26.44 -30.73
C CYS B 266 -4.55 26.41 -30.29
N THR B 267 -5.41 25.86 -31.15
CA THR B 267 -6.82 25.88 -30.87
C THR B 267 -7.51 24.66 -31.46
N ARG B 268 -8.72 24.43 -30.99
CA ARG B 268 -9.61 23.42 -31.55
C ARG B 268 -10.94 24.09 -31.81
N PRO B 269 -11.29 24.37 -33.06
CA PRO B 269 -12.51 25.13 -33.34
C PRO B 269 -13.81 24.36 -33.19
N ASN B 270 -13.77 23.07 -32.87
CA ASN B 270 -14.99 22.32 -32.68
C ASN B 270 -15.62 22.63 -31.33
N ASN B 271 -16.93 22.59 -31.29
CA ASN B 271 -17.71 22.81 -30.07
C ASN B 271 -18.30 21.46 -29.68
N ASN B 272 -17.59 20.74 -28.83
CA ASN B 272 -18.04 19.44 -28.38
C ASN B 272 -19.06 19.54 -27.27
N THR B 273 -19.94 18.54 -27.20
CA THR B 273 -20.84 18.34 -26.09
C THR B 273 -20.54 16.98 -25.49
N ARG B 274 -20.19 16.94 -24.22
CA ARG B 274 -19.97 15.62 -23.65
C ARG B 274 -21.30 15.00 -23.25
N LYS B 275 -21.25 13.72 -22.91
CA LYS B 275 -22.45 12.96 -22.65
C LYS B 275 -22.09 11.88 -21.64
N SER B 276 -22.65 11.98 -20.44
CA SER B 276 -22.37 10.98 -19.42
C SER B 276 -23.14 9.71 -19.73
N ILE B 277 -22.42 8.62 -19.88
CA ILE B 277 -23.00 7.30 -20.09
C ILE B 277 -22.67 6.47 -18.87
N ARG B 278 -23.70 6.00 -18.18
CA ARG B 278 -23.46 5.14 -17.03
C ARG B 278 -23.08 3.74 -17.49
N ILE B 279 -22.00 3.22 -16.91
CA ILE B 279 -21.57 1.85 -17.16
C ILE B 279 -22.09 0.91 -16.09
N GLY B 280 -21.94 1.29 -14.83
CA GLY B 280 -22.37 0.50 -13.71
C GLY B 280 -22.72 1.41 -12.55
N PRO B 281 -22.79 0.85 -11.35
CA PRO B 281 -23.02 1.68 -10.16
C PRO B 281 -21.81 2.57 -9.90
N GLY B 282 -22.05 3.88 -9.89
CA GLY B 282 -20.99 4.84 -9.70
C GLY B 282 -19.95 4.87 -10.80
N GLN B 283 -20.33 4.51 -12.02
CA GLN B 283 -19.39 4.45 -13.15
C GLN B 283 -19.93 5.34 -14.25
N ALA B 284 -19.14 6.33 -14.66
CA ALA B 284 -19.56 7.25 -15.69
C ALA B 284 -18.52 7.31 -16.79
N PHE B 285 -18.96 7.08 -18.02
CA PHE B 285 -18.11 7.20 -19.20
C PHE B 285 -18.49 8.46 -19.95
N TYR B 286 -17.52 9.33 -20.16
CA TYR B 286 -17.77 10.65 -20.77
C TYR B 286 -17.47 10.54 -22.25
N ALA B 287 -18.52 10.46 -23.05
CA ALA B 287 -18.41 10.33 -24.49
C ALA B 287 -18.54 11.70 -25.15
N THR B 288 -18.54 11.71 -26.48
CA THR B 288 -18.78 12.93 -27.24
C THR B 288 -20.18 12.89 -27.81
N GLY B 289 -20.99 13.89 -27.49
CA GLY B 289 -22.32 13.98 -28.06
C GLY B 289 -22.28 14.62 -29.43
N ASP B 290 -23.13 15.62 -29.66
CA ASP B 290 -23.22 16.25 -30.97
C ASP B 290 -22.13 17.30 -31.12
N ILE B 291 -21.77 17.55 -32.38
CA ILE B 291 -20.98 18.72 -32.74
C ILE B 291 -21.94 19.86 -33.01
N ILE B 292 -21.73 20.98 -32.35
CA ILE B 292 -22.61 22.13 -32.49
C ILE B 292 -21.83 23.18 -33.27
N GLY B 293 -22.14 23.30 -34.56
CA GLY B 293 -21.47 24.24 -35.43
C GLY B 293 -20.72 23.53 -36.55
N ASP B 294 -19.67 24.18 -37.03
CA ASP B 294 -18.94 23.71 -38.20
C ASP B 294 -17.93 22.63 -37.79
N ILE B 295 -17.86 21.58 -38.59
CA ILE B 295 -16.81 20.58 -38.41
C ILE B 295 -15.55 21.12 -39.08
N ARG B 296 -14.53 21.37 -38.27
CA ARG B 296 -13.30 22.00 -38.74
C ARG B 296 -12.11 21.20 -38.23
N GLN B 297 -10.93 21.58 -38.70
CA GLN B 297 -9.69 20.90 -38.34
C GLN B 297 -8.86 21.80 -37.43
N ALA B 298 -8.38 21.24 -36.33
CA ALA B 298 -7.59 21.98 -35.37
C ALA B 298 -6.22 22.32 -35.94
N HIS B 299 -5.59 23.33 -35.37
CA HIS B 299 -4.34 23.86 -35.91
C HIS B 299 -3.59 24.62 -34.84
N CYS B 300 -2.39 25.05 -35.20
CA CYS B 300 -1.58 25.94 -34.39
C CYS B 300 -1.04 27.07 -35.24
N ASN B 301 -0.80 28.22 -34.62
CA ASN B 301 -0.30 29.40 -35.31
C ASN B 301 0.95 29.91 -34.63
N VAL B 302 1.98 30.17 -35.42
CA VAL B 302 3.11 30.98 -35.01
C VAL B 302 3.23 32.12 -35.99
N SER B 303 3.98 33.13 -35.59
CA SER B 303 4.21 34.27 -36.47
C SER B 303 5.38 33.97 -37.39
N LYS B 304 5.26 34.42 -38.64
CA LYS B 304 6.27 34.12 -39.64
C LYS B 304 7.56 34.88 -39.36
N ALA B 305 7.43 36.14 -38.94
CA ALA B 305 8.60 37.00 -38.76
C ALA B 305 9.45 36.55 -37.59
N THR B 306 8.81 36.31 -36.44
CA THR B 306 9.56 35.88 -35.25
C THR B 306 10.15 34.50 -35.43
N TRP B 307 9.47 33.61 -36.16
CA TRP B 307 10.02 32.29 -36.39
C TRP B 307 11.20 32.32 -37.33
N ASN B 308 11.14 33.15 -38.39
CA ASN B 308 12.29 33.26 -39.28
C ASN B 308 13.44 33.96 -38.59
N GLU B 309 13.14 34.88 -37.67
CA GLU B 309 14.18 35.52 -36.87
C GLU B 309 14.88 34.54 -35.95
N THR B 310 14.11 33.69 -35.26
CA THR B 310 14.73 32.72 -34.36
C THR B 310 15.46 31.62 -35.11
N LEU B 311 15.00 31.28 -36.32
CA LEU B 311 15.80 30.37 -37.14
C LEU B 311 17.09 31.02 -37.59
N GLY B 312 17.07 32.33 -37.87
CA GLY B 312 18.31 33.03 -38.16
C GLY B 312 19.27 33.03 -36.99
N LYS B 313 18.74 33.19 -35.78
CA LYS B 313 19.55 33.10 -34.57
C LYS B 313 20.16 31.72 -34.38
N VAL B 314 19.37 30.66 -34.59
CA VAL B 314 19.94 29.34 -34.36
C VAL B 314 20.88 28.92 -35.48
N VAL B 315 20.74 29.46 -36.70
CA VAL B 315 21.76 29.24 -37.72
C VAL B 315 23.06 29.96 -37.34
N LYS B 316 22.93 31.22 -36.87
CA LYS B 316 24.09 32.00 -36.43
C LYS B 316 24.84 31.33 -35.29
N GLN B 317 24.12 30.62 -34.42
CA GLN B 317 24.78 29.93 -33.32
C GLN B 317 25.26 28.53 -33.70
N LEU B 318 24.58 27.84 -34.61
CA LEU B 318 25.06 26.55 -35.08
C LEU B 318 26.28 26.66 -35.97
N ARG B 319 26.54 27.84 -36.56
CA ARG B 319 27.76 27.98 -37.34
C ARG B 319 29.02 28.14 -36.50
N LYS B 320 28.90 28.20 -35.17
CA LYS B 320 30.09 28.27 -34.34
C LYS B 320 30.82 26.94 -34.29
N HIS B 321 30.10 25.84 -34.51
CA HIS B 321 30.70 24.52 -34.41
C HIS B 321 30.95 23.86 -35.76
N PHE B 322 30.42 24.43 -36.84
CA PHE B 322 30.35 23.75 -38.13
C PHE B 322 30.97 24.57 -39.25
N GLY B 323 31.74 25.58 -38.93
CA GLY B 323 32.33 26.44 -39.95
C GLY B 323 31.39 27.53 -40.39
N ASN B 324 31.99 28.65 -40.83
CA ASN B 324 31.19 29.75 -41.32
C ASN B 324 30.72 29.54 -42.76
N ASN B 325 31.49 28.79 -43.54
CA ASN B 325 31.16 28.53 -44.94
C ASN B 325 30.41 27.22 -45.08
N THR B 326 29.27 27.14 -44.40
CA THR B 326 28.54 25.89 -44.31
C THR B 326 27.07 26.15 -44.56
N ILE B 327 26.46 25.34 -45.42
CA ILE B 327 25.03 25.40 -45.65
C ILE B 327 24.31 24.62 -44.58
N ILE B 328 23.32 25.24 -43.94
CA ILE B 328 22.51 24.59 -42.91
C ILE B 328 21.06 24.64 -43.35
N ARG B 329 20.43 23.47 -43.45
CA ARG B 329 19.05 23.37 -43.86
C ARG B 329 18.31 22.50 -42.86
N PHE B 330 16.98 22.56 -42.92
CA PHE B 330 16.13 21.77 -42.04
C PHE B 330 15.23 20.87 -42.86
N ALA B 331 14.62 19.90 -42.19
CA ALA B 331 13.66 19.02 -42.82
C ALA B 331 12.63 18.61 -41.78
N ASN B 332 11.59 17.93 -42.23
CA ASN B 332 10.68 17.31 -41.28
C ASN B 332 11.25 15.98 -40.82
N SER B 333 10.50 15.27 -39.99
CA SER B 333 10.99 14.04 -39.37
C SER B 333 11.06 12.91 -40.39
N SER B 334 12.01 12.00 -40.17
CA SER B 334 12.19 10.89 -41.10
C SER B 334 11.11 9.85 -40.95
N GLY B 335 10.54 9.71 -39.78
CA GLY B 335 9.48 8.74 -39.58
C GLY B 335 9.50 8.23 -38.15
N GLY B 336 8.58 7.34 -37.87
CA GLY B 336 8.39 6.80 -36.56
C GLY B 336 6.92 6.77 -36.23
N ASP B 337 6.63 6.66 -34.93
CA ASP B 337 5.25 6.72 -34.48
C ASP B 337 4.77 8.17 -34.54
N LEU B 338 3.45 8.34 -34.40
CA LEU B 338 2.83 9.66 -34.58
C LEU B 338 3.36 10.67 -33.58
N GLU B 339 3.54 10.27 -32.33
CA GLU B 339 4.01 11.14 -31.29
C GLU B 339 5.53 11.21 -31.22
N VAL B 340 6.22 10.91 -32.31
CA VAL B 340 7.61 11.36 -32.48
C VAL B 340 7.87 11.97 -33.84
N THR B 341 7.06 11.72 -34.87
CA THR B 341 7.21 12.41 -36.14
C THR B 341 6.78 13.85 -36.04
N THR B 342 5.92 14.17 -35.10
CA THR B 342 5.46 15.53 -34.91
C THR B 342 5.31 15.82 -33.43
N HIS B 343 5.15 17.09 -33.10
CA HIS B 343 5.23 17.47 -31.71
C HIS B 343 3.87 17.30 -31.08
N SER B 344 3.86 16.58 -29.96
CA SER B 344 2.68 16.31 -29.17
C SER B 344 2.67 17.29 -28.03
N PHE B 345 1.48 17.71 -27.61
CA PHE B 345 1.36 18.45 -26.37
C PHE B 345 -0.05 18.28 -25.83
N ASN B 346 -0.31 18.96 -24.73
CA ASN B 346 -1.63 19.01 -24.12
C ASN B 346 -2.06 20.46 -24.02
N CYS B 347 -3.33 20.73 -24.27
CA CYS B 347 -3.85 22.10 -24.27
C CYS B 347 -5.21 22.09 -23.59
N GLY B 348 -5.21 22.37 -22.29
CA GLY B 348 -6.46 22.41 -21.56
C GLY B 348 -7.06 21.05 -21.28
N GLY B 349 -6.28 19.98 -21.42
CA GLY B 349 -6.77 18.65 -21.17
C GLY B 349 -7.05 17.81 -22.39
N GLU B 350 -6.48 18.16 -23.54
CA GLU B 350 -6.69 17.35 -24.74
C GLU B 350 -5.43 17.37 -25.58
N PHE B 351 -5.07 16.21 -26.12
CA PHE B 351 -3.75 16.00 -26.68
C PHE B 351 -3.73 16.32 -28.17
N PHE B 352 -2.73 17.08 -28.58
CA PHE B 352 -2.55 17.46 -29.97
C PHE B 352 -1.26 16.84 -30.51
N TYR B 353 -1.31 16.49 -31.80
CA TYR B 353 -0.18 15.91 -32.52
C TYR B 353 -0.03 16.74 -33.78
N CYS B 354 0.67 17.87 -33.68
CA CYS B 354 0.43 18.95 -34.63
C CYS B 354 1.61 19.05 -35.59
N ASN B 355 1.35 18.86 -36.89
CA ASN B 355 2.37 18.62 -37.90
C ASN B 355 3.32 19.81 -38.04
N THR B 356 4.62 19.52 -38.14
CA THR B 356 5.62 20.58 -38.22
C THR B 356 6.44 20.51 -39.51
N SER B 357 5.83 20.15 -40.63
CA SER B 357 6.57 20.25 -41.87
C SER B 357 6.61 21.68 -42.39
N GLY B 358 5.75 22.55 -41.86
CA GLY B 358 5.77 23.94 -42.29
C GLY B 358 6.86 24.78 -41.65
N LEU B 359 7.22 24.47 -40.40
CA LEU B 359 8.24 25.23 -39.69
C LEU B 359 9.64 24.88 -40.19
N PHE B 360 9.95 23.59 -40.22
CA PHE B 360 11.31 23.11 -40.44
C PHE B 360 11.54 22.81 -41.92
N ASN B 361 11.31 23.83 -42.75
CA ASN B 361 11.62 23.75 -44.16
C ASN B 361 12.32 25.04 -44.55
N SER B 362 13.63 24.96 -44.76
CA SER B 362 14.47 26.13 -45.00
C SER B 362 15.81 25.64 -45.52
N THR B 363 16.62 26.60 -45.95
CA THR B 363 18.03 26.40 -46.23
C THR B 363 18.71 27.76 -46.09
N TRP B 364 19.98 27.74 -45.70
CA TRP B 364 20.67 28.96 -45.30
C TRP B 364 22.04 29.04 -45.95
N ILE B 365 22.38 30.23 -46.43
CA ILE B 365 23.60 30.45 -47.19
C ILE B 365 24.56 31.24 -46.30
N SER B 366 25.85 31.02 -46.49
CA SER B 366 26.92 31.51 -45.61
C SER B 366 27.10 33.04 -45.61
N ASN B 367 26.29 33.88 -46.26
CA ASN B 367 26.49 35.32 -46.21
C ASN B 367 26.17 35.92 -44.83
N ASN B 379 2.79 40.67 -40.87
CA ASN B 379 1.61 40.31 -40.09
C ASN B 379 1.06 38.96 -40.52
N ASP B 380 1.87 38.18 -41.23
CA ASP B 380 1.48 36.85 -41.65
C ASP B 380 1.62 35.87 -40.50
N SER B 381 1.27 34.61 -40.76
CA SER B 381 1.38 33.56 -39.77
C SER B 381 1.45 32.23 -40.50
N ILE B 382 1.85 31.20 -39.77
CA ILE B 382 1.93 29.84 -40.29
C ILE B 382 0.83 29.02 -39.64
N THR B 383 -0.05 28.44 -40.46
CA THR B 383 -1.08 27.55 -39.97
C THR B 383 -0.61 26.13 -40.20
N LEU B 384 -0.36 25.40 -39.12
CA LEU B 384 0.11 24.05 -39.22
C LEU B 384 -0.88 23.11 -38.53
N PRO B 385 -1.33 22.06 -39.21
CA PRO B 385 -2.52 21.33 -38.76
C PRO B 385 -2.23 20.25 -37.74
N CYS B 386 -3.22 20.00 -36.90
CA CYS B 386 -3.08 19.09 -35.78
C CYS B 386 -3.94 17.85 -35.98
N ARG B 387 -3.75 16.89 -35.07
CA ARG B 387 -4.64 15.76 -34.91
C ARG B 387 -4.87 15.54 -33.43
N ILE B 388 -5.97 14.88 -33.10
CA ILE B 388 -6.33 14.62 -31.72
C ILE B 388 -6.62 13.15 -31.54
N LYS B 389 -5.82 12.48 -30.73
CA LYS B 389 -6.18 11.18 -30.19
C LYS B 389 -6.93 11.37 -28.88
N GLN B 390 -7.69 10.35 -28.51
CA GLN B 390 -8.29 10.33 -27.18
C GLN B 390 -7.65 9.30 -26.26
N ILE B 391 -7.26 8.16 -26.78
CA ILE B 391 -6.42 7.28 -25.97
C ILE B 391 -4.96 7.68 -26.21
N ILE B 392 -4.13 7.47 -25.19
CA ILE B 392 -2.70 7.73 -25.30
C ILE B 392 -1.95 6.55 -24.72
N ASN B 393 -0.67 6.47 -25.04
CA ASN B 393 0.18 5.39 -24.58
C ASN B 393 1.52 5.96 -24.14
N MET B 394 1.47 6.98 -23.29
CA MET B 394 2.67 7.73 -22.91
C MET B 394 3.69 6.89 -22.19
N TRP B 395 4.96 7.07 -22.60
CA TRP B 395 6.17 6.36 -22.22
C TRP B 395 6.20 4.90 -22.69
N GLN B 396 5.21 4.47 -23.48
CA GLN B 396 5.19 3.21 -24.23
C GLN B 396 5.35 2.01 -23.29
N ARG B 397 4.35 1.82 -22.45
CA ARG B 397 4.30 0.68 -21.54
C ARG B 397 3.73 -0.53 -22.28
N ILE B 398 3.43 -1.58 -21.54
CA ILE B 398 3.03 -2.83 -22.18
C ILE B 398 1.54 -3.08 -22.02
N GLY B 399 0.96 -2.54 -20.95
CA GLY B 399 -0.45 -2.79 -20.68
C GLY B 399 -1.14 -1.58 -20.12
N GLN B 400 -0.66 -0.39 -20.45
CA GLN B 400 -1.17 0.85 -19.90
C GLN B 400 -1.59 1.78 -21.02
N CYS B 401 -2.81 2.31 -20.90
CA CYS B 401 -3.26 3.40 -21.77
C CYS B 401 -4.17 4.30 -20.93
N MET B 402 -4.49 5.44 -21.51
CA MET B 402 -5.32 6.45 -20.83
C MET B 402 -6.33 7.01 -21.81
N TYR B 403 -7.61 6.82 -21.52
CA TYR B 403 -8.65 7.43 -22.34
C TYR B 403 -8.89 8.83 -21.82
N ALA B 404 -8.39 9.82 -22.52
CA ALA B 404 -8.60 11.20 -22.11
C ALA B 404 -10.03 11.61 -22.46
N PRO B 405 -10.80 12.12 -21.51
CA PRO B 405 -12.18 12.47 -21.79
C PRO B 405 -12.27 13.73 -22.62
N PRO B 406 -13.34 13.91 -23.38
CA PRO B 406 -13.53 15.18 -24.09
C PRO B 406 -13.87 16.29 -23.13
N ILE B 407 -13.70 17.52 -23.60
CA ILE B 407 -13.96 18.70 -22.81
C ILE B 407 -14.85 19.65 -23.59
N GLN B 408 -15.67 20.41 -22.86
CA GLN B 408 -16.70 21.23 -23.48
C GLN B 408 -16.12 22.43 -24.21
N GLY B 409 -16.79 22.81 -25.29
CA GLY B 409 -16.58 24.11 -25.90
C GLY B 409 -15.34 24.18 -26.77
N VAL B 410 -15.18 25.32 -27.43
CA VAL B 410 -13.99 25.60 -28.21
C VAL B 410 -12.82 25.82 -27.28
N ILE B 411 -11.72 25.14 -27.56
CA ILE B 411 -10.55 25.11 -26.68
C ILE B 411 -9.40 25.81 -27.38
N ARG B 412 -8.72 26.70 -26.66
CA ARG B 412 -7.51 27.31 -27.16
C ARG B 412 -6.58 27.57 -25.99
N CYS B 413 -5.29 27.68 -26.29
CA CYS B 413 -4.31 28.05 -25.30
C CYS B 413 -3.14 28.75 -25.97
N VAL B 414 -2.38 29.46 -25.14
CA VAL B 414 -1.24 30.26 -25.59
C VAL B 414 -0.01 29.74 -24.87
N SER B 415 1.05 29.49 -25.62
CA SER B 415 2.30 29.04 -25.02
C SER B 415 3.47 29.71 -25.70
N ASN B 416 4.57 29.78 -24.98
CA ASN B 416 5.81 30.34 -25.47
C ASN B 416 6.71 29.17 -25.83
N ILE B 417 7.02 29.02 -27.11
CA ILE B 417 8.07 28.08 -27.47
C ILE B 417 9.39 28.60 -26.94
N THR B 418 10.10 27.76 -26.19
CA THR B 418 11.34 28.15 -25.54
C THR B 418 12.56 27.54 -26.20
N GLY B 419 12.52 26.24 -26.47
CA GLY B 419 13.67 25.58 -27.05
C GLY B 419 13.30 24.59 -28.14
N LEU B 420 14.29 23.81 -28.58
CA LEU B 420 14.09 22.82 -29.63
C LEU B 420 14.87 21.57 -29.26
N ILE B 421 14.59 20.49 -29.97
CA ILE B 421 15.42 19.29 -29.94
C ILE B 421 15.69 18.91 -31.38
N LEU B 422 16.96 18.85 -31.76
CA LEU B 422 17.34 18.63 -33.14
C LEU B 422 18.18 17.36 -33.25
N THR B 423 18.45 16.97 -34.49
CA THR B 423 19.27 15.79 -34.78
C THR B 423 19.94 15.98 -36.12
N ARG B 424 21.26 15.78 -36.17
CA ARG B 424 22.00 15.85 -37.41
C ARG B 424 21.92 14.49 -38.12
N ASP B 425 22.07 14.52 -39.44
CA ASP B 425 22.19 13.28 -40.20
C ASP B 425 23.66 12.90 -40.38
N GLY B 426 23.90 11.60 -40.48
CA GLY B 426 25.25 11.08 -40.61
C GLY B 426 25.80 11.21 -42.02
N GLY B 427 26.15 12.44 -42.40
CA GLY B 427 26.50 12.71 -43.78
C GLY B 427 27.94 12.44 -44.15
N SER B 428 28.18 11.29 -44.77
CA SER B 428 29.48 11.00 -45.37
C SER B 428 29.49 11.50 -46.81
N THR B 429 30.54 11.13 -47.55
CA THR B 429 30.73 11.41 -48.98
C THR B 429 30.66 12.92 -49.28
N ASN B 430 31.52 13.66 -48.56
CA ASN B 430 31.78 15.09 -48.79
C ASN B 430 30.50 15.92 -48.68
N SER B 431 29.86 15.86 -47.51
CA SER B 431 28.60 16.53 -47.29
C SER B 431 28.87 17.99 -46.95
N THR B 432 28.44 18.89 -47.83
CA THR B 432 28.58 20.31 -47.56
C THR B 432 27.41 20.83 -46.72
N THR B 433 26.18 20.49 -47.11
CA THR B 433 25.03 20.80 -46.30
C THR B 433 24.97 19.87 -45.10
N GLU B 434 24.43 20.38 -43.99
CA GLU B 434 24.27 19.60 -42.76
C GLU B 434 22.83 19.77 -42.29
N THR B 435 21.97 18.86 -42.75
CA THR B 435 20.55 18.99 -42.48
C THR B 435 20.21 18.60 -41.05
N PHE B 436 19.18 19.24 -40.51
CA PHE B 436 18.78 19.09 -39.11
C PHE B 436 17.31 18.75 -39.04
N ARG B 437 17.01 17.63 -38.45
CA ARG B 437 15.64 17.17 -38.33
C ARG B 437 15.21 17.12 -36.87
N PRO B 438 13.98 17.47 -36.55
CA PRO B 438 13.54 17.40 -35.16
C PRO B 438 13.25 15.97 -34.74
N GLY B 439 13.39 15.72 -33.45
CA GLY B 439 12.97 14.44 -32.93
C GLY B 439 12.83 14.41 -31.43
N GLY B 440 11.69 13.95 -30.94
CA GLY B 440 11.47 13.90 -29.52
C GLY B 440 12.20 12.77 -28.83
N GLY B 441 11.80 11.54 -29.11
CA GLY B 441 12.42 10.37 -28.52
C GLY B 441 12.17 10.26 -27.03
N ASP B 442 13.25 10.32 -26.25
CA ASP B 442 13.14 10.26 -24.80
C ASP B 442 12.53 11.54 -24.27
N MET B 443 11.73 11.41 -23.22
CA MET B 443 11.19 12.58 -22.53
C MET B 443 12.25 13.30 -21.73
N ARG B 444 13.36 12.63 -21.39
CA ARG B 444 14.37 13.16 -20.50
C ARG B 444 15.08 14.37 -21.10
N ASP B 445 15.13 14.47 -22.42
CA ASP B 445 15.70 15.66 -23.05
C ASP B 445 14.84 16.88 -22.82
N ASN B 446 13.54 16.70 -22.60
CA ASN B 446 12.73 17.78 -22.06
C ASN B 446 13.19 18.15 -20.66
N TRP B 447 13.46 17.13 -19.84
CA TRP B 447 13.77 17.40 -18.44
C TRP B 447 15.19 17.88 -18.26
N ARG B 448 16.11 17.42 -19.11
CA ARG B 448 17.49 17.85 -19.02
C ARG B 448 17.67 19.30 -19.41
N SER B 449 16.74 19.86 -20.19
CA SER B 449 16.80 21.26 -20.57
C SER B 449 16.48 22.21 -19.43
N GLU B 450 16.03 21.72 -18.28
CA GLU B 450 15.77 22.55 -17.13
C GLU B 450 16.66 22.27 -15.94
N LEU B 451 17.31 21.11 -15.88
CA LEU B 451 18.24 20.79 -14.81
C LEU B 451 19.69 20.90 -15.25
N TYR B 452 19.97 21.74 -16.24
CA TYR B 452 21.35 21.90 -16.68
C TYR B 452 22.15 22.74 -15.69
N LYS B 453 21.47 23.56 -14.91
CA LYS B 453 22.14 24.38 -13.92
C LYS B 453 22.48 23.61 -12.66
N TYR B 454 21.72 22.57 -12.34
CA TYR B 454 21.74 21.99 -11.01
C TYR B 454 22.57 20.71 -10.95
N LYS B 455 23.30 20.55 -9.85
CA LYS B 455 23.86 19.27 -9.45
C LYS B 455 23.71 19.14 -7.94
N VAL B 456 23.93 17.94 -7.44
CA VAL B 456 23.78 17.64 -6.02
C VAL B 456 25.11 17.13 -5.50
N VAL B 457 25.47 17.57 -4.28
CA VAL B 457 26.69 17.15 -3.62
C VAL B 457 26.35 16.72 -2.20
N LYS B 458 27.28 15.99 -1.58
CA LYS B 458 27.13 15.54 -0.21
C LYS B 458 28.09 16.30 0.68
N ILE B 459 27.55 16.95 1.72
CA ILE B 459 28.40 17.63 2.68
C ILE B 459 29.17 16.60 3.49
N GLU B 460 30.49 16.74 3.52
CA GLU B 460 31.34 15.87 4.33
C GLU B 460 32.07 16.70 5.36
N PRO B 461 31.57 16.76 6.59
CA PRO B 461 32.33 17.39 7.67
C PRO B 461 33.48 16.52 8.15
N LEU B 462 34.04 16.90 9.30
CA LEU B 462 35.16 16.23 9.97
C LEU B 462 36.38 16.34 9.06
N GLY B 463 36.80 17.57 8.79
CA GLY B 463 38.09 17.79 8.19
C GLY B 463 39.20 17.67 9.23
N VAL B 464 40.38 17.33 8.74
CA VAL B 464 41.52 17.13 9.60
C VAL B 464 42.72 17.88 9.02
N ALA B 465 43.51 18.48 9.89
CA ALA B 465 44.54 19.42 9.46
C ALA B 465 45.59 19.55 10.53
N PRO B 466 46.85 19.81 10.16
CA PRO B 466 47.86 20.10 11.18
C PRO B 466 47.92 21.57 11.55
N THR B 467 48.21 21.82 12.82
CA THR B 467 48.44 23.17 13.31
C THR B 467 49.41 23.08 14.48
N ARG B 468 49.63 24.20 15.17
CA ARG B 468 50.62 24.27 16.22
C ARG B 468 49.91 24.51 17.54
N CYS B 469 49.48 23.42 18.17
CA CYS B 469 48.87 23.39 19.51
C CYS B 469 48.80 21.94 19.93
N LYS B 470 48.86 21.71 21.23
CA LYS B 470 48.99 20.36 21.77
C LYS B 470 48.08 20.18 22.96
N ARG B 471 47.33 19.09 22.98
CA ARG B 471 46.37 18.84 24.03
C ARG B 471 47.07 18.47 25.33
N ARG B 472 46.70 19.16 26.41
CA ARG B 472 47.33 18.95 27.70
C ARG B 472 46.82 17.66 28.35
N VAL B 473 47.47 17.29 29.44
CA VAL B 473 47.10 16.10 30.20
C VAL B 473 46.01 16.42 31.21
N THR C 3 -49.42 26.89 -45.78
CA THR C 3 -48.34 27.77 -45.36
C THR C 3 -48.53 29.16 -45.93
N PHE C 4 -49.61 29.83 -45.52
CA PHE C 4 -49.89 31.17 -46.00
C PHE C 4 -49.88 32.15 -44.86
N VAL C 5 -49.13 33.23 -45.01
CA VAL C 5 -49.08 34.25 -43.98
C VAL C 5 -49.45 35.61 -44.54
N SER C 6 -50.42 36.26 -43.90
CA SER C 6 -50.85 37.58 -44.29
C SER C 6 -50.90 38.47 -43.07
N VAL C 7 -50.43 39.71 -43.20
CA VAL C 7 -50.44 40.65 -42.08
C VAL C 7 -50.82 42.05 -42.57
N ALA C 8 -52.09 42.38 -42.43
CA ALA C 8 -52.59 43.65 -42.88
C ALA C 8 -51.47 44.41 -43.60
N PRO C 9 -51.81 45.25 -44.59
CA PRO C 9 -50.77 46.01 -45.29
C PRO C 9 -50.12 47.06 -44.39
N GLY C 10 -48.81 47.22 -44.56
CA GLY C 10 -48.01 48.08 -43.72
C GLY C 10 -47.48 47.42 -42.47
N GLN C 11 -47.94 46.21 -42.15
CA GLN C 11 -47.52 45.54 -40.93
C GLN C 11 -46.27 44.72 -41.19
N THR C 12 -45.88 43.90 -40.22
CA THR C 12 -44.69 43.06 -40.30
C THR C 12 -45.08 41.63 -40.65
N ALA C 13 -44.07 40.86 -41.05
CA ALA C 13 -44.27 39.46 -41.39
C ALA C 13 -42.95 38.73 -41.22
N ARG C 14 -43.02 37.51 -40.69
CA ARG C 14 -41.85 36.66 -40.50
C ARG C 14 -42.13 35.33 -41.18
N ILE C 15 -41.47 35.10 -42.31
CA ILE C 15 -41.72 33.92 -43.14
C ILE C 15 -40.55 32.98 -42.94
N THR C 16 -40.80 31.86 -42.26
CA THR C 16 -39.77 30.86 -42.08
C THR C 16 -39.79 29.86 -43.23
N CYS C 17 -38.64 29.24 -43.48
CA CYS C 17 -38.53 28.26 -44.55
C CYS C 17 -37.34 27.36 -44.29
N GLY C 18 -37.46 26.10 -44.70
CA GLY C 18 -36.34 25.21 -44.75
C GLY C 18 -36.04 24.50 -43.45
N GLU C 19 -35.02 23.65 -43.52
CA GLU C 19 -34.60 22.82 -42.41
C GLU C 19 -33.83 23.65 -41.38
N GLU C 20 -33.84 23.19 -40.14
CA GLU C 20 -33.06 23.81 -39.08
C GLU C 20 -31.57 23.61 -39.36
N SER C 21 -30.77 24.62 -39.00
CA SER C 21 -29.38 24.68 -39.40
C SER C 21 -28.53 23.66 -38.64
N LEU C 22 -27.46 23.21 -39.30
CA LEU C 22 -26.47 22.32 -38.71
C LEU C 22 -25.11 22.97 -38.59
N GLY C 23 -24.65 23.66 -39.63
CA GLY C 23 -23.41 24.40 -39.59
C GLY C 23 -23.62 25.83 -40.06
N SER C 24 -22.61 26.35 -40.74
CA SER C 24 -22.73 27.67 -41.36
C SER C 24 -23.56 27.54 -42.64
N ARG C 25 -24.43 28.52 -42.87
CA ARG C 25 -25.30 28.49 -44.03
C ARG C 25 -25.17 29.77 -44.85
N SER C 26 -25.43 29.64 -46.14
CA SER C 26 -25.60 30.78 -47.04
C SER C 26 -26.95 30.59 -47.72
N VAL C 27 -27.99 31.15 -47.11
CA VAL C 27 -29.34 30.98 -47.62
C VAL C 27 -29.55 31.92 -48.78
N ILE C 28 -30.45 31.57 -49.70
CA ILE C 28 -30.84 32.44 -50.80
C ILE C 28 -32.37 32.49 -50.87
N TRP C 29 -32.91 33.70 -50.81
CA TRP C 29 -34.34 33.92 -50.85
C TRP C 29 -34.76 34.39 -52.23
N TYR C 30 -35.75 33.70 -52.81
CA TYR C 30 -36.40 34.04 -54.07
C TYR C 30 -37.85 34.39 -53.82
N GLN C 31 -38.46 35.10 -54.77
CA GLN C 31 -39.90 35.27 -54.78
C GLN C 31 -40.45 34.96 -56.16
N GLN C 32 -41.77 34.78 -56.20
CA GLN C 32 -42.46 34.25 -57.38
C GLN C 32 -43.83 34.93 -57.44
N ARG C 33 -43.95 35.94 -58.29
CA ARG C 33 -45.25 36.48 -58.59
C ARG C 33 -46.02 35.47 -59.44
N PRO C 34 -47.35 35.40 -59.29
CA PRO C 34 -48.12 34.33 -59.94
C PRO C 34 -48.11 34.45 -61.45
N GLY C 35 -47.70 33.36 -62.11
CA GLY C 35 -47.59 33.31 -63.54
C GLY C 35 -46.27 33.76 -64.11
N GLN C 36 -45.44 34.42 -63.32
CA GLN C 36 -44.20 35.00 -63.82
C GLN C 36 -43.03 34.03 -63.62
N ALA C 37 -41.84 34.51 -63.94
CA ALA C 37 -40.59 33.84 -63.59
C ALA C 37 -40.27 34.15 -62.13
N PRO C 38 -39.31 33.46 -61.52
CA PRO C 38 -38.83 33.89 -60.20
C PRO C 38 -38.04 35.18 -60.30
N SER C 39 -37.67 35.69 -59.14
CA SER C 39 -36.77 36.84 -59.05
C SER C 39 -36.06 36.78 -57.72
N LEU C 40 -34.75 36.97 -57.76
CA LEU C 40 -33.96 36.96 -56.54
C LEU C 40 -34.30 38.19 -55.71
N ILE C 41 -34.42 37.99 -54.40
CA ILE C 41 -34.51 39.09 -53.47
C ILE C 41 -33.32 39.14 -52.52
N ILE C 42 -32.85 37.99 -52.03
CA ILE C 42 -31.74 37.94 -51.09
C ILE C 42 -30.77 36.86 -51.58
N TYR C 43 -29.48 37.21 -51.70
CA TYR C 43 -28.52 36.26 -52.23
C TYR C 43 -27.52 35.73 -51.20
N ASN C 44 -27.46 36.33 -50.02
CA ASN C 44 -26.62 35.84 -48.93
C ASN C 44 -27.57 35.71 -47.75
N ASN C 45 -27.02 35.59 -46.54
CA ASN C 45 -27.88 35.57 -45.36
C ASN C 45 -28.60 36.89 -45.16
N ASN C 46 -27.91 38.02 -45.34
CA ASN C 46 -28.54 39.34 -45.17
C ASN C 46 -28.01 40.31 -46.22
N ASP C 47 -27.88 39.88 -47.46
CA ASP C 47 -27.38 40.76 -48.51
C ASP C 47 -28.32 40.74 -49.70
N ARG C 48 -28.66 41.92 -50.20
CA ARG C 48 -29.58 42.09 -51.32
C ARG C 48 -28.91 42.80 -52.47
N PRO C 49 -29.29 42.47 -53.70
CA PRO C 49 -28.74 43.19 -54.85
C PRO C 49 -29.50 44.47 -55.15
N SER C 50 -29.17 45.13 -56.25
CA SER C 50 -29.92 46.29 -56.69
C SER C 50 -31.30 45.89 -57.17
N GLY C 51 -32.20 46.86 -57.19
CA GLY C 51 -33.57 46.64 -57.61
C GLY C 51 -34.53 46.29 -56.50
N ILE C 52 -34.11 45.45 -55.56
CA ILE C 52 -34.93 45.11 -54.40
C ILE C 52 -34.58 46.07 -53.28
N PRO C 53 -35.56 46.70 -52.65
CA PRO C 53 -35.28 47.66 -51.59
C PRO C 53 -34.99 46.97 -50.27
N ASP C 54 -34.81 47.77 -49.23
CA ASP C 54 -34.60 47.28 -47.88
C ASP C 54 -35.90 46.83 -47.23
N ARG C 55 -35.86 46.64 -45.91
CA ARG C 55 -36.88 46.08 -45.01
C ARG C 55 -37.05 44.58 -45.22
N PHE C 56 -36.30 43.96 -46.14
CA PHE C 56 -36.30 42.52 -46.35
C PHE C 56 -35.07 41.95 -45.65
N SER C 57 -35.18 41.80 -44.34
CA SER C 57 -34.05 41.30 -43.55
C SER C 57 -34.05 39.78 -43.53
N GLY C 58 -32.85 39.22 -43.38
CA GLY C 58 -32.70 37.78 -43.32
C GLY C 58 -31.92 37.38 -42.09
N SER C 59 -32.23 36.17 -41.60
CA SER C 59 -31.55 35.64 -40.43
C SER C 59 -30.11 35.32 -40.79
N PRO C 60 -29.15 35.64 -39.92
CA PRO C 60 -27.75 35.38 -40.23
C PRO C 60 -27.42 33.89 -40.15
N GLY C 61 -26.40 33.50 -40.91
CA GLY C 61 -25.97 32.12 -40.94
C GLY C 61 -25.03 31.70 -39.85
N SER C 62 -24.64 32.63 -38.97
CA SER C 62 -23.76 32.28 -37.86
C SER C 62 -24.50 31.55 -36.76
N THR C 63 -25.82 31.61 -36.74
CA THR C 63 -26.59 30.98 -35.67
C THR C 63 -26.70 29.49 -35.93
N PHE C 64 -26.56 28.69 -34.87
CA PHE C 64 -26.47 27.24 -34.97
C PHE C 64 -27.74 26.63 -34.41
N GLY C 65 -28.44 25.86 -35.23
CA GLY C 65 -29.66 25.22 -34.80
C GLY C 65 -30.85 26.15 -34.75
N THR C 66 -31.03 26.96 -35.79
CA THR C 66 -32.24 27.73 -35.97
C THR C 66 -32.73 27.58 -37.41
N THR C 67 -33.95 28.05 -37.64
CA THR C 67 -34.61 27.93 -38.93
C THR C 67 -34.48 29.26 -39.68
N ALA C 68 -34.28 29.18 -40.99
CA ALA C 68 -34.10 30.38 -41.80
C ALA C 68 -35.39 31.19 -41.87
N THR C 69 -35.29 32.48 -41.59
CA THR C 69 -36.43 33.38 -41.57
C THR C 69 -36.22 34.50 -42.57
N LEU C 70 -37.32 35.16 -42.91
CA LEU C 70 -37.31 36.34 -43.76
C LEU C 70 -38.28 37.34 -43.18
N THR C 71 -37.77 38.48 -42.75
CA THR C 71 -38.56 39.49 -42.04
C THR C 71 -38.85 40.66 -42.96
N ILE C 72 -40.13 40.99 -43.10
CA ILE C 72 -40.57 42.12 -43.91
C ILE C 72 -41.33 43.09 -43.01
N THR C 73 -41.00 44.36 -43.12
CA THR C 73 -41.79 45.43 -42.52
C THR C 73 -42.35 46.30 -43.63
N SER C 74 -43.51 46.92 -43.34
CA SER C 74 -44.26 47.77 -44.28
C SER C 74 -44.60 47.02 -45.56
N VAL C 75 -45.43 45.99 -45.42
CA VAL C 75 -45.78 45.11 -46.53
C VAL C 75 -46.75 45.81 -47.46
N GLU C 76 -46.96 45.22 -48.64
CA GLU C 76 -47.83 45.81 -49.65
C GLU C 76 -48.41 44.69 -50.50
N ALA C 77 -49.24 45.07 -51.49
CA ALA C 77 -49.79 44.10 -52.43
C ALA C 77 -48.76 43.61 -53.44
N GLY C 78 -47.72 44.41 -53.71
CA GLY C 78 -46.60 43.92 -54.50
C GLY C 78 -45.75 42.90 -53.78
N ASP C 79 -45.81 42.86 -52.45
CA ASP C 79 -45.13 41.83 -51.68
C ASP C 79 -45.88 40.50 -51.71
N GLU C 80 -47.13 40.50 -52.13
CA GLU C 80 -47.96 39.30 -52.17
C GLU C 80 -47.48 38.39 -53.29
N ALA C 81 -46.71 37.37 -52.93
CA ALA C 81 -46.12 36.44 -53.89
C ALA C 81 -45.77 35.16 -53.15
N ASP C 82 -45.14 34.24 -53.86
CA ASP C 82 -44.71 32.96 -53.31
C ASP C 82 -43.22 33.02 -53.02
N TYR C 83 -42.84 32.85 -51.76
CA TYR C 83 -41.44 32.96 -51.37
C TYR C 83 -40.79 31.60 -51.35
N TYR C 84 -39.47 31.58 -51.56
CA TYR C 84 -38.72 30.34 -51.57
C TYR C 84 -37.38 30.56 -50.90
N CYS C 85 -36.93 29.53 -50.20
CA CYS C 85 -35.62 29.51 -49.57
C CYS C 85 -34.77 28.46 -50.24
N HIS C 86 -33.45 28.70 -50.24
CA HIS C 86 -32.49 27.76 -50.78
C HIS C 86 -31.30 27.78 -49.84
N ILE C 87 -31.26 26.82 -48.93
CA ILE C 87 -30.21 26.81 -47.93
C ILE C 87 -28.98 26.10 -48.49
N TRP C 88 -27.82 26.56 -48.05
CA TRP C 88 -26.52 26.01 -48.45
C TRP C 88 -25.76 25.79 -47.16
N ASP C 89 -25.98 24.65 -46.53
CA ASP C 89 -25.34 24.40 -45.25
C ASP C 89 -23.92 23.89 -45.48
N SER C 90 -23.02 24.25 -44.57
CA SER C 90 -21.64 23.81 -44.62
C SER C 90 -21.47 22.38 -44.16
N ARG C 91 -22.54 21.73 -43.72
CA ARG C 91 -22.49 20.36 -43.26
C ARG C 91 -23.34 19.43 -44.13
N ARG C 92 -24.58 19.81 -44.41
CA ARG C 92 -25.41 19.01 -45.30
C ARG C 92 -24.94 19.17 -46.74
N PRO C 93 -25.18 18.16 -47.60
CA PRO C 93 -24.76 18.29 -49.00
C PRO C 93 -25.63 19.23 -49.82
N THR C 94 -25.39 19.26 -51.12
CA THR C 94 -25.95 20.28 -52.00
C THR C 94 -27.43 20.05 -52.23
N ASN C 95 -28.23 21.10 -52.05
CA ASN C 95 -29.68 21.04 -52.25
C ASN C 95 -29.97 21.43 -53.69
N TRP C 96 -30.20 20.43 -54.54
CA TRP C 96 -30.53 20.68 -55.93
C TRP C 96 -31.99 21.06 -56.14
N VAL C 97 -32.81 20.95 -55.11
CA VAL C 97 -34.20 21.39 -55.17
C VAL C 97 -34.40 22.38 -54.03
N PHE C 98 -35.30 23.32 -54.24
CA PHE C 98 -35.52 24.42 -53.29
C PHE C 98 -36.33 23.92 -52.10
N GLY C 99 -36.69 24.83 -51.21
CA GLY C 99 -37.46 24.48 -50.02
C GLY C 99 -38.92 24.29 -50.31
N GLU C 100 -39.76 24.58 -49.32
CA GLU C 100 -41.20 24.49 -49.48
C GLU C 100 -41.75 25.87 -49.82
N GLY C 101 -42.73 25.91 -50.72
CA GLY C 101 -43.29 27.17 -51.15
C GLY C 101 -44.12 27.81 -50.07
N THR C 102 -43.73 29.00 -49.63
CA THR C 102 -44.47 29.77 -48.65
C THR C 102 -45.18 30.91 -49.35
N THR C 103 -46.45 31.10 -49.01
CA THR C 103 -47.33 32.03 -49.71
C THR C 103 -47.69 33.19 -48.79
N LEU C 104 -47.59 34.41 -49.32
CA LEU C 104 -47.99 35.59 -48.58
C LEU C 104 -49.28 36.13 -49.16
N ILE C 105 -50.17 36.61 -48.28
CA ILE C 105 -51.39 37.30 -48.68
C ILE C 105 -51.53 38.55 -47.85
N VAL C 106 -52.27 39.52 -48.39
CA VAL C 106 -52.42 40.83 -47.77
C VAL C 106 -53.89 41.23 -47.87
N LEU C 107 -54.30 42.10 -46.94
CA LEU C 107 -55.67 42.63 -46.96
C LEU C 107 -55.78 43.79 -47.95
N GLN D 1 -28.69 45.35 -69.01
CA GLN D 1 -30.04 44.94 -69.40
C GLN D 1 -29.99 43.62 -70.15
N VAL D 2 -30.43 42.56 -69.49
CA VAL D 2 -30.49 41.23 -70.10
C VAL D 2 -31.88 40.66 -69.93
N HIS D 3 -32.33 39.90 -70.92
CA HIS D 3 -33.54 39.11 -70.81
C HIS D 3 -33.39 37.91 -71.73
N LEU D 4 -33.91 36.77 -71.29
CA LEU D 4 -33.73 35.52 -72.00
C LEU D 4 -35.05 35.08 -72.63
N GLN D 5 -34.94 34.13 -73.55
CA GLN D 5 -36.11 33.62 -74.26
C GLN D 5 -35.87 32.17 -74.61
N GLU D 6 -36.73 31.29 -74.10
CA GLU D 6 -36.63 29.87 -74.40
C GLU D 6 -37.49 29.53 -75.60
N SER D 7 -37.28 28.32 -76.13
CA SER D 7 -38.09 27.81 -77.23
C SER D 7 -38.03 26.29 -77.22
N GLY D 8 -39.19 25.67 -77.44
CA GLY D 8 -39.27 24.23 -77.41
C GLY D 8 -40.52 23.69 -78.09
N PRO D 9 -40.67 22.36 -78.12
CA PRO D 9 -41.83 21.76 -78.80
C PRO D 9 -43.15 21.96 -78.07
N GLY D 10 -43.17 21.78 -76.76
CA GLY D 10 -44.38 21.91 -75.97
C GLY D 10 -45.19 20.64 -75.85
N LEU D 11 -45.33 19.89 -76.94
CA LEU D 11 -46.01 18.61 -76.95
C LEU D 11 -44.96 17.51 -77.11
N VAL D 12 -44.92 16.59 -76.16
CA VAL D 12 -43.88 15.56 -76.12
C VAL D 12 -44.54 14.19 -76.08
N LYS D 13 -44.16 13.33 -77.03
CA LYS D 13 -44.50 11.93 -76.87
C LYS D 13 -43.47 11.24 -75.99
N PRO D 14 -43.88 10.29 -75.14
CA PRO D 14 -42.93 9.72 -74.17
C PRO D 14 -41.86 8.86 -74.82
N SER D 15 -40.81 8.61 -74.04
CA SER D 15 -39.58 7.92 -74.45
C SER D 15 -38.95 8.59 -75.68
N GLU D 16 -38.88 9.92 -75.64
CA GLU D 16 -38.33 10.71 -76.73
C GLU D 16 -37.46 11.80 -76.16
N THR D 17 -36.33 12.08 -76.82
CA THR D 17 -35.35 13.03 -76.32
C THR D 17 -35.87 14.45 -76.41
N LEU D 18 -36.14 15.07 -75.27
CA LEU D 18 -36.53 16.47 -75.23
C LEU D 18 -35.32 17.37 -75.42
N SER D 19 -35.49 18.42 -76.21
CA SER D 19 -34.42 19.39 -76.44
C SER D 19 -34.99 20.79 -76.34
N LEU D 20 -34.21 21.70 -75.77
CA LEU D 20 -34.62 23.09 -75.65
C LEU D 20 -33.48 24.02 -76.03
N THR D 21 -33.84 25.25 -76.38
CA THR D 21 -32.89 26.30 -76.69
C THR D 21 -33.22 27.53 -75.86
N CYS D 22 -32.25 28.45 -75.81
CA CYS D 22 -32.35 29.68 -75.04
C CYS D 22 -31.53 30.76 -75.74
N ASN D 23 -32.17 31.86 -76.09
CA ASN D 23 -31.50 32.96 -76.76
C ASN D 23 -30.78 33.83 -75.74
N VAL D 24 -30.14 34.90 -76.24
CA VAL D 24 -29.45 35.87 -75.39
C VAL D 24 -29.96 37.26 -75.73
N SER D 25 -29.63 38.21 -74.87
CA SER D 25 -29.86 39.63 -75.14
C SER D 25 -28.90 40.44 -74.29
N GLY D 26 -27.98 41.16 -74.92
CA GLY D 26 -27.04 42.00 -74.21
C GLY D 26 -25.73 41.32 -73.88
N THR D 27 -25.75 40.35 -72.96
CA THR D 27 -24.55 39.68 -72.48
C THR D 27 -24.40 38.34 -73.17
N LEU D 28 -23.20 38.07 -73.68
CA LEU D 28 -22.95 36.87 -74.48
C LEU D 28 -22.83 35.63 -73.59
N VAL D 29 -22.50 34.51 -74.24
CA VAL D 29 -22.52 33.20 -73.56
C VAL D 29 -21.25 32.98 -72.74
N ARG D 30 -20.12 33.57 -73.13
CA ARG D 30 -18.87 33.33 -72.44
C ARG D 30 -18.80 34.09 -71.13
N ASP D 31 -19.50 35.22 -71.04
CA ASP D 31 -19.26 36.19 -69.98
C ASP D 31 -19.82 35.78 -68.62
N ASN D 32 -20.59 34.70 -68.55
CA ASN D 32 -21.23 34.34 -67.28
C ASN D 32 -21.55 32.85 -67.29
N TYR D 33 -21.86 32.33 -66.12
CA TYR D 33 -22.38 30.97 -65.97
C TYR D 33 -23.77 30.85 -66.59
N TRP D 34 -24.22 29.62 -66.76
CA TRP D 34 -25.59 29.36 -67.20
C TRP D 34 -26.17 28.24 -66.37
N SER D 35 -27.49 28.22 -66.26
CA SER D 35 -28.15 27.25 -65.42
C SER D 35 -29.54 26.94 -65.97
N TRP D 36 -29.98 25.72 -65.70
CA TRP D 36 -31.31 25.26 -66.06
C TRP D 36 -32.06 24.82 -64.81
N ILE D 37 -33.33 25.23 -64.76
CA ILE D 37 -34.22 25.06 -63.62
C ILE D 37 -35.54 24.53 -64.18
N ARG D 38 -36.20 23.62 -63.47
CA ARG D 38 -37.55 23.26 -63.86
C ARG D 38 -38.50 23.44 -62.71
N GLN D 39 -39.75 23.73 -63.02
CA GLN D 39 -40.75 23.86 -61.97
C GLN D 39 -42.07 23.26 -62.42
N PRO D 40 -42.61 22.30 -61.66
CA PRO D 40 -43.95 21.79 -61.94
C PRO D 40 -45.01 22.81 -61.52
N LEU D 41 -46.26 22.48 -61.84
CA LEU D 41 -47.36 23.39 -61.57
C LEU D 41 -47.68 23.40 -60.09
N GLY D 42 -47.71 24.60 -59.50
CA GLY D 42 -47.99 24.76 -58.08
C GLY D 42 -46.95 24.14 -57.17
N LYS D 43 -45.69 24.10 -57.61
CA LYS D 43 -44.64 23.42 -56.87
C LYS D 43 -43.44 24.34 -56.72
N GLN D 44 -42.52 23.92 -55.86
CA GLN D 44 -41.23 24.60 -55.77
C GLN D 44 -40.39 24.27 -56.99
N PRO D 45 -39.49 25.16 -57.39
CA PRO D 45 -38.64 24.86 -58.55
C PRO D 45 -37.64 23.76 -58.25
N GLU D 46 -37.09 23.19 -59.33
CA GLU D 46 -36.06 22.16 -59.24
C GLU D 46 -34.91 22.60 -60.12
N TRP D 47 -33.80 22.96 -59.49
CA TRP D 47 -32.62 23.44 -60.19
C TRP D 47 -31.92 22.27 -60.86
N ILE D 48 -32.07 22.16 -62.18
CA ILE D 48 -31.55 21.01 -62.91
C ILE D 48 -30.03 21.02 -62.91
N GLY D 49 -29.42 22.18 -63.01
CA GLY D 49 -27.98 22.27 -62.87
C GLY D 49 -27.43 23.48 -63.58
N TYR D 50 -26.11 23.46 -63.79
CA TYR D 50 -25.42 24.59 -64.37
C TYR D 50 -24.40 24.10 -65.39
N VAL D 51 -24.12 24.96 -66.36
CA VAL D 51 -23.13 24.72 -67.40
C VAL D 51 -22.30 25.99 -67.58
N HIS D 52 -21.00 25.79 -67.80
CA HIS D 52 -20.09 26.85 -68.19
C HIS D 52 -18.91 26.21 -68.90
N ASP D 53 -18.23 27.01 -69.71
CA ASP D 53 -16.96 26.63 -70.30
C ASP D 53 -15.93 26.30 -69.20
N SER D 54 -14.94 25.49 -69.59
CA SER D 54 -13.88 24.95 -68.72
C SER D 54 -14.47 24.11 -67.59
N GLY D 55 -15.28 23.12 -67.96
CA GLY D 55 -15.65 22.02 -67.08
C GLY D 55 -16.63 22.35 -65.97
N ASP D 56 -17.13 23.58 -65.89
CA ASP D 56 -18.05 23.97 -64.82
C ASP D 56 -19.47 23.54 -65.20
N THR D 57 -19.67 22.22 -65.22
CA THR D 57 -20.85 21.60 -65.82
C THR D 57 -21.36 20.48 -64.90
N ASN D 58 -21.63 20.81 -63.64
CA ASN D 58 -22.16 19.79 -62.74
C ASN D 58 -23.67 19.68 -62.89
N TYR D 59 -24.18 18.47 -62.70
CA TYR D 59 -25.58 18.14 -62.95
C TYR D 59 -26.26 17.74 -61.64
N ASN D 60 -27.58 17.70 -61.69
CA ASN D 60 -28.37 17.13 -60.60
C ASN D 60 -28.10 15.64 -60.56
N PRO D 61 -27.56 15.08 -59.46
CA PRO D 61 -27.27 13.65 -59.42
C PRO D 61 -28.51 12.75 -59.40
N SER D 62 -29.70 13.31 -59.20
CA SER D 62 -30.92 12.53 -59.35
C SER D 62 -31.10 12.12 -60.81
N LEU D 63 -30.92 13.04 -61.74
CA LEU D 63 -31.04 12.69 -63.15
C LEU D 63 -29.74 12.08 -63.66
N LYS D 64 -28.69 12.90 -63.76
CA LYS D 64 -27.26 12.54 -63.81
C LYS D 64 -26.83 11.84 -65.10
N SER D 65 -27.76 11.31 -65.86
CA SER D 65 -27.43 10.62 -67.10
C SER D 65 -28.30 11.07 -68.26
N ARG D 66 -29.58 11.33 -68.01
CA ARG D 66 -30.53 11.66 -69.05
C ARG D 66 -30.66 13.15 -69.27
N VAL D 67 -29.65 13.93 -68.91
CA VAL D 67 -29.65 15.38 -69.12
C VAL D 67 -28.25 15.80 -69.53
N HIS D 68 -28.17 16.66 -70.55
CA HIS D 68 -26.91 17.13 -71.08
C HIS D 68 -27.07 18.59 -71.47
N LEU D 69 -26.27 19.44 -70.86
CA LEU D 69 -26.36 20.88 -71.06
C LEU D 69 -25.31 21.28 -72.09
N SER D 70 -25.59 22.36 -72.83
CA SER D 70 -24.70 22.73 -73.92
C SER D 70 -24.80 24.22 -74.19
N LEU D 71 -23.79 24.74 -74.88
CA LEU D 71 -23.74 26.14 -75.28
C LEU D 71 -23.71 26.24 -76.80
N ASP D 72 -23.73 27.48 -77.28
CA ASP D 72 -23.63 27.77 -78.72
C ASP D 72 -22.81 29.06 -78.83
N LYS D 73 -21.49 28.90 -78.97
CA LYS D 73 -20.61 30.05 -79.10
C LYS D 73 -20.61 30.61 -80.51
N SER D 74 -21.01 29.80 -81.51
CA SER D 74 -21.14 30.30 -82.87
C SER D 74 -22.34 31.23 -82.99
N LYS D 75 -23.48 30.81 -82.47
CA LYS D 75 -24.70 31.60 -82.57
C LYS D 75 -25.04 32.38 -81.31
N ASN D 76 -24.28 32.18 -80.23
CA ASN D 76 -24.50 32.79 -78.90
C ASN D 76 -25.87 32.42 -78.36
N LEU D 77 -26.03 31.12 -78.07
CA LEU D 77 -27.22 30.59 -77.43
C LEU D 77 -26.82 29.59 -76.34
N VAL D 78 -27.82 29.12 -75.61
CA VAL D 78 -27.68 28.03 -74.65
C VAL D 78 -28.65 26.94 -75.07
N SER D 79 -28.33 25.68 -74.82
CA SER D 79 -29.22 24.59 -75.21
C SER D 79 -29.19 23.48 -74.18
N LEU D 80 -30.18 22.61 -74.28
CA LEU D 80 -30.36 21.49 -73.37
C LEU D 80 -30.85 20.29 -74.15
N ARG D 81 -30.37 19.11 -73.76
CA ARG D 81 -30.89 17.85 -74.26
C ARG D 81 -31.32 17.01 -73.07
N LEU D 82 -32.48 16.39 -73.18
CA LEU D 82 -32.99 15.49 -72.16
C LEU D 82 -33.22 14.14 -72.81
N THR D 83 -33.35 13.10 -72.00
CA THR D 83 -33.52 11.75 -72.52
C THR D 83 -34.60 11.02 -71.75
N GLY D 84 -35.53 10.38 -72.46
CA GLY D 84 -36.53 9.55 -71.84
C GLY D 84 -37.57 10.31 -71.03
N VAL D 85 -38.43 11.06 -71.72
CA VAL D 85 -39.44 11.86 -71.05
C VAL D 85 -40.51 10.95 -70.46
N THR D 86 -40.74 11.09 -69.16
CA THR D 86 -41.84 10.42 -68.48
C THR D 86 -42.90 11.47 -68.15
N ALA D 87 -43.93 11.05 -67.41
CA ALA D 87 -45.05 11.93 -67.09
C ALA D 87 -44.67 13.04 -66.13
N ALA D 88 -43.62 12.86 -65.34
CA ALA D 88 -43.20 13.88 -64.39
C ALA D 88 -42.47 15.04 -65.05
N ASP D 89 -41.98 14.86 -66.28
CA ASP D 89 -41.16 15.87 -66.94
C ASP D 89 -41.95 17.06 -67.46
N SER D 90 -43.28 17.02 -67.39
CA SER D 90 -44.10 18.16 -67.81
C SER D 90 -43.98 19.26 -66.77
N ALA D 91 -43.18 20.28 -67.09
CA ALA D 91 -42.88 21.37 -66.18
C ALA D 91 -42.39 22.56 -67.01
N ILE D 92 -42.40 23.74 -66.42
CA ILE D 92 -41.91 24.93 -67.10
C ILE D 92 -40.42 25.07 -66.81
N TYR D 93 -39.62 25.22 -67.88
CA TYR D 93 -38.18 25.14 -67.75
C TYR D 93 -37.57 26.52 -67.99
N TYR D 94 -36.42 26.75 -67.37
CA TYR D 94 -35.83 28.09 -67.25
C TYR D 94 -34.34 28.01 -67.51
N CYS D 95 -33.87 28.79 -68.49
CA CYS D 95 -32.46 29.14 -68.59
C CYS D 95 -32.23 30.43 -67.81
N ALA D 96 -31.09 30.51 -67.11
CA ALA D 96 -30.85 31.65 -66.24
C ALA D 96 -29.35 31.82 -66.01
N THR D 97 -28.95 33.07 -65.79
CA THR D 97 -27.59 33.34 -65.36
C THR D 97 -27.47 33.13 -63.85
N THR D 98 -26.29 32.71 -63.41
CA THR D 98 -26.05 32.56 -61.99
C THR D 98 -24.66 33.05 -61.66
N LYS D 99 -24.46 33.38 -60.38
CA LYS D 99 -23.22 33.95 -59.90
C LYS D 99 -22.76 33.18 -58.67
N HIS D 100 -21.47 32.90 -58.60
CA HIS D 100 -20.89 32.14 -57.51
C HIS D 100 -20.52 33.09 -56.38
N GLY D 101 -19.74 32.60 -55.42
CA GLY D 101 -19.32 33.38 -54.27
C GLY D 101 -18.96 32.49 -53.11
N ARG D 102 -17.84 32.78 -52.45
CA ARG D 102 -17.29 31.88 -51.44
C ARG D 102 -17.83 32.25 -50.07
N ARG D 103 -18.51 31.31 -49.44
CA ARG D 103 -18.80 31.39 -48.01
C ARG D 103 -17.64 30.73 -47.29
N ILE D 104 -16.89 31.54 -46.54
CA ILE D 104 -15.71 31.08 -45.79
C ILE D 104 -16.08 31.07 -44.32
N TYR D 105 -15.94 29.93 -43.68
CA TYR D 105 -16.26 29.79 -42.27
C TYR D 105 -15.08 29.40 -41.40
N GLY D 106 -13.97 28.97 -41.99
CA GLY D 106 -12.81 28.60 -41.21
C GLY D 106 -11.53 29.00 -41.89
N VAL D 107 -10.53 28.13 -41.83
CA VAL D 107 -9.23 28.42 -42.42
C VAL D 107 -9.33 28.21 -43.93
N VAL D 108 -8.76 29.15 -44.69
CA VAL D 108 -8.90 29.11 -46.14
C VAL D 108 -8.07 27.97 -46.74
N ALA D 109 -6.85 27.79 -46.23
CA ALA D 109 -5.97 26.76 -46.77
C ALA D 109 -6.39 25.35 -46.41
N PHE D 110 -7.28 25.17 -45.43
CA PHE D 110 -7.74 23.86 -45.03
C PHE D 110 -9.03 23.46 -45.72
N LYS D 111 -9.40 24.17 -46.80
CA LYS D 111 -10.62 23.95 -47.58
C LYS D 111 -11.89 24.05 -46.72
N GLU D 112 -11.87 24.96 -45.76
CA GLU D 112 -13.03 25.15 -44.88
C GLU D 112 -13.91 26.29 -45.40
N TRP D 113 -14.42 26.09 -46.61
CA TRP D 113 -15.25 27.07 -47.30
C TRP D 113 -16.01 26.35 -48.39
N PHE D 114 -17.02 27.01 -48.93
CA PHE D 114 -17.75 26.45 -50.06
C PHE D 114 -18.21 27.58 -50.97
N THR D 115 -18.73 27.21 -52.13
CA THR D 115 -19.21 28.17 -53.11
C THR D 115 -20.70 27.97 -53.32
N TYR D 116 -21.49 28.96 -52.97
CA TYR D 116 -22.92 28.94 -53.22
C TYR D 116 -23.21 29.59 -54.56
N PHE D 117 -24.38 29.29 -55.11
CA PHE D 117 -24.84 29.91 -56.33
C PHE D 117 -26.14 30.65 -56.09
N TYR D 118 -26.39 31.66 -56.91
CA TYR D 118 -27.63 32.41 -56.86
C TYR D 118 -27.94 32.94 -58.24
N MET D 119 -29.19 32.77 -58.67
CA MET D 119 -29.62 33.15 -60.02
C MET D 119 -30.21 34.55 -59.97
N ASP D 120 -29.54 35.48 -60.65
CA ASP D 120 -29.92 36.89 -60.58
C ASP D 120 -31.05 37.24 -61.54
N VAL D 121 -30.93 36.87 -62.81
CA VAL D 121 -32.02 37.05 -63.75
C VAL D 121 -32.43 35.68 -64.28
N TRP D 122 -33.48 35.64 -65.09
CA TRP D 122 -34.15 34.41 -65.42
C TRP D 122 -34.54 34.41 -66.88
N GLY D 123 -35.11 33.30 -67.33
CA GLY D 123 -35.74 33.22 -68.63
C GLY D 123 -37.20 33.64 -68.54
N LYS D 124 -37.99 33.10 -69.46
CA LYS D 124 -39.43 33.32 -69.41
C LYS D 124 -40.25 32.04 -69.44
N GLY D 125 -39.69 30.94 -69.94
CA GLY D 125 -40.30 29.64 -69.72
C GLY D 125 -40.83 29.03 -71.02
N THR D 126 -40.89 27.71 -71.00
CA THR D 126 -41.55 26.93 -72.05
C THR D 126 -42.40 25.89 -71.36
N SER D 127 -43.72 26.00 -71.51
CA SER D 127 -44.62 25.06 -70.86
C SER D 127 -44.59 23.72 -71.56
N VAL D 128 -43.60 22.90 -71.22
CA VAL D 128 -43.43 21.60 -71.85
C VAL D 128 -44.45 20.64 -71.25
N THR D 129 -45.16 19.91 -72.10
CA THR D 129 -46.19 18.99 -71.68
C THR D 129 -46.03 17.68 -72.42
N VAL D 130 -46.06 16.58 -71.68
CA VAL D 130 -45.98 15.24 -72.25
C VAL D 130 -47.38 14.65 -72.35
N SER D 131 -47.75 14.23 -73.56
CA SER D 131 -49.09 13.75 -73.84
C SER D 131 -49.05 12.94 -75.13
N SER D 132 -50.02 12.04 -75.28
CA SER D 132 -50.11 11.22 -76.48
C SER D 132 -51.44 11.45 -77.21
N GLU E 1 33.07 15.48 -42.83
CA GLU E 1 33.25 14.04 -42.63
C GLU E 1 34.63 13.73 -42.09
N ILE E 2 34.77 12.56 -41.47
CA ILE E 2 36.03 12.09 -40.90
C ILE E 2 36.54 10.96 -41.77
N VAL E 3 37.76 11.11 -42.26
CA VAL E 3 38.39 10.13 -43.14
C VAL E 3 39.46 9.39 -42.33
N LEU E 4 39.24 8.09 -42.14
CA LEU E 4 40.20 7.27 -41.41
C LEU E 4 41.18 6.65 -42.40
N THR E 5 42.46 6.70 -42.08
CA THR E 5 43.49 6.15 -42.93
C THR E 5 44.35 5.21 -42.10
N GLN E 6 44.40 3.94 -42.50
CA GLN E 6 45.26 2.97 -41.84
C GLN E 6 46.54 2.82 -42.63
N SER E 7 47.68 2.89 -41.93
CA SER E 7 48.96 2.92 -42.62
C SER E 7 49.42 1.59 -43.21
N PRO E 8 49.48 0.45 -42.48
CA PRO E 8 50.30 -0.66 -42.99
C PRO E 8 49.70 -1.40 -44.17
N GLY E 9 48.38 -1.45 -44.29
CA GLY E 9 47.78 -2.23 -45.35
C GLY E 9 47.91 -3.71 -45.06
N ILE E 10 48.75 -4.39 -45.81
CA ILE E 10 49.02 -5.80 -45.60
C ILE E 10 50.19 -5.93 -44.64
N LEU E 11 50.03 -6.76 -43.61
CA LEU E 11 51.07 -6.98 -42.61
C LEU E 11 51.34 -8.48 -42.53
N SER E 12 52.51 -8.90 -42.99
CA SER E 12 52.88 -10.31 -43.04
C SER E 12 53.86 -10.60 -41.92
N LEU E 13 53.42 -11.39 -40.94
CA LEU E 13 54.24 -11.72 -39.79
C LEU E 13 54.10 -13.20 -39.47
N SER E 14 54.91 -13.65 -38.53
CA SER E 14 54.93 -15.04 -38.10
C SER E 14 54.11 -15.21 -36.82
N PRO E 15 53.59 -16.41 -36.57
CA PRO E 15 52.90 -16.65 -35.29
C PRO E 15 53.87 -16.59 -34.12
N GLY E 16 53.35 -16.15 -32.98
CA GLY E 16 54.15 -15.90 -31.80
C GLY E 16 54.76 -14.51 -31.74
N GLU E 17 54.89 -13.82 -32.87
CA GLU E 17 55.43 -12.48 -32.90
C GLU E 17 54.41 -11.47 -32.39
N THR E 18 54.83 -10.22 -32.29
CA THR E 18 53.95 -9.11 -31.97
C THR E 18 53.65 -8.32 -33.23
N ALA E 19 52.68 -7.42 -33.12
CA ALA E 19 52.22 -6.63 -34.26
C ALA E 19 51.70 -5.28 -33.77
N THR E 20 51.81 -4.28 -34.63
CA THR E 20 51.36 -2.93 -34.29
C THR E 20 50.68 -2.33 -35.52
N LEU E 21 49.38 -2.12 -35.44
CA LEU E 21 48.62 -1.46 -36.48
C LEU E 21 48.34 -0.01 -36.08
N PHE E 22 48.15 0.83 -37.08
CA PHE E 22 48.11 2.26 -36.90
C PHE E 22 46.97 2.86 -37.69
N CYS E 23 46.25 3.80 -37.08
CA CYS E 23 45.28 4.56 -37.86
C CYS E 23 45.37 6.03 -37.52
N LYS E 24 45.06 6.84 -38.52
CA LYS E 24 45.14 8.30 -38.45
C LYS E 24 43.79 8.86 -38.85
N ALA E 25 43.29 9.80 -38.05
CA ALA E 25 42.02 10.44 -38.29
C ALA E 25 42.24 11.88 -38.74
N SER E 26 41.30 12.38 -39.54
CA SER E 26 41.41 13.77 -40.00
C SER E 26 41.07 14.76 -38.90
N GLN E 27 40.12 14.41 -38.02
CA GLN E 27 39.71 15.28 -36.94
C GLN E 27 40.07 14.64 -35.61
N GLY E 28 40.87 15.35 -34.81
CA GLY E 28 41.25 14.85 -33.52
C GLY E 28 40.31 15.27 -32.42
N GLY E 29 40.31 14.49 -31.34
CA GLY E 29 39.52 14.80 -30.16
C GLY E 29 38.52 13.74 -29.75
N ASN E 30 38.45 12.60 -30.43
CA ASN E 30 37.43 11.61 -30.16
C ASN E 30 38.08 10.26 -29.86
N ALA E 31 37.24 9.28 -29.55
CA ALA E 31 37.71 7.93 -29.25
C ALA E 31 37.92 7.16 -30.55
N MET E 32 38.25 5.87 -30.42
CA MET E 32 38.50 5.05 -31.59
C MET E 32 38.18 3.60 -31.27
N THR E 33 37.56 2.91 -32.22
CA THR E 33 37.07 1.56 -32.04
C THR E 33 37.82 0.62 -32.96
N TRP E 34 38.19 -0.56 -32.46
CA TRP E 34 38.93 -1.54 -33.22
C TRP E 34 38.13 -2.83 -33.30
N TYR E 35 37.91 -3.30 -34.53
CA TYR E 35 37.15 -4.49 -34.87
C TYR E 35 38.05 -5.55 -35.47
N GLN E 36 37.74 -6.81 -35.17
CA GLN E 36 38.38 -7.96 -35.77
C GLN E 36 37.37 -8.70 -36.65
N LYS E 37 37.77 -9.03 -37.87
CA LYS E 37 36.95 -9.83 -38.76
C LYS E 37 37.80 -10.89 -39.41
N ARG E 38 37.50 -12.16 -39.15
CA ARG E 38 38.23 -13.25 -39.76
C ARG E 38 37.67 -13.53 -41.15
N ARG E 39 38.15 -14.60 -41.78
CA ARG E 39 37.73 -14.92 -43.14
C ARG E 39 36.35 -15.56 -43.12
N GLY E 40 35.37 -14.83 -43.63
CA GLY E 40 34.03 -15.38 -43.78
C GLY E 40 33.28 -15.62 -42.50
N GLN E 41 33.46 -14.77 -41.49
CA GLN E 41 32.75 -14.89 -40.24
C GLN E 41 32.19 -13.55 -39.81
N VAL E 42 31.43 -13.57 -38.73
CA VAL E 42 30.83 -12.37 -38.15
C VAL E 42 31.93 -11.52 -37.52
N PRO E 43 31.94 -10.19 -37.71
CA PRO E 43 32.94 -9.36 -37.03
C PRO E 43 32.83 -9.34 -35.51
N ARG E 44 33.77 -8.66 -34.86
CA ARG E 44 33.97 -8.84 -33.43
C ARG E 44 34.66 -7.60 -32.87
N LEU E 45 34.09 -7.04 -31.82
CA LEU E 45 34.62 -5.80 -31.25
C LEU E 45 35.80 -6.12 -30.35
N LEU E 46 36.98 -5.66 -30.75
CA LEU E 46 38.13 -5.77 -29.87
C LEU E 46 38.13 -4.64 -28.85
N ILE E 47 38.24 -3.40 -29.32
CA ILE E 47 38.54 -2.26 -28.46
C ILE E 47 37.49 -1.19 -28.67
N TYR E 48 36.91 -0.67 -27.59
CA TYR E 48 36.21 0.59 -27.64
C TYR E 48 36.92 1.58 -26.72
N ASP E 49 36.63 2.87 -26.95
CA ASP E 49 37.15 4.00 -26.17
C ASP E 49 38.68 4.08 -26.19
N THR E 50 39.28 3.51 -27.23
CA THR E 50 40.68 3.60 -27.67
C THR E 50 41.64 2.83 -26.74
N SER E 51 41.18 2.43 -25.56
CA SER E 51 42.04 1.65 -24.67
C SER E 51 41.32 0.57 -23.90
N ARG E 52 40.00 0.43 -24.02
CA ARG E 52 39.24 -0.50 -23.22
C ARG E 52 39.00 -1.78 -24.01
N ARG E 53 39.22 -2.93 -23.37
CA ARG E 53 38.98 -4.21 -24.00
C ARG E 53 37.53 -4.61 -23.78
N ALA E 54 36.94 -5.26 -24.77
CA ALA E 54 35.54 -5.65 -24.73
C ALA E 54 35.39 -6.95 -23.94
N SER E 55 34.19 -7.51 -23.97
CA SER E 55 33.96 -8.80 -23.35
C SER E 55 34.58 -9.92 -24.19
N GLY E 56 35.20 -10.87 -23.50
CA GLY E 56 35.83 -11.99 -24.18
C GLY E 56 37.04 -11.63 -25.00
N VAL E 57 37.78 -10.61 -24.60
CA VAL E 57 38.98 -10.16 -25.29
C VAL E 57 40.17 -10.47 -24.40
N PRO E 58 41.16 -11.24 -24.88
CA PRO E 58 42.35 -11.47 -24.07
C PRO E 58 43.21 -10.23 -23.98
N ASP E 59 43.98 -10.14 -22.90
CA ASP E 59 44.74 -8.93 -22.56
C ASP E 59 45.96 -8.71 -23.45
N ARG E 60 46.22 -9.55 -24.45
CA ARG E 60 47.30 -9.26 -25.38
C ARG E 60 46.93 -8.16 -26.37
N PHE E 61 45.65 -7.83 -26.49
CA PHE E 61 45.22 -6.70 -27.32
C PHE E 61 45.31 -5.42 -26.50
N VAL E 62 46.16 -4.49 -26.93
CA VAL E 62 46.37 -3.24 -26.21
C VAL E 62 46.10 -2.09 -27.17
N GLY E 63 45.21 -1.20 -26.79
CA GLY E 63 44.92 -0.01 -27.57
C GLY E 63 45.55 1.20 -26.89
N SER E 64 45.97 2.16 -27.71
CA SER E 64 46.54 3.39 -27.19
C SER E 64 46.43 4.46 -28.26
N GLY E 65 46.83 5.67 -27.90
CA GLY E 65 46.91 6.75 -28.86
C GLY E 65 46.19 7.99 -28.37
N SER E 66 46.36 9.06 -29.14
CA SER E 66 45.76 10.34 -28.81
C SER E 66 45.75 11.21 -30.06
N GLY E 67 44.93 12.25 -30.01
CA GLY E 67 44.85 13.23 -31.07
C GLY E 67 44.35 12.63 -32.37
N THR E 68 45.27 12.46 -33.32
CA THR E 68 44.96 11.77 -34.56
C THR E 68 45.57 10.38 -34.64
N ASP E 69 46.60 10.08 -33.84
CA ASP E 69 47.39 8.88 -34.02
C ASP E 69 46.95 7.81 -33.03
N PHE E 70 46.57 6.64 -33.54
CA PHE E 70 46.00 5.59 -32.71
C PHE E 70 46.68 4.26 -33.01
N PHE E 71 47.06 3.54 -31.96
CA PHE E 71 47.85 2.32 -32.04
C PHE E 71 47.01 1.14 -31.54
N LEU E 72 47.07 0.03 -32.27
CA LEU E 72 46.53 -1.24 -31.81
C LEU E 72 47.66 -2.27 -31.83
N THR E 73 48.09 -2.70 -30.65
CA THR E 73 49.21 -3.62 -30.50
C THR E 73 48.68 -5.00 -30.10
N ILE E 74 49.16 -6.03 -30.79
CA ILE E 74 48.87 -7.41 -30.43
C ILE E 74 50.18 -8.06 -30.02
N ASN E 75 50.21 -8.64 -28.83
CA ASN E 75 51.43 -9.25 -28.29
C ASN E 75 51.28 -10.76 -28.37
N LYS E 76 52.29 -11.42 -28.94
CA LYS E 76 52.38 -12.89 -29.04
C LYS E 76 51.17 -13.45 -29.81
N LEU E 77 51.20 -13.18 -31.13
CA LEU E 77 50.14 -13.58 -32.05
C LEU E 77 49.83 -15.07 -31.99
N ASP E 78 48.58 -15.40 -32.25
CA ASP E 78 48.10 -16.75 -32.46
C ASP E 78 47.63 -16.86 -33.91
N ARG E 79 47.47 -18.11 -34.38
CA ARG E 79 46.98 -18.32 -35.73
C ARG E 79 45.54 -17.89 -35.91
N GLU E 80 44.76 -17.87 -34.82
CA GLU E 80 43.40 -17.32 -34.87
C GLU E 80 43.42 -15.81 -35.11
N ASP E 81 44.48 -15.13 -34.68
CA ASP E 81 44.53 -13.68 -34.70
C ASP E 81 44.88 -13.09 -36.06
N PHE E 82 45.21 -13.92 -37.05
CA PHE E 82 45.49 -13.43 -38.38
C PHE E 82 44.17 -13.15 -39.09
N ALA E 83 43.79 -11.89 -39.14
CA ALA E 83 42.47 -11.50 -39.65
C ALA E 83 42.58 -10.08 -40.19
N VAL E 84 41.43 -9.50 -40.52
CA VAL E 84 41.35 -8.11 -40.96
C VAL E 84 40.96 -7.27 -39.76
N TYR E 85 41.57 -6.10 -39.60
CA TYR E 85 41.34 -5.27 -38.44
C TYR E 85 40.90 -3.88 -38.87
N TYR E 86 39.72 -3.48 -38.41
CA TYR E 86 39.08 -2.24 -38.82
C TYR E 86 39.10 -1.21 -37.70
N CYS E 87 39.20 0.06 -38.09
CA CYS E 87 39.11 1.17 -37.16
C CYS E 87 37.82 1.93 -37.44
N GLN E 88 37.09 2.28 -36.40
CA GLN E 88 35.85 2.99 -36.61
C GLN E 88 35.63 4.13 -35.66
N GLN E 89 35.38 5.32 -36.20
CA GLN E 89 35.08 6.46 -35.37
C GLN E 89 33.69 6.85 -35.82
N PHE E 90 32.75 6.86 -34.90
CA PHE E 90 31.35 7.19 -35.21
C PHE E 90 30.86 6.34 -36.36
N GLU E 91 30.29 6.95 -37.38
CA GLU E 91 29.80 6.17 -38.50
C GLU E 91 30.82 5.92 -39.59
N PHE E 92 32.05 6.42 -39.45
CA PHE E 92 33.00 6.20 -40.52
C PHE E 92 33.83 4.95 -40.25
N PHE E 93 34.50 4.48 -41.29
CA PHE E 93 35.30 3.27 -41.16
C PHE E 93 36.57 3.42 -41.98
N GLY E 94 37.60 2.72 -41.54
CA GLY E 94 38.78 2.55 -42.36
C GLY E 94 38.60 1.41 -43.32
N LEU E 95 39.55 1.31 -44.25
CA LEU E 95 39.49 0.23 -45.23
C LEU E 95 40.05 -1.08 -44.70
N GLY E 96 40.57 -1.09 -43.48
CA GLY E 96 40.97 -2.34 -42.86
C GLY E 96 42.35 -2.81 -43.23
N SER E 97 43.12 -3.21 -42.23
CA SER E 97 44.45 -3.74 -42.42
C SER E 97 44.40 -5.26 -42.34
N GLU E 98 45.09 -5.92 -43.28
CA GLU E 98 45.09 -7.36 -43.37
C GLU E 98 46.35 -7.91 -42.68
N LEU E 99 46.15 -8.91 -41.83
CA LEU E 99 47.24 -9.54 -41.11
C LEU E 99 47.44 -10.94 -41.69
N GLU E 100 48.65 -11.24 -42.14
CA GLU E 100 48.92 -12.43 -42.93
C GLU E 100 50.06 -13.23 -42.30
N VAL E 101 50.00 -14.54 -42.48
CA VAL E 101 50.99 -15.46 -41.93
C VAL E 101 52.21 -15.47 -42.85
N HIS E 102 53.35 -14.98 -42.35
CA HIS E 102 54.58 -15.00 -43.13
C HIS E 102 55.15 -16.41 -43.23
N GLN F 1 21.71 -13.96 -22.33
CA GLN F 1 22.30 -13.85 -23.66
C GLN F 1 21.67 -12.69 -24.42
N VAL F 2 22.33 -12.25 -25.48
CA VAL F 2 21.77 -11.26 -26.40
C VAL F 2 21.84 -11.85 -27.80
N GLN F 3 20.70 -12.07 -28.42
CA GLN F 3 20.64 -12.73 -29.71
C GLN F 3 20.01 -11.82 -30.74
N LEU F 4 20.60 -11.83 -31.94
CA LEU F 4 20.11 -11.10 -33.10
C LEU F 4 19.99 -12.11 -34.24
N VAL F 5 18.78 -12.34 -34.71
CA VAL F 5 18.50 -13.34 -35.74
C VAL F 5 17.95 -12.62 -36.95
N GLN F 6 18.62 -12.73 -38.08
CA GLN F 6 18.16 -12.08 -39.28
C GLN F 6 17.35 -13.06 -40.12
N SER F 7 17.04 -12.66 -41.35
CA SER F 7 16.41 -13.56 -42.31
C SER F 7 17.48 -14.14 -43.23
N GLY F 8 17.04 -15.09 -44.06
CA GLY F 8 17.96 -15.74 -44.96
C GLY F 8 18.41 -14.83 -46.10
N ALA F 9 19.47 -15.24 -46.77
CA ALA F 9 19.97 -14.50 -47.92
C ALA F 9 18.97 -14.59 -49.08
N VAL F 10 18.85 -13.48 -49.81
CA VAL F 10 17.80 -13.35 -50.80
C VAL F 10 18.40 -12.81 -52.09
N ILE F 11 17.80 -13.21 -53.21
CA ILE F 11 18.22 -12.77 -54.53
C ILE F 11 17.12 -11.89 -55.10
N LYS F 12 17.48 -10.67 -55.49
CA LYS F 12 16.50 -9.73 -56.01
C LYS F 12 16.91 -9.27 -57.41
N THR F 13 16.03 -8.52 -58.03
CA THR F 13 16.20 -7.93 -59.34
C THR F 13 16.49 -6.44 -59.20
N PRO F 14 17.11 -5.81 -60.20
CA PRO F 14 17.28 -4.35 -60.16
C PRO F 14 15.94 -3.63 -60.21
N GLY F 15 15.82 -2.59 -59.38
CA GLY F 15 14.58 -1.85 -59.26
C GLY F 15 13.60 -2.40 -58.25
N SER F 16 13.95 -3.48 -57.55
CA SER F 16 13.05 -4.09 -56.58
C SER F 16 13.24 -3.44 -55.21
N SER F 17 12.66 -4.03 -54.18
CA SER F 17 12.76 -3.51 -52.82
C SER F 17 12.86 -4.70 -51.86
N VAL F 18 13.94 -4.76 -51.11
CA VAL F 18 14.19 -5.88 -50.22
C VAL F 18 13.74 -5.50 -48.81
N LYS F 19 13.13 -6.45 -48.11
CA LYS F 19 12.77 -6.26 -46.70
C LYS F 19 13.53 -7.28 -45.88
N ILE F 20 14.31 -6.79 -44.92
CA ILE F 20 15.15 -7.64 -44.08
C ILE F 20 14.76 -7.43 -42.63
N SER F 21 14.44 -8.51 -41.95
CA SER F 21 14.04 -8.46 -40.55
C SER F 21 15.21 -8.79 -39.65
N CYS F 22 15.11 -8.33 -38.40
CA CYS F 22 16.15 -8.50 -37.39
C CYS F 22 15.45 -8.70 -36.06
N ARG F 23 15.25 -9.96 -35.67
CA ARG F 23 14.61 -10.25 -34.41
C ARG F 23 15.65 -10.22 -33.29
N ALA F 24 15.35 -9.47 -32.24
CA ALA F 24 16.26 -9.27 -31.12
C ALA F 24 15.64 -9.88 -29.88
N SER F 25 16.46 -10.54 -29.07
CA SER F 25 15.97 -11.22 -27.89
C SER F 25 17.03 -11.24 -26.81
N GLY F 26 16.58 -11.17 -25.57
CA GLY F 26 17.48 -11.29 -24.43
C GLY F 26 17.76 -10.01 -23.69
N TYR F 27 17.02 -8.94 -23.97
CA TYR F 27 17.20 -7.67 -23.27
C TYR F 27 15.90 -6.89 -23.41
N ASN F 28 15.80 -5.79 -22.68
CA ASN F 28 14.63 -4.93 -22.82
C ASN F 28 14.78 -4.17 -24.13
N PHE F 29 13.96 -4.54 -25.12
CA PHE F 29 14.11 -4.08 -26.49
C PHE F 29 13.83 -2.59 -26.65
N ARG F 30 13.09 -1.99 -25.73
CA ARG F 30 12.74 -0.58 -25.84
C ARG F 30 13.88 0.36 -25.47
N ASP F 31 14.98 -0.15 -24.94
CA ASP F 31 16.02 0.74 -24.41
C ASP F 31 17.12 1.06 -25.40
N TYR F 32 17.60 0.07 -26.15
CA TYR F 32 18.82 0.22 -26.93
C TYR F 32 18.51 0.44 -28.40
N SER F 33 19.28 1.33 -29.03
CA SER F 33 19.14 1.61 -30.44
C SER F 33 19.64 0.42 -31.27
N ILE F 34 19.10 0.31 -32.48
CA ILE F 34 19.51 -0.71 -33.44
C ILE F 34 20.11 0.01 -34.64
N HIS F 35 21.35 -0.31 -34.96
CA HIS F 35 22.01 0.25 -36.13
C HIS F 35 22.02 -0.77 -37.25
N TRP F 36 22.09 -0.28 -38.48
CA TRP F 36 22.23 -1.12 -39.66
C TRP F 36 23.49 -0.73 -40.41
N VAL F 37 24.29 -1.71 -40.78
CA VAL F 37 25.56 -1.46 -41.45
C VAL F 37 25.69 -2.47 -42.59
N ARG F 38 26.40 -2.08 -43.63
CA ARG F 38 26.54 -2.92 -44.81
C ARG F 38 28.01 -3.21 -45.06
N LEU F 39 28.28 -4.32 -45.73
CA LEU F 39 29.63 -4.73 -46.09
C LEU F 39 29.65 -5.05 -47.57
N ILE F 40 30.37 -4.24 -48.33
CA ILE F 40 30.52 -4.39 -49.76
C ILE F 40 31.95 -4.85 -50.03
N PRO F 41 32.16 -5.85 -50.89
CA PRO F 41 33.53 -6.19 -51.29
C PRO F 41 34.16 -5.06 -52.07
N ASP F 42 35.46 -4.83 -51.80
CA ASP F 42 36.27 -3.73 -52.34
C ASP F 42 35.73 -2.34 -51.99
N LYS F 43 34.87 -2.23 -50.98
CA LYS F 43 34.40 -0.94 -50.50
C LYS F 43 34.39 -0.83 -48.97
N GLY F 44 34.49 -1.93 -48.26
CA GLY F 44 34.49 -1.88 -46.81
C GLY F 44 33.11 -1.68 -46.23
N PHE F 45 33.08 -1.25 -44.98
CA PHE F 45 31.84 -0.99 -44.28
C PHE F 45 31.21 0.32 -44.75
N GLU F 46 29.90 0.43 -44.54
CA GLU F 46 29.19 1.68 -44.74
C GLU F 46 27.96 1.67 -43.85
N TRP F 47 27.72 2.78 -43.17
CA TRP F 47 26.62 2.88 -42.23
C TRP F 47 25.34 3.24 -42.97
N ILE F 48 24.22 2.68 -42.53
CA ILE F 48 22.93 2.87 -43.16
C ILE F 48 22.02 3.76 -42.32
N GLY F 49 21.81 3.40 -41.06
CA GLY F 49 20.97 4.23 -40.20
C GLY F 49 20.82 3.61 -38.83
N TRP F 50 20.12 4.32 -37.97
CA TRP F 50 19.69 3.76 -36.69
C TRP F 50 18.21 3.98 -36.47
N ILE F 51 17.68 3.17 -35.56
CA ILE F 51 16.29 3.24 -35.12
C ILE F 51 16.26 3.07 -33.60
N LYS F 52 15.54 3.97 -32.91
CA LYS F 52 15.32 3.83 -31.49
C LYS F 52 13.97 3.17 -31.28
N PRO F 53 13.92 1.92 -30.80
CA PRO F 53 12.67 1.16 -30.82
C PRO F 53 11.63 1.60 -29.79
N LEU F 54 11.92 2.60 -28.96
CA LEU F 54 10.92 3.07 -28.00
C LEU F 54 9.75 3.74 -28.71
N TRP F 55 10.03 4.69 -29.59
CA TRP F 55 8.99 5.26 -30.43
C TRP F 55 9.15 4.92 -31.90
N GLY F 56 10.34 4.55 -32.33
CA GLY F 56 10.59 4.33 -33.72
C GLY F 56 11.27 5.47 -34.43
N ALA F 57 11.85 6.40 -33.70
CA ALA F 57 12.56 7.52 -34.32
C ALA F 57 13.82 7.01 -34.99
N VAL F 58 13.97 7.34 -36.27
CA VAL F 58 15.04 6.79 -37.09
C VAL F 58 15.92 7.93 -37.56
N SER F 59 17.11 7.56 -38.02
CA SER F 59 17.97 8.49 -38.71
C SER F 59 18.72 7.71 -39.77
N TYR F 60 18.81 8.29 -40.96
CA TYR F 60 19.32 7.58 -42.12
C TYR F 60 20.66 8.20 -42.52
N ALA F 61 21.44 7.42 -43.25
CA ALA F 61 22.61 7.98 -43.91
C ALA F 61 22.15 8.97 -44.96
N ARG F 62 22.96 10.01 -45.16
CA ARG F 62 22.56 11.11 -46.04
C ARG F 62 22.49 10.68 -47.49
N GLN F 63 23.42 9.84 -47.92
CA GLN F 63 23.45 9.40 -49.31
C GLN F 63 22.54 8.22 -49.59
N LEU F 64 21.76 7.77 -48.60
CA LEU F 64 20.77 6.72 -48.81
C LEU F 64 19.34 7.20 -48.58
N GLN F 65 19.13 8.51 -48.44
CA GLN F 65 17.78 9.00 -48.19
C GLN F 65 16.93 8.91 -49.45
N GLY F 66 15.66 8.63 -49.26
CA GLY F 66 14.75 8.35 -50.35
C GLY F 66 14.68 6.90 -50.76
N ARG F 67 15.67 6.09 -50.37
CA ARG F 67 15.70 4.67 -50.70
C ARG F 67 15.40 3.77 -49.51
N VAL F 68 15.93 4.11 -48.34
CA VAL F 68 15.87 3.23 -47.19
C VAL F 68 14.64 3.59 -46.37
N SER F 69 14.15 2.63 -45.59
CA SER F 69 13.07 2.86 -44.63
C SER F 69 13.20 1.84 -43.51
N MET F 70 12.98 2.27 -42.28
CA MET F 70 13.17 1.42 -41.12
C MET F 70 11.95 1.49 -40.22
N THR F 71 11.42 0.33 -39.85
CA THR F 71 10.30 0.24 -38.92
C THR F 71 10.65 -0.78 -37.84
N ARG F 72 9.82 -0.84 -36.81
CA ARG F 72 10.02 -1.83 -35.76
C ARG F 72 8.67 -2.35 -35.29
N GLN F 73 8.73 -3.46 -34.58
CA GLN F 73 7.57 -4.08 -33.95
C GLN F 73 7.95 -4.45 -32.53
N LEU F 74 7.17 -3.95 -31.58
CA LEU F 74 7.40 -4.18 -30.17
C LEU F 74 6.60 -5.37 -29.69
N SER F 75 6.88 -5.78 -28.46
CA SER F 75 6.21 -6.91 -27.82
C SER F 75 5.27 -6.38 -26.76
N GLN F 76 3.98 -6.59 -26.96
CA GLN F 76 2.96 -6.07 -26.06
C GLN F 76 2.28 -7.25 -25.37
N ASP F 77 2.90 -7.71 -24.28
CA ASP F 77 2.37 -8.71 -23.37
C ASP F 77 3.17 -8.62 -22.08
N PRO F 78 2.56 -8.87 -20.92
CA PRO F 78 3.33 -8.82 -19.68
C PRO F 78 4.12 -10.09 -19.40
N ASP F 79 4.25 -10.98 -20.37
CA ASP F 79 5.00 -12.22 -20.21
C ASP F 79 6.32 -12.22 -20.97
N ASP F 80 6.35 -11.74 -22.21
CA ASP F 80 7.58 -11.65 -22.99
C ASP F 80 7.83 -10.21 -23.44
N PRO F 81 8.31 -9.34 -22.55
CA PRO F 81 8.65 -7.98 -22.98
C PRO F 81 10.03 -7.88 -23.61
N ASP F 82 10.76 -8.99 -23.70
CA ASP F 82 12.16 -8.94 -24.11
C ASP F 82 12.31 -8.85 -25.62
N TRP F 83 11.59 -9.67 -26.38
CA TRP F 83 11.87 -9.77 -27.80
C TRP F 83 11.31 -8.56 -28.55
N GLY F 84 11.80 -8.38 -29.77
CA GLY F 84 11.28 -7.35 -30.65
C GLY F 84 11.80 -7.62 -32.04
N VAL F 85 11.24 -6.92 -33.01
CA VAL F 85 11.68 -7.09 -34.39
C VAL F 85 12.01 -5.71 -34.95
N ALA F 86 13.14 -5.60 -35.62
CA ALA F 86 13.41 -4.44 -36.47
C ALA F 86 13.28 -4.85 -37.92
N TYR F 87 13.05 -3.88 -38.79
CA TYR F 87 12.96 -4.14 -40.21
C TYR F 87 13.78 -3.12 -40.97
N MET F 88 14.09 -3.46 -42.21
CA MET F 88 14.71 -2.50 -43.12
C MET F 88 14.20 -2.80 -44.51
N GLU F 89 13.41 -1.89 -45.06
CA GLU F 89 13.04 -1.92 -46.47
C GLU F 89 14.05 -1.06 -47.21
N PHE F 90 14.94 -1.72 -47.94
CA PHE F 90 15.95 -1.05 -48.74
C PHE F 90 15.48 -1.12 -50.19
N SER F 91 15.20 0.03 -50.77
CA SER F 91 14.52 0.11 -52.06
C SER F 91 15.42 0.80 -53.08
N GLY F 92 14.97 0.80 -54.34
CA GLY F 92 15.76 1.31 -55.43
C GLY F 92 17.01 0.49 -55.66
N LEU F 93 16.83 -0.81 -55.82
CA LEU F 93 17.96 -1.73 -55.88
C LEU F 93 18.71 -1.59 -57.20
N THR F 94 20.03 -1.50 -57.09
CA THR F 94 20.98 -1.38 -58.18
C THR F 94 21.91 -2.59 -58.13
N PRO F 95 22.62 -2.90 -59.22
CA PRO F 95 23.62 -3.98 -59.14
C PRO F 95 24.79 -3.68 -58.21
N ALA F 96 25.04 -2.42 -57.86
CA ALA F 96 26.11 -2.10 -56.93
C ALA F 96 25.76 -2.47 -55.49
N ASP F 97 24.49 -2.67 -55.18
CA ASP F 97 24.05 -2.92 -53.81
C ASP F 97 24.18 -4.38 -53.39
N THR F 98 24.87 -5.22 -54.15
CA THR F 98 25.14 -6.59 -53.73
C THR F 98 26.11 -6.58 -52.56
N ALA F 99 25.63 -6.95 -51.37
CA ALA F 99 26.39 -6.71 -50.16
C ALA F 99 25.82 -7.57 -49.03
N GLU F 100 26.55 -7.64 -47.93
CA GLU F 100 26.08 -8.35 -46.75
C GLU F 100 25.68 -7.35 -45.67
N TYR F 101 24.46 -7.49 -45.16
CA TYR F 101 23.87 -6.50 -44.27
C TYR F 101 23.85 -7.03 -42.85
N PHE F 102 24.13 -6.16 -41.89
CA PHE F 102 24.20 -6.51 -40.47
C PHE F 102 23.33 -5.55 -39.67
N CYS F 103 22.67 -6.07 -38.66
CA CYS F 103 21.93 -5.27 -37.68
C CYS F 103 22.62 -5.44 -36.34
N VAL F 104 23.03 -4.32 -35.74
CA VAL F 104 23.92 -4.36 -34.60
C VAL F 104 23.35 -3.56 -33.43
N ARG F 105 23.84 -3.88 -32.25
CA ARG F 105 23.47 -3.21 -31.02
C ARG F 105 24.75 -2.87 -30.27
N ARG F 106 24.73 -1.75 -29.57
CA ARG F 106 25.87 -1.32 -28.77
C ARG F 106 26.00 -2.17 -27.52
N GLY F 107 27.06 -1.90 -26.75
CA GLY F 107 27.26 -2.56 -25.48
C GLY F 107 26.38 -1.98 -24.40
N SER F 108 26.50 -2.56 -23.21
CA SER F 108 25.73 -2.11 -22.07
C SER F 108 26.57 -1.49 -20.97
N CYS F 109 27.84 -1.20 -21.24
CA CYS F 109 28.67 -0.63 -20.19
C CYS F 109 28.40 0.86 -20.04
N ASP F 110 29.01 1.45 -19.01
CA ASP F 110 28.80 2.87 -18.75
C ASP F 110 29.58 3.74 -19.73
N TYR F 111 30.80 3.37 -20.05
CA TYR F 111 31.61 4.11 -20.99
C TYR F 111 31.39 3.67 -22.43
N CYS F 112 30.46 2.75 -22.68
CA CYS F 112 30.09 2.39 -24.03
C CYS F 112 29.38 3.56 -24.70
N GLY F 113 29.80 3.88 -25.92
CA GLY F 113 29.09 4.85 -26.74
C GLY F 113 27.89 4.21 -27.41
N ASP F 114 27.46 4.82 -28.51
CA ASP F 114 26.41 4.21 -29.31
C ASP F 114 26.97 3.37 -30.44
N PHE F 115 27.98 3.88 -31.11
CA PHE F 115 28.73 3.23 -32.17
C PHE F 115 29.69 2.09 -31.82
N PRO F 116 30.20 1.92 -30.57
CA PRO F 116 30.84 0.64 -30.25
C PRO F 116 29.89 -0.54 -30.28
N TRP F 117 29.63 -1.03 -31.49
CA TRP F 117 28.62 -2.03 -31.79
C TRP F 117 29.06 -3.39 -31.25
N GLN F 118 28.52 -3.77 -30.10
CA GLN F 118 28.93 -5.01 -29.46
C GLN F 118 28.32 -6.22 -30.15
N TYR F 119 27.00 -6.29 -30.22
CA TYR F 119 26.32 -7.48 -30.69
C TYR F 119 25.93 -7.34 -32.15
N TRP F 120 26.09 -8.43 -32.88
CA TRP F 120 26.01 -8.44 -34.34
C TRP F 120 25.07 -9.53 -34.80
N GLY F 121 24.26 -9.23 -35.81
CA GLY F 121 23.52 -10.26 -36.49
C GLY F 121 24.44 -11.12 -37.35
N GLN F 122 23.92 -12.26 -37.80
CA GLN F 122 24.74 -13.16 -38.58
C GLN F 122 24.92 -12.70 -40.03
N GLY F 123 24.21 -11.67 -40.45
CA GLY F 123 24.43 -11.14 -41.78
C GLY F 123 23.48 -11.72 -42.80
N THR F 124 23.08 -10.90 -43.75
CA THR F 124 22.18 -11.31 -44.81
C THR F 124 22.75 -10.84 -46.14
N VAL F 125 23.01 -11.77 -47.05
CA VAL F 125 23.65 -11.45 -48.31
C VAL F 125 22.57 -11.13 -49.34
N VAL F 126 22.66 -9.97 -49.96
CA VAL F 126 21.72 -9.53 -50.97
C VAL F 126 22.48 -9.43 -52.29
N VAL F 127 22.03 -10.21 -53.27
CA VAL F 127 22.62 -10.20 -54.61
C VAL F 127 21.55 -9.71 -55.57
N VAL F 128 21.89 -8.72 -56.37
CA VAL F 128 20.91 -8.09 -57.25
C VAL F 128 21.04 -8.61 -58.68
N GLN G 1 32.74 64.88 8.64
CA GLN G 1 32.93 63.70 9.48
C GLN G 1 32.46 62.45 8.75
N VAL G 2 31.29 62.54 8.14
CA VAL G 2 30.71 61.40 7.42
C VAL G 2 31.28 61.46 6.00
N GLN G 3 32.47 60.92 5.83
CA GLN G 3 33.21 61.08 4.58
C GLN G 3 33.90 59.78 4.21
N LEU G 4 34.29 59.71 2.93
CA LEU G 4 35.07 58.61 2.37
C LEU G 4 36.18 59.29 1.58
N LEU G 5 37.26 59.65 2.27
CA LEU G 5 38.36 60.40 1.66
C LEU G 5 39.11 59.51 0.70
N GLN G 6 38.93 59.75 -0.59
CA GLN G 6 39.63 59.00 -1.62
C GLN G 6 40.91 59.74 -2.00
N SER G 7 41.61 59.21 -3.00
CA SER G 7 42.78 59.90 -3.53
C SER G 7 42.33 60.93 -4.56
N GLY G 8 43.27 61.56 -5.23
CA GLY G 8 42.98 62.48 -6.31
C GLY G 8 42.83 61.75 -7.63
N ALA G 9 42.92 62.53 -8.71
CA ALA G 9 42.92 61.95 -10.05
C ALA G 9 44.21 61.16 -10.27
N GLU G 10 44.10 60.11 -11.06
CA GLU G 10 45.21 59.17 -11.27
C GLU G 10 45.46 59.00 -12.76
N LEU G 11 46.41 59.77 -13.28
CA LEU G 11 46.86 59.65 -14.66
C LEU G 11 47.89 58.52 -14.72
N VAL G 12 47.42 57.31 -15.05
CA VAL G 12 48.27 56.12 -15.06
C VAL G 12 48.34 55.60 -16.49
N ARG G 13 49.55 55.34 -16.96
CA ARG G 13 49.77 54.76 -18.27
C ARG G 13 49.24 53.33 -18.32
N PRO G 14 48.85 52.83 -19.49
CA PRO G 14 48.41 51.43 -19.59
C PRO G 14 49.55 50.46 -19.41
N GLY G 15 49.19 49.25 -18.98
CA GLY G 15 50.16 48.22 -18.69
C GLY G 15 50.70 48.23 -17.28
N ALA G 16 50.48 49.29 -16.51
CA ALA G 16 51.00 49.41 -15.17
C ALA G 16 49.98 48.88 -14.15
N SER G 17 50.22 49.13 -12.87
CA SER G 17 49.33 48.73 -11.80
C SER G 17 48.76 49.96 -11.11
N VAL G 18 47.53 49.83 -10.62
CA VAL G 18 46.79 50.95 -10.03
C VAL G 18 46.32 50.55 -8.64
N THR G 19 46.62 51.39 -7.67
CA THR G 19 46.09 51.24 -6.31
C THR G 19 45.15 52.39 -6.01
N LEU G 20 44.40 52.25 -4.90
CA LEU G 20 43.54 53.30 -4.41
C LEU G 20 43.64 53.34 -2.88
N SER G 21 43.00 54.34 -2.30
CA SER G 21 42.97 54.50 -0.86
C SER G 21 41.69 55.22 -0.47
N CYS G 22 40.93 54.62 0.44
CA CYS G 22 39.69 55.19 0.96
C CYS G 22 39.95 55.50 2.44
N LYS G 23 40.48 56.69 2.70
CA LYS G 23 40.91 57.07 4.05
C LYS G 23 39.72 57.66 4.81
N ALA G 24 38.74 56.79 5.07
CA ALA G 24 37.47 57.19 5.63
C ALA G 24 37.62 57.61 7.10
N SER G 25 36.59 58.28 7.59
CA SER G 25 36.59 58.78 8.97
C SER G 25 35.15 58.87 9.44
N GLY G 26 34.99 59.07 10.74
CA GLY G 26 33.69 59.42 11.29
C GLY G 26 33.07 58.39 12.19
N TYR G 27 33.15 57.11 11.81
CA TYR G 27 32.43 56.07 12.53
C TYR G 27 33.35 54.88 12.75
N ALA G 28 32.79 53.81 13.31
CA ALA G 28 33.47 52.54 13.35
C ALA G 28 33.62 52.00 11.93
N PHE G 29 34.74 51.32 11.69
CA PHE G 29 35.04 50.86 10.34
C PHE G 29 34.81 49.38 10.15
N SER G 30 34.75 48.61 11.24
CA SER G 30 34.41 47.19 11.15
C SER G 30 32.94 47.01 10.79
N ASP G 31 32.07 47.79 11.43
CA ASP G 31 30.63 47.59 11.27
C ASP G 31 30.11 48.04 9.92
N TYR G 32 30.90 48.74 9.12
CA TYR G 32 30.49 49.20 7.81
C TYR G 32 31.34 48.55 6.73
N GLU G 33 30.71 48.19 5.62
CA GLU G 33 31.39 47.52 4.52
C GLU G 33 32.14 48.52 3.66
N ILE G 34 32.81 48.01 2.63
CA ILE G 34 33.41 48.83 1.57
C ILE G 34 33.13 48.13 0.24
N HIS G 35 32.42 48.81 -0.65
CA HIS G 35 32.11 48.35 -1.99
C HIS G 35 32.73 49.32 -2.99
N TRP G 36 32.62 49.00 -4.28
CA TRP G 36 33.32 49.78 -5.30
C TRP G 36 32.50 49.85 -6.57
N VAL G 37 32.16 51.07 -6.99
CA VAL G 37 31.28 51.33 -8.12
C VAL G 37 32.04 52.13 -9.17
N LYS G 38 31.85 51.77 -10.43
CA LYS G 38 32.36 52.50 -11.58
C LYS G 38 31.30 53.43 -12.15
N GLN G 39 31.78 54.50 -12.80
CA GLN G 39 30.97 55.36 -13.66
C GLN G 39 31.61 55.45 -15.03
N THR G 40 31.03 54.85 -15.95
CA THR G 40 31.31 55.30 -17.30
C THR G 40 30.13 56.11 -17.82
N PRO G 41 30.36 57.12 -18.66
CA PRO G 41 29.23 57.76 -19.34
C PRO G 41 28.61 56.90 -20.42
N VAL G 42 29.30 55.86 -20.86
CA VAL G 42 28.74 54.95 -21.86
C VAL G 42 27.72 54.02 -21.23
N ARG G 43 28.16 53.22 -20.25
CA ARG G 43 27.26 52.24 -19.62
C ARG G 43 26.46 52.85 -18.49
N GLY G 44 27.10 53.71 -17.69
CA GLY G 44 26.49 54.25 -16.50
C GLY G 44 27.23 53.82 -15.25
N LEU G 45 26.59 52.98 -14.44
CA LEU G 45 27.14 52.51 -13.18
C LEU G 45 27.49 51.03 -13.29
N ASP G 46 28.68 50.67 -12.81
CA ASP G 46 29.18 49.31 -12.89
C ASP G 46 29.80 48.92 -11.55
N TRP G 47 30.29 47.69 -11.45
CA TRP G 47 30.81 47.16 -10.20
C TRP G 47 32.29 46.80 -10.28
N ILE G 48 32.89 46.70 -9.09
CA ILE G 48 34.15 45.99 -8.93
C ILE G 48 33.95 44.87 -7.94
N GLY G 49 33.60 45.21 -6.69
CA GLY G 49 33.47 44.17 -5.68
C GLY G 49 33.25 44.65 -4.27
N ALA G 50 33.85 43.95 -3.30
CA ALA G 50 33.58 44.21 -1.90
C ALA G 50 34.70 43.66 -1.02
N PHE G 51 34.94 44.34 0.10
CA PHE G 51 35.80 43.85 1.17
C PHE G 51 35.05 43.94 2.49
N ASP G 52 35.05 42.84 3.25
CA ASP G 52 34.44 42.83 4.57
C ASP G 52 35.53 43.06 5.61
N PRO G 53 35.45 44.12 6.40
CA PRO G 53 36.49 44.36 7.41
C PRO G 53 36.42 43.45 8.62
N LYS G 54 35.21 43.04 8.99
CA LYS G 54 35.06 42.14 10.15
C LYS G 54 35.58 40.74 9.84
N SER G 55 34.96 40.07 8.87
CA SER G 55 35.27 38.68 8.61
C SER G 55 36.50 38.50 7.74
N GLY G 56 36.95 39.56 7.07
CA GLY G 56 38.01 39.41 6.10
C GLY G 56 37.55 38.93 4.74
N ALA G 57 36.25 38.92 4.49
CA ALA G 57 35.72 38.46 3.21
C ALA G 57 35.91 39.52 2.15
N SER G 58 36.02 39.07 0.90
CA SER G 58 36.21 39.96 -0.24
C SER G 58 35.78 39.20 -1.49
N ALA G 59 35.29 39.95 -2.47
CA ALA G 59 34.92 39.34 -3.74
C ALA G 59 35.00 40.40 -4.83
N SER G 60 35.00 39.92 -6.08
CA SER G 60 35.03 40.77 -7.25
C SER G 60 34.28 40.06 -8.36
N ASN G 61 33.54 40.83 -9.16
CA ASN G 61 32.75 40.23 -10.23
C ASN G 61 33.64 39.83 -11.39
N GLN G 62 33.03 39.13 -12.36
CA GLN G 62 33.78 38.36 -13.36
C GLN G 62 34.57 39.24 -14.31
N LYS G 63 34.08 40.45 -14.59
CA LYS G 63 34.81 41.34 -15.48
C LYS G 63 36.08 41.85 -14.81
N VAL G 64 36.02 42.11 -13.50
CA VAL G 64 37.18 42.59 -12.76
C VAL G 64 37.95 41.43 -12.14
N LYS G 65 37.39 40.22 -12.19
CA LYS G 65 38.05 39.04 -11.63
C LYS G 65 39.32 38.70 -12.42
N GLY G 66 40.34 38.26 -11.69
CA GLY G 66 41.65 38.08 -12.25
C GLY G 66 42.54 39.29 -12.15
N ARG G 67 41.99 40.45 -11.81
CA ARG G 67 42.79 41.64 -11.56
C ARG G 67 42.74 42.08 -10.12
N ALA G 68 41.55 42.37 -9.58
CA ALA G 68 41.44 43.16 -8.37
C ALA G 68 41.63 42.30 -7.12
N ILE G 69 42.46 42.79 -6.20
CA ILE G 69 42.63 42.20 -4.89
C ILE G 69 42.31 43.27 -3.86
N LEU G 70 41.25 43.06 -3.08
CA LEU G 70 40.77 44.03 -2.12
C LEU G 70 41.35 43.71 -0.74
N THR G 71 42.19 44.61 -0.24
CA THR G 71 42.73 44.55 1.11
C THR G 71 42.46 45.88 1.80
N ALA G 72 42.64 45.88 3.12
CA ALA G 72 42.44 47.09 3.89
C ALA G 72 43.25 47.01 5.17
N ASP G 73 43.72 48.17 5.64
CA ASP G 73 44.34 48.30 6.95
C ASP G 73 43.29 48.81 7.91
N LYS G 74 42.87 47.97 8.84
CA LYS G 74 41.75 48.28 9.72
C LYS G 74 42.10 49.36 10.73
N SER G 75 43.38 49.44 11.13
CA SER G 75 43.78 50.45 12.10
C SER G 75 43.80 51.85 11.48
N SER G 76 44.36 51.97 10.27
CA SER G 76 44.41 53.26 9.60
C SER G 76 43.16 53.54 8.77
N SER G 77 42.25 52.56 8.65
CA SER G 77 40.96 52.67 7.96
C SER G 77 41.12 53.09 6.50
N THR G 78 42.02 52.39 5.80
CA THR G 78 42.33 52.67 4.40
C THR G 78 42.04 51.43 3.58
N ALA G 79 41.08 51.54 2.65
CA ALA G 79 40.88 50.49 1.67
C ALA G 79 41.97 50.55 0.61
N TYR G 80 42.03 49.52 -0.23
CA TYR G 80 43.08 49.45 -1.23
C TYR G 80 42.55 48.82 -2.51
N MET G 81 43.39 48.88 -3.54
CA MET G 81 43.15 48.27 -4.84
C MET G 81 44.45 47.71 -5.38
N GLU G 82 44.31 46.69 -6.22
CA GLU G 82 45.40 46.22 -7.09
C GLU G 82 44.78 45.93 -8.45
N LEU G 83 44.73 46.93 -9.31
CA LEU G 83 44.32 46.72 -10.68
C LEU G 83 45.54 46.38 -11.52
N ARG G 84 45.34 45.50 -12.51
CA ARG G 84 46.45 44.93 -13.26
C ARG G 84 46.15 45.04 -14.75
N SER G 85 46.95 45.86 -15.45
CA SER G 85 46.94 46.00 -16.92
C SER G 85 45.56 46.42 -17.45
N LEU G 86 45.16 47.64 -17.09
CA LEU G 86 43.86 48.15 -17.46
C LEU G 86 43.82 48.53 -18.94
N THR G 87 42.64 48.90 -19.42
CA THR G 87 42.45 49.44 -20.76
C THR G 87 41.90 50.86 -20.64
N SER G 88 41.56 51.44 -21.80
CA SER G 88 40.89 52.73 -21.80
C SER G 88 39.42 52.63 -21.42
N GLU G 89 38.85 51.43 -21.48
CA GLU G 89 37.50 51.22 -20.98
C GLU G 89 37.47 51.21 -19.46
N ASP G 90 38.58 50.85 -18.82
CA ASP G 90 38.67 50.88 -17.37
C ASP G 90 38.88 52.28 -16.82
N SER G 91 39.17 53.25 -17.68
CA SER G 91 39.25 54.66 -17.28
C SER G 91 37.86 55.14 -16.90
N ALA G 92 37.63 55.32 -15.61
CA ALA G 92 36.29 55.63 -15.12
C ALA G 92 36.40 56.35 -13.78
N VAL G 93 35.24 56.70 -13.23
CA VAL G 93 35.15 57.41 -11.96
C VAL G 93 34.77 56.39 -10.89
N TYR G 94 35.71 56.07 -10.03
CA TYR G 94 35.56 55.02 -9.03
C TYR G 94 35.07 55.61 -7.71
N TYR G 95 34.42 54.76 -6.91
CA TYR G 95 33.72 55.18 -5.70
C TYR G 95 33.90 54.16 -4.60
N CYS G 96 34.62 54.53 -3.55
CA CYS G 96 34.51 53.83 -2.27
C CYS G 96 33.16 54.14 -1.65
N THR G 97 32.50 53.11 -1.11
CA THR G 97 31.18 53.26 -0.49
C THR G 97 31.17 52.48 0.83
N ARG G 98 29.99 52.35 1.42
CA ARG G 98 29.78 51.60 2.65
C ARG G 98 28.45 50.87 2.62
N LEU G 99 28.41 49.67 3.18
CA LEU G 99 27.16 48.99 3.51
C LEU G 99 27.17 48.50 4.95
N ARG G 100 25.97 48.27 5.46
CA ARG G 100 25.79 47.51 6.69
C ARG G 100 25.41 46.08 6.35
N TYR G 101 25.43 45.23 7.37
CA TYR G 101 24.75 43.95 7.24
C TYR G 101 23.25 44.20 7.21
N PHE G 102 22.64 43.89 6.07
CA PHE G 102 21.22 44.14 5.76
C PHE G 102 20.87 45.62 5.88
N GLY G 103 21.81 46.49 5.49
CA GLY G 103 21.57 47.92 5.52
C GLY G 103 21.47 48.53 4.14
N TYR G 104 22.09 49.70 3.96
CA TYR G 104 22.05 50.40 2.68
C TYR G 104 23.22 51.37 2.63
N PHE G 105 23.46 51.91 1.44
CA PHE G 105 24.61 52.76 1.19
C PHE G 105 24.50 54.13 1.84
N ASP G 106 24.98 54.26 3.08
CA ASP G 106 24.90 55.51 3.81
C ASP G 106 25.75 56.60 3.17
N VAL G 107 27.04 56.34 3.02
CA VAL G 107 28.01 57.35 2.66
C VAL G 107 28.42 57.09 1.22
N TRP G 108 28.87 58.14 0.53
CA TRP G 108 29.34 58.05 -0.84
C TRP G 108 30.65 58.81 -0.99
N GLY G 109 31.61 58.16 -1.62
CA GLY G 109 32.90 58.78 -1.83
C GLY G 109 32.85 59.85 -2.91
N THR G 110 33.98 60.53 -3.08
CA THR G 110 34.01 61.68 -3.99
C THR G 110 34.11 61.25 -5.45
N GLY G 111 34.88 60.20 -5.72
CA GLY G 111 35.06 59.74 -7.08
C GLY G 111 36.46 60.00 -7.61
N THR G 112 37.25 58.95 -7.78
CA THR G 112 38.58 59.08 -8.38
C THR G 112 38.46 58.84 -9.88
N THR G 113 38.81 59.85 -10.66
CA THR G 113 38.71 59.77 -12.12
C THR G 113 40.01 59.16 -12.63
N VAL G 114 40.07 57.83 -12.65
CA VAL G 114 41.26 57.15 -13.15
C VAL G 114 41.14 57.11 -14.67
N THR G 115 41.98 57.89 -15.34
CA THR G 115 41.95 58.02 -16.79
C THR G 115 43.25 57.48 -17.35
N VAL G 116 43.15 56.46 -18.20
CA VAL G 116 44.31 55.78 -18.73
C VAL G 116 44.47 56.06 -20.22
N ASP H 1 23.78 36.61 -13.24
CA ASP H 1 23.49 37.98 -13.63
C ASP H 1 22.00 38.22 -13.64
N VAL H 2 21.57 39.25 -12.92
CA VAL H 2 20.16 39.54 -12.71
C VAL H 2 19.91 40.89 -13.39
N LEU H 3 20.54 41.06 -14.57
CA LEU H 3 20.63 42.28 -15.36
C LEU H 3 19.33 43.06 -15.47
N MET H 4 19.37 44.32 -15.04
CA MET H 4 18.20 45.18 -14.94
C MET H 4 17.97 45.93 -16.24
N THR H 5 16.71 46.24 -16.52
CA THR H 5 16.33 47.04 -17.68
C THR H 5 15.51 48.24 -17.22
N GLN H 6 15.84 49.41 -17.76
CA GLN H 6 15.14 50.65 -17.44
C GLN H 6 14.37 51.15 -18.65
N THR H 7 13.08 51.44 -18.46
CA THR H 7 12.23 52.00 -19.50
C THR H 7 11.43 53.15 -18.90
N PRO H 8 11.39 54.31 -19.56
CA PRO H 8 12.14 54.67 -20.76
C PRO H 8 13.46 55.32 -20.43
N LEU H 9 14.27 55.63 -21.44
CA LEU H 9 15.57 56.24 -21.19
C LEU H 9 15.43 57.74 -20.89
N SER H 10 14.94 58.51 -21.84
CA SER H 10 14.86 59.96 -21.71
C SER H 10 13.44 60.40 -21.40
N LEU H 11 13.31 61.41 -20.55
CA LEU H 11 12.00 61.96 -20.17
C LEU H 11 12.06 63.47 -20.09
N PRO H 12 11.75 64.17 -21.18
CA PRO H 12 11.50 65.61 -21.06
C PRO H 12 10.20 65.88 -20.33
N VAL H 13 10.31 66.44 -19.12
CA VAL H 13 9.14 66.74 -18.29
C VAL H 13 9.29 68.17 -17.78
N SER H 14 8.27 68.99 -18.03
CA SER H 14 8.28 70.38 -17.57
C SER H 14 8.27 70.42 -16.05
N LEU H 15 8.85 71.50 -15.51
CA LEU H 15 9.00 71.65 -14.07
C LEU H 15 7.64 71.83 -13.41
N GLY H 16 7.34 70.98 -12.45
CA GLY H 16 6.02 70.86 -11.90
C GLY H 16 5.23 69.68 -12.46
N GLY H 17 5.63 69.15 -13.60
CA GLY H 17 4.97 68.02 -14.19
C GLY H 17 5.28 66.73 -13.47
N GLN H 18 4.70 65.65 -13.97
CA GLN H 18 4.83 64.32 -13.38
C GLN H 18 5.81 63.47 -14.17
N ALA H 19 6.46 62.54 -13.48
CA ALA H 19 7.41 61.64 -14.11
C ALA H 19 7.37 60.28 -13.43
N SER H 20 7.60 59.23 -14.21
CA SER H 20 7.59 57.86 -13.70
C SER H 20 8.58 57.02 -14.49
N ILE H 21 9.40 56.25 -13.78
CA ILE H 21 10.46 55.45 -14.37
C ILE H 21 10.23 54.00 -13.99
N SER H 22 10.22 53.13 -14.99
CA SER H 22 9.96 51.70 -14.79
C SER H 22 11.24 50.90 -14.92
N CYS H 23 11.34 49.84 -14.12
CA CYS H 23 12.46 48.91 -14.16
C CYS H 23 11.94 47.48 -14.11
N ARG H 24 12.67 46.60 -14.79
CA ARG H 24 12.33 45.20 -14.89
C ARG H 24 13.57 44.36 -14.67
N SER H 25 13.40 43.28 -13.91
CA SER H 25 14.48 42.34 -13.61
C SER H 25 14.33 41.06 -14.43
N SER H 26 15.37 40.24 -14.39
CA SER H 26 15.33 38.94 -15.03
C SER H 26 15.01 37.80 -14.06
N GLN H 27 15.18 38.03 -12.76
CA GLN H 27 14.78 37.08 -11.73
C GLN H 27 13.95 37.82 -10.70
N SER H 28 13.47 37.09 -9.71
CA SER H 28 12.85 37.73 -8.57
C SER H 28 13.93 38.38 -7.70
N VAL H 29 13.58 39.53 -7.11
CA VAL H 29 14.54 40.27 -6.29
C VAL H 29 14.45 39.83 -4.83
N VAL H 30 13.64 38.80 -4.54
CA VAL H 30 13.31 38.46 -3.16
C VAL H 30 14.48 37.76 -2.50
N TYR H 31 14.89 38.25 -1.33
CA TYR H 31 15.88 37.60 -0.51
C TYR H 31 15.18 36.82 0.60
N SER H 32 15.96 35.99 1.32
CA SER H 32 15.44 35.10 2.35
C SER H 32 14.72 35.82 3.49
N ASP H 33 15.02 37.09 3.72
CA ASP H 33 14.34 37.84 4.77
C ASP H 33 12.96 38.34 4.35
N GLY H 34 12.56 38.14 3.09
CA GLY H 34 11.30 38.63 2.59
C GLY H 34 11.36 40.05 2.06
N ASP H 35 12.40 40.81 2.41
CA ASP H 35 12.53 42.18 1.96
C ASP H 35 13.35 42.18 0.68
N THR H 36 12.69 42.49 -0.44
CA THR H 36 13.41 42.66 -1.69
C THR H 36 14.22 43.94 -1.63
N TYR H 37 15.45 43.89 -2.11
CA TYR H 37 16.40 44.97 -1.90
C TYR H 37 16.57 45.73 -3.21
N LEU H 38 15.77 46.78 -3.36
CA LEU H 38 15.83 47.70 -4.50
C LEU H 38 16.20 49.09 -4.00
N GLU H 39 17.09 49.75 -4.72
CA GLU H 39 17.61 51.04 -4.28
C GLU H 39 17.60 52.01 -5.46
N TRP H 40 16.71 52.99 -5.40
CA TRP H 40 16.59 54.05 -6.40
C TRP H 40 17.57 55.17 -6.04
N TYR H 41 18.27 55.69 -7.05
CA TYR H 41 19.39 56.59 -6.81
C TYR H 41 19.28 57.91 -7.57
N LEU H 42 20.35 58.71 -7.41
CA LEU H 42 20.58 59.99 -8.06
C LEU H 42 21.89 59.95 -8.82
N GLN H 43 22.05 60.89 -9.75
CA GLN H 43 23.35 61.27 -10.30
C GLN H 43 23.23 62.64 -10.93
N LYS H 44 24.11 63.55 -10.55
CA LYS H 44 24.26 64.84 -11.19
C LYS H 44 25.69 64.99 -11.71
N PRO H 45 25.87 65.69 -12.83
CA PRO H 45 27.22 65.82 -13.39
C PRO H 45 28.11 66.68 -12.50
N GLY H 46 29.30 66.17 -12.21
CA GLY H 46 30.21 66.79 -11.28
C GLY H 46 29.96 66.45 -9.82
N GLN H 47 29.10 65.48 -9.55
CA GLN H 47 28.81 65.06 -8.18
C GLN H 47 28.75 63.55 -8.10
N SER H 48 28.81 63.05 -6.88
CA SER H 48 28.70 61.64 -6.57
C SER H 48 27.23 61.21 -6.61
N PRO H 49 26.97 59.94 -6.96
CA PRO H 49 25.59 59.44 -6.87
C PRO H 49 25.12 59.36 -5.42
N LYS H 50 23.82 59.54 -5.24
CA LYS H 50 23.24 59.61 -3.90
C LYS H 50 21.97 58.76 -3.85
N LEU H 51 21.53 58.50 -2.63
CA LEU H 51 20.33 57.70 -2.39
C LEU H 51 19.07 58.47 -2.77
N LEU H 52 18.06 57.72 -3.19
CA LEU H 52 16.68 58.18 -3.05
C LEU H 52 15.88 57.21 -2.18
N ILE H 53 15.82 55.93 -2.53
CA ILE H 53 15.03 54.95 -1.82
C ILE H 53 15.90 53.71 -1.60
N TYR H 54 15.91 53.18 -0.38
CA TYR H 54 16.76 52.04 -0.08
C TYR H 54 16.02 50.71 -0.03
N LYS H 55 14.72 50.70 -0.26
CA LYS H 55 13.90 49.50 -0.23
C LYS H 55 12.81 49.65 -1.30
N VAL H 56 11.72 48.91 -1.15
CA VAL H 56 10.60 48.98 -2.09
C VAL H 56 10.01 50.38 -2.12
N SER H 57 9.51 50.84 -0.96
CA SER H 57 8.95 52.18 -0.87
C SER H 57 9.42 52.90 0.39
N ARG H 58 10.47 52.40 1.03
CA ARG H 58 11.03 53.03 2.23
C ARG H 58 12.18 53.92 1.78
N ARG H 59 11.87 55.19 1.63
CA ARG H 59 12.83 56.17 1.13
C ARG H 59 13.82 56.55 2.21
N PHE H 60 14.96 57.09 1.78
CA PHE H 60 15.98 57.56 2.70
C PHE H 60 15.53 58.87 3.36
N SER H 61 15.96 59.06 4.61
CA SER H 61 15.67 60.27 5.37
C SER H 61 16.38 61.46 4.73
N GLY H 62 15.61 62.39 4.18
CA GLY H 62 16.17 63.52 3.47
C GLY H 62 15.48 63.70 2.14
N VAL H 63 14.40 62.96 1.95
CA VAL H 63 13.61 62.95 0.72
C VAL H 63 12.26 63.59 1.01
N PRO H 64 11.80 64.55 0.19
CA PRO H 64 10.49 65.16 0.45
C PRO H 64 9.31 64.26 0.15
N ASP H 65 8.10 64.77 0.28
CA ASP H 65 6.88 63.98 0.16
C ASP H 65 6.38 63.91 -1.29
N ARG H 66 7.26 63.52 -2.20
CA ARG H 66 6.90 63.43 -3.61
C ARG H 66 7.33 62.08 -4.17
N PHE H 67 8.48 61.59 -3.70
CA PHE H 67 9.08 60.37 -4.24
C PHE H 67 8.44 59.15 -3.62
N SER H 68 8.19 58.14 -4.44
CA SER H 68 7.72 56.85 -3.94
C SER H 68 8.09 55.74 -4.91
N GLY H 69 8.47 54.60 -4.37
CA GLY H 69 8.64 53.40 -5.17
C GLY H 69 7.43 52.49 -5.09
N SER H 70 7.21 51.72 -6.15
CA SER H 70 6.09 50.80 -6.17
C SER H 70 6.44 49.65 -7.10
N GLY H 71 5.58 48.64 -7.11
CA GLY H 71 5.76 47.48 -7.96
C GLY H 71 5.84 46.20 -7.15
N SER H 72 6.08 45.11 -7.87
CA SER H 72 6.05 43.78 -7.27
C SER H 72 6.91 42.82 -8.09
N GLY H 73 7.67 41.98 -7.39
CA GLY H 73 8.20 40.76 -7.95
C GLY H 73 9.37 40.99 -8.89
N THR H 74 9.04 41.42 -10.10
CA THR H 74 10.02 41.75 -11.13
C THR H 74 9.81 43.11 -11.77
N ASP H 75 8.61 43.70 -11.65
CA ASP H 75 8.29 44.95 -12.33
C ASP H 75 8.06 46.04 -11.30
N PHE H 76 8.81 47.15 -11.43
CA PHE H 76 8.80 48.20 -10.43
C PHE H 76 8.77 49.56 -11.11
N THR H 77 8.27 50.57 -10.39
CA THR H 77 7.97 51.87 -10.97
C THR H 77 8.12 52.97 -9.93
N LEU H 78 8.79 54.05 -10.31
CA LEU H 78 8.93 55.23 -9.46
C LEU H 78 7.77 56.20 -9.71
N LYS H 79 7.51 57.05 -8.72
CA LYS H 79 6.44 58.03 -8.81
C LYS H 79 6.87 59.34 -8.15
N ILE H 80 6.81 60.41 -8.92
CA ILE H 80 7.14 61.76 -8.50
C ILE H 80 5.99 62.68 -8.88
N SER H 81 5.51 63.48 -7.94
CA SER H 81 4.41 64.39 -8.25
C SER H 81 4.89 65.57 -9.08
N ARG H 82 5.86 66.33 -8.56
CA ARG H 82 6.34 67.55 -9.19
C ARG H 82 7.84 67.48 -9.40
N VAL H 83 8.28 67.80 -10.60
CA VAL H 83 9.69 67.74 -10.97
C VAL H 83 10.34 69.09 -10.68
N GLU H 84 11.45 69.07 -9.96
CA GLU H 84 12.19 70.26 -9.59
C GLU H 84 13.50 70.34 -10.36
N THR H 85 14.21 71.45 -10.16
CA THR H 85 15.57 71.55 -10.65
C THR H 85 16.50 70.65 -9.84
N GLU H 86 16.22 70.47 -8.56
CA GLU H 86 16.95 69.50 -7.75
C GLU H 86 16.58 68.07 -8.12
N ASP H 87 15.41 67.87 -8.71
CA ASP H 87 14.94 66.54 -9.11
C ASP H 87 15.38 66.16 -10.52
N LEU H 88 16.27 66.96 -11.12
CA LEU H 88 16.78 66.69 -12.45
C LEU H 88 17.88 65.63 -12.39
N GLY H 89 18.58 65.44 -13.50
CA GLY H 89 19.71 64.53 -13.54
C GLY H 89 19.35 63.15 -14.01
N VAL H 90 20.17 62.19 -13.60
CA VAL H 90 20.04 60.79 -14.01
C VAL H 90 19.58 59.99 -12.80
N TYR H 91 18.59 59.12 -13.00
CA TYR H 91 18.16 58.20 -11.96
C TYR H 91 18.56 56.78 -12.31
N TYR H 92 18.52 55.91 -11.30
CA TYR H 92 19.00 54.54 -11.40
C TYR H 92 18.19 53.61 -10.52
N CYS H 93 17.96 52.40 -11.04
CA CYS H 93 17.56 51.23 -10.28
C CYS H 93 18.78 50.42 -9.89
N PHE H 94 18.59 49.53 -8.92
CA PHE H 94 19.69 48.75 -8.35
C PHE H 94 19.13 47.60 -7.54
N GLN H 95 19.78 46.44 -7.64
CA GLN H 95 19.47 45.29 -6.81
C GLN H 95 20.54 45.10 -5.76
N GLY H 96 20.12 45.04 -4.50
CA GLY H 96 20.98 44.58 -3.43
C GLY H 96 20.53 43.21 -2.99
N SER H 97 19.87 42.50 -3.89
CA SER H 97 19.24 41.22 -3.60
C SER H 97 20.27 40.13 -3.33
N HIS H 98 21.08 39.82 -4.33
CA HIS H 98 22.10 38.79 -4.18
C HIS H 98 23.22 39.03 -5.18
N VAL H 99 24.41 38.60 -4.79
CA VAL H 99 25.65 38.75 -5.57
C VAL H 99 25.51 37.96 -6.87
N PRO H 100 25.86 38.53 -8.03
CA PRO H 100 26.39 39.88 -8.28
C PRO H 100 25.31 40.95 -8.30
N TYR H 101 25.70 42.16 -7.94
CA TYR H 101 24.79 43.28 -7.93
C TYR H 101 24.78 43.92 -9.32
N THR H 102 23.61 44.43 -9.71
CA THR H 102 23.47 45.08 -11.00
C THR H 102 22.79 46.43 -10.83
N PHE H 103 23.19 47.37 -11.67
CA PHE H 103 22.52 48.66 -11.79
C PHE H 103 21.60 48.63 -13.01
N GLY H 104 21.04 49.77 -13.34
CA GLY H 104 20.22 49.92 -14.54
C GLY H 104 20.99 50.50 -15.70
N GLY H 105 20.33 51.36 -16.46
CA GLY H 105 20.96 51.97 -17.62
C GLY H 105 20.94 53.49 -17.60
N GLY H 106 20.43 54.08 -16.53
CA GLY H 106 20.43 55.52 -16.41
C GLY H 106 19.25 56.18 -17.09
N THR H 107 18.55 57.08 -16.38
CA THR H 107 17.42 57.80 -16.95
C THR H 107 17.62 59.29 -16.76
N LYS H 108 17.72 60.03 -17.86
CA LYS H 108 17.91 61.47 -17.82
C LYS H 108 16.57 62.20 -17.81
N LEU H 109 16.38 63.09 -16.85
CA LEU H 109 15.19 63.92 -16.78
C LEU H 109 15.51 65.32 -17.29
N GLU H 110 14.80 65.76 -18.31
CA GLU H 110 14.94 67.10 -18.87
C GLU H 110 13.60 67.83 -18.83
N ILE H 111 13.61 69.05 -19.33
CA ILE H 111 12.46 69.95 -19.28
C ILE H 111 11.89 70.07 -20.69
N LYS H 112 10.55 70.03 -20.79
CA LYS H 112 9.89 70.27 -22.06
C LYS H 112 10.06 71.71 -22.50
N ARG H 113 10.30 71.89 -23.79
CA ARG H 113 10.44 73.23 -24.37
C ARG H 113 10.00 73.25 -25.83
N ALA I 1 47.02 -17.94 8.55
CA ALA I 1 47.50 -16.83 7.73
C ALA I 1 46.83 -15.53 8.15
N VAL I 2 45.66 -15.64 8.77
CA VAL I 2 44.99 -14.44 9.24
C VAL I 2 45.53 -14.02 10.61
N GLY I 3 46.01 -14.96 11.41
CA GLY I 3 46.47 -14.60 12.74
C GLY I 3 45.35 -14.62 13.76
N ILE I 4 45.71 -14.97 14.99
CA ILE I 4 44.73 -15.04 16.06
C ILE I 4 44.37 -13.64 16.56
N GLY I 5 45.34 -12.72 16.56
CA GLY I 5 45.06 -11.37 17.03
C GLY I 5 44.18 -10.57 16.11
N ALA I 6 44.14 -10.92 14.81
CA ALA I 6 43.28 -10.20 13.88
C ALA I 6 41.82 -10.48 14.15
N VAL I 7 41.47 -11.76 14.33
CA VAL I 7 40.10 -12.10 14.71
C VAL I 7 39.84 -11.84 16.18
N PHE I 8 40.89 -11.61 16.97
CA PHE I 8 40.68 -11.08 18.32
C PHE I 8 40.14 -9.65 18.26
N LEU I 9 40.59 -8.87 17.29
CA LEU I 9 40.19 -7.48 17.15
C LEU I 9 38.90 -7.32 16.36
N GLY I 10 38.21 -8.41 16.04
CA GLY I 10 36.93 -8.32 15.36
C GLY I 10 35.80 -8.01 16.32
N PHE I 11 34.59 -8.05 15.77
CA PHE I 11 33.40 -7.80 16.56
C PHE I 11 33.12 -8.98 17.49
N LEU I 12 32.94 -8.69 18.78
CA LEU I 12 32.77 -9.68 19.85
C LEU I 12 33.95 -10.64 19.93
N GLY I 13 35.14 -10.18 19.56
CA GLY I 13 36.28 -11.06 19.51
C GLY I 13 36.89 -11.43 20.84
N ALA I 14 36.46 -10.77 21.92
CA ALA I 14 37.04 -11.01 23.24
C ALA I 14 36.00 -11.50 24.24
N ALA I 15 34.92 -12.12 23.76
CA ALA I 15 33.86 -12.54 24.67
C ALA I 15 34.26 -13.72 25.53
N GLY I 16 35.27 -14.47 25.14
CA GLY I 16 35.76 -15.55 25.99
C GLY I 16 37.04 -15.18 26.69
N SER I 17 37.60 -14.03 26.35
CA SER I 17 38.81 -13.54 26.99
C SER I 17 38.51 -13.02 28.38
N THR I 18 39.56 -12.79 29.16
CA THR I 18 39.41 -12.16 30.46
C THR I 18 39.01 -10.71 30.28
N MET I 19 38.23 -10.19 31.23
CA MET I 19 37.68 -8.85 31.11
C MET I 19 38.76 -7.77 31.22
N GLY I 20 39.88 -8.08 31.89
CA GLY I 20 41.02 -7.20 31.82
C GLY I 20 41.62 -7.15 30.43
N ALA I 21 41.70 -8.28 29.75
CA ALA I 21 42.18 -8.29 28.38
C ALA I 21 41.09 -7.84 27.41
N ALA I 22 39.82 -8.05 27.76
CA ALA I 22 38.73 -7.57 26.91
C ALA I 22 38.57 -6.07 27.01
N SER I 23 39.09 -5.44 28.06
CA SER I 23 39.00 -4.00 28.20
C SER I 23 39.84 -3.24 27.19
N MET I 24 40.84 -3.89 26.58
CA MET I 24 41.69 -3.21 25.60
C MET I 24 40.93 -2.88 24.33
N THR I 25 39.90 -3.65 24.01
CA THR I 25 39.11 -3.43 22.80
C THR I 25 37.62 -3.31 23.16
N LEU I 26 37.17 -2.09 23.36
CA LEU I 26 35.75 -1.82 23.54
C LEU I 26 35.17 -0.99 22.42
N THR I 27 36.00 -0.30 21.63
CA THR I 27 35.50 0.53 20.55
C THR I 27 34.94 -0.29 19.39
N VAL I 28 35.35 -1.55 19.26
CA VAL I 28 34.85 -2.38 18.17
C VAL I 28 33.39 -2.76 18.41
N GLN I 29 33.07 -3.16 19.65
CA GLN I 29 31.68 -3.46 19.99
C GLN I 29 30.84 -2.20 20.03
N ALA I 30 31.45 -1.06 20.33
CA ALA I 30 30.71 0.20 20.31
C ALA I 30 30.49 0.73 18.92
N ARG I 31 31.28 0.29 17.94
CA ARG I 31 31.11 0.81 16.59
C ARG I 31 30.11 0.00 15.77
N ASN I 32 30.14 -1.33 15.86
CA ASN I 32 29.14 -2.16 15.18
C ASN I 32 27.89 -2.33 16.03
N LEU I 33 27.38 -1.19 16.47
CA LEU I 33 26.21 -1.04 17.31
C LEU I 33 25.33 0.08 16.81
N LEU I 34 25.83 0.90 15.89
CA LEU I 34 25.10 2.03 15.35
C LEU I 34 24.83 1.88 13.85
N SER I 35 25.86 1.67 13.05
CA SER I 35 25.71 1.71 11.60
C SER I 35 25.33 0.35 11.04
N GLY I 36 26.18 -0.66 11.27
CA GLY I 36 25.95 -1.98 10.72
C GLY I 36 27.16 -2.48 9.95
N THR I 58 8.44 -3.34 -1.14
CA THR I 58 7.54 -2.20 -1.04
C THR I 58 6.95 -2.05 0.36
N VAL I 59 6.97 -3.15 1.12
CA VAL I 59 6.49 -3.17 2.50
C VAL I 59 7.72 -3.34 3.38
N TRP I 60 8.75 -3.98 2.82
CA TRP I 60 9.98 -4.28 3.54
C TRP I 60 10.77 -3.04 3.94
N GLY I 61 10.55 -1.92 3.24
CA GLY I 61 11.17 -0.67 3.64
C GLY I 61 10.72 -0.21 5.00
N ILE I 62 9.46 -0.48 5.35
CA ILE I 62 8.95 -0.14 6.68
C ILE I 62 9.62 -1.01 7.75
N LYS I 63 9.85 -2.28 7.44
CA LYS I 63 10.48 -3.17 8.42
C LYS I 63 11.94 -2.80 8.65
N GLN I 64 12.69 -2.55 7.56
CA GLN I 64 14.06 -2.12 7.73
C GLN I 64 14.16 -0.73 8.34
N LEU I 65 13.16 0.10 8.08
CA LEU I 65 13.17 1.46 8.60
C LEU I 65 12.93 1.46 10.10
N GLN I 66 12.02 0.59 10.57
CA GLN I 66 11.79 0.51 12.00
C GLN I 66 12.92 -0.22 12.71
N ALA I 67 13.63 -1.12 12.02
CA ALA I 67 14.84 -1.70 12.60
C ALA I 67 15.93 -0.65 12.78
N ARG I 68 16.11 0.22 11.77
CA ARG I 68 17.12 1.27 11.87
C ARG I 68 16.78 2.28 12.96
N VAL I 69 15.49 2.65 13.10
CA VAL I 69 15.19 3.60 14.16
C VAL I 69 15.19 2.95 15.52
N LEU I 70 14.97 1.64 15.62
CA LEU I 70 15.16 0.96 16.89
C LEU I 70 16.63 0.96 17.29
N ALA I 71 17.52 0.76 16.31
CA ALA I 71 18.95 0.79 16.58
C ALA I 71 19.41 2.16 17.05
N VAL I 72 18.99 3.23 16.35
CA VAL I 72 19.47 4.55 16.76
C VAL I 72 18.79 5.01 18.04
N GLU I 73 17.56 4.55 18.31
CA GLU I 73 16.88 4.96 19.53
C GLU I 73 17.47 4.26 20.74
N ARG I 74 17.88 3.00 20.58
CA ARG I 74 18.57 2.30 21.66
C ARG I 74 19.95 2.88 21.91
N TYR I 75 20.65 3.28 20.83
CA TYR I 75 21.94 3.94 21.01
C TYR I 75 21.80 5.27 21.73
N LEU I 76 20.71 5.99 21.45
CA LEU I 76 20.47 7.25 22.15
C LEU I 76 20.07 7.03 23.60
N ARG I 77 19.33 5.96 23.91
CA ARG I 77 19.05 5.63 25.30
C ARG I 77 20.33 5.32 26.06
N ASP I 78 21.25 4.59 25.43
CA ASP I 78 22.51 4.27 26.09
C ASP I 78 23.38 5.51 26.25
N GLN I 79 23.44 6.37 25.23
CA GLN I 79 24.23 7.59 25.38
C GLN I 79 23.62 8.57 26.36
N GLN I 80 22.30 8.51 26.55
CA GLN I 80 21.69 9.36 27.57
C GLN I 80 21.98 8.83 28.97
N LEU I 81 21.93 7.49 29.14
CA LEU I 81 22.27 6.92 30.44
C LEU I 81 23.74 7.14 30.77
N LEU I 82 24.61 7.22 29.78
CA LEU I 82 25.95 7.73 30.06
C LEU I 82 25.91 9.21 30.41
N GLY I 83 25.14 10.00 29.65
CA GLY I 83 25.20 11.45 29.79
C GLY I 83 24.62 11.97 31.09
N ILE I 84 23.70 11.24 31.69
CA ILE I 84 23.21 11.61 33.01
C ILE I 84 24.16 11.22 34.12
N TRP I 85 25.18 10.41 33.82
CA TRP I 85 26.28 10.13 34.70
C TRP I 85 27.42 11.08 34.37
N GLY I 86 28.61 10.81 34.89
CA GLY I 86 29.71 11.76 34.77
C GLY I 86 30.30 11.89 33.38
N CYS I 87 30.10 10.90 32.52
CA CYS I 87 30.87 10.84 31.28
C CYS I 87 29.96 10.88 30.08
N SER I 88 30.30 11.73 29.12
CA SER I 88 29.51 11.83 27.90
C SER I 88 30.09 10.95 26.79
N GLY I 89 31.39 11.05 26.56
CA GLY I 89 32.01 10.28 25.50
C GLY I 89 33.37 9.73 25.86
N LYS I 90 33.59 9.46 27.14
CA LYS I 90 34.92 9.04 27.58
C LYS I 90 35.18 7.57 27.29
N LEU I 91 34.13 6.73 27.32
CA LEU I 91 34.04 5.30 27.04
C LEU I 91 34.67 4.45 28.16
N ILE I 92 35.39 5.09 29.08
CA ILE I 92 35.88 4.52 30.33
C ILE I 92 35.65 5.59 31.37
N CYS I 93 34.87 5.29 32.40
CA CYS I 93 34.34 6.34 33.25
C CYS I 93 34.68 6.05 34.70
N CYS I 94 35.67 6.76 35.24
CA CYS I 94 35.85 6.83 36.67
C CYS I 94 34.67 7.57 37.28
N THR I 95 34.21 7.12 38.45
CA THR I 95 33.15 7.82 39.15
C THR I 95 33.34 7.65 40.65
N ASN I 96 32.40 8.17 41.43
CA ASN I 96 32.61 8.42 42.84
C ASN I 96 31.49 7.85 43.69
N VAL I 97 31.16 6.57 43.50
CA VAL I 97 30.39 5.81 44.47
C VAL I 97 31.19 4.55 44.82
N PRO I 98 31.34 4.23 46.10
CA PRO I 98 32.16 3.07 46.47
C PRO I 98 31.44 1.78 46.15
N TRP I 99 32.23 0.77 45.79
CA TRP I 99 31.68 -0.55 45.52
C TRP I 99 31.29 -1.19 46.84
N ASN I 100 29.99 -1.32 47.08
CA ASN I 100 29.50 -2.08 48.22
C ASN I 100 29.90 -3.53 48.03
N SER I 101 30.79 -4.03 48.91
CA SER I 101 31.39 -5.34 48.71
C SER I 101 30.40 -6.49 48.92
N SER I 102 29.21 -6.22 49.44
CA SER I 102 28.17 -7.24 49.48
C SER I 102 27.59 -7.55 48.11
N TRP I 103 27.90 -6.73 47.09
CA TRP I 103 27.37 -6.95 45.77
C TRP I 103 28.01 -8.16 45.09
N SER I 104 29.33 -8.33 45.26
CA SER I 104 30.03 -9.40 44.58
C SER I 104 31.00 -10.20 45.44
N ASN I 105 31.50 -9.63 46.55
CA ASN I 105 32.49 -10.15 47.51
C ASN I 105 33.63 -10.97 46.91
N ARG I 106 34.16 -10.51 45.79
CA ARG I 106 35.29 -11.13 45.11
C ARG I 106 36.51 -10.22 45.18
N ASN I 107 37.68 -10.82 45.08
CA ASN I 107 38.92 -10.06 45.05
C ASN I 107 39.07 -9.36 43.69
N LEU I 108 40.01 -8.42 43.63
CA LEU I 108 40.19 -7.62 42.42
C LEU I 108 40.89 -8.43 41.33
N SER I 109 42.06 -8.99 41.65
CA SER I 109 42.86 -9.70 40.68
C SER I 109 42.26 -11.03 40.27
N GLU I 110 41.28 -11.55 41.01
CA GLU I 110 40.60 -12.74 40.53
C GLU I 110 39.53 -12.39 39.49
N ILE I 111 38.91 -11.21 39.57
CA ILE I 111 37.90 -10.90 38.56
C ILE I 111 38.52 -10.26 37.33
N TRP I 112 39.66 -9.58 37.45
CA TRP I 112 40.23 -9.03 36.23
C TRP I 112 41.09 -10.03 35.47
N ASP I 113 41.31 -11.22 36.03
CA ASP I 113 42.10 -12.24 35.36
C ASP I 113 41.41 -13.59 35.28
N ASN I 114 40.25 -13.78 35.90
CA ASN I 114 39.56 -15.06 35.88
C ASN I 114 38.41 -15.06 34.87
N MET I 115 37.45 -14.15 35.05
CA MET I 115 36.17 -14.27 34.38
C MET I 115 36.09 -13.43 33.12
N THR I 116 35.14 -13.80 32.28
CA THR I 116 34.79 -13.02 31.10
C THR I 116 33.77 -11.95 31.50
N TRP I 117 33.20 -11.27 30.51
CA TRP I 117 32.12 -10.36 30.81
C TRP I 117 30.78 -11.09 30.90
N LEU I 118 30.60 -12.11 30.06
CA LEU I 118 29.39 -12.93 30.11
C LEU I 118 29.24 -13.62 31.46
N GLN I 119 30.35 -14.03 32.06
CA GLN I 119 30.29 -14.68 33.36
C GLN I 119 30.06 -13.67 34.47
N TRP I 120 30.47 -12.42 34.27
CA TRP I 120 30.32 -11.38 35.28
C TRP I 120 28.91 -10.82 35.34
N ASP I 121 28.24 -10.77 34.19
CA ASP I 121 26.92 -10.13 34.12
C ASP I 121 25.89 -10.93 34.89
N LYS I 122 25.97 -12.27 34.83
CA LYS I 122 25.09 -13.10 35.63
C LYS I 122 25.38 -12.96 37.12
N GLU I 123 26.62 -12.63 37.47
CA GLU I 123 26.94 -12.38 38.88
C GLU I 123 26.43 -11.03 39.35
N ILE I 124 26.25 -10.07 38.44
CA ILE I 124 25.76 -8.76 38.87
C ILE I 124 24.41 -8.41 38.28
N SER I 125 23.71 -9.37 37.67
CA SER I 125 22.37 -9.08 37.15
C SER I 125 21.37 -8.82 38.27
N ASN I 126 21.56 -9.49 39.40
CA ASN I 126 20.64 -9.30 40.52
C ASN I 126 20.83 -7.95 41.18
N TYR I 127 22.07 -7.49 41.28
CA TYR I 127 22.38 -6.20 41.91
C TYR I 127 22.66 -5.20 40.80
N THR I 128 21.58 -4.70 40.20
CA THR I 128 21.62 -3.67 39.18
C THR I 128 20.29 -2.95 39.31
N GLN I 129 20.26 -1.68 38.87
CA GLN I 129 19.27 -0.62 39.05
C GLN I 129 19.38 -0.03 40.46
N ILE I 130 20.11 -0.67 41.37
CA ILE I 130 20.62 0.02 42.54
C ILE I 130 21.82 0.87 42.16
N ILE I 131 22.72 0.29 41.36
CA ILE I 131 23.95 0.94 40.95
C ILE I 131 23.66 2.16 40.08
N TYR I 132 22.63 2.06 39.23
CA TYR I 132 22.32 3.16 38.33
C TYR I 132 21.72 4.34 39.09
N GLY I 133 20.88 4.05 40.09
CA GLY I 133 20.35 5.10 40.93
C GLY I 133 21.42 5.75 41.79
N LEU I 134 22.39 4.95 42.26
CA LEU I 134 23.51 5.52 43.00
C LEU I 134 24.38 6.41 42.12
N LEU I 135 24.54 6.03 40.85
CA LEU I 135 25.30 6.89 39.93
C LEU I 135 24.58 8.19 39.65
N GLU I 136 23.26 8.15 39.50
CA GLU I 136 22.50 9.38 39.27
C GLU I 136 22.52 10.28 40.49
N GLU I 137 22.44 9.69 41.69
CA GLU I 137 22.54 10.47 42.91
C GLU I 137 23.91 11.11 43.05
N SER I 138 24.96 10.35 42.70
CA SER I 138 26.32 10.89 42.74
C SER I 138 26.50 12.04 41.76
N GLN I 139 25.90 11.93 40.58
CA GLN I 139 26.07 12.99 39.60
C GLN I 139 25.26 14.23 39.99
N ASN I 140 24.08 14.04 40.58
CA ASN I 140 23.31 15.19 41.07
C ASN I 140 24.04 15.89 42.21
N GLN I 141 24.65 15.12 43.10
CA GLN I 141 25.44 15.69 44.19
C GLN I 141 26.67 16.42 43.67
N GLN I 142 27.32 15.85 42.64
CA GLN I 142 28.49 16.48 42.06
C GLN I 142 28.13 17.78 41.35
N GLU I 143 26.98 17.81 40.67
CA GLU I 143 26.57 19.02 39.98
C GLU I 143 26.17 20.12 40.96
N LYS I 144 25.50 19.77 42.06
CA LYS I 144 25.18 20.82 43.02
C LYS I 144 26.40 21.29 43.80
N ASN I 145 27.37 20.39 44.04
CA ASN I 145 28.60 20.82 44.71
C ASN I 145 29.45 21.70 43.79
N GLU I 146 29.50 21.37 42.50
CA GLU I 146 30.21 22.22 41.55
C GLU I 146 29.49 23.55 41.37
N GLN I 147 28.16 23.55 41.43
CA GLN I 147 27.39 24.80 41.38
C GLN I 147 27.70 25.68 42.57
N ASP I 148 27.79 25.10 43.77
CA ASP I 148 28.14 25.88 44.96
C ASP I 148 29.58 26.38 44.89
N LEU I 149 30.49 25.55 44.38
CA LEU I 149 31.90 25.91 44.31
C LEU I 149 32.12 27.06 43.32
N LEU I 150 31.50 26.99 42.15
CA LEU I 150 31.57 28.10 41.22
C LEU I 150 30.67 29.26 41.61
N ALA I 151 29.77 29.05 42.57
CA ALA I 151 28.96 30.14 43.08
C ALA I 151 29.73 31.01 44.05
N LEU I 152 30.49 30.41 44.96
CA LEU I 152 31.26 31.20 45.91
C LEU I 152 32.51 31.82 45.28
N ASP I 153 32.91 31.35 44.10
CA ASP I 153 34.05 31.94 43.41
C ASP I 153 33.63 33.16 42.61
N ALA J 1 43.17 1.26 48.81
CA ALA J 1 43.08 0.21 47.80
C ALA J 1 41.84 -0.64 48.02
N GLU J 2 41.55 -0.93 49.29
CA GLU J 2 40.36 -1.71 49.64
C GLU J 2 39.07 -0.92 49.41
N ASN J 3 39.15 0.40 49.31
CA ASN J 3 38.02 1.24 48.92
C ASN J 3 37.87 1.16 47.40
N LEU J 4 37.29 0.06 46.94
CA LEU J 4 37.09 -0.16 45.52
C LEU J 4 35.98 0.74 45.00
N TRP J 5 36.22 1.37 43.87
CA TRP J 5 35.25 2.26 43.26
C TRP J 5 34.68 1.61 42.01
N VAL J 6 33.50 1.99 41.65
CA VAL J 6 32.88 1.39 40.48
C VAL J 6 33.27 2.22 39.27
N THR J 7 33.32 1.58 38.10
CA THR J 7 33.53 2.25 36.82
C THR J 7 32.65 1.59 35.78
N VAL J 8 32.00 2.38 34.95
CA VAL J 8 31.21 1.79 33.87
C VAL J 8 32.11 1.63 32.66
N TYR J 9 31.73 0.70 31.79
CA TYR J 9 32.47 0.41 30.58
C TYR J 9 31.47 0.27 29.45
N TYR J 10 31.57 1.15 28.45
CA TYR J 10 30.63 1.14 27.34
C TYR J 10 31.23 0.37 26.18
N GLY J 11 30.43 -0.48 25.55
CA GLY J 11 30.90 -1.25 24.42
C GLY J 11 31.45 -2.60 24.85
N VAL J 12 30.77 -3.23 25.79
CA VAL J 12 31.24 -4.45 26.44
C VAL J 12 30.67 -5.65 25.71
N PRO J 13 31.50 -6.66 25.36
CA PRO J 13 30.93 -7.88 24.78
C PRO J 13 30.20 -8.73 25.80
N VAL J 14 28.88 -8.62 25.80
CA VAL J 14 27.98 -9.42 26.63
C VAL J 14 26.60 -9.29 26.01
N TRP J 15 25.86 -10.41 25.99
CA TRP J 15 24.61 -10.43 25.26
C TRP J 15 23.57 -11.25 25.99
N LYS J 16 22.33 -11.10 25.56
CA LYS J 16 21.24 -12.00 25.89
C LYS J 16 20.49 -12.35 24.61
N ASP J 17 19.59 -13.32 24.73
CA ASP J 17 18.80 -13.72 23.58
C ASP J 17 17.73 -12.70 23.29
N ALA J 18 17.29 -12.63 22.04
CA ALA J 18 16.30 -11.66 21.64
C ALA J 18 15.51 -12.17 20.45
N GLU J 19 14.41 -11.48 20.16
CA GLU J 19 13.56 -11.80 19.03
C GLU J 19 13.35 -10.52 18.25
N THR J 20 13.95 -10.43 17.07
CA THR J 20 13.82 -9.26 16.23
C THR J 20 13.62 -9.70 14.80
N THR J 21 13.19 -8.76 13.96
CA THR J 21 13.10 -9.04 12.54
C THR J 21 14.48 -9.00 11.93
N LEU J 22 14.76 -9.98 11.08
CA LEU J 22 16.02 -10.01 10.38
C LEU J 22 15.83 -9.43 9.00
N PHE J 23 16.89 -9.45 8.20
CA PHE J 23 16.89 -8.76 6.92
C PHE J 23 17.49 -9.65 5.86
N CYS J 24 16.74 -9.87 4.78
CA CYS J 24 17.18 -10.75 3.72
C CYS J 24 18.17 -10.03 2.82
N ALA J 25 19.03 -10.81 2.17
CA ALA J 25 19.96 -10.33 1.17
C ALA J 25 20.42 -11.52 0.37
N SER J 26 20.39 -11.41 -0.95
CA SER J 26 20.81 -12.53 -1.79
C SER J 26 22.06 -12.16 -2.57
N ASP J 27 22.62 -13.14 -3.25
CA ASP J 27 23.93 -13.01 -3.88
C ASP J 27 23.84 -12.13 -5.12
N ALA J 28 24.97 -11.48 -5.44
CA ALA J 28 25.00 -10.48 -6.50
C ALA J 28 24.83 -11.06 -7.89
N LYS J 29 25.08 -12.37 -8.08
CA LYS J 29 24.82 -12.99 -9.38
C LYS J 29 23.34 -13.07 -9.67
N ALA J 30 22.51 -13.17 -8.63
CA ALA J 30 21.07 -13.06 -8.82
C ALA J 30 20.67 -11.62 -9.15
N TYR J 31 21.45 -10.65 -8.69
CA TYR J 31 21.22 -9.26 -9.06
C TYR J 31 21.79 -8.89 -10.42
N GLU J 32 22.62 -9.76 -11.00
CA GLU J 32 23.08 -9.52 -12.37
C GLU J 32 21.93 -9.62 -13.38
N THR J 33 20.94 -10.47 -13.09
CA THR J 33 19.71 -10.51 -13.86
C THR J 33 18.66 -9.69 -13.12
N GLU J 34 17.78 -9.03 -13.88
CA GLU J 34 17.04 -7.89 -13.38
C GLU J 34 15.53 -8.04 -13.59
N LYS J 35 14.80 -7.16 -12.89
CA LYS J 35 13.39 -6.83 -13.15
C LYS J 35 12.47 -8.04 -13.03
N HIS J 36 12.38 -8.53 -11.78
CA HIS J 36 11.33 -9.46 -11.34
C HIS J 36 11.38 -10.80 -12.05
N ASN J 37 12.60 -11.29 -12.34
CA ASN J 37 12.76 -12.63 -12.87
C ASN J 37 12.29 -13.67 -11.85
N VAL J 38 12.68 -13.50 -10.59
CA VAL J 38 12.19 -14.26 -9.46
C VAL J 38 11.84 -13.26 -8.36
N TRP J 39 11.36 -13.78 -7.24
CA TRP J 39 10.98 -12.91 -6.14
C TRP J 39 12.20 -12.34 -5.42
N ALA J 40 11.98 -11.17 -4.82
CA ALA J 40 12.95 -10.44 -3.99
C ALA J 40 14.25 -10.11 -4.74
N THR J 41 14.14 -9.77 -6.03
CA THR J 41 15.22 -9.04 -6.66
C THR J 41 15.21 -7.57 -6.24
N HIS J 42 14.11 -7.09 -5.69
CA HIS J 42 14.00 -5.75 -5.15
C HIS J 42 13.76 -5.72 -3.65
N ALA J 43 13.19 -6.80 -3.09
CA ALA J 43 12.84 -6.84 -1.67
C ALA J 43 14.05 -7.07 -0.77
N CYS J 44 15.18 -7.52 -1.31
CA CYS J 44 16.40 -7.72 -0.54
C CYS J 44 17.48 -6.80 -1.10
N VAL J 45 18.56 -6.65 -0.34
CA VAL J 45 19.69 -5.82 -0.80
C VAL J 45 20.72 -6.77 -1.41
N PRO J 46 21.58 -6.31 -2.31
CA PRO J 46 22.78 -7.09 -2.61
C PRO J 46 23.70 -7.14 -1.41
N THR J 47 24.29 -8.32 -1.19
CA THR J 47 25.13 -8.54 -0.03
C THR J 47 26.42 -7.74 -0.14
N ASP J 48 26.86 -7.21 0.98
CA ASP J 48 28.29 -7.00 1.14
C ASP J 48 28.94 -8.37 1.05
N PRO J 49 29.97 -8.56 0.22
CA PRO J 49 30.54 -9.90 0.04
C PRO J 49 31.33 -10.36 1.26
N ASN J 50 31.88 -11.59 1.16
CA ASN J 50 32.78 -12.33 2.07
C ASN J 50 32.52 -12.06 3.55
N PRO J 51 31.36 -12.50 4.07
CA PRO J 51 30.89 -12.02 5.38
C PRO J 51 31.77 -12.47 6.52
N GLN J 52 31.92 -11.58 7.50
CA GLN J 52 32.89 -11.75 8.57
C GLN J 52 32.46 -12.87 9.50
N GLU J 53 32.95 -14.07 9.23
CA GLU J 53 32.71 -15.22 10.07
C GLU J 53 33.98 -15.38 10.89
N ILE J 54 33.99 -14.79 12.07
CA ILE J 54 35.18 -14.76 12.91
C ILE J 54 34.95 -15.66 14.11
N HIS J 55 35.99 -16.42 14.47
CA HIS J 55 35.87 -17.40 15.52
C HIS J 55 35.82 -16.70 16.87
N LEU J 56 35.26 -17.40 17.85
CA LEU J 56 35.03 -16.84 19.17
C LEU J 56 35.29 -17.96 20.16
N GLU J 57 36.22 -17.76 21.07
CA GLU J 57 36.77 -18.85 21.87
C GLU J 57 36.18 -18.88 23.27
N ASN J 58 36.36 -20.03 23.91
CA ASN J 58 36.13 -20.24 25.36
C ASN J 58 34.71 -19.89 25.78
N VAL J 59 33.76 -20.31 24.97
CA VAL J 59 32.39 -19.80 25.02
C VAL J 59 31.44 -20.99 24.93
N THR J 60 30.37 -20.94 25.72
CA THR J 60 29.42 -22.05 25.79
C THR J 60 28.02 -21.44 25.77
N GLU J 61 27.48 -21.28 24.57
CA GLU J 61 26.11 -20.81 24.39
C GLU J 61 25.22 -21.99 24.10
N GLU J 62 24.19 -22.18 24.92
CA GLU J 62 23.26 -23.25 24.67
C GLU J 62 22.33 -22.87 23.52
N PHE J 63 22.15 -23.78 22.58
CA PHE J 63 21.28 -23.50 21.46
C PHE J 63 20.01 -24.31 21.60
N ASN J 64 19.04 -24.02 20.76
CA ASN J 64 17.77 -24.75 20.73
C ASN J 64 17.17 -24.50 19.36
N MET J 65 17.14 -25.50 18.49
CA MET J 65 16.52 -25.27 17.20
C MET J 65 14.99 -25.35 17.26
N TRP J 66 14.43 -25.89 18.34
CA TRP J 66 13.01 -26.16 18.36
C TRP J 66 12.21 -24.98 18.88
N LYS J 67 12.69 -24.31 19.92
CA LYS J 67 12.14 -23.02 20.32
C LYS J 67 12.90 -21.87 19.68
N ASN J 68 13.57 -22.13 18.56
CA ASN J 68 14.29 -21.09 17.85
C ASN J 68 13.33 -20.13 17.19
N ASN J 69 13.70 -18.86 17.16
CA ASN J 69 13.01 -17.92 16.31
C ASN J 69 13.73 -17.90 14.97
N MET J 70 13.40 -16.95 14.10
CA MET J 70 13.87 -16.70 12.73
C MET J 70 13.55 -17.84 11.76
N VAL J 71 12.93 -18.90 12.25
CA VAL J 71 12.38 -19.95 11.41
C VAL J 71 10.87 -19.73 11.43
N GLU J 72 10.38 -19.12 12.51
CA GLU J 72 9.00 -18.68 12.55
C GLU J 72 8.79 -17.51 11.61
N GLN J 73 9.67 -16.52 11.67
CA GLN J 73 9.47 -15.35 10.83
C GLN J 73 9.85 -15.62 9.39
N MET J 74 10.72 -16.59 9.12
CA MET J 74 10.97 -16.95 7.72
C MET J 74 9.78 -17.67 7.13
N HIS J 75 9.13 -18.54 7.91
CA HIS J 75 7.90 -19.17 7.46
C HIS J 75 6.79 -18.15 7.28
N THR J 76 6.80 -17.06 8.04
CA THR J 76 5.85 -15.98 7.76
C THR J 76 6.25 -15.22 6.50
N ASP J 77 7.54 -14.96 6.32
CA ASP J 77 8.01 -14.08 5.26
C ASP J 77 7.86 -14.72 3.89
N ILE J 78 8.12 -16.01 3.79
CA ILE J 78 8.04 -16.66 2.48
C ILE J 78 6.60 -16.84 2.05
N ILE J 79 5.68 -17.06 3.00
CA ILE J 79 4.26 -17.08 2.68
C ILE J 79 3.78 -15.70 2.23
N SER J 80 4.18 -14.65 2.96
CA SER J 80 3.75 -13.30 2.61
C SER J 80 4.32 -12.86 1.28
N LEU J 81 5.57 -13.21 0.99
CA LEU J 81 6.19 -12.88 -0.28
C LEU J 81 5.66 -13.75 -1.41
N TRP J 82 5.23 -14.96 -1.11
CA TRP J 82 4.56 -15.81 -2.09
C TRP J 82 3.23 -15.19 -2.49
N ASP J 83 2.55 -14.57 -1.53
CA ASP J 83 1.35 -13.81 -1.86
C ASP J 83 1.68 -12.52 -2.60
N GLN J 84 2.81 -11.88 -2.29
CA GLN J 84 3.16 -10.63 -2.95
C GLN J 84 3.62 -10.83 -4.39
N SER J 85 3.90 -12.06 -4.81
CA SER J 85 4.23 -12.33 -6.20
C SER J 85 3.04 -12.84 -6.99
N LEU J 86 1.83 -12.61 -6.49
CA LEU J 86 0.61 -13.01 -7.18
C LEU J 86 -0.35 -11.86 -7.43
N LYS J 87 -0.12 -10.69 -6.85
CA LYS J 87 -1.00 -9.55 -7.10
C LYS J 87 -0.96 -9.01 -8.54
N PRO J 88 0.19 -8.90 -9.25
CA PRO J 88 0.10 -8.47 -10.65
C PRO J 88 -0.44 -9.51 -11.62
N CYS J 89 -0.69 -10.74 -11.19
CA CYS J 89 -0.99 -11.81 -12.12
C CYS J 89 -2.49 -11.91 -12.40
N VAL J 90 -2.83 -12.79 -13.34
CA VAL J 90 -4.18 -12.87 -13.90
C VAL J 90 -5.06 -13.70 -12.98
N LYS J 91 -6.24 -13.16 -12.65
CA LYS J 91 -7.24 -13.95 -11.94
C LYS J 91 -8.01 -14.82 -12.93
N LEU J 92 -8.31 -16.05 -12.51
CA LEU J 92 -9.12 -16.96 -13.32
C LEU J 92 -10.56 -16.97 -12.87
N THR J 93 -11.06 -15.81 -12.48
CA THR J 93 -12.50 -15.62 -12.30
C THR J 93 -13.35 -15.92 -13.55
N PRO J 94 -13.00 -15.50 -14.78
CA PRO J 94 -13.91 -15.82 -15.90
C PRO J 94 -13.85 -17.26 -16.37
N LEU J 95 -13.00 -18.10 -15.78
CA LEU J 95 -12.82 -19.45 -16.30
C LEU J 95 -13.61 -20.49 -15.52
N CYS J 96 -14.16 -20.15 -14.37
CA CYS J 96 -15.07 -21.05 -13.67
C CYS J 96 -16.36 -21.16 -14.47
N VAL J 97 -16.49 -22.24 -15.23
CA VAL J 97 -17.52 -22.34 -16.27
C VAL J 97 -17.79 -23.81 -16.48
N THR J 98 -18.92 -24.12 -17.11
CA THR J 98 -19.25 -25.50 -17.47
C THR J 98 -18.26 -26.01 -18.50
N LEU J 99 -17.63 -27.15 -18.21
CA LEU J 99 -16.69 -27.78 -19.11
C LEU J 99 -17.35 -28.98 -19.76
N GLN J 100 -17.10 -29.19 -21.04
CA GLN J 100 -17.59 -30.36 -21.77
C GLN J 100 -16.38 -31.21 -22.07
N CYS J 101 -16.03 -32.08 -21.13
CA CYS J 101 -14.80 -32.85 -21.22
C CYS J 101 -15.04 -34.19 -21.89
N THR J 102 -13.96 -34.74 -22.41
CA THR J 102 -13.99 -36.08 -23.00
C THR J 102 -12.59 -36.66 -22.88
N ASN J 103 -12.48 -37.95 -23.17
CA ASN J 103 -11.19 -38.63 -23.10
C ASN J 103 -10.25 -38.12 -24.19
N VAL J 104 -8.97 -38.08 -23.84
CA VAL J 104 -7.95 -37.71 -24.80
C VAL J 104 -7.81 -38.84 -25.82
N THR J 105 -7.37 -38.49 -27.04
CA THR J 105 -7.07 -39.50 -28.05
C THR J 105 -5.92 -40.35 -27.54
N ASN J 106 -6.22 -41.60 -27.17
CA ASN J 106 -5.27 -42.54 -26.61
C ASN J 106 -5.93 -43.91 -26.62
N ASN J 107 -5.08 -44.94 -26.69
CA ASN J 107 -5.58 -46.30 -26.70
C ASN J 107 -6.25 -46.40 -25.38
N ILE J 108 -7.49 -46.86 -25.37
CA ILE J 108 -8.26 -46.93 -24.13
C ILE J 108 -8.66 -48.33 -23.65
N THR J 109 -8.42 -48.56 -22.36
CA THR J 109 -8.75 -49.82 -21.70
C THR J 109 -9.67 -49.46 -20.55
N ASP J 110 -10.71 -50.26 -20.33
CA ASP J 110 -11.67 -49.99 -19.26
C ASP J 110 -11.07 -49.98 -17.87
N ASP J 111 -10.19 -50.93 -17.57
CA ASP J 111 -9.57 -50.98 -16.26
C ASP J 111 -8.73 -49.75 -15.95
N MET J 112 -7.94 -49.32 -16.94
CA MET J 112 -7.09 -48.15 -16.79
C MET J 112 -7.84 -46.81 -16.81
N ARG J 113 -7.30 -45.84 -16.09
CA ARG J 113 -7.88 -44.50 -16.03
C ARG J 113 -6.87 -43.50 -16.58
N GLY J 114 -7.29 -42.64 -17.50
CA GLY J 114 -6.40 -41.67 -18.08
C GLY J 114 -6.18 -40.52 -17.12
N GLU J 115 -4.97 -39.97 -17.13
CA GLU J 115 -4.65 -38.86 -16.26
C GLU J 115 -4.99 -37.52 -16.89
N LEU J 116 -5.43 -37.54 -18.14
CA LEU J 116 -5.76 -36.32 -18.82
C LEU J 116 -7.14 -36.35 -19.45
N LYS J 117 -7.79 -35.21 -19.48
CA LYS J 117 -9.08 -35.02 -20.13
C LYS J 117 -8.98 -33.88 -21.11
N ASN J 118 -9.81 -33.95 -22.14
CA ASN J 118 -9.79 -33.02 -23.27
C ASN J 118 -11.08 -32.21 -23.21
N CYS J 119 -11.00 -31.01 -22.63
CA CYS J 119 -12.18 -30.26 -22.20
C CYS J 119 -12.39 -29.07 -23.11
N SER J 120 -13.57 -28.99 -23.73
CA SER J 120 -13.97 -27.86 -24.54
C SER J 120 -14.98 -27.02 -23.78
N PHE J 121 -14.96 -25.71 -24.00
CA PHE J 121 -15.80 -24.80 -23.24
C PHE J 121 -15.88 -23.45 -23.94
N ASN J 122 -16.94 -22.70 -23.61
CA ASN J 122 -17.09 -21.33 -24.08
C ASN J 122 -16.15 -20.44 -23.27
N MET J 123 -15.63 -19.41 -23.92
CA MET J 123 -14.78 -18.48 -23.20
C MET J 123 -14.96 -17.11 -23.83
N THR J 124 -14.89 -16.08 -22.98
CA THR J 124 -15.05 -14.72 -23.45
C THR J 124 -13.83 -14.31 -24.27
N THR J 125 -13.96 -13.20 -24.98
CA THR J 125 -12.93 -12.70 -25.87
C THR J 125 -12.59 -11.27 -25.47
N GLU J 126 -11.82 -10.62 -26.34
CA GLU J 126 -11.58 -9.18 -26.23
C GLU J 126 -12.89 -8.41 -26.33
N LEU J 127 -13.83 -8.90 -27.11
CA LEU J 127 -15.09 -8.23 -27.36
C LEU J 127 -16.15 -8.84 -26.45
N ARG J 128 -16.88 -7.99 -25.73
CA ARG J 128 -17.85 -8.47 -24.75
C ARG J 128 -19.06 -9.11 -25.40
N ASP J 129 -19.36 -8.78 -26.66
CA ASP J 129 -20.48 -9.39 -27.33
C ASP J 129 -20.17 -10.80 -27.81
N LYS J 130 -18.94 -11.05 -28.23
CA LYS J 130 -18.57 -12.30 -28.86
C LYS J 130 -17.87 -13.22 -27.89
N LYS J 131 -17.94 -14.51 -28.17
CA LYS J 131 -17.26 -15.52 -27.37
C LYS J 131 -16.82 -16.64 -28.29
N GLN J 132 -16.03 -17.56 -27.75
CA GLN J 132 -15.34 -18.53 -28.58
C GLN J 132 -15.37 -19.90 -27.91
N LYS J 133 -15.52 -20.93 -28.73
CA LYS J 133 -15.39 -22.30 -28.27
C LYS J 133 -13.93 -22.70 -28.33
N VAL J 134 -13.35 -23.06 -27.18
CA VAL J 134 -11.94 -23.37 -27.13
C VAL J 134 -11.74 -24.56 -26.20
N TYR J 135 -10.71 -25.35 -26.49
CA TYR J 135 -10.44 -26.58 -25.76
C TYR J 135 -9.06 -26.55 -25.13
N SER J 136 -8.89 -27.37 -24.11
CA SER J 136 -7.62 -27.50 -23.42
C SER J 136 -7.48 -28.93 -22.93
N LEU J 137 -6.32 -29.23 -22.36
CA LEU J 137 -6.11 -30.50 -21.68
C LEU J 137 -5.91 -30.26 -20.20
N PHE J 138 -6.58 -31.05 -19.39
CA PHE J 138 -6.54 -30.91 -17.95
C PHE J 138 -6.18 -32.26 -17.34
N TYR J 139 -5.73 -32.23 -16.10
CA TYR J 139 -5.50 -33.47 -15.39
C TYR J 139 -6.81 -33.94 -14.74
N ARG J 140 -6.83 -35.20 -14.31
CA ARG J 140 -7.97 -35.73 -13.59
C ARG J 140 -8.18 -35.01 -12.27
N LEU J 141 -7.10 -34.55 -11.66
CA LEU J 141 -7.15 -33.98 -10.32
C LEU J 141 -7.63 -32.55 -10.30
N ASP J 142 -7.65 -31.87 -11.45
CA ASP J 142 -8.13 -30.51 -11.51
C ASP J 142 -9.61 -30.41 -11.79
N VAL J 143 -10.20 -31.41 -12.40
CA VAL J 143 -11.62 -31.38 -12.76
C VAL J 143 -12.39 -32.33 -11.86
N VAL J 144 -13.64 -31.96 -11.60
CA VAL J 144 -14.61 -32.85 -10.96
C VAL J 144 -15.85 -32.88 -11.81
N GLN J 145 -16.70 -33.86 -11.55
CA GLN J 145 -17.92 -34.03 -12.32
C GLN J 145 -19.08 -33.39 -11.59
N ILE J 146 -19.85 -32.58 -12.31
CA ILE J 146 -21.06 -31.97 -11.79
C ILE J 146 -22.24 -32.75 -12.35
N ASN J 147 -23.22 -33.03 -11.49
CA ASN J 147 -24.31 -33.93 -11.84
C ASN J 147 -25.53 -33.66 -10.95
N SER J 157 -25.59 -40.91 -20.43
CA SER J 157 -25.91 -39.56 -20.89
C SER J 157 -24.65 -38.78 -21.21
N ASN J 158 -24.68 -37.48 -20.94
CA ASN J 158 -23.54 -36.61 -21.19
C ASN J 158 -22.53 -36.69 -20.04
N LYS J 159 -21.42 -35.98 -20.19
CA LYS J 159 -20.36 -35.99 -19.18
C LYS J 159 -19.74 -34.61 -19.18
N GLU J 160 -20.22 -33.74 -18.30
CA GLU J 160 -19.76 -32.37 -18.22
C GLU J 160 -19.12 -32.11 -16.87
N TYR J 161 -18.01 -31.37 -16.87
CA TYR J 161 -17.19 -31.20 -15.70
C TYR J 161 -17.09 -29.73 -15.33
N ARG J 162 -16.33 -29.47 -14.27
CA ARG J 162 -15.89 -28.13 -13.91
C ARG J 162 -14.64 -28.27 -13.07
N LEU J 163 -13.98 -27.16 -12.80
CA LEU J 163 -12.79 -27.22 -11.98
C LEU J 163 -13.18 -27.38 -10.51
N ILE J 164 -12.24 -27.90 -9.72
CA ILE J 164 -12.53 -28.24 -8.34
C ILE J 164 -12.64 -27.00 -7.47
N ASN J 165 -11.81 -26.00 -7.71
CA ASN J 165 -11.75 -24.86 -6.82
C ASN J 165 -12.84 -23.83 -7.05
N CYS J 166 -13.70 -24.04 -8.03
CA CYS J 166 -14.75 -23.08 -8.34
C CYS J 166 -15.72 -22.81 -7.19
N ASN J 167 -16.03 -23.84 -6.42
CA ASN J 167 -16.99 -23.67 -5.33
C ASN J 167 -16.40 -23.07 -4.06
N THR J 168 -15.10 -22.78 -4.02
CA THR J 168 -14.52 -22.25 -2.80
C THR J 168 -13.66 -21.01 -3.00
N SER J 169 -13.00 -20.84 -4.14
CA SER J 169 -12.05 -19.75 -4.30
C SER J 169 -11.78 -19.49 -5.76
N ALA J 170 -11.81 -18.21 -6.14
CA ALA J 170 -11.33 -17.82 -7.46
C ALA J 170 -9.82 -17.98 -7.50
N CYS J 171 -9.32 -18.40 -8.65
CA CYS J 171 -7.94 -18.86 -8.68
C CYS J 171 -7.09 -17.86 -9.45
N THR J 172 -5.79 -17.92 -9.21
CA THR J 172 -4.83 -16.98 -9.77
C THR J 172 -3.80 -17.75 -10.57
N GLN J 173 -3.68 -17.42 -11.85
CA GLN J 173 -2.61 -18.01 -12.64
C GLN J 173 -1.29 -17.44 -12.20
N ALA J 174 -0.26 -18.28 -12.15
CA ALA J 174 1.08 -17.75 -11.97
C ALA J 174 1.49 -17.06 -13.25
N CYS J 175 2.19 -15.94 -13.10
CA CYS J 175 2.73 -15.27 -14.27
C CYS J 175 3.87 -16.11 -14.84
N PRO J 176 3.85 -16.43 -16.13
CA PRO J 176 4.93 -17.24 -16.71
C PRO J 176 6.26 -16.51 -16.77
N LYS J 177 6.26 -15.19 -16.61
CA LYS J 177 7.52 -14.44 -16.60
C LYS J 177 8.33 -14.73 -15.34
N VAL J 178 7.68 -14.76 -14.19
CA VAL J 178 8.38 -15.03 -12.94
C VAL J 178 8.62 -16.53 -12.82
N SER J 179 9.72 -16.91 -12.17
CA SER J 179 10.09 -18.30 -11.98
C SER J 179 9.93 -18.70 -10.52
N PHE J 180 10.04 -19.99 -10.27
CA PHE J 180 9.89 -20.56 -8.93
C PHE J 180 11.17 -21.14 -8.38
N GLU J 181 12.30 -21.00 -9.07
CA GLU J 181 13.52 -21.66 -8.66
C GLU J 181 14.08 -21.01 -7.39
N PRO J 182 14.76 -21.77 -6.55
CA PRO J 182 15.34 -21.19 -5.34
C PRO J 182 16.54 -20.31 -5.64
N ILE J 183 16.57 -19.13 -5.05
CA ILE J 183 17.77 -18.31 -5.02
C ILE J 183 18.17 -18.19 -3.55
N PRO J 184 19.45 -18.30 -3.21
CA PRO J 184 19.85 -18.42 -1.79
C PRO J 184 19.69 -17.10 -1.05
N ILE J 185 18.96 -17.13 0.06
CA ILE J 185 18.83 -15.99 0.94
C ILE J 185 19.94 -16.03 1.97
N HIS J 186 20.50 -14.87 2.30
CA HIS J 186 21.40 -14.72 3.43
C HIS J 186 20.70 -13.81 4.43
N TYR J 187 20.27 -14.36 5.57
CA TYR J 187 19.64 -13.57 6.61
C TYR J 187 20.69 -12.82 7.41
N CYS J 188 20.49 -11.52 7.57
CA CYS J 188 21.49 -10.63 8.14
C CYS J 188 20.92 -9.95 9.37
N ALA J 189 21.73 -9.82 10.39
CA ALA J 189 21.28 -9.17 11.60
C ALA J 189 21.40 -7.66 11.47
N PRO J 190 20.45 -6.90 12.03
CA PRO J 190 20.56 -5.44 11.96
C PRO J 190 21.58 -4.89 12.95
N ALA J 191 21.68 -3.57 13.04
CA ALA J 191 22.64 -2.97 13.95
C ALA J 191 22.17 -3.12 15.38
N GLY J 192 23.05 -3.62 16.25
CA GLY J 192 22.70 -3.90 17.61
C GLY J 192 22.34 -5.33 17.90
N PHE J 193 22.60 -6.25 16.97
CA PHE J 193 22.35 -7.66 17.17
C PHE J 193 23.49 -8.45 16.56
N ALA J 194 23.46 -9.76 16.72
CA ALA J 194 24.47 -10.62 16.15
C ALA J 194 23.90 -12.00 15.93
N ILE J 195 24.49 -12.73 15.00
CA ILE J 195 24.08 -14.10 14.69
C ILE J 195 25.20 -15.03 15.10
N LEU J 196 24.89 -15.95 16.01
CA LEU J 196 25.87 -16.95 16.42
C LEU J 196 25.66 -18.23 15.63
N LYS J 197 26.74 -18.94 15.39
CA LYS J 197 26.73 -20.16 14.58
C LYS J 197 27.48 -21.25 15.33
N CYS J 198 26.85 -22.40 15.49
CA CYS J 198 27.49 -23.54 16.14
C CYS J 198 28.45 -24.19 15.16
N LYS J 199 29.75 -24.08 15.42
CA LYS J 199 30.74 -24.69 14.55
C LYS J 199 31.03 -26.14 14.98
N ASP J 200 30.32 -26.65 15.98
CA ASP J 200 30.55 -28.00 16.47
C ASP J 200 30.07 -29.04 15.45
N LYS J 201 30.67 -30.21 15.54
CA LYS J 201 30.44 -31.32 14.63
C LYS J 201 29.28 -32.20 15.08
N LYS J 202 29.35 -32.71 16.30
CA LYS J 202 28.36 -33.63 16.85
C LYS J 202 27.42 -32.82 17.72
N PHE J 203 26.29 -32.43 17.15
CA PHE J 203 25.44 -31.43 17.78
C PHE J 203 23.99 -31.68 17.41
N ASN J 204 23.20 -32.16 18.38
CA ASN J 204 21.79 -32.45 18.16
C ASN J 204 20.88 -31.23 18.30
N GLY J 205 21.44 -30.03 18.30
CA GLY J 205 20.61 -28.83 18.29
C GLY J 205 19.97 -28.46 19.60
N THR J 206 20.45 -29.01 20.71
CA THR J 206 19.90 -28.68 22.02
C THR J 206 21.01 -28.80 23.05
N GLY J 207 21.19 -27.74 23.83
CA GLY J 207 22.20 -27.74 24.85
C GLY J 207 23.46 -27.04 24.40
N PRO J 208 24.57 -27.32 25.06
CA PRO J 208 25.79 -26.52 24.87
C PRO J 208 26.48 -26.81 23.55
N CYS J 209 26.94 -25.74 22.90
CA CYS J 209 27.81 -25.82 21.73
C CYS J 209 29.14 -25.23 22.12
N PRO J 210 30.23 -26.00 22.15
CA PRO J 210 31.49 -25.49 22.71
C PRO J 210 32.21 -24.53 21.79
N SER J 211 31.96 -24.62 20.49
CA SER J 211 32.62 -23.76 19.51
C SER J 211 31.58 -22.99 18.74
N VAL J 212 31.26 -21.78 19.19
CA VAL J 212 30.36 -20.90 18.46
C VAL J 212 31.19 -19.82 17.81
N SER J 213 30.60 -19.16 16.82
CA SER J 213 31.27 -18.08 16.12
C SER J 213 30.21 -17.12 15.61
N THR J 214 30.43 -15.83 15.85
CA THR J 214 29.52 -14.84 15.30
C THR J 214 29.74 -14.70 13.79
N VAL J 215 28.71 -14.20 13.11
CA VAL J 215 28.77 -14.04 11.67
C VAL J 215 27.90 -12.85 11.30
N GLN J 216 28.25 -12.18 10.21
CA GLN J 216 27.46 -11.06 9.72
C GLN J 216 26.12 -11.53 9.20
N CYS J 217 26.13 -12.43 8.22
CA CYS J 217 24.93 -12.96 7.61
C CYS J 217 25.03 -14.47 7.56
N THR J 218 23.88 -15.13 7.45
CA THR J 218 23.86 -16.58 7.32
C THR J 218 24.37 -16.99 5.95
N HIS J 219 24.63 -18.28 5.79
CA HIS J 219 25.15 -18.78 4.52
C HIS J 219 24.00 -18.97 3.55
N GLY J 220 24.27 -19.60 2.42
CA GLY J 220 23.29 -19.75 1.37
C GLY J 220 22.16 -20.70 1.71
N ILE J 221 20.97 -20.15 1.94
CA ILE J 221 19.79 -20.92 2.27
C ILE J 221 18.90 -20.90 1.04
N LYS J 222 18.97 -21.94 0.23
CA LYS J 222 18.06 -21.97 -0.90
C LYS J 222 16.71 -22.49 -0.45
N PRO J 223 15.63 -21.80 -0.78
CA PRO J 223 14.31 -22.24 -0.34
C PRO J 223 13.73 -23.34 -1.21
N VAL J 224 13.68 -24.54 -0.70
CA VAL J 224 13.04 -25.65 -1.39
C VAL J 224 11.67 -25.87 -0.79
N VAL J 225 10.70 -26.13 -1.65
CA VAL J 225 9.37 -26.56 -1.23
C VAL J 225 9.28 -28.07 -1.46
N SER J 226 9.15 -28.81 -0.36
CA SER J 226 9.19 -30.26 -0.40
C SER J 226 8.62 -30.78 0.91
N THR J 227 7.82 -31.84 0.83
CA THR J 227 7.18 -32.32 2.05
C THR J 227 7.99 -33.43 2.70
N GLN J 228 8.15 -34.54 2.02
CA GLN J 228 9.14 -35.54 2.42
C GLN J 228 10.38 -35.32 1.58
N LEU J 229 11.51 -35.85 2.05
CA LEU J 229 12.75 -35.96 1.29
C LEU J 229 13.26 -34.58 0.84
N LEU J 230 13.65 -33.77 1.82
CA LEU J 230 14.06 -32.40 1.53
C LEU J 230 15.30 -32.36 0.66
N LEU J 231 15.26 -31.52 -0.36
CA LEU J 231 16.15 -31.56 -1.51
C LEU J 231 17.09 -30.38 -1.51
N ASN J 232 18.26 -30.58 -2.13
CA ASN J 232 19.28 -29.55 -2.37
C ASN J 232 19.69 -28.83 -1.09
N GLY J 233 19.81 -29.60 0.00
CA GLY J 233 20.06 -29.05 1.30
C GLY J 233 21.53 -28.97 1.62
N SER J 234 21.82 -28.83 2.90
CA SER J 234 23.18 -28.75 3.40
C SER J 234 23.56 -30.09 3.99
N LEU J 235 24.65 -30.67 3.51
CA LEU J 235 25.08 -31.98 3.97
C LEU J 235 25.79 -31.86 5.32
N ALA J 236 25.82 -32.97 6.05
CA ALA J 236 26.53 -33.02 7.32
C ALA J 236 28.04 -33.08 7.07
N GLU J 237 28.81 -32.98 8.15
CA GLU J 237 30.27 -32.99 7.99
C GLU J 237 30.80 -34.40 7.75
N GLU J 238 30.66 -35.28 8.73
CA GLU J 238 31.16 -36.63 8.51
C GLU J 238 30.13 -37.72 8.79
N GLU J 239 29.32 -37.57 9.82
CA GLU J 239 28.38 -38.61 10.21
C GLU J 239 27.06 -38.45 9.47
N VAL J 240 26.06 -39.21 9.91
CA VAL J 240 24.66 -38.98 9.60
C VAL J 240 23.99 -38.64 10.91
N MET J 241 23.39 -37.47 11.00
CA MET J 241 22.86 -37.01 12.27
C MET J 241 21.34 -36.95 12.22
N ILE J 242 20.71 -37.63 13.16
CA ILE J 242 19.28 -37.53 13.37
C ILE J 242 19.04 -36.52 14.48
N ARG J 243 17.88 -35.86 14.43
CA ARG J 243 17.63 -34.71 15.26
C ARG J 243 16.16 -34.70 15.63
N SER J 244 15.88 -34.50 16.91
CA SER J 244 14.50 -34.40 17.36
C SER J 244 14.46 -33.52 18.59
N GLU J 245 13.25 -33.09 18.94
CA GLU J 245 13.07 -32.32 20.17
C GLU J 245 12.95 -33.23 21.37
N ASN J 246 12.28 -34.37 21.21
CA ASN J 246 12.13 -35.33 22.30
C ASN J 246 11.87 -36.68 21.62
N ILE J 247 12.90 -37.52 21.53
CA ILE J 247 12.84 -38.71 20.69
C ILE J 247 11.85 -39.73 21.25
N THR J 248 11.71 -39.79 22.58
CA THR J 248 10.74 -40.68 23.19
C THR J 248 9.30 -40.26 22.89
N ASN J 249 9.06 -39.00 22.56
CA ASN J 249 7.80 -38.56 22.01
C ASN J 249 7.72 -38.97 20.54
N ASN J 250 6.49 -39.19 20.06
CA ASN J 250 6.28 -39.58 18.68
C ASN J 250 5.60 -38.51 17.83
N ALA J 251 4.94 -37.54 18.44
CA ALA J 251 4.29 -36.48 17.68
C ALA J 251 5.28 -35.48 17.10
N LYS J 252 6.53 -35.48 17.57
CA LYS J 252 7.56 -34.62 17.03
C LYS J 252 8.32 -35.37 15.96
N ASN J 253 8.59 -34.69 14.84
CA ASN J 253 9.26 -35.32 13.72
C ASN J 253 10.72 -35.58 14.02
N ILE J 254 11.32 -36.46 13.23
CA ILE J 254 12.73 -36.81 13.37
C ILE J 254 13.42 -36.34 12.10
N LEU J 255 14.12 -35.23 12.18
CA LEU J 255 14.85 -34.68 11.05
C LEU J 255 16.15 -35.44 10.89
N VAL J 256 16.28 -36.16 9.77
CA VAL J 256 17.48 -36.91 9.46
C VAL J 256 18.29 -36.08 8.48
N GLN J 257 19.61 -36.04 8.66
CA GLN J 257 20.49 -35.38 7.72
C GLN J 257 21.67 -36.31 7.46
N PHE J 258 21.83 -36.73 6.21
CA PHE J 258 22.89 -37.66 5.89
C PHE J 258 24.00 -37.02 5.07
N ASN J 259 25.14 -37.70 5.07
CA ASN J 259 26.40 -37.10 4.63
C ASN J 259 26.52 -37.10 3.11
N THR J 260 26.58 -38.27 2.52
CA THR J 260 26.69 -38.36 1.08
C THR J 260 25.31 -38.24 0.46
N PRO J 261 25.10 -37.32 -0.48
CA PRO J 261 23.76 -37.11 -1.01
C PRO J 261 23.36 -38.21 -1.96
N VAL J 262 22.06 -38.44 -2.07
CA VAL J 262 21.51 -39.37 -3.04
C VAL J 262 21.00 -38.55 -4.21
N GLN J 263 21.53 -38.82 -5.39
CA GLN J 263 21.07 -38.13 -6.58
C GLN J 263 19.72 -38.68 -7.01
N ILE J 264 18.77 -37.79 -7.27
CA ILE J 264 17.47 -38.17 -7.78
C ILE J 264 17.25 -37.50 -9.13
N ASN J 265 16.73 -38.27 -10.08
CA ASN J 265 16.46 -37.79 -11.43
C ASN J 265 14.97 -37.90 -11.67
N CYS J 266 14.31 -36.76 -11.80
CA CYS J 266 12.88 -36.72 -12.02
C CYS J 266 12.61 -36.09 -13.37
N THR J 267 11.60 -36.62 -14.06
CA THR J 267 11.34 -36.16 -15.40
C THR J 267 9.87 -36.26 -15.72
N ARG J 268 9.48 -35.57 -16.80
CA ARG J 268 8.15 -35.67 -17.37
C ARG J 268 8.32 -35.95 -18.86
N PRO J 269 8.06 -37.16 -19.32
CA PRO J 269 8.34 -37.49 -20.72
C PRO J 269 7.35 -36.93 -21.72
N ASN J 270 6.30 -36.24 -21.30
CA ASN J 270 5.36 -35.67 -22.24
C ASN J 270 5.93 -34.40 -22.88
N ASN J 271 5.56 -34.17 -24.12
CA ASN J 271 5.96 -32.99 -24.87
C ASN J 271 4.71 -32.12 -25.02
N ASN J 272 4.52 -31.19 -24.09
CA ASN J 272 3.38 -30.31 -24.12
C ASN J 272 3.58 -29.15 -25.08
N THR J 273 2.46 -28.66 -25.61
CA THR J 273 2.41 -27.44 -26.38
C THR J 273 1.45 -26.50 -25.65
N ARG J 274 1.94 -25.33 -25.25
CA ARG J 274 1.00 -24.41 -24.63
C ARG J 274 0.21 -23.67 -25.70
N LYS J 275 -0.81 -22.96 -25.26
CA LYS J 275 -1.75 -22.32 -26.18
C LYS J 275 -2.29 -21.09 -25.48
N SER J 276 -1.95 -19.91 -25.98
CA SER J 276 -2.43 -18.69 -25.37
C SER J 276 -3.89 -18.48 -25.75
N ILE J 277 -4.74 -18.38 -24.74
CA ILE J 277 -6.15 -18.10 -24.93
C ILE J 277 -6.41 -16.74 -24.32
N ARG J 278 -6.88 -15.79 -25.13
CA ARG J 278 -7.21 -14.49 -24.60
C ARG J 278 -8.52 -14.54 -23.84
N ILE J 279 -8.53 -13.99 -22.64
CA ILE J 279 -9.73 -13.86 -21.83
C ILE J 279 -10.37 -12.49 -21.99
N GLY J 280 -9.56 -11.44 -21.93
CA GLY J 280 -10.02 -10.08 -22.05
C GLY J 280 -8.91 -9.23 -22.60
N PRO J 281 -9.03 -7.91 -22.46
CA PRO J 281 -7.93 -7.02 -22.86
C PRO J 281 -6.72 -7.20 -21.96
N GLY J 282 -5.61 -7.58 -22.58
CA GLY J 282 -4.38 -7.84 -21.84
C GLY J 282 -4.45 -9.02 -20.90
N GLN J 283 -5.28 -10.01 -21.21
CA GLN J 283 -5.45 -11.17 -20.35
C GLN J 283 -5.17 -12.41 -21.17
N ALA J 284 -4.20 -13.21 -20.72
CA ALA J 284 -3.81 -14.41 -21.45
C ALA J 284 -3.86 -15.61 -20.51
N PHE J 285 -4.59 -16.64 -20.91
CA PHE J 285 -4.66 -17.90 -20.19
C PHE J 285 -3.86 -18.94 -20.96
N TYR J 286 -2.88 -19.54 -20.30
CA TYR J 286 -1.97 -20.48 -20.94
C TYR J 286 -2.47 -21.89 -20.69
N ALA J 287 -3.10 -22.47 -21.71
CA ALA J 287 -3.67 -23.80 -21.62
C ALA J 287 -2.68 -24.82 -22.18
N THR J 288 -3.11 -26.08 -22.25
CA THR J 288 -2.33 -27.14 -22.86
C THR J 288 -2.92 -27.48 -24.22
N GLY J 289 -2.12 -27.36 -25.26
CA GLY J 289 -2.58 -27.76 -26.58
C GLY J 289 -2.45 -29.24 -26.79
N ASP J 290 -1.85 -29.64 -27.91
CA ASP J 290 -1.74 -31.05 -28.24
C ASP J 290 -0.55 -31.68 -27.52
N ILE J 291 -0.64 -32.99 -27.29
CA ILE J 291 0.50 -33.80 -26.90
C ILE J 291 1.19 -34.26 -28.16
N ILE J 292 2.48 -34.01 -28.26
CA ILE J 292 3.25 -34.39 -29.45
C ILE J 292 4.13 -35.55 -29.04
N GLY J 293 3.73 -36.76 -29.43
CA GLY J 293 4.47 -37.96 -29.10
C GLY J 293 3.65 -38.89 -28.24
N ASP J 294 4.36 -39.69 -27.44
CA ASP J 294 3.73 -40.73 -26.65
C ASP J 294 3.17 -40.16 -25.36
N ILE J 295 1.96 -40.60 -25.01
CA ILE J 295 1.38 -40.28 -23.71
C ILE J 295 1.99 -41.24 -22.69
N ARG J 296 2.76 -40.70 -21.76
CA ARG J 296 3.49 -41.50 -20.79
C ARG J 296 3.26 -40.94 -19.40
N GLN J 297 3.75 -41.66 -18.40
CA GLN J 297 3.59 -41.29 -17.01
C GLN J 297 4.92 -40.83 -16.43
N ALA J 298 4.91 -39.67 -15.76
CA ALA J 298 6.11 -39.11 -15.18
C ALA J 298 6.59 -39.94 -14.01
N HIS J 299 7.86 -39.79 -13.68
CA HIS J 299 8.49 -40.64 -12.67
C HIS J 299 9.73 -39.96 -12.12
N CYS J 300 10.33 -40.60 -11.12
CA CYS J 300 11.62 -40.22 -10.56
C CYS J 300 12.49 -41.45 -10.43
N ASN J 301 13.80 -41.24 -10.52
CA ASN J 301 14.76 -42.33 -10.41
C ASN J 301 15.78 -42.01 -9.33
N VAL J 302 16.03 -42.98 -8.46
CA VAL J 302 17.20 -42.99 -7.60
C VAL J 302 17.94 -44.28 -7.87
N SER J 303 19.18 -44.33 -7.44
CA SER J 303 19.99 -45.52 -7.58
C SER J 303 19.72 -46.47 -6.42
N LYS J 304 19.67 -47.76 -6.73
CA LYS J 304 19.34 -48.75 -5.71
C LYS J 304 20.45 -48.89 -4.69
N ALA J 305 21.71 -48.87 -5.16
CA ALA J 305 22.85 -49.13 -4.29
C ALA J 305 23.06 -48.00 -3.30
N THR J 306 23.05 -46.75 -3.79
CA THR J 306 23.25 -45.61 -2.90
C THR J 306 22.10 -45.44 -1.93
N TRP J 307 20.88 -45.75 -2.36
CA TRP J 307 19.74 -45.63 -1.45
C TRP J 307 19.78 -46.69 -0.36
N ASN J 308 20.15 -47.93 -0.73
CA ASN J 308 20.26 -48.97 0.30
C ASN J 308 21.44 -48.68 1.24
N GLU J 309 22.49 -48.06 0.71
CA GLU J 309 23.61 -47.65 1.56
C GLU J 309 23.20 -46.58 2.56
N THR J 310 22.46 -45.56 2.09
CA THR J 310 22.06 -44.50 3.01
C THR J 310 21.00 -44.98 3.99
N LEU J 311 20.16 -45.94 3.60
CA LEU J 311 19.29 -46.55 4.59
C LEU J 311 20.08 -47.34 5.62
N GLY J 312 21.16 -48.00 5.20
CA GLY J 312 22.02 -48.67 6.17
C GLY J 312 22.65 -47.69 7.15
N LYS J 313 23.06 -46.53 6.63
CA LYS J 313 23.61 -45.48 7.49
C LYS J 313 22.58 -44.97 8.49
N VAL J 314 21.35 -44.73 8.03
CA VAL J 314 20.38 -44.18 8.97
C VAL J 314 19.88 -45.24 9.95
N VAL J 315 19.92 -46.52 9.59
CA VAL J 315 19.65 -47.56 10.60
C VAL J 315 20.77 -47.61 11.64
N LYS J 316 22.02 -47.53 11.17
CA LYS J 316 23.19 -47.51 12.06
C LYS J 316 23.16 -46.34 13.02
N GLN J 317 22.63 -45.20 12.59
CA GLN J 317 22.53 -44.04 13.47
C GLN J 317 21.27 -44.04 14.32
N LEU J 318 20.16 -44.59 13.84
CA LEU J 318 18.96 -44.70 14.65
C LEU J 318 19.09 -45.74 15.75
N ARG J 319 20.02 -46.68 15.62
CA ARG J 319 20.21 -47.64 16.71
C ARG J 319 20.97 -47.07 17.90
N LYS J 320 21.45 -45.83 17.82
CA LYS J 320 22.10 -45.23 18.98
C LYS J 320 21.10 -44.86 20.07
N HIS J 321 19.84 -44.64 19.70
CA HIS J 321 18.84 -44.21 20.67
C HIS J 321 17.86 -45.32 21.04
N PHE J 322 17.87 -46.44 20.32
CA PHE J 322 16.81 -47.43 20.41
C PHE J 322 17.34 -48.83 20.70
N GLY J 323 18.57 -48.95 21.15
CA GLY J 323 19.16 -50.24 21.42
C GLY J 323 19.76 -50.87 20.18
N ASN J 324 20.77 -51.71 20.40
CA ASN J 324 21.40 -52.41 19.29
C ASN J 324 20.61 -53.62 18.86
N ASN J 325 19.87 -54.24 19.77
CA ASN J 325 19.09 -55.43 19.48
C ASN J 325 17.65 -55.06 19.14
N THR J 326 17.49 -54.23 18.10
CA THR J 326 16.21 -53.66 17.77
C THR J 326 15.97 -53.78 16.28
N ILE J 327 14.79 -54.25 15.90
CA ILE J 327 14.40 -54.30 14.50
C ILE J 327 13.85 -52.95 14.10
N ILE J 328 14.35 -52.40 13.00
CA ILE J 328 13.90 -51.12 12.47
C ILE J 328 13.42 -51.36 11.05
N ARG J 329 12.17 -51.01 10.78
CA ARG J 329 11.57 -51.17 9.48
C ARG J 329 10.93 -49.86 9.06
N PHE J 330 10.60 -49.75 7.78
CA PHE J 330 9.96 -48.56 7.25
C PHE J 330 8.63 -48.93 6.61
N ALA J 331 7.82 -47.93 6.34
CA ALA J 331 6.56 -48.12 5.66
C ALA J 331 6.27 -46.87 4.84
N ASN J 332 5.22 -46.94 4.02
CA ASN J 332 4.74 -45.74 3.38
C ASN J 332 3.83 -44.97 4.34
N SER J 333 3.27 -43.87 3.86
CA SER J 333 2.49 -42.99 4.72
C SER J 333 1.15 -43.60 5.07
N SER J 334 0.66 -43.24 6.26
CA SER J 334 -0.62 -43.81 6.72
C SER J 334 -1.80 -43.20 6.00
N GLY J 335 -1.68 -41.96 5.54
CA GLY J 335 -2.77 -41.33 4.83
C GLY J 335 -2.75 -39.85 5.06
N GLY J 336 -3.71 -39.18 4.46
CA GLY J 336 -3.81 -37.74 4.49
C GLY J 336 -4.11 -37.22 3.11
N ASP J 337 -3.86 -35.93 2.91
CA ASP J 337 -4.02 -35.33 1.60
C ASP J 337 -2.85 -35.77 0.72
N LEU J 338 -2.99 -35.52 -0.59
CA LEU J 338 -2.03 -35.99 -1.58
C LEU J 338 -0.63 -35.44 -1.34
N GLU J 339 -0.55 -34.17 -0.99
CA GLU J 339 0.73 -33.52 -0.74
C GLU J 339 1.21 -33.68 0.69
N VAL J 340 0.76 -34.71 1.39
CA VAL J 340 1.46 -35.20 2.58
C VAL J 340 1.65 -36.70 2.59
N THR J 341 0.85 -37.49 1.84
CA THR J 341 1.09 -38.91 1.72
C THR J 341 2.32 -39.21 0.89
N THR J 342 2.69 -38.29 0.02
CA THR J 342 3.87 -38.47 -0.80
C THR J 342 4.58 -37.14 -0.97
N HIS J 343 5.80 -37.21 -1.49
CA HIS J 343 6.64 -36.03 -1.46
C HIS J 343 6.32 -35.19 -2.69
N SER J 344 6.05 -33.93 -2.44
CA SER J 344 5.75 -32.93 -3.45
C SER J 344 7.02 -32.16 -3.70
N PHE J 345 7.22 -31.73 -4.94
CA PHE J 345 8.29 -30.78 -5.23
C PHE J 345 7.94 -30.02 -6.50
N ASN J 346 8.85 -29.15 -6.90
CA ASN J 346 8.74 -28.41 -8.14
C ASN J 346 9.99 -28.70 -8.97
N CYS J 347 9.80 -28.85 -10.28
CA CYS J 347 10.90 -29.20 -11.18
C CYS J 347 10.77 -28.37 -12.45
N GLY J 348 11.45 -27.23 -12.48
CA GLY J 348 11.40 -26.39 -13.65
C GLY J 348 10.10 -25.61 -13.80
N GLY J 349 9.30 -25.53 -12.75
CA GLY J 349 8.05 -24.82 -12.82
C GLY J 349 6.81 -25.68 -12.90
N GLU J 350 6.88 -26.95 -12.49
CA GLU J 350 5.70 -27.79 -12.52
C GLU J 350 5.77 -28.76 -11.35
N PHE J 351 4.64 -28.96 -10.69
CA PHE J 351 4.61 -29.62 -9.39
C PHE J 351 4.40 -31.11 -9.53
N PHE J 352 5.23 -31.88 -8.82
CA PHE J 352 5.15 -33.32 -8.81
C PHE J 352 4.75 -33.81 -7.43
N TYR J 353 4.00 -34.91 -7.42
CA TYR J 353 3.52 -35.58 -6.21
C TYR J 353 3.90 -37.03 -6.37
N CYS J 354 5.13 -37.38 -6.02
CA CYS J 354 5.74 -38.58 -6.60
C CYS J 354 5.82 -39.67 -5.55
N ASN J 355 5.14 -40.79 -5.80
CA ASN J 355 4.86 -41.82 -4.80
C ASN J 355 6.14 -42.44 -4.25
N THR J 356 6.18 -42.63 -2.93
CA THR J 356 7.37 -43.16 -2.27
C THR J 356 7.10 -44.47 -1.54
N SER J 357 6.24 -45.33 -2.07
CA SER J 357 6.11 -46.63 -1.43
C SER J 357 7.24 -47.56 -1.84
N GLY J 358 7.99 -47.22 -2.88
CA GLY J 358 9.11 -48.04 -3.30
C GLY J 358 10.36 -47.85 -2.48
N LEU J 359 10.59 -46.64 -1.99
CA LEU J 359 11.79 -46.34 -1.21
C LEU J 359 11.68 -46.89 0.21
N PHE J 360 10.58 -46.56 0.88
CA PHE J 360 10.43 -46.80 2.30
C PHE J 360 9.74 -48.14 2.56
N ASN J 361 10.31 -49.21 2.00
CA ASN J 361 9.85 -50.55 2.25
C ASN J 361 11.07 -51.41 2.53
N SER J 362 11.27 -51.77 3.80
CA SER J 362 12.47 -52.47 4.24
C SER J 362 12.22 -52.99 5.65
N THR J 363 13.17 -53.80 6.12
CA THR J 363 13.26 -54.19 7.51
C THR J 363 14.70 -54.57 7.77
N TRP J 364 15.16 -54.37 9.00
CA TRP J 364 16.57 -54.46 9.31
C TRP J 364 16.79 -55.29 10.57
N ILE J 365 17.79 -56.15 10.53
CA ILE J 365 18.07 -57.10 11.59
C ILE J 365 19.33 -56.63 12.31
N SER J 366 19.41 -56.93 13.61
CA SER J 366 20.44 -56.39 14.52
C SER J 366 21.86 -56.89 14.24
N ASN J 367 22.20 -57.65 13.20
CA ASN J 367 23.57 -58.07 12.96
C ASN J 367 24.49 -56.91 12.55
N ASN J 379 23.93 -51.45 -11.01
CA ASN J 379 23.55 -50.44 -12.00
C ASN J 379 22.04 -50.35 -12.15
N ASP J 380 21.33 -50.89 -11.17
CA ASP J 380 19.87 -50.83 -11.17
C ASP J 380 19.41 -49.46 -10.69
N SER J 381 18.09 -49.27 -10.69
CA SER J 381 17.48 -48.02 -10.23
C SER J 381 16.06 -48.32 -9.79
N ILE J 382 15.48 -47.36 -9.07
CA ILE J 382 14.09 -47.45 -8.62
C ILE J 382 13.28 -46.44 -9.40
N THR J 383 12.25 -46.91 -10.11
CA THR J 383 11.33 -46.04 -10.81
C THR J 383 10.10 -45.88 -9.94
N LEU J 384 9.87 -44.67 -9.44
CA LEU J 384 8.72 -44.41 -8.60
C LEU J 384 7.85 -43.35 -9.24
N PRO J 385 6.55 -43.60 -9.40
CA PRO J 385 5.72 -42.79 -10.30
C PRO J 385 5.17 -41.54 -9.66
N CYS J 386 4.96 -40.54 -10.50
CA CYS J 386 4.55 -39.22 -10.04
C CYS J 386 3.13 -38.91 -10.50
N ARG J 387 2.62 -37.79 -10.01
CA ARG J 387 1.40 -37.17 -10.52
C ARG J 387 1.64 -35.67 -10.62
N ILE J 388 0.87 -35.01 -11.45
CA ILE J 388 1.01 -33.58 -11.66
C ILE J 388 -0.36 -32.92 -11.50
N LYS J 389 -0.47 -32.05 -10.50
CA LYS J 389 -1.57 -31.10 -10.44
C LYS J 389 -1.16 -29.83 -11.16
N GLN J 390 -2.16 -29.06 -11.57
CA GLN J 390 -1.89 -27.72 -12.07
C GLN J 390 -2.34 -26.63 -11.13
N ILE J 391 -3.45 -26.81 -10.43
CA ILE J 391 -3.75 -25.90 -9.33
C ILE J 391 -3.09 -26.44 -8.08
N ILE J 392 -2.72 -25.53 -7.17
CA ILE J 392 -2.14 -25.91 -5.89
C ILE J 392 -2.81 -25.10 -4.81
N ASN J 393 -2.66 -25.56 -3.58
CA ASN J 393 -3.26 -24.91 -2.41
C ASN J 393 -2.24 -24.85 -1.29
N MET J 394 -1.04 -24.35 -1.61
CA MET J 394 0.08 -24.40 -0.67
C MET J 394 -0.18 -23.60 0.60
N TRP J 395 0.18 -24.22 1.72
CA TRP J 395 -0.02 -23.80 3.11
C TRP J 395 -1.48 -23.81 3.55
N GLN J 396 -2.39 -24.29 2.69
CA GLN J 396 -3.78 -24.60 3.01
C GLN J 396 -4.51 -23.37 3.57
N ARG J 397 -4.68 -22.37 2.70
CA ARG J 397 -5.41 -21.17 3.03
C ARG J 397 -6.90 -21.41 2.81
N ILE J 398 -7.70 -20.35 2.86
CA ILE J 398 -9.15 -20.51 2.82
C ILE J 398 -9.71 -20.09 1.47
N GLY J 399 -9.02 -19.16 0.81
CA GLY J 399 -9.53 -18.65 -0.45
C GLY J 399 -8.42 -18.38 -1.45
N GLN J 400 -7.33 -19.13 -1.35
CA GLN J 400 -6.17 -18.92 -2.18
C GLN J 400 -5.81 -20.20 -2.91
N CYS J 401 -5.61 -20.10 -4.22
CA CYS J 401 -5.03 -21.18 -5.01
C CYS J 401 -4.18 -20.55 -6.09
N MET J 402 -3.41 -21.39 -6.78
CA MET J 402 -2.51 -20.96 -7.82
C MET J 402 -2.59 -21.91 -9.00
N TYR J 403 -3.00 -21.41 -10.16
CA TYR J 403 -3.00 -22.23 -11.36
C TYR J 403 -1.61 -22.12 -11.98
N ALA J 404 -0.82 -23.16 -11.82
CA ALA J 404 0.50 -23.17 -12.42
C ALA J 404 0.39 -23.43 -13.91
N PRO J 405 0.95 -22.59 -14.76
CA PRO J 405 0.81 -22.77 -16.20
C PRO J 405 1.66 -23.93 -16.68
N PRO J 406 1.29 -24.54 -17.79
CA PRO J 406 2.14 -25.59 -18.37
C PRO J 406 3.39 -24.96 -18.99
N ILE J 407 4.38 -25.82 -19.21
CA ILE J 407 5.66 -25.39 -19.76
C ILE J 407 6.01 -26.31 -20.93
N GLN J 408 6.73 -25.75 -21.90
CA GLN J 408 6.99 -26.43 -23.15
C GLN J 408 7.98 -27.57 -22.99
N GLY J 409 7.79 -28.61 -23.79
CA GLY J 409 8.81 -29.61 -23.99
C GLY J 409 8.92 -30.62 -22.86
N VAL J 410 9.78 -31.60 -23.08
CA VAL J 410 10.08 -32.60 -22.07
C VAL J 410 10.90 -31.95 -20.96
N ILE J 411 10.48 -32.15 -19.72
CA ILE J 411 11.06 -31.48 -18.58
C ILE J 411 11.76 -32.51 -17.70
N ARG J 412 12.99 -32.19 -17.28
CA ARG J 412 13.70 -33.03 -16.34
C ARG J 412 14.57 -32.13 -15.47
N CYS J 413 14.90 -32.63 -14.28
CA CYS J 413 15.83 -31.93 -13.41
C CYS J 413 16.54 -32.93 -12.53
N VAL J 414 17.66 -32.48 -11.97
CA VAL J 414 18.54 -33.30 -11.15
C VAL J 414 18.64 -32.63 -9.79
N SER J 415 18.43 -33.41 -8.73
CA SER J 415 18.56 -32.87 -7.39
C SER J 415 19.25 -33.88 -6.49
N ASN J 416 19.85 -33.37 -5.43
CA ASN J 416 20.51 -34.19 -4.44
C ASN J 416 19.57 -34.27 -3.25
N ILE J 417 19.09 -35.48 -2.95
CA ILE J 417 18.39 -35.68 -1.69
C ILE J 417 19.39 -35.52 -0.57
N THR J 418 19.08 -34.65 0.39
CA THR J 418 19.96 -34.33 1.49
C THR J 418 19.52 -34.93 2.81
N GLY J 419 18.25 -34.78 3.15
CA GLY J 419 17.75 -35.28 4.40
C GLY J 419 16.41 -35.96 4.30
N LEU J 420 15.80 -36.26 5.45
CA LEU J 420 14.52 -36.92 5.52
C LEU J 420 13.71 -36.30 6.64
N ILE J 421 12.41 -36.58 6.65
CA ILE J 421 11.56 -36.31 7.80
C ILE J 421 10.81 -37.59 8.11
N LEU J 422 10.96 -38.10 9.33
CA LEU J 422 10.40 -39.38 9.70
C LEU J 422 9.44 -39.21 10.87
N THR J 423 8.73 -40.30 11.19
CA THR J 423 7.80 -40.31 12.30
C THR J 423 7.70 -41.74 12.83
N ARG J 424 7.86 -41.89 14.15
CA ARG J 424 7.69 -43.19 14.78
C ARG J 424 6.22 -43.43 15.08
N ASP J 425 5.83 -44.71 15.16
CA ASP J 425 4.49 -45.06 15.60
C ASP J 425 4.47 -45.31 17.11
N GLY J 426 3.32 -45.04 17.71
CA GLY J 426 3.17 -45.19 19.15
C GLY J 426 2.96 -46.63 19.58
N GLY J 427 4.03 -47.41 19.54
CA GLY J 427 3.91 -48.84 19.73
C GLY J 427 3.93 -49.31 21.17
N SER J 428 2.75 -49.58 21.71
CA SER J 428 2.63 -50.22 23.01
C SER J 428 2.60 -51.73 22.81
N THR J 429 2.29 -52.46 23.89
CA THR J 429 2.13 -53.92 23.93
C THR J 429 3.37 -54.65 23.42
N ASN J 430 4.52 -54.32 24.03
CA ASN J 430 5.80 -55.01 23.86
C ASN J 430 6.24 -54.99 22.39
N SER J 431 6.40 -53.78 21.86
CA SER J 431 6.76 -53.60 20.46
C SER J 431 8.26 -53.77 20.30
N THR J 432 8.67 -54.82 19.59
CA THR J 432 10.09 -55.02 19.31
C THR J 432 10.51 -54.23 18.08
N THR J 433 9.76 -54.33 17.00
CA THR J 433 10.01 -53.50 15.84
C THR J 433 9.56 -52.07 16.10
N GLU J 434 10.25 -51.11 15.49
CA GLU J 434 9.91 -49.70 15.62
C GLU J 434 9.83 -49.11 14.22
N THR J 435 8.64 -49.14 13.64
CA THR J 435 8.47 -48.74 12.25
C THR J 435 8.49 -47.22 12.12
N PHE J 436 8.99 -46.76 10.97
CA PHE J 436 9.21 -45.35 10.69
C PHE J 436 8.53 -44.98 9.39
N ARG J 437 7.64 -44.03 9.44
CA ARG J 437 6.90 -43.59 8.28
C ARG J 437 7.22 -42.14 7.95
N PRO J 438 7.33 -41.78 6.68
CA PRO J 438 7.61 -40.39 6.34
C PRO J 438 6.39 -39.52 6.51
N GLY J 439 6.63 -38.24 6.76
CA GLY J 439 5.53 -37.30 6.76
C GLY J 439 5.96 -35.86 6.71
N GLY J 440 5.41 -35.11 5.77
CA GLY J 440 5.78 -33.71 5.63
C GLY J 440 5.17 -32.82 6.70
N GLY J 441 3.86 -32.66 6.66
CA GLY J 441 3.17 -31.83 7.62
C GLY J 441 3.49 -30.36 7.49
N ASP J 442 4.10 -29.79 8.52
CA ASP J 442 4.49 -28.40 8.51
C ASP J 442 5.68 -28.20 7.56
N MET J 443 5.69 -27.05 6.88
CA MET J 443 6.84 -26.70 6.06
C MET J 443 8.05 -26.30 6.90
N ARG J 444 7.83 -25.93 8.16
CA ARG J 444 8.89 -25.39 9.01
C ARG J 444 9.97 -26.42 9.31
N ASP J 445 9.63 -27.71 9.27
CA ASP J 445 10.64 -28.75 9.43
C ASP J 445 11.60 -28.80 8.26
N ASN J 446 11.16 -28.35 7.08
CA ASN J 446 12.11 -28.06 6.02
C ASN J 446 13.03 -26.92 6.41
N TRP J 447 12.46 -25.87 7.01
CA TRP J 447 13.24 -24.68 7.28
C TRP J 447 14.12 -24.85 8.51
N ARG J 448 13.67 -25.63 9.48
CA ARG J 448 14.44 -25.87 10.67
C ARG J 448 15.68 -26.71 10.39
N SER J 449 15.68 -27.48 9.31
CA SER J 449 16.83 -28.28 8.94
C SER J 449 18.00 -27.45 8.41
N GLU J 450 17.80 -26.15 8.17
CA GLU J 450 18.89 -25.30 7.73
C GLU J 450 19.26 -24.21 8.72
N LEU J 451 18.39 -23.89 9.68
CA LEU J 451 18.70 -22.90 10.71
C LEU J 451 19.05 -23.55 12.04
N TYR J 452 19.54 -24.78 12.02
CA TYR J 452 19.91 -25.43 13.27
C TYR J 452 21.20 -24.86 13.82
N LYS J 453 22.03 -24.30 12.96
CA LYS J 453 23.29 -23.70 13.41
C LYS J 453 23.09 -22.33 14.01
N TYR J 454 22.06 -21.61 13.61
CA TYR J 454 21.98 -20.18 13.86
C TYR J 454 21.07 -19.85 15.03
N LYS J 455 21.49 -18.85 15.82
CA LYS J 455 20.60 -18.16 16.74
C LYS J 455 20.94 -16.69 16.70
N VAL J 456 20.08 -15.87 17.29
CA VAL J 456 20.24 -14.43 17.30
C VAL J 456 20.32 -13.94 18.75
N VAL J 457 21.21 -12.98 19.00
CA VAL J 457 21.38 -12.41 20.33
C VAL J 457 21.37 -10.89 20.18
N LYS J 458 21.17 -10.22 21.30
CA LYS J 458 21.17 -8.75 21.36
C LYS J 458 22.41 -8.29 22.09
N ILE J 459 23.20 -7.43 21.44
CA ILE J 459 24.36 -6.85 22.07
C ILE J 459 23.90 -5.88 23.15
N GLU J 460 24.39 -6.08 24.37
CA GLU J 460 24.10 -5.16 25.47
C GLU J 460 25.38 -4.54 25.97
N PRO J 461 25.71 -3.34 25.53
CA PRO J 461 26.84 -2.62 26.11
C PRO J 461 26.52 -2.05 27.48
N LEU J 462 27.40 -1.17 27.96
CA LEU J 462 27.32 -0.50 29.26
C LEU J 462 27.42 -1.54 30.35
N GLY J 463 28.56 -2.22 30.38
CA GLY J 463 28.90 -3.03 31.53
C GLY J 463 29.43 -2.19 32.66
N VAL J 464 29.27 -2.69 33.87
CA VAL J 464 29.68 -1.97 35.06
C VAL J 464 30.49 -2.93 35.94
N ALA J 465 31.53 -2.39 36.57
CA ALA J 465 32.50 -3.23 37.25
C ALA J 465 33.26 -2.40 38.27
N PRO J 466 33.70 -3.00 39.38
CA PRO J 466 34.58 -2.27 40.30
C PRO J 466 36.04 -2.38 39.93
N THR J 467 36.76 -1.30 40.19
CA THR J 467 38.21 -1.29 40.04
C THR J 467 38.78 -0.27 41.04
N ARG J 468 40.07 -0.01 40.95
CA ARG J 468 40.76 0.82 41.93
C ARG J 468 41.22 2.09 41.22
N CYS J 469 40.33 3.07 41.16
CA CYS J 469 40.59 4.42 40.65
C CYS J 469 39.39 5.28 41.02
N LYS J 470 39.64 6.57 41.20
CA LYS J 470 38.64 7.47 41.75
C LYS J 470 38.63 8.77 40.98
N ARG J 471 37.45 9.22 40.58
CA ARG J 471 37.32 10.42 39.78
C ARG J 471 37.60 11.66 40.62
N ARG J 472 38.49 12.52 40.12
CA ARG J 472 38.89 13.72 40.84
C ARG J 472 37.81 14.78 40.76
N VAL J 473 38.01 15.85 41.53
CA VAL J 473 37.09 16.97 41.57
C VAL J 473 37.43 17.98 40.46
N THR K 3 -3.97 -44.69 -57.02
CA THR K 3 -2.75 -44.71 -56.23
C THR K 3 -1.72 -45.65 -56.84
N PHE K 4 -1.28 -45.33 -58.05
CA PHE K 4 -0.29 -46.15 -58.74
C PHE K 4 0.98 -45.37 -58.96
N VAL K 5 2.10 -45.96 -58.58
CA VAL K 5 3.38 -45.31 -58.77
C VAL K 5 4.34 -46.20 -59.56
N SER K 6 4.88 -45.66 -60.64
CA SER K 6 5.83 -46.39 -61.46
C SER K 6 7.04 -45.49 -61.72
N VAL K 7 8.24 -46.06 -61.64
CA VAL K 7 9.46 -45.30 -61.88
C VAL K 7 10.45 -46.12 -62.67
N ALA K 8 10.47 -45.94 -63.98
CA ALA K 8 11.33 -46.69 -64.86
C ALA K 8 12.08 -47.74 -64.04
N PRO K 9 12.42 -48.88 -64.65
CA PRO K 9 13.16 -49.92 -63.91
C PRO K 9 14.57 -49.48 -63.55
N GLY K 10 15.00 -49.88 -62.36
CA GLY K 10 16.27 -49.46 -61.83
C GLY K 10 16.23 -48.15 -61.06
N GLN K 11 15.13 -47.40 -61.14
CA GLN K 11 15.03 -46.11 -60.49
C GLN K 11 14.54 -46.28 -59.06
N THR K 12 14.22 -45.17 -58.40
CA THR K 12 13.74 -45.15 -57.03
C THR K 12 12.24 -44.98 -56.99
N ALA K 13 11.66 -45.26 -55.82
CA ALA K 13 10.23 -45.12 -55.60
C ALA K 13 9.99 -44.91 -54.12
N ARG K 14 9.04 -44.04 -53.80
CA ARG K 14 8.64 -43.76 -52.43
C ARG K 14 7.13 -43.95 -52.34
N ILE K 15 6.72 -45.03 -51.70
CA ILE K 15 5.32 -45.42 -51.62
C ILE K 15 4.83 -45.09 -50.21
N THR K 16 3.98 -44.08 -50.10
CA THR K 16 3.42 -43.74 -48.81
C THR K 16 2.12 -44.51 -48.59
N CYS K 17 1.78 -44.72 -47.31
CA CYS K 17 0.56 -45.44 -46.97
C CYS K 17 0.15 -45.08 -45.56
N GLY K 18 -1.16 -45.07 -45.32
CA GLY K 18 -1.69 -44.99 -43.98
C GLY K 18 -1.81 -43.59 -43.44
N GLU K 19 -2.34 -43.54 -42.22
CA GLU K 19 -2.61 -42.29 -41.52
C GLU K 19 -1.32 -41.69 -40.98
N GLU K 20 -1.32 -40.38 -40.82
CA GLU K 20 -0.20 -39.69 -40.20
C GLU K 20 -0.08 -40.08 -38.73
N SER K 21 1.17 -40.16 -38.25
CA SER K 21 1.46 -40.74 -36.95
C SER K 21 1.00 -39.84 -35.82
N LEU K 22 0.67 -40.47 -34.69
CA LEU K 22 0.32 -39.77 -33.46
C LEU K 22 1.32 -40.05 -32.34
N GLY K 23 1.70 -41.30 -32.15
CA GLY K 23 2.72 -41.65 -31.18
C GLY K 23 3.79 -42.51 -31.83
N SER K 24 4.32 -43.45 -31.05
CA SER K 24 5.25 -44.43 -31.58
C SER K 24 4.51 -45.47 -32.38
N ARG K 25 5.08 -45.87 -33.52
CA ARG K 25 4.43 -46.85 -34.38
C ARG K 25 5.36 -48.01 -34.67
N SER K 26 4.75 -49.16 -34.94
CA SER K 26 5.44 -50.33 -35.47
C SER K 26 4.68 -50.72 -36.72
N VAL K 27 5.10 -50.19 -37.86
CA VAL K 27 4.42 -50.42 -39.13
C VAL K 27 4.84 -51.79 -39.66
N ILE K 28 3.97 -52.41 -40.45
CA ILE K 28 4.28 -53.66 -41.12
C ILE K 28 3.91 -53.53 -42.59
N TRP K 29 4.88 -53.78 -43.48
CA TRP K 29 4.69 -53.69 -44.91
C TRP K 29 4.55 -55.08 -45.51
N TYR K 30 3.47 -55.27 -46.26
CA TYR K 30 3.18 -56.47 -47.03
C TYR K 30 3.20 -56.15 -48.52
N GLN K 31 3.36 -57.18 -49.34
CA GLN K 31 3.13 -57.04 -50.78
C GLN K 31 2.24 -58.17 -51.27
N GLN K 32 1.72 -57.98 -52.48
CA GLN K 32 0.68 -58.83 -53.03
C GLN K 32 0.89 -58.91 -54.54
N ARG K 33 1.51 -59.99 -54.98
CA ARG K 33 1.55 -60.27 -56.41
C ARG K 33 0.15 -60.66 -56.88
N PRO K 34 -0.21 -60.31 -58.12
CA PRO K 34 -1.60 -60.49 -58.58
C PRO K 34 -2.00 -61.96 -58.66
N GLY K 35 -3.09 -62.29 -57.96
CA GLY K 35 -3.60 -63.64 -57.92
C GLY K 35 -3.02 -64.50 -56.81
N GLN K 36 -1.95 -64.07 -56.17
CA GLN K 36 -1.27 -64.89 -55.19
C GLN K 36 -1.76 -64.56 -53.78
N ALA K 37 -1.13 -65.17 -52.79
CA ALA K 37 -1.27 -64.81 -51.39
C ALA K 37 -0.43 -63.57 -51.11
N PRO K 38 -0.60 -62.92 -49.96
CA PRO K 38 0.36 -61.87 -49.57
C PRO K 38 1.71 -62.48 -49.21
N SER K 39 2.66 -61.58 -48.95
CA SER K 39 3.95 -61.98 -48.44
C SER K 39 4.53 -60.81 -47.68
N LEU K 40 5.04 -61.08 -46.49
CA LEU K 40 5.65 -60.04 -45.67
C LEU K 40 6.94 -59.58 -46.33
N ILE K 41 7.18 -58.27 -46.33
CA ILE K 41 8.46 -57.73 -46.70
C ILE K 41 9.13 -57.00 -45.54
N ILE K 42 8.37 -56.25 -44.73
CA ILE K 42 8.94 -55.51 -43.61
C ILE K 42 8.06 -55.76 -42.39
N TYR K 43 8.66 -56.16 -41.27
CA TYR K 43 7.88 -56.51 -40.09
C TYR K 43 8.02 -55.51 -38.94
N ASN K 44 8.97 -54.59 -39.00
CA ASN K 44 9.10 -53.53 -38.01
C ASN K 44 9.13 -52.25 -38.83
N ASN K 45 9.58 -51.15 -38.23
CA ASN K 45 9.72 -49.91 -38.99
C ASN K 45 10.79 -50.02 -40.06
N ASN K 46 11.93 -50.63 -39.74
CA ASN K 46 13.01 -50.80 -40.72
C ASN K 46 13.69 -52.16 -40.55
N ASP K 47 12.92 -53.22 -40.35
CA ASP K 47 13.50 -54.54 -40.17
C ASP K 47 12.83 -55.52 -41.12
N ARG K 48 13.65 -56.32 -41.81
CA ARG K 48 13.18 -57.28 -42.78
C ARG K 48 13.62 -58.69 -42.40
N PRO K 49 12.82 -59.70 -42.72
CA PRO K 49 13.22 -61.08 -42.45
C PRO K 49 14.08 -61.64 -43.57
N SER K 50 14.40 -62.92 -43.48
CA SER K 50 15.11 -63.59 -44.56
C SER K 50 14.22 -63.74 -45.80
N GLY K 51 14.85 -63.92 -46.95
CA GLY K 51 14.15 -64.07 -48.21
C GLY K 51 13.95 -62.78 -48.97
N ILE K 52 13.62 -61.69 -48.27
CA ILE K 52 13.47 -60.39 -48.91
C ILE K 52 14.82 -59.67 -48.82
N PRO K 53 15.33 -59.13 -49.91
CA PRO K 53 16.64 -58.48 -49.87
C PRO K 53 16.52 -57.07 -49.34
N ASP K 54 17.64 -56.36 -49.37
CA ASP K 54 17.70 -54.96 -48.96
C ASP K 54 17.17 -54.04 -50.04
N ARG K 55 17.45 -52.73 -49.89
CA ARG K 55 16.97 -51.58 -50.65
C ARG K 55 15.50 -51.29 -50.39
N PHE K 56 14.84 -52.07 -49.53
CA PHE K 56 13.46 -51.83 -49.11
C PHE K 56 13.51 -51.17 -47.74
N SER K 57 13.78 -49.87 -47.74
CA SER K 57 13.88 -49.12 -46.49
C SER K 57 12.51 -48.64 -46.04
N GLY K 58 12.37 -48.49 -44.73
CA GLY K 58 11.13 -48.01 -44.15
C GLY K 58 11.37 -46.83 -43.24
N SER K 59 10.37 -45.96 -43.16
CA SER K 59 10.46 -44.79 -42.29
C SER K 59 10.43 -45.22 -40.84
N PRO K 60 11.27 -44.63 -39.99
CA PRO K 60 11.30 -45.04 -38.58
C PRO K 60 10.07 -44.55 -37.83
N GLY K 61 9.72 -45.29 -36.78
CA GLY K 61 8.58 -44.95 -35.95
C GLY K 61 8.82 -43.92 -34.89
N SER K 62 10.05 -43.44 -34.75
CA SER K 62 10.33 -42.41 -33.76
C SER K 62 9.85 -41.04 -34.20
N THR K 63 9.55 -40.85 -35.48
CA THR K 63 9.13 -39.56 -35.99
C THR K 63 7.67 -39.33 -35.67
N PHE K 64 7.34 -38.11 -35.26
CA PHE K 64 6.02 -37.76 -34.74
C PHE K 64 5.30 -36.87 -35.75
N GLY K 65 4.16 -37.32 -36.23
CA GLY K 65 3.40 -36.54 -37.19
C GLY K 65 3.94 -36.61 -38.60
N THR K 66 4.28 -37.82 -39.05
CA THR K 66 4.61 -38.07 -40.45
C THR K 66 3.86 -39.30 -40.92
N THR K 67 3.88 -39.50 -42.24
CA THR K 67 3.17 -40.59 -42.89
C THR K 67 4.16 -41.71 -43.19
N ALA K 68 3.71 -42.96 -43.03
CA ALA K 68 4.57 -44.10 -43.24
C ALA K 68 4.93 -44.25 -44.71
N THR K 69 6.22 -44.39 -44.98
CA THR K 69 6.75 -44.49 -46.34
C THR K 69 7.48 -45.82 -46.51
N LEU K 70 7.67 -46.19 -47.77
CA LEU K 70 8.46 -47.35 -48.15
C LEU K 70 9.30 -46.98 -49.35
N THR K 71 10.62 -47.00 -49.18
CA THR K 71 11.55 -46.52 -50.20
C THR K 71 12.24 -47.71 -50.85
N ILE K 72 12.15 -47.77 -52.17
CA ILE K 72 12.77 -48.82 -52.97
C ILE K 72 13.75 -48.17 -53.94
N THR K 73 14.96 -48.71 -54.00
CA THR K 73 15.91 -48.36 -55.05
C THR K 73 16.19 -49.59 -55.89
N SER K 74 16.54 -49.35 -57.16
CA SER K 74 16.80 -50.39 -58.16
C SER K 74 15.60 -51.33 -58.32
N VAL K 75 14.50 -50.76 -58.81
CA VAL K 75 13.24 -51.48 -58.93
C VAL K 75 13.30 -52.46 -60.11
N GLU K 76 12.32 -53.35 -60.19
CA GLU K 76 12.28 -54.36 -61.23
C GLU K 76 10.83 -54.75 -61.50
N ALA K 77 10.64 -55.68 -62.43
CA ALA K 77 9.30 -56.19 -62.72
C ALA K 77 8.80 -57.13 -61.63
N GLY K 78 9.70 -57.77 -60.88
CA GLY K 78 9.30 -58.51 -59.71
C GLY K 78 8.82 -57.64 -58.56
N ASP K 79 9.22 -56.37 -58.57
CA ASP K 79 8.72 -55.42 -57.58
C ASP K 79 7.31 -54.95 -57.88
N GLU K 80 6.83 -55.18 -59.11
CA GLU K 80 5.52 -54.72 -59.55
C GLU K 80 4.45 -55.56 -58.87
N ALA K 81 3.85 -55.02 -57.81
CA ALA K 81 2.85 -55.71 -57.02
C ALA K 81 2.03 -54.67 -56.27
N ASP K 82 1.11 -55.15 -55.43
CA ASP K 82 0.26 -54.28 -54.62
C ASP K 82 0.81 -54.23 -53.20
N TYR K 83 1.17 -53.05 -52.74
CA TYR K 83 1.78 -52.91 -51.42
C TYR K 83 0.72 -52.57 -50.40
N TYR K 84 0.99 -52.94 -49.14
CA TYR K 84 0.06 -52.67 -48.06
C TYR K 84 0.83 -52.28 -46.82
N CYS K 85 0.25 -51.37 -46.06
CA CYS K 85 0.79 -50.95 -44.77
C CYS K 85 -0.15 -51.38 -43.67
N HIS K 86 0.40 -51.64 -42.50
CA HIS K 86 -0.38 -51.99 -41.32
C HIS K 86 0.27 -51.26 -40.15
N ILE K 87 -0.28 -50.12 -39.78
CA ILE K 87 0.31 -49.33 -38.74
C ILE K 87 -0.19 -49.80 -37.39
N TRP K 88 0.68 -49.68 -36.39
CA TRP K 88 0.39 -50.07 -35.01
C TRP K 88 0.83 -48.89 -34.17
N ASP K 89 -0.05 -47.92 -34.00
CA ASP K 89 0.32 -46.72 -33.26
C ASP K 89 0.15 -46.99 -31.77
N SER K 90 1.02 -46.35 -30.99
CA SER K 90 0.97 -46.45 -29.54
C SER K 90 -0.13 -45.61 -28.93
N ARG K 91 -0.85 -44.86 -29.74
CA ARG K 91 -1.93 -43.99 -29.28
C ARG K 91 -3.27 -44.41 -29.85
N ARG K 92 -3.37 -44.62 -31.15
CA ARG K 92 -4.60 -45.10 -31.75
C ARG K 92 -4.81 -46.57 -31.41
N PRO K 93 -6.07 -47.05 -31.37
CA PRO K 93 -6.31 -48.46 -31.07
C PRO K 93 -5.96 -49.40 -32.22
N THR K 94 -6.31 -50.67 -32.05
CA THR K 94 -5.83 -51.73 -32.92
C THR K 94 -6.50 -51.67 -34.29
N ASN K 95 -5.70 -51.73 -35.34
CA ASN K 95 -6.21 -51.69 -36.72
C ASN K 95 -6.41 -53.13 -37.18
N TRP K 96 -7.66 -53.59 -37.14
CA TRP K 96 -7.98 -54.93 -37.59
C TRP K 96 -8.08 -55.04 -39.09
N VAL K 97 -8.07 -53.92 -39.81
CA VAL K 97 -8.05 -53.92 -41.26
C VAL K 97 -6.83 -53.14 -41.70
N PHE K 98 -6.28 -53.50 -42.85
CA PHE K 98 -5.04 -52.91 -43.33
C PHE K 98 -5.31 -51.52 -43.92
N GLY K 99 -4.27 -50.91 -44.48
CA GLY K 99 -4.39 -49.59 -45.07
C GLY K 99 -5.07 -49.59 -46.42
N GLU K 100 -4.69 -48.64 -47.26
CA GLU K 100 -5.20 -48.57 -48.62
C GLU K 100 -4.20 -49.23 -49.56
N GLY K 101 -4.73 -49.95 -50.54
CA GLY K 101 -3.89 -50.68 -51.47
C GLY K 101 -3.16 -49.73 -52.41
N THR K 102 -1.84 -49.75 -52.37
CA THR K 102 -1.01 -48.96 -53.26
C THR K 102 -0.40 -49.87 -54.30
N THR K 103 -0.44 -49.44 -55.56
CA THR K 103 -0.07 -50.26 -56.69
C THR K 103 1.19 -49.70 -57.34
N LEU K 104 2.14 -50.58 -57.63
CA LEU K 104 3.36 -50.20 -58.32
C LEU K 104 3.32 -50.73 -59.75
N ILE K 105 3.80 -49.93 -60.70
CA ILE K 105 3.97 -50.35 -62.08
C ILE K 105 5.35 -49.93 -62.55
N VAL K 106 5.85 -50.65 -63.56
CA VAL K 106 7.20 -50.44 -64.07
C VAL K 106 7.14 -50.46 -65.59
N LEU K 107 8.12 -49.80 -66.20
CA LEU K 107 8.24 -49.78 -67.65
C LEU K 107 8.93 -51.05 -68.15
N GLN L 1 10.47 -75.08 -43.65
CA GLN L 1 9.62 -75.13 -44.83
C GLN L 1 8.19 -75.43 -44.42
N VAL L 2 7.32 -74.44 -44.51
CA VAL L 2 5.91 -74.58 -44.19
C VAL L 2 5.08 -74.06 -45.36
N HIS L 3 3.95 -74.71 -45.60
CA HIS L 3 2.94 -74.19 -46.52
C HIS L 3 1.58 -74.71 -46.07
N LEU L 4 0.57 -73.87 -46.21
CA LEU L 4 -0.75 -74.19 -45.70
C LEU L 4 -1.70 -74.47 -46.85
N GLN L 5 -2.85 -75.05 -46.51
CA GLN L 5 -3.85 -75.40 -47.50
C GLN L 5 -5.22 -75.32 -46.86
N GLU L 6 -6.08 -74.46 -47.40
CA GLU L 6 -7.43 -74.31 -46.90
C GLU L 6 -8.37 -75.22 -47.68
N SER L 7 -9.58 -75.38 -47.15
CA SER L 7 -10.62 -76.14 -47.82
C SER L 7 -11.98 -75.68 -47.31
N GLY L 8 -12.92 -75.53 -48.23
CA GLY L 8 -14.24 -75.05 -47.89
C GLY L 8 -15.28 -75.36 -48.96
N PRO L 9 -16.53 -74.96 -48.71
CA PRO L 9 -17.61 -75.26 -49.66
C PRO L 9 -17.54 -74.45 -50.96
N GLY L 10 -17.26 -73.16 -50.86
CA GLY L 10 -17.21 -72.29 -52.02
C GLY L 10 -18.53 -71.67 -52.42
N LEU L 11 -19.61 -72.45 -52.38
CA LEU L 11 -20.96 -71.97 -52.65
C LEU L 11 -21.72 -71.93 -51.33
N VAL L 12 -22.23 -70.76 -50.98
CA VAL L 12 -22.87 -70.54 -49.69
C VAL L 12 -24.27 -70.00 -49.91
N LYS L 13 -25.26 -70.68 -49.33
CA LYS L 13 -26.57 -70.05 -49.25
C LYS L 13 -26.63 -69.15 -48.02
N PRO L 14 -27.31 -68.01 -48.09
CA PRO L 14 -27.26 -67.05 -46.99
C PRO L 14 -27.97 -67.54 -45.73
N SER L 15 -27.65 -66.87 -44.62
CA SER L 15 -28.09 -67.22 -43.26
C SER L 15 -27.72 -68.67 -42.91
N GLU L 16 -26.49 -69.05 -43.22
CA GLU L 16 -26.01 -70.40 -42.98
C GLU L 16 -24.58 -70.31 -42.44
N THR L 17 -24.26 -71.17 -41.49
CA THR L 17 -22.97 -71.12 -40.80
C THR L 17 -21.86 -71.59 -41.72
N LEU L 18 -20.98 -70.66 -42.12
CA LEU L 18 -19.81 -70.99 -42.91
C LEU L 18 -18.74 -71.61 -42.02
N SER L 19 -18.10 -72.66 -42.52
CA SER L 19 -17.02 -73.32 -41.80
C SER L 19 -15.86 -73.58 -42.75
N LEU L 20 -14.65 -73.43 -42.25
CA LEU L 20 -13.46 -73.69 -43.04
C LEU L 20 -12.44 -74.48 -42.24
N THR L 21 -11.54 -75.14 -42.97
CA THR L 21 -10.44 -75.88 -42.38
C THR L 21 -9.12 -75.44 -43.02
N CYS L 22 -8.03 -75.81 -42.36
CA CYS L 22 -6.68 -75.44 -42.79
C CYS L 22 -5.73 -76.54 -42.35
N ASN L 23 -5.02 -77.12 -43.31
CA ASN L 23 -4.07 -78.18 -43.02
C ASN L 23 -2.75 -77.60 -42.54
N VAL L 24 -1.78 -78.47 -42.27
CA VAL L 24 -0.44 -78.07 -41.86
C VAL L 24 0.57 -78.75 -42.77
N SER L 25 1.81 -78.27 -42.69
CA SER L 25 2.94 -78.93 -43.34
C SER L 25 4.21 -78.50 -42.63
N GLY L 26 4.89 -79.45 -41.99
CA GLY L 26 6.13 -79.17 -41.30
C GLY L 26 5.98 -78.82 -39.83
N THR L 27 5.40 -77.67 -39.54
CA THR L 27 5.28 -77.16 -38.18
C THR L 27 3.87 -77.42 -37.66
N LEU L 28 3.77 -77.99 -36.46
CA LEU L 28 2.50 -78.40 -35.90
C LEU L 28 1.69 -77.22 -35.39
N VAL L 29 0.55 -77.51 -34.76
CA VAL L 29 -0.40 -76.48 -34.38
C VAL L 29 -0.01 -75.81 -33.06
N ARG L 30 0.70 -76.52 -32.18
CA ARG L 30 1.04 -75.96 -30.88
C ARG L 30 2.18 -74.96 -30.98
N ASP L 31 3.06 -75.13 -31.97
CA ASP L 31 4.35 -74.47 -31.99
C ASP L 31 4.28 -72.98 -32.34
N ASN L 32 3.13 -72.48 -32.76
CA ASN L 32 3.06 -71.09 -33.20
C ASN L 32 1.62 -70.61 -33.08
N TYR L 33 1.45 -69.28 -33.17
CA TYR L 33 0.13 -68.66 -33.26
C TYR L 33 -0.55 -69.02 -34.58
N TRP L 34 -1.84 -68.75 -34.65
CA TRP L 34 -2.57 -68.89 -35.90
C TRP L 34 -3.47 -67.68 -36.09
N SER L 35 -3.79 -67.40 -37.35
CA SER L 35 -4.58 -66.21 -37.66
C SER L 35 -5.40 -66.44 -38.91
N TRP L 36 -6.53 -65.76 -38.96
CA TRP L 36 -7.42 -65.77 -40.12
C TRP L 36 -7.59 -64.35 -40.64
N ILE L 37 -7.55 -64.26 -41.97
CA ILE L 37 -7.55 -63.02 -42.73
C ILE L 37 -8.56 -63.20 -43.85
N ARG L 38 -9.33 -62.16 -44.18
CA ARG L 38 -10.15 -62.24 -45.39
C ARG L 38 -9.85 -61.07 -46.30
N GLN L 39 -10.02 -61.29 -47.60
CA GLN L 39 -9.82 -60.20 -48.54
C GLN L 39 -10.86 -60.25 -49.65
N PRO L 40 -11.61 -59.18 -49.84
CA PRO L 40 -12.52 -59.11 -50.99
C PRO L 40 -11.74 -58.87 -52.28
N LEU L 41 -12.48 -58.90 -53.39
CA LEU L 41 -11.85 -58.77 -54.69
C LEU L 41 -11.44 -57.33 -54.94
N GLY L 42 -10.16 -57.15 -55.30
CA GLY L 42 -9.62 -55.82 -55.56
C GLY L 42 -9.59 -54.92 -54.33
N LYS L 43 -9.44 -55.48 -53.14
CA LYS L 43 -9.54 -54.73 -51.90
C LYS L 43 -8.34 -55.03 -51.02
N GLN L 44 -8.18 -54.22 -49.98
CA GLN L 44 -7.20 -54.52 -48.95
C GLN L 44 -7.70 -55.68 -48.10
N PRO L 45 -6.79 -56.46 -47.52
CA PRO L 45 -7.22 -57.57 -46.67
C PRO L 45 -7.85 -57.09 -45.38
N GLU L 46 -8.57 -58.00 -44.73
CA GLU L 46 -9.20 -57.75 -43.45
C GLU L 46 -8.80 -58.87 -42.50
N TRP L 47 -7.97 -58.53 -41.52
CA TRP L 47 -7.46 -59.51 -40.58
C TRP L 47 -8.55 -59.87 -39.59
N ILE L 48 -9.14 -61.06 -39.76
CA ILE L 48 -10.28 -61.47 -38.95
C ILE L 48 -9.87 -61.67 -37.49
N GLY L 49 -8.69 -62.21 -37.27
CA GLY L 49 -8.19 -62.31 -35.92
C GLY L 49 -7.17 -63.42 -35.78
N TYR L 50 -6.92 -63.78 -34.53
CA TYR L 50 -5.91 -64.78 -34.22
C TYR L 50 -6.42 -65.73 -33.14
N VAL L 51 -5.89 -66.94 -33.17
CA VAL L 51 -6.19 -67.99 -32.20
C VAL L 51 -4.89 -68.65 -31.79
N HIS L 52 -4.80 -68.99 -30.50
CA HIS L 52 -3.72 -69.80 -29.96
C HIS L 52 -4.23 -70.43 -28.68
N ASP L 53 -3.59 -71.53 -28.29
CA ASP L 53 -3.80 -72.15 -26.99
C ASP L 53 -3.47 -71.15 -25.87
N SER L 54 -4.07 -71.41 -24.70
CA SER L 54 -3.98 -70.56 -23.50
C SER L 54 -4.53 -69.15 -23.76
N GLY L 55 -5.76 -69.10 -24.26
CA GLY L 55 -6.55 -67.89 -24.25
C GLY L 55 -6.14 -66.80 -25.22
N ASP L 56 -5.13 -67.03 -26.07
CA ASP L 56 -4.67 -66.02 -27.02
C ASP L 56 -5.57 -66.06 -28.26
N THR L 57 -6.81 -65.64 -28.06
CA THR L 57 -7.89 -65.86 -29.03
C THR L 57 -8.74 -64.57 -29.16
N ASN L 58 -8.09 -63.45 -29.44
CA ASN L 58 -8.85 -62.21 -29.62
C ASN L 58 -9.39 -62.12 -31.04
N TYR L 59 -10.56 -61.50 -31.16
CA TYR L 59 -11.30 -61.44 -32.40
C TYR L 59 -11.42 -60.00 -32.88
N ASN L 60 -11.82 -59.84 -34.15
CA ASN L 60 -12.18 -58.53 -34.67
C ASN L 60 -13.45 -58.07 -33.97
N PRO L 61 -13.45 -56.94 -33.26
CA PRO L 61 -14.65 -56.51 -32.55
C PRO L 61 -15.77 -56.04 -33.46
N SER L 62 -15.52 -55.87 -34.77
CA SER L 62 -16.60 -55.60 -35.70
C SER L 62 -17.51 -56.82 -35.82
N LEU L 63 -16.94 -58.01 -35.96
CA LEU L 63 -17.76 -59.21 -36.03
C LEU L 63 -18.13 -59.68 -34.63
N LYS L 64 -17.14 -60.16 -33.87
CA LYS L 64 -17.11 -60.30 -32.41
C LYS L 64 -18.06 -61.36 -31.84
N SER L 65 -19.04 -61.79 -32.61
CA SER L 65 -19.98 -62.79 -32.14
C SER L 65 -20.20 -63.89 -33.15
N ARG L 66 -20.21 -63.57 -34.44
CA ARG L 66 -20.52 -64.52 -35.49
C ARG L 66 -19.27 -65.16 -36.07
N VAL L 67 -18.18 -65.20 -35.31
CA VAL L 67 -16.95 -65.84 -35.75
C VAL L 67 -16.33 -66.56 -34.56
N HIS L 68 -15.87 -67.79 -34.78
CA HIS L 68 -15.29 -68.60 -33.73
C HIS L 68 -14.14 -69.40 -34.33
N LEU L 69 -12.95 -69.19 -33.80
CA LEU L 69 -11.75 -69.82 -34.31
C LEU L 69 -11.45 -71.05 -33.47
N SER L 70 -10.79 -72.03 -34.08
CA SER L 70 -10.59 -73.30 -33.39
C SER L 70 -9.35 -74.00 -33.93
N LEU L 71 -8.85 -74.95 -33.16
CA LEU L 71 -7.69 -75.75 -33.54
C LEU L 71 -8.10 -77.22 -33.59
N ASP L 72 -7.15 -78.07 -34.00
CA ASP L 72 -7.34 -79.51 -34.05
C ASP L 72 -5.99 -80.12 -33.66
N LYS L 73 -5.83 -80.38 -32.37
CA LYS L 73 -4.61 -80.99 -31.86
C LYS L 73 -4.57 -82.50 -32.09
N SER L 74 -5.73 -83.12 -32.27
CA SER L 74 -5.78 -84.54 -32.60
C SER L 74 -5.29 -84.77 -34.01
N LYS L 75 -5.80 -84.00 -34.97
CA LYS L 75 -5.45 -84.17 -36.37
C LYS L 75 -4.41 -83.17 -36.87
N ASN L 76 -4.02 -82.19 -36.04
CA ASN L 76 -3.08 -81.11 -36.36
C ASN L 76 -3.61 -80.29 -37.56
N LEU L 77 -4.73 -79.61 -37.30
CA LEU L 77 -5.30 -78.67 -38.26
C LEU L 77 -5.74 -77.40 -37.54
N VAL L 78 -6.20 -76.42 -38.32
CA VAL L 78 -6.81 -75.20 -37.82
C VAL L 78 -8.20 -75.14 -38.46
N SER L 79 -9.17 -74.56 -37.76
CA SER L 79 -10.52 -74.47 -38.31
C SER L 79 -11.17 -73.16 -37.90
N LEU L 80 -12.26 -72.85 -38.61
CA LEU L 80 -13.02 -71.62 -38.40
C LEU L 80 -14.49 -71.93 -38.56
N ARG L 81 -15.30 -71.27 -37.74
CA ARG L 81 -16.74 -71.28 -37.87
C ARG L 81 -17.23 -69.84 -37.99
N LEU L 82 -18.14 -69.59 -38.92
CA LEU L 82 -18.74 -68.28 -39.10
C LEU L 82 -20.24 -68.45 -38.95
N THR L 83 -20.95 -67.34 -38.74
CA THR L 83 -22.39 -67.40 -38.52
C THR L 83 -23.06 -66.30 -39.31
N GLY L 84 -24.13 -66.65 -40.03
CA GLY L 84 -24.95 -65.67 -40.72
C GLY L 84 -24.26 -65.01 -41.90
N VAL L 85 -24.04 -65.77 -42.97
CA VAL L 85 -23.36 -65.24 -44.15
C VAL L 85 -24.26 -64.26 -44.87
N THR L 86 -23.77 -63.05 -45.08
CA THR L 86 -24.43 -62.06 -45.90
C THR L 86 -23.66 -61.92 -47.21
N ALA L 87 -24.06 -60.95 -48.03
CA ALA L 87 -23.46 -60.78 -49.35
C ALA L 87 -22.03 -60.26 -49.28
N ALA L 88 -21.65 -59.60 -48.18
CA ALA L 88 -20.30 -59.07 -48.05
C ALA L 88 -19.28 -60.15 -47.72
N ASP L 89 -19.72 -61.32 -47.25
CA ASP L 89 -18.81 -62.36 -46.78
C ASP L 89 -18.12 -63.12 -47.92
N SER L 90 -18.48 -62.85 -49.17
CA SER L 90 -17.82 -63.48 -50.31
C SER L 90 -16.42 -62.86 -50.47
N ALA L 91 -15.41 -63.59 -50.02
CA ALA L 91 -14.03 -63.11 -50.03
C ALA L 91 -13.11 -64.32 -49.93
N ILE L 92 -11.84 -64.12 -50.27
CA ILE L 92 -10.87 -65.20 -50.17
C ILE L 92 -10.24 -65.18 -48.78
N TYR L 93 -10.26 -66.33 -48.12
CA TYR L 93 -9.91 -66.39 -46.70
C TYR L 93 -8.57 -67.11 -46.54
N TYR L 94 -7.85 -66.77 -45.49
CA TYR L 94 -6.45 -67.13 -45.31
C TYR L 94 -6.22 -67.57 -43.87
N CYS L 95 -5.71 -68.79 -43.70
CA CYS L 95 -5.05 -69.18 -42.46
C CYS L 95 -3.56 -68.88 -42.57
N ALA L 96 -2.97 -68.40 -41.49
CA ALA L 96 -1.58 -67.98 -41.56
C ALA L 96 -0.94 -68.00 -40.17
N THR L 97 0.36 -68.23 -40.14
CA THR L 97 1.11 -68.10 -38.91
C THR L 97 1.45 -66.63 -38.67
N THR L 98 1.53 -66.25 -37.40
CA THR L 98 1.94 -64.90 -37.07
C THR L 98 2.86 -64.92 -35.86
N LYS L 99 3.63 -63.86 -35.72
CA LYS L 99 4.63 -63.74 -34.68
C LYS L 99 4.47 -62.41 -33.97
N HIS L 100 4.58 -62.44 -32.65
CA HIS L 100 4.41 -61.26 -31.82
C HIS L 100 5.75 -60.53 -31.69
N GLY L 101 5.83 -59.58 -30.77
CA GLY L 101 7.03 -58.80 -30.55
C GLY L 101 6.70 -57.49 -29.89
N ARG L 102 7.48 -57.10 -28.88
CA ARG L 102 7.16 -55.95 -28.04
C ARG L 102 7.81 -54.70 -28.61
N ARG L 103 6.98 -53.71 -28.95
CA ARG L 103 7.45 -52.36 -29.20
C ARG L 103 7.41 -51.64 -27.87
N ILE L 104 8.58 -51.29 -27.35
CA ILE L 104 8.72 -50.61 -26.07
C ILE L 104 9.11 -49.17 -26.36
N TYR L 105 8.33 -48.23 -25.84
CA TYR L 105 8.58 -46.81 -26.06
C TYR L 105 8.83 -46.04 -24.78
N GLY L 106 8.54 -46.61 -23.62
CA GLY L 106 8.78 -45.92 -22.38
C GLY L 106 9.25 -46.86 -21.28
N VAL L 107 8.75 -46.68 -20.08
CA VAL L 107 9.15 -47.51 -18.96
C VAL L 107 8.43 -48.84 -19.04
N VAL L 108 9.18 -49.92 -18.82
CA VAL L 108 8.62 -51.27 -18.99
C VAL L 108 7.62 -51.58 -17.90
N ALA L 109 7.94 -51.22 -16.66
CA ALA L 109 7.07 -51.53 -15.53
C ALA L 109 5.80 -50.70 -15.50
N PHE L 110 5.73 -49.60 -16.25
CA PHE L 110 4.55 -48.76 -16.30
C PHE L 110 3.61 -49.11 -17.44
N LYS L 111 3.81 -50.29 -18.05
CA LYS L 111 3.01 -50.80 -19.18
C LYS L 111 3.07 -49.84 -20.38
N GLU L 112 4.21 -49.21 -20.60
CA GLU L 112 4.37 -48.29 -21.72
C GLU L 112 4.99 -49.01 -22.92
N TRP L 113 4.28 -50.01 -23.40
CA TRP L 113 4.71 -50.85 -24.50
C TRP L 113 3.49 -51.55 -25.07
N PHE L 114 3.65 -52.13 -26.26
CA PHE L 114 2.58 -52.92 -26.84
C PHE L 114 3.18 -54.06 -27.64
N THR L 115 2.32 -54.97 -28.09
CA THR L 115 2.74 -56.13 -28.86
C THR L 115 2.08 -56.06 -30.23
N TYR L 116 2.89 -55.92 -31.27
CA TYR L 116 2.40 -55.96 -32.63
C TYR L 116 2.47 -57.38 -33.17
N PHE L 117 1.71 -57.64 -34.22
CA PHE L 117 1.74 -58.92 -34.89
C PHE L 117 2.15 -58.74 -36.34
N TYR L 118 2.72 -59.80 -36.91
CA TYR L 118 3.09 -59.80 -38.31
C TYR L 118 3.03 -61.23 -38.81
N MET L 119 2.40 -61.40 -39.98
CA MET L 119 2.18 -62.73 -40.55
C MET L 119 3.31 -63.04 -41.54
N ASP L 120 4.10 -64.05 -41.20
CA ASP L 120 5.30 -64.37 -41.96
C ASP L 120 4.99 -65.23 -43.20
N VAL L 121 4.27 -66.33 -43.02
CA VAL L 121 3.83 -67.12 -44.17
C VAL L 121 2.32 -67.14 -44.17
N TRP L 122 1.73 -67.75 -45.19
CA TRP L 122 0.32 -67.58 -45.49
C TRP L 122 -0.26 -68.91 -45.93
N GLY L 123 -1.56 -68.92 -46.15
CA GLY L 123 -2.23 -70.03 -46.79
C GLY L 123 -2.22 -69.87 -48.30
N LYS L 124 -3.22 -70.46 -48.95
CA LYS L 124 -3.39 -70.29 -50.38
C LYS L 124 -4.77 -69.81 -50.78
N GLY L 125 -5.78 -70.02 -49.96
CA GLY L 125 -7.04 -69.34 -50.15
C GLY L 125 -8.17 -70.29 -50.51
N THR L 126 -9.38 -69.87 -50.19
CA THR L 126 -10.61 -70.52 -50.63
C THR L 126 -11.55 -69.44 -51.11
N SER L 127 -11.84 -69.44 -52.41
CA SER L 127 -12.71 -68.41 -52.96
C SER L 127 -14.16 -68.66 -52.57
N VAL L 128 -14.52 -68.23 -51.37
CA VAL L 128 -15.86 -68.44 -50.86
C VAL L 128 -16.80 -67.44 -51.52
N THR L 129 -17.93 -67.93 -52.02
CA THR L 129 -18.90 -67.10 -52.72
C THR L 129 -20.29 -67.42 -52.21
N VAL L 130 -21.05 -66.38 -51.87
CA VAL L 130 -22.42 -66.52 -51.43
C VAL L 130 -23.36 -66.24 -52.60
N SER L 131 -24.24 -67.20 -52.89
CA SER L 131 -25.13 -67.13 -54.03
C SER L 131 -26.28 -68.10 -53.80
N SER L 132 -27.39 -67.84 -54.48
CA SER L 132 -28.56 -68.71 -54.38
C SER L 132 -28.94 -69.27 -55.74
N GLU M 1 8.48 -49.70 25.23
CA GLU M 1 7.30 -49.09 25.84
C GLU M 1 7.55 -48.67 27.27
N ILE M 2 6.73 -47.74 27.76
CA ILE M 2 6.83 -47.24 29.13
C ILE M 2 5.65 -47.78 29.92
N VAL M 3 5.95 -48.45 31.02
CA VAL M 3 4.93 -49.06 31.87
C VAL M 3 4.82 -48.24 33.14
N LEU M 4 3.66 -47.62 33.32
CA LEU M 4 3.40 -46.81 34.51
C LEU M 4 2.76 -47.69 35.58
N THR M 5 3.27 -47.58 36.80
CA THR M 5 2.75 -48.35 37.92
C THR M 5 2.40 -47.40 39.06
N GLN M 6 1.13 -47.38 39.45
CA GLN M 6 0.70 -46.58 40.59
C GLN M 6 0.65 -47.47 41.82
N SER M 7 1.23 -46.97 42.92
CA SER M 7 1.38 -47.82 44.11
C SER M 7 0.09 -48.03 44.91
N PRO M 8 -0.68 -46.99 45.33
CA PRO M 8 -1.63 -47.25 46.42
C PRO M 8 -2.86 -48.06 46.02
N GLY M 9 -3.29 -47.97 44.76
CA GLY M 9 -4.51 -48.64 44.37
C GLY M 9 -5.71 -47.94 44.94
N ILE M 10 -6.36 -48.55 45.91
CA ILE M 10 -7.50 -47.94 46.60
C ILE M 10 -6.99 -47.16 47.81
N LEU M 11 -7.43 -45.92 47.92
CA LEU M 11 -7.03 -45.05 49.03
C LEU M 11 -8.29 -44.55 49.73
N SER M 12 -8.51 -45.02 50.96
CA SER M 12 -9.70 -44.69 51.73
C SER M 12 -9.33 -43.68 52.80
N LEU M 13 -9.84 -42.45 52.65
CA LEU M 13 -9.54 -41.38 53.58
C LEU M 13 -10.81 -40.60 53.90
N SER M 14 -10.69 -39.69 54.83
CA SER M 14 -11.80 -38.86 55.28
C SER M 14 -11.74 -37.50 54.61
N PRO M 15 -12.87 -36.82 54.47
CA PRO M 15 -12.86 -35.44 53.95
C PRO M 15 -12.15 -34.49 54.90
N GLY M 16 -11.50 -33.49 54.32
CA GLY M 16 -10.68 -32.57 55.06
C GLY M 16 -9.25 -33.01 55.24
N GLU M 17 -8.96 -34.30 55.11
CA GLU M 17 -7.61 -34.82 55.23
C GLU M 17 -6.81 -34.51 53.98
N THR M 18 -5.52 -34.85 54.02
CA THR M 18 -4.65 -34.78 52.87
C THR M 18 -4.43 -36.16 52.29
N ALA M 19 -3.82 -36.21 51.10
CA ALA M 19 -3.62 -37.46 50.39
C ALA M 19 -2.37 -37.33 49.52
N THR M 20 -1.72 -38.46 49.28
CA THR M 20 -0.51 -38.50 48.47
C THR M 20 -0.56 -39.76 47.60
N LEU M 21 -0.69 -39.57 46.30
CA LEU M 21 -0.63 -40.65 45.33
C LEU M 21 0.73 -40.67 44.66
N PHE M 22 1.11 -41.85 44.19
CA PHE M 22 2.47 -42.11 43.73
C PHE M 22 2.44 -42.88 42.43
N CYS M 23 3.30 -42.50 41.49
CA CYS M 23 3.47 -43.33 40.31
C CYS M 23 4.95 -43.47 39.97
N LYS M 24 5.27 -44.63 39.40
CA LYS M 24 6.62 -45.02 39.06
C LYS M 24 6.66 -45.38 37.58
N ALA M 25 7.63 -44.85 36.86
CA ALA M 25 7.79 -45.09 35.45
C ALA M 25 9.00 -45.99 35.21
N SER M 26 8.95 -46.77 34.14
CA SER M 26 10.07 -47.65 33.82
C SER M 26 11.24 -46.87 33.24
N GLN M 27 10.98 -45.81 32.48
CA GLN M 27 12.02 -44.99 31.87
C GLN M 27 11.98 -43.60 32.47
N GLY M 28 13.09 -43.18 33.05
CA GLY M 28 13.17 -41.86 33.62
C GLY M 28 13.67 -40.81 32.65
N GLY M 29 13.32 -39.56 32.92
CA GLY M 29 13.79 -38.44 32.13
C GLY M 29 12.70 -37.58 31.51
N ASN M 30 11.42 -37.87 31.74
CA ASN M 30 10.34 -37.16 31.07
C ASN M 30 9.40 -36.57 32.10
N ALA M 31 8.39 -35.85 31.61
CA ALA M 31 7.40 -35.23 32.46
C ALA M 31 6.32 -36.24 32.83
N MET M 32 5.29 -35.77 33.53
CA MET M 32 4.22 -36.65 33.96
C MET M 32 2.93 -35.86 34.10
N THR M 33 1.82 -36.46 33.68
CA THR M 33 0.53 -35.80 33.60
C THR M 33 -0.43 -36.48 34.56
N TRP M 34 -1.23 -35.70 35.28
CA TRP M 34 -2.18 -36.22 36.24
C TRP M 34 -3.59 -35.79 35.86
N TYR M 35 -4.47 -36.77 35.73
CA TYR M 35 -5.87 -36.61 35.34
C TYR M 35 -6.79 -36.99 36.49
N GLN M 36 -7.91 -36.27 36.57
CA GLN M 36 -8.99 -36.58 37.50
C GLN M 36 -10.21 -37.04 36.71
N LYS M 37 -10.81 -38.14 37.14
CA LYS M 37 -12.05 -38.62 36.55
C LYS M 37 -13.00 -39.03 37.66
N ARG M 38 -14.14 -38.35 37.75
CA ARG M 38 -15.15 -38.69 38.75
C ARG M 38 -16.01 -39.84 38.23
N ARG M 39 -17.05 -40.17 38.97
CA ARG M 39 -17.91 -41.30 38.62
C ARG M 39 -18.84 -40.89 37.48
N GLY M 40 -18.62 -41.46 36.30
CA GLY M 40 -19.52 -41.25 35.19
C GLY M 40 -19.50 -39.85 34.59
N GLN M 41 -18.35 -39.20 34.56
CA GLN M 41 -18.23 -37.88 33.96
C GLN M 41 -17.02 -37.82 33.05
N VAL M 42 -16.89 -36.68 32.39
CA VAL M 42 -15.77 -36.43 31.49
C VAL M 42 -14.50 -36.25 32.32
N PRO M 43 -13.35 -36.83 31.92
CA PRO M 43 -12.10 -36.59 32.66
C PRO M 43 -11.62 -35.15 32.61
N ARG M 44 -10.53 -34.87 33.34
CA ARG M 44 -10.16 -33.50 33.65
C ARG M 44 -8.67 -33.45 33.96
N LEU M 45 -7.97 -32.54 33.30
CA LEU M 45 -6.52 -32.46 33.46
C LEU M 45 -6.19 -31.69 34.72
N LEU M 46 -5.60 -32.36 35.70
CA LEU M 46 -5.10 -31.65 36.86
C LEU M 46 -3.74 -31.03 36.58
N ILE M 47 -2.75 -31.88 36.30
CA ILE M 47 -1.35 -31.46 36.29
C ILE M 47 -0.72 -31.86 34.96
N TYR M 48 -0.05 -30.92 34.31
CA TYR M 48 0.89 -31.26 33.26
C TYR M 48 2.28 -30.79 33.69
N ASP M 49 3.30 -31.36 33.02
CA ASP M 49 4.72 -31.04 33.20
C ASP M 49 5.19 -31.29 34.64
N THR M 50 4.48 -32.18 35.35
CA THR M 50 4.78 -32.81 36.65
C THR M 50 4.66 -31.83 37.81
N SER M 51 4.56 -30.53 37.55
CA SER M 51 4.39 -29.57 38.63
C SER M 51 3.47 -28.41 38.30
N ARG M 52 2.96 -28.31 37.08
CA ARG M 52 2.17 -27.16 36.66
C ARG M 52 0.69 -27.48 36.78
N ARG M 53 -0.07 -26.56 37.35
CA ARG M 53 -1.51 -26.72 37.47
C ARG M 53 -2.18 -26.19 36.21
N ALA M 54 -3.25 -26.86 35.80
CA ALA M 54 -3.96 -26.49 34.58
C ALA M 54 -4.91 -25.33 34.85
N SER M 55 -5.75 -25.03 33.87
CA SER M 55 -6.77 -24.01 34.05
C SER M 55 -7.89 -24.55 34.94
N GLY M 56 -8.37 -23.69 35.85
CA GLY M 56 -9.44 -24.07 36.74
C GLY M 56 -9.07 -25.12 37.76
N VAL M 57 -7.81 -25.16 38.18
CA VAL M 57 -7.33 -26.12 39.17
C VAL M 57 -6.99 -25.35 40.43
N PRO M 58 -7.59 -25.70 41.58
CA PRO M 58 -7.21 -25.02 42.82
C PRO M 58 -5.82 -25.44 43.28
N ASP M 59 -5.19 -24.55 44.03
CA ASP M 59 -3.78 -24.70 44.42
C ASP M 59 -3.55 -25.78 45.48
N ARG M 60 -4.58 -26.49 45.93
CA ARG M 60 -4.34 -27.61 46.84
C ARG M 60 -3.78 -28.83 46.13
N PHE M 61 -3.85 -28.87 44.80
CA PHE M 61 -3.22 -29.94 44.02
C PHE M 61 -1.76 -29.58 43.77
N VAL M 62 -0.84 -30.38 44.28
CA VAL M 62 0.59 -30.12 44.14
C VAL M 62 1.23 -31.34 43.51
N GLY M 63 1.93 -31.13 42.41
CA GLY M 63 2.68 -32.19 41.75
C GLY M 63 4.16 -32.01 42.03
N SER M 64 4.86 -33.14 42.12
CA SER M 64 6.30 -33.10 42.32
C SER M 64 6.88 -34.42 41.85
N GLY M 65 8.21 -34.50 41.89
CA GLY M 65 8.89 -35.75 41.61
C GLY M 65 9.98 -35.57 40.57
N SER M 66 10.73 -36.64 40.39
CA SER M 66 11.85 -36.65 39.45
C SER M 66 12.22 -38.09 39.14
N GLY M 67 12.96 -38.25 38.04
CA GLY M 67 13.47 -39.55 37.64
C GLY M 67 12.37 -40.51 37.28
N THR M 68 12.14 -41.48 38.17
CA THR M 68 11.01 -42.40 38.03
C THR M 68 9.89 -42.13 39.02
N ASP M 69 10.17 -41.42 40.12
CA ASP M 69 9.22 -41.33 41.22
C ASP M 69 8.47 -40.01 41.15
N PHE M 70 7.14 -40.08 41.11
CA PHE M 70 6.30 -38.90 40.92
C PHE M 70 5.18 -38.87 41.95
N PHE M 71 4.99 -37.70 42.56
CA PHE M 71 4.06 -37.51 43.68
C PHE M 71 2.94 -36.58 43.24
N LEU M 72 1.71 -36.93 43.59
CA LEU M 72 0.56 -36.02 43.47
C LEU M 72 -0.07 -35.88 44.85
N THR M 73 0.04 -34.70 45.44
CA THR M 73 -0.44 -34.43 46.78
C THR M 73 -1.69 -33.56 46.71
N ILE M 74 -2.73 -33.96 47.43
CA ILE M 74 -3.93 -33.15 47.58
C ILE M 74 -4.04 -32.74 49.03
N ASN M 75 -4.16 -31.45 49.29
CA ASN M 75 -4.22 -30.92 50.64
C ASN M 75 -5.64 -30.51 50.96
N LYS M 76 -6.17 -30.98 52.10
CA LYS M 76 -7.50 -30.65 52.60
C LYS M 76 -8.59 -31.03 51.58
N LEU M 77 -8.77 -32.35 51.46
CA LEU M 77 -9.73 -32.95 50.55
C LEU M 77 -11.14 -32.40 50.69
N ASP M 78 -11.85 -32.38 49.57
CA ASP M 78 -13.26 -32.09 49.50
C ASP M 78 -13.98 -33.35 49.03
N ARG M 79 -15.30 -33.39 49.22
CA ARG M 79 -16.08 -34.54 48.77
C ARG M 79 -16.12 -34.64 47.25
N GLU M 80 -15.95 -33.51 46.54
CA GLU M 80 -15.83 -33.55 45.09
C GLU M 80 -14.54 -34.23 44.65
N ASP M 81 -13.50 -34.19 45.48
CA ASP M 81 -12.17 -34.65 45.10
C ASP M 81 -12.01 -36.16 45.20
N PHE M 82 -13.00 -36.88 45.71
CA PHE M 82 -12.93 -38.33 45.78
C PHE M 82 -13.26 -38.90 44.41
N ALA M 83 -12.23 -39.28 43.67
CA ALA M 83 -12.40 -39.71 42.29
C ALA M 83 -11.27 -40.67 41.94
N VAL M 84 -11.15 -41.00 40.66
CA VAL M 84 -10.06 -41.82 40.15
C VAL M 84 -9.01 -40.89 39.58
N TYR M 85 -7.74 -41.20 39.83
CA TYR M 85 -6.65 -40.32 39.42
C TYR M 85 -5.66 -41.10 38.57
N TYR M 86 -5.46 -40.62 37.35
CA TYR M 86 -4.64 -41.31 36.35
C TYR M 86 -3.33 -40.57 36.12
N CYS M 87 -2.28 -41.34 35.82
CA CYS M 87 -0.99 -40.79 35.44
C CYS M 87 -0.74 -41.11 33.99
N GLN M 88 -0.27 -40.14 33.23
CA GLN M 88 -0.02 -40.39 31.82
C GLN M 88 1.27 -39.80 31.32
N GLN M 89 2.10 -40.65 30.71
CA GLN M 89 3.33 -40.18 30.12
C GLN M 89 3.17 -40.54 28.66
N PHE M 90 3.23 -39.54 27.80
CA PHE M 90 3.07 -39.74 26.36
C PHE M 90 1.77 -40.49 26.08
N GLU M 91 1.84 -41.56 25.31
CA GLU M 91 0.63 -42.31 25.03
C GLU M 91 0.32 -43.40 26.02
N PHE M 92 1.13 -43.59 27.06
CA PHE M 92 0.82 -44.67 27.99
C PHE M 92 0.01 -44.15 29.16
N PHE M 93 -0.59 -45.06 29.90
CA PHE M 93 -1.43 -44.69 31.03
C PHE M 93 -1.24 -45.67 32.17
N GLY M 94 -1.45 -45.19 33.37
CA GLY M 94 -1.56 -46.06 34.51
C GLY M 94 -2.96 -46.61 34.63
N LEU M 95 -3.12 -47.57 35.53
CA LEU M 95 -4.43 -48.16 35.74
C LEU M 95 -5.29 -47.33 36.68
N GLY M 96 -4.76 -46.25 37.24
CA GLY M 96 -5.58 -45.34 38.01
C GLY M 96 -5.76 -45.73 39.46
N SER M 97 -5.58 -44.77 40.35
CA SER M 97 -5.78 -44.97 41.77
C SER M 97 -7.14 -44.42 42.18
N GLU M 98 -7.86 -45.20 42.98
CA GLU M 98 -9.20 -44.83 43.41
C GLU M 98 -9.14 -44.19 44.79
N LEU M 99 -9.81 -43.06 44.94
CA LEU M 99 -9.86 -42.33 46.20
C LEU M 99 -11.26 -42.47 46.77
N GLU M 100 -11.36 -42.97 47.99
CA GLU M 100 -12.63 -43.39 48.57
C GLU M 100 -12.84 -42.71 49.92
N VAL M 101 -14.11 -42.46 50.24
CA VAL M 101 -14.49 -41.80 51.49
C VAL M 101 -14.49 -42.83 52.61
N HIS M 102 -13.59 -42.66 53.57
CA HIS M 102 -13.53 -43.56 54.72
C HIS M 102 -14.69 -43.31 55.68
N GLN N 1 -14.34 -19.79 23.93
CA GLN N 1 -14.52 -21.16 24.40
C GLN N 1 -13.89 -22.14 23.42
N VAL N 2 -13.67 -23.37 23.88
CA VAL N 2 -13.23 -24.47 23.02
C VAL N 2 -14.22 -25.61 23.19
N GLN N 3 -14.93 -25.97 22.14
CA GLN N 3 -15.96 -26.97 22.22
C GLN N 3 -15.65 -28.15 21.31
N LEU N 4 -15.90 -29.35 21.82
CA LEU N 4 -15.76 -30.60 21.09
C LEU N 4 -17.07 -31.35 21.23
N VAL N 5 -17.77 -31.55 20.11
CA VAL N 5 -19.08 -32.18 20.11
C VAL N 5 -18.99 -33.46 19.30
N GLN N 6 -19.29 -34.59 19.94
CA GLN N 6 -19.22 -35.85 19.24
C GLN N 6 -20.60 -36.23 18.74
N SER N 7 -20.74 -37.48 18.27
CA SER N 7 -22.02 -38.02 17.89
C SER N 7 -22.59 -38.84 19.04
N GLY N 8 -23.83 -39.27 18.87
CA GLY N 8 -24.48 -40.06 19.90
C GLY N 8 -23.92 -41.46 20.01
N ALA N 9 -24.24 -42.11 21.12
CA ALA N 9 -23.82 -43.49 21.33
C ALA N 9 -24.54 -44.41 20.35
N VAL N 10 -23.82 -45.43 19.88
CA VAL N 10 -24.30 -46.25 18.78
C VAL N 10 -24.10 -47.72 19.15
N ILE N 11 -24.98 -48.58 18.64
CA ILE N 11 -24.92 -50.01 18.86
C ILE N 11 -24.60 -50.66 17.53
N LYS N 12 -23.53 -51.45 17.50
CA LYS N 12 -23.11 -52.10 16.27
C LYS N 12 -23.05 -53.62 16.45
N THR N 13 -22.81 -54.31 15.37
CA THR N 13 -22.66 -55.75 15.30
C THR N 13 -21.19 -56.12 15.14
N PRO N 14 -20.79 -57.34 15.51
CA PRO N 14 -19.42 -57.76 15.25
C PRO N 14 -19.14 -57.86 13.76
N GLY N 15 -17.95 -57.37 13.37
CA GLY N 15 -17.57 -57.31 11.98
C GLY N 15 -17.99 -56.06 11.24
N SER N 16 -18.64 -55.12 11.92
CA SER N 16 -19.11 -53.90 11.28
C SER N 16 -18.01 -52.84 11.34
N SER N 17 -18.36 -51.60 10.99
CA SER N 17 -17.40 -50.50 11.00
C SER N 17 -18.13 -49.25 11.48
N VAL N 18 -17.66 -48.67 12.57
CA VAL N 18 -18.30 -47.51 13.18
C VAL N 18 -17.61 -46.24 12.68
N LYS N 19 -18.40 -45.21 12.41
CA LYS N 19 -17.85 -43.89 12.08
C LYS N 19 -18.30 -42.91 13.14
N ILE N 20 -17.33 -42.26 13.78
CA ILE N 20 -17.60 -41.32 14.87
C ILE N 20 -17.02 -39.97 14.49
N SER N 21 -17.86 -38.95 14.55
CA SER N 21 -17.45 -37.60 14.20
C SER N 21 -17.14 -36.81 15.46
N CYS N 22 -16.34 -35.76 15.27
CA CYS N 22 -15.88 -34.90 16.36
C CYS N 22 -15.80 -33.48 15.81
N ARG N 23 -16.86 -32.70 16.00
CA ARG N 23 -16.88 -31.33 15.54
C ARG N 23 -16.20 -30.43 16.56
N ALA N 24 -15.25 -29.64 16.10
CA ALA N 24 -14.47 -28.77 16.96
C ALA N 24 -14.75 -27.33 16.59
N SER N 25 -14.87 -26.48 17.62
CA SER N 25 -15.22 -25.08 17.39
C SER N 25 -14.60 -24.21 18.46
N GLY N 26 -14.25 -22.99 18.07
CA GLY N 26 -13.73 -22.02 19.00
C GLY N 26 -12.25 -21.76 18.94
N TYR N 27 -11.58 -22.23 17.90
CA TYR N 27 -10.14 -21.99 17.72
C TYR N 27 -9.83 -22.19 16.25
N ASN N 28 -8.62 -21.82 15.85
CA ASN N 28 -8.20 -22.06 14.49
C ASN N 28 -7.90 -23.55 14.34
N PHE N 29 -8.78 -24.26 13.63
CA PHE N 29 -8.78 -25.71 13.59
C PHE N 29 -7.57 -26.28 12.86
N ARG N 30 -6.91 -25.49 12.02
CA ARG N 30 -5.76 -25.97 11.27
C ARG N 30 -4.49 -26.08 12.10
N ASP N 31 -4.48 -25.58 13.33
CA ASP N 31 -3.23 -25.49 14.08
C ASP N 31 -2.98 -26.68 14.99
N TYR N 32 -3.99 -27.15 15.70
CA TYR N 32 -3.80 -28.09 16.80
C TYR N 32 -4.18 -29.50 16.38
N SER N 33 -3.38 -30.46 16.82
CA SER N 33 -3.63 -31.86 16.54
C SER N 33 -4.84 -32.35 17.33
N ILE N 34 -5.49 -33.38 16.80
CA ILE N 34 -6.63 -34.02 17.44
C ILE N 34 -6.22 -35.46 17.76
N HIS N 35 -6.29 -35.83 19.02
CA HIS N 35 -6.00 -37.19 19.44
C HIS N 35 -7.30 -37.94 19.69
N TRP N 36 -7.24 -39.26 19.58
CA TRP N 36 -8.35 -40.13 19.90
C TRP N 36 -7.92 -41.14 20.96
N VAL N 37 -8.73 -41.29 21.99
CA VAL N 37 -8.39 -42.16 23.11
C VAL N 37 -9.64 -42.95 23.47
N ARG N 38 -9.45 -44.16 23.99
CA ARG N 38 -10.57 -45.02 24.33
C ARG N 38 -10.52 -45.37 25.80
N LEU N 39 -11.68 -45.69 26.36
CA LEU N 39 -11.81 -46.09 27.76
C LEU N 39 -12.59 -47.39 27.81
N ILE N 40 -11.92 -48.44 28.22
CA ILE N 40 -12.49 -49.78 28.35
C ILE N 40 -12.62 -50.08 29.83
N PRO N 41 -13.75 -50.62 30.30
CA PRO N 41 -13.84 -51.07 31.68
C PRO N 41 -12.90 -52.25 31.92
N ASP N 42 -12.26 -52.23 33.10
CA ASP N 42 -11.23 -53.19 33.53
C ASP N 42 -10.01 -53.22 32.62
N LYS N 43 -9.80 -52.17 31.81
CA LYS N 43 -8.60 -52.05 31.00
C LYS N 43 -7.98 -50.66 31.02
N GLY N 44 -8.72 -49.65 31.48
CA GLY N 44 -8.19 -48.31 31.53
C GLY N 44 -8.19 -47.64 30.17
N PHE N 45 -7.38 -46.59 30.07
CA PHE N 45 -7.24 -45.84 28.84
C PHE N 45 -6.37 -46.60 27.83
N GLU N 46 -6.55 -46.26 26.57
CA GLU N 46 -5.68 -46.73 25.51
C GLU N 46 -5.72 -45.72 24.37
N TRP N 47 -4.55 -45.39 23.85
CA TRP N 47 -4.43 -44.39 22.80
C TRP N 47 -4.69 -45.02 21.44
N ILE N 48 -5.34 -44.26 20.57
CA ILE N 48 -5.73 -44.75 19.25
C ILE N 48 -4.88 -44.11 18.15
N GLY N 49 -4.84 -42.78 18.10
CA GLY N 49 -4.03 -42.11 17.10
C GLY N 49 -4.17 -40.61 17.21
N TRP N 50 -3.42 -39.92 16.35
CA TRP N 50 -3.62 -38.49 16.16
C TRP N 50 -3.74 -38.13 14.70
N ILE N 51 -4.31 -36.95 14.47
CA ILE N 51 -4.46 -36.37 13.13
C ILE N 51 -4.12 -34.89 13.22
N LYS N 52 -3.27 -34.42 12.31
CA LYS N 52 -2.98 -33.01 12.20
C LYS N 52 -3.86 -32.42 11.12
N PRO N 53 -4.84 -31.59 11.44
CA PRO N 53 -5.87 -31.20 10.48
C PRO N 53 -5.40 -30.22 9.40
N LEU N 54 -4.14 -29.79 9.41
CA LEU N 54 -3.67 -28.89 8.36
C LEU N 54 -3.60 -29.61 7.02
N TRP N 55 -2.96 -30.77 6.97
CA TRP N 55 -3.00 -31.58 5.77
C TRP N 55 -3.75 -32.89 5.96
N GLY N 56 -3.92 -33.34 7.19
CA GLY N 56 -4.52 -34.63 7.44
C GLY N 56 -3.54 -35.73 7.72
N ALA N 57 -2.29 -35.40 8.04
CA ALA N 57 -1.31 -36.42 8.35
C ALA N 57 -1.66 -37.08 9.67
N VAL N 58 -1.75 -38.40 9.67
CA VAL N 58 -2.23 -39.16 10.81
C VAL N 58 -1.13 -40.07 11.30
N SER N 59 -1.30 -40.55 12.53
CA SER N 59 -0.46 -41.61 13.04
C SER N 59 -1.31 -42.47 13.95
N TYR N 60 -1.17 -43.77 13.81
CA TYR N 60 -2.06 -44.72 14.46
C TYR N 60 -1.29 -45.47 15.53
N ALA N 61 -2.04 -46.02 16.48
CA ALA N 61 -1.44 -46.97 17.40
C ALA N 61 -1.00 -48.21 16.63
N ARG N 62 0.08 -48.83 17.09
CA ARG N 62 0.68 -49.94 16.34
C ARG N 62 -0.22 -51.16 16.34
N GLN N 63 -0.88 -51.44 17.46
CA GLN N 63 -1.72 -52.62 17.55
C GLN N 63 -3.13 -52.38 17.01
N LEU N 64 -3.41 -51.21 16.44
CA LEU N 64 -4.69 -50.95 15.80
C LEU N 64 -4.56 -50.70 14.31
N GLN N 65 -3.39 -50.93 13.73
CA GLN N 65 -3.22 -50.66 12.31
C GLN N 65 -3.94 -51.71 11.47
N GLY N 66 -4.48 -51.26 10.35
CA GLY N 66 -5.32 -52.09 9.51
C GLY N 66 -6.79 -52.01 9.85
N ARG N 67 -7.13 -51.53 11.05
CA ARG N 67 -8.52 -51.41 11.49
C ARG N 67 -9.01 -49.98 11.52
N VAL N 68 -8.18 -49.05 11.98
CA VAL N 68 -8.60 -47.69 12.23
C VAL N 68 -8.33 -46.86 10.98
N SER N 69 -9.07 -45.75 10.84
CA SER N 69 -8.83 -44.78 9.78
C SER N 69 -9.35 -43.44 10.25
N MET N 70 -8.60 -42.38 9.96
CA MET N 70 -8.94 -41.04 10.44
C MET N 70 -8.90 -40.06 9.29
N THR N 71 -9.96 -39.28 9.14
CA THR N 71 -10.03 -38.22 8.14
C THR N 71 -10.50 -36.95 8.82
N ARG N 72 -10.42 -35.83 8.10
CA ARG N 72 -10.92 -34.57 8.62
C ARG N 72 -11.59 -33.79 7.51
N GLN N 73 -12.35 -32.78 7.91
CA GLN N 73 -13.00 -31.85 7.02
C GLN N 73 -12.76 -30.44 7.54
N LEU N 74 -12.20 -29.59 6.70
CA LEU N 74 -11.87 -28.22 7.05
C LEU N 74 -13.00 -27.29 6.65
N SER N 75 -12.89 -26.05 7.10
CA SER N 75 -13.87 -25.01 6.82
C SER N 75 -13.29 -24.05 5.80
N GLN N 76 -13.90 -23.99 4.63
CA GLN N 76 -13.39 -23.16 3.53
C GLN N 76 -14.40 -22.05 3.26
N ASP N 77 -14.30 -20.98 4.04
CA ASP N 77 -15.03 -19.73 3.87
C ASP N 77 -14.31 -18.67 4.65
N PRO N 78 -14.32 -17.41 4.20
CA PRO N 78 -13.66 -16.36 4.97
C PRO N 78 -14.49 -15.81 6.12
N ASP N 79 -15.59 -16.48 6.46
CA ASP N 79 -16.46 -16.05 7.54
C ASP N 79 -16.37 -16.94 8.78
N ASP N 80 -16.33 -18.26 8.61
CA ASP N 80 -16.19 -19.20 9.73
C ASP N 80 -14.98 -20.10 9.52
N PRO N 81 -13.77 -19.59 9.76
CA PRO N 81 -12.58 -20.46 9.67
C PRO N 81 -12.35 -21.28 10.93
N ASP N 82 -13.18 -21.12 11.94
CA ASP N 82 -12.91 -21.71 13.25
C ASP N 82 -13.28 -23.19 13.31
N TRP N 83 -14.47 -23.54 12.84
CA TRP N 83 -14.97 -24.89 13.06
C TRP N 83 -14.27 -25.88 12.14
N GLY N 84 -14.39 -27.15 12.50
CA GLY N 84 -13.88 -28.23 11.67
C GLY N 84 -14.45 -29.52 12.18
N VAL N 85 -14.30 -30.58 11.40
CA VAL N 85 -14.79 -31.90 11.81
C VAL N 85 -13.64 -32.88 11.69
N ALA N 86 -13.46 -33.72 12.71
CA ALA N 86 -12.62 -34.89 12.59
C ALA N 86 -13.51 -36.12 12.52
N TYR N 87 -12.98 -37.20 11.98
CA TYR N 87 -13.72 -38.45 11.91
C TYR N 87 -12.83 -39.59 12.36
N MET N 88 -13.47 -40.70 12.71
CA MET N 88 -12.74 -41.93 12.98
C MET N 88 -13.61 -43.08 12.52
N GLU N 89 -13.18 -43.77 11.47
CA GLU N 89 -13.78 -45.04 11.07
C GLU N 89 -12.98 -46.14 11.75
N PHE N 90 -13.58 -46.75 12.76
CA PHE N 90 -12.97 -47.85 13.49
C PHE N 90 -13.65 -49.12 13.00
N SER N 91 -12.87 -49.99 12.37
CA SER N 91 -13.40 -51.13 11.65
C SER N 91 -12.89 -52.42 12.26
N GLY N 92 -13.43 -53.54 11.78
CA GLY N 92 -13.12 -54.84 12.33
C GLY N 92 -13.61 -54.98 13.76
N LEU N 93 -14.89 -54.70 13.97
CA LEU N 93 -15.44 -54.64 15.31
C LEU N 93 -15.56 -56.02 15.93
N THR N 94 -15.09 -56.12 17.17
CA THR N 94 -15.10 -57.32 17.99
C THR N 94 -15.92 -57.03 19.24
N PRO N 95 -16.38 -58.06 19.97
CA PRO N 95 -17.07 -57.79 21.23
C PRO N 95 -16.18 -57.17 22.30
N ALA N 96 -14.85 -57.26 22.18
CA ALA N 96 -13.98 -56.62 23.15
C ALA N 96 -13.93 -55.11 23.00
N ASP N 97 -14.34 -54.58 21.85
CA ASP N 97 -14.23 -53.16 21.57
C ASP N 97 -15.37 -52.33 22.14
N THR N 98 -16.20 -52.88 23.02
CA THR N 98 -17.23 -52.10 23.68
C THR N 98 -16.57 -51.13 24.65
N ALA N 99 -16.63 -49.84 24.35
CA ALA N 99 -15.81 -48.87 25.07
C ALA N 99 -16.37 -47.47 24.82
N GLU N 100 -15.88 -46.50 25.59
CA GLU N 100 -16.25 -45.11 25.40
C GLU N 100 -15.09 -44.36 24.77
N TYR N 101 -15.37 -43.66 23.68
CA TYR N 101 -14.33 -43.05 22.86
C TYR N 101 -14.34 -41.54 23.06
N PHE N 102 -13.15 -40.94 23.10
CA PHE N 102 -12.99 -39.52 23.33
C PHE N 102 -12.07 -38.93 22.25
N CYS N 103 -12.39 -37.72 21.82
CA CYS N 103 -11.53 -36.95 20.92
C CYS N 103 -11.06 -35.73 21.69
N VAL N 104 -9.74 -35.56 21.77
CA VAL N 104 -9.15 -34.60 22.68
C VAL N 104 -8.19 -33.68 21.95
N ARG N 105 -7.96 -32.52 22.57
CA ARG N 105 -7.04 -31.52 22.07
C ARG N 105 -6.15 -31.09 23.22
N ARG N 106 -4.90 -30.77 22.90
CA ARG N 106 -3.94 -30.31 23.89
C ARG N 106 -4.26 -28.88 24.33
N GLY N 107 -3.48 -28.39 25.28
CA GLY N 107 -3.61 -27.02 25.73
C GLY N 107 -2.95 -26.06 24.76
N SER N 108 -3.04 -24.79 25.11
CA SER N 108 -2.47 -23.73 24.28
C SER N 108 -1.31 -23.01 24.95
N CYS N 109 -0.80 -23.52 26.06
CA CYS N 109 0.28 -22.82 26.74
C CYS N 109 1.61 -23.10 26.05
N ASP N 110 2.64 -22.41 26.50
CA ASP N 110 3.96 -22.55 25.90
C ASP N 110 4.63 -23.85 26.33
N TYR N 111 4.50 -24.21 27.61
CA TYR N 111 5.08 -25.44 28.11
C TYR N 111 4.14 -26.63 27.97
N CYS N 112 2.99 -26.45 27.34
CA CYS N 112 2.11 -27.57 27.03
C CYS N 112 2.76 -28.46 25.98
N GLY N 113 2.75 -29.76 26.23
CA GLY N 113 3.17 -30.73 25.24
C GLY N 113 2.05 -31.01 24.26
N ASP N 114 2.12 -32.16 23.62
CA ASP N 114 1.02 -32.59 22.76
C ASP N 114 0.03 -33.48 23.50
N PHE N 115 0.54 -34.41 24.28
CA PHE N 115 -0.20 -35.30 25.15
C PHE N 115 -0.87 -34.75 26.41
N PRO N 116 -0.47 -33.60 27.00
CA PRO N 116 -1.35 -32.99 28.01
C PRO N 116 -2.68 -32.51 27.44
N TRP N 117 -3.59 -33.48 27.28
CA TRP N 117 -4.87 -33.30 26.60
C TRP N 117 -5.80 -32.46 27.45
N GLN N 118 -5.90 -31.18 27.09
CA GLN N 118 -6.71 -30.25 27.88
C GLN N 118 -8.20 -30.44 27.63
N TYR N 119 -8.62 -30.31 26.38
CA TYR N 119 -10.04 -30.29 26.05
C TYR N 119 -10.50 -31.65 25.59
N TRP N 120 -11.70 -32.03 26.03
CA TRP N 120 -12.21 -33.39 25.89
C TRP N 120 -13.60 -33.36 25.29
N GLY N 121 -13.87 -34.29 24.38
CA GLY N 121 -15.23 -34.52 23.96
C GLY N 121 -16.05 -35.19 25.05
N GLN N 122 -17.37 -35.18 24.86
CA GLN N 122 -18.23 -35.76 25.89
C GLN N 122 -18.24 -37.29 25.86
N GLY N 123 -17.64 -37.91 24.86
CA GLY N 123 -17.54 -39.35 24.85
C GLY N 123 -18.67 -40.01 24.08
N THR N 124 -18.34 -41.10 23.41
CA THR N 124 -19.31 -41.85 22.63
C THR N 124 -19.18 -43.32 22.99
N VAL N 125 -20.25 -43.92 23.46
CA VAL N 125 -20.21 -45.31 23.92
C VAL N 125 -20.55 -46.22 22.76
N VAL N 126 -19.68 -47.17 22.47
CA VAL N 126 -19.87 -48.14 21.40
C VAL N 126 -20.02 -49.50 22.04
N VAL N 127 -21.16 -50.14 21.81
CA VAL N 127 -21.45 -51.47 22.30
C VAL N 127 -21.62 -52.39 21.10
N VAL N 128 -20.89 -53.49 21.09
CA VAL N 128 -20.87 -54.38 19.94
C VAL N 128 -21.78 -55.58 20.16
N GLN O 1 70.26 -16.34 12.58
CA GLN O 1 69.52 -15.21 13.14
C GLN O 1 68.02 -15.45 13.03
N VAL O 2 67.59 -15.90 11.86
CA VAL O 2 66.16 -16.15 11.61
C VAL O 2 65.90 -17.57 12.08
N GLN O 3 65.66 -17.74 13.37
CA GLN O 3 65.59 -19.06 13.97
C GLN O 3 64.47 -19.12 14.99
N LEU O 4 64.08 -20.34 15.33
CA LEU O 4 63.11 -20.64 16.37
C LEU O 4 63.76 -21.75 17.20
N LEU O 5 64.60 -21.35 18.16
CA LEU O 5 65.35 -22.30 18.96
C LEU O 5 64.42 -23.05 19.90
N GLN O 6 64.17 -24.31 19.60
CA GLN O 6 63.34 -25.15 20.43
C GLN O 6 64.21 -25.90 21.43
N SER O 7 63.59 -26.78 22.21
CA SER O 7 64.34 -27.65 23.10
C SER O 7 64.81 -28.87 22.32
N GLY O 8 65.41 -29.83 23.01
CA GLY O 8 65.81 -31.09 22.43
C GLY O 8 64.67 -32.09 22.43
N ALA O 9 65.03 -33.35 22.24
CA ALA O 9 64.07 -34.44 22.36
C ALA O 9 63.61 -34.57 23.80
N GLU O 10 62.36 -34.98 23.98
CA GLU O 10 61.74 -35.05 25.31
C GLU O 10 61.16 -36.43 25.52
N LEU O 11 61.94 -37.29 26.20
CA LEU O 11 61.49 -38.61 26.61
C LEU O 11 60.71 -38.47 27.91
N VAL O 12 59.39 -38.33 27.81
CA VAL O 12 58.53 -38.11 28.96
C VAL O 12 57.60 -39.31 29.12
N ARG O 13 57.53 -39.84 30.33
CA ARG O 13 56.62 -40.92 30.66
C ARG O 13 55.17 -40.44 30.58
N PRO O 14 54.23 -41.34 30.30
CA PRO O 14 52.82 -40.95 30.28
C PRO O 14 52.30 -40.63 31.67
N GLY O 15 51.25 -39.81 31.70
CA GLY O 15 50.67 -39.35 32.94
C GLY O 15 51.28 -38.10 33.52
N ALA O 16 52.44 -37.67 33.02
CA ALA O 16 53.14 -36.51 33.54
C ALA O 16 52.73 -35.26 32.77
N SER O 17 53.45 -34.15 32.98
CA SER O 17 53.20 -32.90 32.30
C SER O 17 54.40 -32.55 31.42
N VAL O 18 54.12 -31.88 30.30
CA VAL O 18 55.13 -31.57 29.29
C VAL O 18 55.11 -30.09 29.02
N THR O 19 56.28 -29.45 29.10
CA THR O 19 56.45 -28.06 28.70
C THR O 19 57.35 -28.00 27.47
N LEU O 20 57.38 -26.82 26.85
CA LEU O 20 58.28 -26.55 25.73
C LEU O 20 58.85 -25.15 25.88
N SER O 21 59.79 -24.81 25.00
CA SER O 21 60.40 -23.50 24.99
C SER O 21 60.83 -23.17 23.57
N CYS O 22 60.40 -22.04 23.07
CA CYS O 22 60.76 -21.55 21.74
C CYS O 22 61.60 -20.29 21.95
N LYS O 23 62.91 -20.48 22.12
CA LYS O 23 63.81 -19.39 22.48
C LYS O 23 64.28 -18.68 21.20
N ALA O 24 63.32 -18.04 20.53
CA ALA O 24 63.55 -17.46 19.22
C ALA O 24 64.45 -16.24 19.31
N SER O 25 64.95 -15.82 18.14
CA SER O 25 65.86 -14.70 18.06
C SER O 25 65.72 -14.07 16.68
N GLY O 26 66.30 -12.89 16.52
CA GLY O 26 66.45 -12.30 15.21
C GLY O 26 65.65 -11.05 14.96
N TYR O 27 64.39 -11.03 15.39
CA TYR O 27 63.49 -9.94 15.04
C TYR O 27 62.74 -9.48 16.28
N ALA O 28 61.82 -8.55 16.07
CA ALA O 28 60.86 -8.22 17.11
C ALA O 28 59.94 -9.41 17.35
N PHE O 29 59.53 -9.58 18.60
CA PHE O 29 58.75 -10.75 18.97
C PHE O 29 57.28 -10.44 19.17
N SER O 30 56.93 -9.17 19.40
CA SER O 30 55.53 -8.78 19.48
C SER O 30 54.86 -8.86 18.12
N ASP O 31 55.54 -8.38 17.08
CA ASP O 31 54.94 -8.27 15.76
C ASP O 31 54.74 -9.61 15.07
N TYR O 32 55.33 -10.69 15.58
CA TYR O 32 55.20 -12.00 14.99
C TYR O 32 54.47 -12.94 15.96
N GLU O 33 53.60 -13.78 15.41
CA GLU O 33 52.81 -14.70 16.21
C GLU O 33 53.63 -15.93 16.61
N ILE O 34 53.01 -16.84 17.36
CA ILE O 34 53.54 -18.16 17.63
C ILE O 34 52.40 -19.16 17.51
N HIS O 35 52.54 -20.11 16.60
CA HIS O 35 51.58 -21.20 16.38
C HIS O 35 52.29 -22.52 16.65
N TRP O 36 51.55 -23.62 16.58
CA TRP O 36 52.11 -24.91 16.98
C TRP O 36 51.53 -26.02 16.12
N VAL O 37 52.40 -26.75 15.42
CA VAL O 37 52.02 -27.77 14.45
C VAL O 37 52.60 -29.10 14.89
N LYS O 38 51.79 -30.16 14.77
CA LYS O 38 52.21 -31.54 14.99
C LYS O 38 52.59 -32.22 13.68
N GLN O 39 53.47 -33.22 13.80
CA GLN O 39 53.74 -34.18 12.72
C GLN O 39 53.54 -35.59 13.25
N THR O 40 52.53 -36.19 12.84
CA THR O 40 52.56 -37.63 12.92
C THR O 40 52.80 -38.21 11.53
N PRO O 41 53.51 -39.34 11.42
CA PRO O 41 53.57 -40.02 10.11
C PRO O 41 52.26 -40.70 9.74
N VAL O 42 51.34 -40.88 10.68
CA VAL O 42 50.04 -41.47 10.37
C VAL O 42 49.14 -40.45 9.70
N ARG O 43 48.87 -39.34 10.40
CA ARG O 43 47.95 -38.33 9.86
C ARG O 43 48.67 -37.34 8.97
N GLY O 44 49.88 -36.94 9.35
CA GLY O 44 50.61 -35.90 8.66
C GLY O 44 50.82 -34.69 9.54
N LEU O 45 50.17 -33.58 9.21
CA LEU O 45 50.31 -32.33 9.94
C LEU O 45 49.03 -32.03 10.70
N ASP O 46 49.18 -31.63 11.96
CA ASP O 46 48.05 -31.36 12.85
C ASP O 46 48.31 -30.06 13.60
N TRP O 47 47.35 -29.65 14.43
CA TRP O 47 47.43 -28.39 15.15
C TRP O 47 47.47 -28.55 16.65
N ILE O 48 47.94 -27.49 17.31
CA ILE O 48 47.68 -27.29 18.73
C ILE O 48 46.93 -25.98 18.90
N GLY O 49 47.56 -24.86 18.54
CA GLY O 49 46.94 -23.57 18.76
C GLY O 49 47.79 -22.36 18.47
N ALA O 50 47.63 -21.31 19.28
CA ALA O 50 48.27 -20.03 19.01
C ALA O 50 48.35 -19.20 20.27
N PHE O 51 49.40 -18.38 20.35
CA PHE O 51 49.54 -17.34 21.36
C PHE O 51 49.87 -16.01 20.68
N ASP O 52 49.13 -14.97 21.03
CA ASP O 52 49.39 -13.64 20.51
C ASP O 52 50.23 -12.89 21.52
N PRO O 53 51.44 -12.45 21.17
CA PRO O 53 52.28 -11.72 22.14
C PRO O 53 51.83 -10.29 22.39
N LYS O 54 51.26 -9.64 21.37
CA LYS O 54 50.79 -8.27 21.55
C LYS O 54 49.57 -8.20 22.44
N SER O 55 48.47 -8.81 22.00
CA SER O 55 47.20 -8.68 22.69
C SER O 55 47.07 -9.62 23.89
N GLY O 56 47.92 -10.63 23.98
CA GLY O 56 47.74 -11.64 25.00
C GLY O 56 46.74 -12.71 24.63
N ALA O 57 46.30 -12.76 23.39
CA ALA O 57 45.31 -13.75 22.97
C ALA O 57 45.98 -15.11 22.78
N SER O 58 45.19 -16.16 22.97
CA SER O 58 45.65 -17.53 22.84
C SER O 58 44.44 -18.41 22.60
N ALA O 59 44.67 -19.50 21.87
CA ALA O 59 43.59 -20.46 21.64
C ALA O 59 44.21 -21.82 21.35
N SER O 60 43.36 -22.84 21.45
CA SER O 60 43.75 -24.22 21.17
C SER O 60 42.53 -24.95 20.62
N ASN O 61 42.76 -25.83 19.65
CA ASN O 61 41.66 -26.54 19.03
C ASN O 61 41.14 -27.65 19.95
N GLN O 62 40.03 -28.25 19.53
CA GLN O 62 39.20 -29.06 20.43
C GLN O 62 39.89 -30.33 20.88
N LYS O 63 40.75 -30.90 20.05
CA LYS O 63 41.46 -32.11 20.45
C LYS O 63 42.48 -31.81 21.54
N VAL O 64 43.14 -30.66 21.46
CA VAL O 64 44.12 -30.27 22.45
C VAL O 64 43.49 -29.42 23.55
N LYS O 65 42.22 -29.03 23.38
CA LYS O 65 41.51 -28.23 24.38
C LYS O 65 41.28 -29.04 25.65
N GLY O 66 41.39 -28.35 26.79
CA GLY O 66 41.38 -29.01 28.08
C GLY O 66 42.75 -29.40 28.57
N ARG O 67 43.78 -29.36 27.72
CA ARG O 67 45.14 -29.61 28.15
C ARG O 67 46.01 -28.37 28.03
N ALA O 68 46.13 -27.79 26.83
CA ALA O 68 47.22 -26.87 26.54
C ALA O 68 46.91 -25.47 27.04
N ILE O 69 47.88 -24.87 27.72
CA ILE O 69 47.83 -23.47 28.12
C ILE O 69 49.06 -22.79 27.54
N LEU O 70 48.84 -21.86 26.63
CA LEU O 70 49.92 -21.17 25.92
C LEU O 70 50.24 -19.85 26.62
N THR O 71 51.44 -19.77 27.17
CA THR O 71 51.98 -18.56 27.76
C THR O 71 53.35 -18.28 27.15
N ALA O 72 53.84 -17.06 27.38
CA ALA O 72 55.14 -16.67 26.87
C ALA O 72 55.71 -15.56 27.72
N ASP O 73 57.03 -15.54 27.84
CA ASP O 73 57.75 -14.43 28.47
C ASP O 73 58.26 -13.54 27.33
N LYS O 74 57.70 -12.34 27.24
CA LYS O 74 57.97 -11.47 26.11
C LYS O 74 59.39 -10.90 26.17
N SER O 75 59.92 -10.71 27.38
CA SER O 75 61.27 -10.16 27.51
C SER O 75 62.32 -11.18 27.09
N SER O 76 62.18 -12.43 27.54
CA SER O 76 63.14 -13.47 27.18
C SER O 76 62.79 -14.16 25.86
N SER O 77 61.62 -13.86 25.29
CA SER O 77 61.16 -14.35 23.98
C SER O 77 61.08 -15.88 23.96
N THR O 78 60.45 -16.44 24.99
CA THR O 78 60.32 -17.89 25.14
C THR O 78 58.85 -18.26 25.19
N ALA O 79 58.40 -19.03 24.21
CA ALA O 79 57.06 -19.61 24.28
C ALA O 79 57.04 -20.77 25.26
N TYR O 80 55.85 -21.25 25.58
CA TYR O 80 55.73 -22.32 26.56
C TYR O 80 54.59 -23.26 26.19
N MET O 81 54.53 -24.35 26.94
CA MET O 81 53.47 -25.35 26.82
C MET O 81 53.13 -25.88 28.21
N GLU O 82 51.90 -26.35 28.34
CA GLU O 82 51.47 -27.16 29.48
C GLU O 82 50.58 -28.26 28.91
N LEU O 83 51.20 -29.37 28.54
CA LEU O 83 50.43 -30.55 28.15
C LEU O 83 50.17 -31.40 29.38
N ARG O 84 49.01 -32.03 29.41
CA ARG O 84 48.53 -32.72 30.60
C ARG O 84 48.05 -34.11 30.22
N SER O 85 48.77 -35.14 30.70
CA SER O 85 48.41 -36.56 30.60
C SER O 85 48.23 -37.00 29.13
N LEU O 86 49.36 -36.98 28.40
CA LEU O 86 49.35 -37.31 27.00
C LEU O 86 49.19 -38.82 26.79
N THR O 87 49.06 -39.21 25.53
CA THR O 87 49.06 -40.62 25.13
C THR O 87 50.23 -40.88 24.19
N SER O 88 50.28 -42.08 23.65
CA SER O 88 51.27 -42.40 22.63
C SER O 88 50.91 -41.80 21.27
N GLU O 89 49.65 -41.42 21.08
CA GLU O 89 49.27 -40.70 19.87
C GLU O 89 49.76 -39.26 19.91
N ASP O 90 49.94 -38.70 21.10
CA ASP O 90 50.48 -37.34 21.24
C ASP O 90 51.99 -37.30 21.04
N SER O 91 52.65 -38.45 21.01
CA SER O 91 54.08 -38.51 20.69
C SER O 91 54.28 -38.11 19.23
N ALA O 92 54.82 -36.92 19.01
CA ALA O 92 54.90 -36.36 17.67
C ALA O 92 56.02 -35.34 17.62
N VAL O 93 56.23 -34.77 16.44
CA VAL O 93 57.27 -33.78 16.19
C VAL O 93 56.60 -32.41 16.17
N TYR O 94 56.84 -31.62 17.21
CA TYR O 94 56.20 -30.34 17.41
C TYR O 94 57.04 -29.21 16.83
N TYR O 95 56.37 -28.11 16.49
CA TYR O 95 56.96 -27.01 15.75
C TYR O 95 56.44 -25.68 16.27
N CYS O 96 57.31 -24.90 16.90
CA CYS O 96 57.09 -23.48 17.05
C CYS O 96 57.21 -22.79 15.69
N THR O 97 56.28 -21.89 15.39
CA THR O 97 56.28 -21.16 14.12
C THR O 97 56.02 -19.68 14.39
N ARG O 98 55.78 -18.92 13.31
CA ARG O 98 55.45 -17.50 13.39
C ARG O 98 54.44 -17.13 12.33
N LEU O 99 53.52 -16.22 12.68
CA LEU O 99 52.68 -15.54 11.70
C LEU O 99 52.73 -14.04 11.91
N ARG O 100 52.37 -13.31 10.87
CA ARG O 100 52.05 -11.91 10.97
C ARG O 100 50.54 -11.73 11.01
N TYR O 101 50.11 -10.51 11.32
CA TYR O 101 48.74 -10.13 11.05
C TYR O 101 48.56 -10.04 9.54
N PHE O 102 47.73 -10.94 9.00
CA PHE O 102 47.49 -11.11 7.56
C PHE O 102 48.77 -11.41 6.80
N GLY O 103 49.67 -12.17 7.41
CA GLY O 103 50.92 -12.54 6.77
C GLY O 103 50.99 -14.01 6.44
N TYR O 104 52.14 -14.62 6.66
CA TYR O 104 52.35 -16.04 6.37
C TYR O 104 53.52 -16.55 7.21
N PHE O 105 53.68 -17.88 7.21
CA PHE O 105 54.66 -18.53 8.06
C PHE O 105 56.08 -18.32 7.57
N ASP O 106 56.74 -17.26 8.05
CA ASP O 106 58.11 -16.94 7.63
C ASP O 106 59.09 -18.01 8.10
N VAL O 107 59.15 -18.23 9.41
CA VAL O 107 60.20 -19.02 10.02
C VAL O 107 59.59 -20.36 10.42
N TRP O 108 60.44 -21.39 10.51
CA TRP O 108 60.02 -22.72 10.92
C TRP O 108 60.99 -23.26 11.95
N GLY O 109 60.46 -23.78 13.04
CA GLY O 109 61.29 -24.36 14.08
C GLY O 109 61.88 -25.69 13.66
N THR O 110 62.74 -26.22 14.53
CA THR O 110 63.49 -27.42 14.18
C THR O 110 62.65 -28.68 14.35
N GLY O 111 61.80 -28.73 15.38
CA GLY O 111 60.97 -29.88 15.63
C GLY O 111 61.41 -30.66 16.85
N THR O 112 60.61 -30.60 17.93
CA THR O 112 60.87 -31.39 19.13
C THR O 112 60.12 -32.71 19.02
N THR O 113 60.87 -33.81 19.02
CA THR O 113 60.29 -35.14 18.90
C THR O 113 59.91 -35.61 20.29
N VAL O 114 58.71 -35.24 20.74
CA VAL O 114 58.24 -35.66 22.05
C VAL O 114 57.67 -37.06 21.89
N THR O 115 58.38 -38.05 22.43
CA THR O 115 58.00 -39.45 22.29
C THR O 115 57.68 -39.99 23.67
N VAL O 116 56.44 -40.45 23.85
CA VAL O 116 55.95 -40.91 25.13
C VAL O 116 55.75 -42.42 25.13
N ASP P 1 35.00 -27.04 11.41
CA ASP P 1 36.04 -27.79 10.71
C ASP P 1 35.86 -27.67 9.21
N VAL P 2 36.93 -27.26 8.53
CA VAL P 2 36.88 -26.95 7.10
C VAL P 2 37.81 -27.97 6.44
N LEU P 3 37.74 -29.21 6.95
CA LEU P 3 38.60 -30.35 6.64
C LEU P 3 38.92 -30.52 5.16
N MET P 4 40.22 -30.50 4.85
CA MET P 4 40.72 -30.51 3.49
C MET P 4 40.92 -31.94 2.99
N THR P 5 40.77 -32.12 1.68
CA THR P 5 41.00 -33.41 1.03
C THR P 5 42.02 -33.24 -0.09
N GLN P 6 43.00 -34.14 -0.14
CA GLN P 6 44.04 -34.12 -1.16
C GLN P 6 43.88 -35.32 -2.09
N THR P 7 43.87 -35.05 -3.39
CA THR P 7 43.80 -36.09 -4.42
C THR P 7 44.82 -35.77 -5.49
N PRO P 8 45.65 -36.74 -5.91
CA PRO P 8 45.77 -38.09 -5.35
C PRO P 8 46.83 -38.15 -4.26
N LEU P 9 46.98 -39.31 -3.62
CA LEU P 9 47.97 -39.43 -2.55
C LEU P 9 49.39 -39.59 -3.11
N SER P 10 49.63 -40.67 -3.85
CA SER P 10 50.97 -40.96 -4.35
C SER P 10 51.08 -40.62 -5.82
N LEU P 11 52.25 -40.12 -6.21
CA LEU P 11 52.53 -39.75 -7.60
C LEU P 11 53.94 -40.14 -7.98
N PRO P 12 54.13 -41.33 -8.53
CA PRO P 12 55.41 -41.65 -9.19
C PRO P 12 55.55 -40.84 -10.47
N VAL P 13 56.49 -39.90 -10.50
CA VAL P 13 56.73 -39.04 -11.66
C VAL P 13 58.22 -39.03 -11.92
N SER P 14 58.62 -39.38 -13.14
CA SER P 14 60.03 -39.37 -13.52
C SER P 14 60.58 -37.95 -13.48
N LEU P 15 61.88 -37.85 -13.21
CA LEU P 15 62.55 -36.56 -13.05
C LEU P 15 62.57 -35.82 -14.38
N GLY P 16 62.04 -34.60 -14.37
CA GLY P 16 61.76 -33.86 -15.58
C GLY P 16 60.31 -33.92 -16.01
N GLY P 17 59.55 -34.90 -15.51
CA GLY P 17 58.15 -35.02 -15.83
C GLY P 17 57.31 -33.97 -15.13
N GLN P 18 56.01 -34.04 -15.39
CA GLN P 18 55.05 -33.09 -14.85
C GLN P 18 54.27 -33.71 -13.69
N ALA P 19 53.83 -32.85 -12.78
CA ALA P 19 53.05 -33.31 -11.63
C ALA P 19 52.04 -32.24 -11.25
N SER P 20 50.89 -32.69 -10.73
CA SER P 20 49.82 -31.79 -10.33
C SER P 20 49.05 -32.41 -9.17
N ILE P 21 48.80 -31.61 -8.13
CA ILE P 21 48.17 -32.07 -6.90
C ILE P 21 46.92 -31.24 -6.68
N SER P 22 45.79 -31.91 -6.48
CA SER P 22 44.51 -31.26 -6.30
C SER P 22 44.08 -31.30 -4.84
N CYS P 23 43.40 -30.24 -4.41
CA CYS P 23 42.84 -30.15 -3.07
C CYS P 23 41.44 -29.58 -3.13
N ARG P 24 40.61 -30.05 -2.20
CA ARG P 24 39.20 -29.68 -2.12
C ARG P 24 38.84 -29.38 -0.68
N SER P 25 38.08 -28.30 -0.50
CA SER P 25 37.62 -27.88 0.82
C SER P 25 36.15 -28.24 1.01
N SER P 26 35.68 -28.10 2.26
CA SER P 26 34.28 -28.30 2.57
C SER P 26 33.51 -26.99 2.65
N GLN P 27 34.18 -25.85 2.80
CA GLN P 27 33.57 -24.54 2.73
C GLN P 27 34.37 -23.68 1.77
N SER P 28 33.89 -22.45 1.57
CA SER P 28 34.70 -21.49 0.83
C SER P 28 35.86 -21.03 1.71
N VAL P 29 37.01 -20.78 1.08
CA VAL P 29 38.20 -20.36 1.79
C VAL P 29 38.27 -18.84 1.90
N VAL P 30 37.23 -18.14 1.45
CA VAL P 30 37.28 -16.69 1.29
C VAL P 30 37.18 -16.02 2.65
N TYR P 31 38.12 -15.12 2.93
CA TYR P 31 38.07 -14.28 4.12
C TYR P 31 37.55 -12.89 3.72
N SER P 32 37.24 -12.07 4.74
CA SER P 32 36.64 -10.75 4.56
C SER P 32 37.47 -9.81 3.70
N ASP P 33 38.80 -10.02 3.63
CA ASP P 33 39.64 -9.17 2.79
C ASP P 33 39.59 -9.53 1.31
N GLY P 34 38.88 -10.60 0.95
CA GLY P 34 38.83 -11.05 -0.42
C GLY P 34 39.95 -11.99 -0.81
N ASP P 35 41.02 -12.04 -0.03
CA ASP P 35 42.16 -12.91 -0.32
C ASP P 35 41.93 -14.22 0.40
N THR P 36 41.67 -15.28 -0.37
CA THR P 36 41.60 -16.61 0.21
C THR P 36 43.00 -17.04 0.62
N TYR P 37 43.11 -17.66 1.79
CA TYR P 37 44.40 -17.93 2.39
C TYR P 37 44.70 -19.41 2.26
N LEU P 38 45.40 -19.77 1.18
CA LEU P 38 45.86 -21.12 0.93
C LEU P 38 47.39 -21.13 0.90
N GLU P 39 47.98 -22.15 1.51
CA GLU P 39 49.43 -22.19 1.66
C GLU P 39 49.90 -23.60 1.31
N TRP P 40 50.58 -23.72 0.16
CA TRP P 40 51.19 -24.97 -0.29
C TRP P 40 52.57 -25.12 0.31
N TYR P 41 52.89 -26.32 0.79
CA TYR P 41 54.09 -26.52 1.61
C TYR P 41 55.00 -27.63 1.09
N LEU P 42 56.05 -27.87 1.87
CA LEU P 42 57.06 -28.90 1.68
C LEU P 42 57.11 -29.79 2.93
N GLN P 43 57.69 -30.98 2.76
CA GLN P 43 58.20 -31.77 3.87
C GLN P 43 59.19 -32.79 3.32
N LYS P 44 60.38 -32.82 3.91
CA LYS P 44 61.37 -33.84 3.63
C LYS P 44 61.71 -34.58 4.93
N PRO P 45 62.02 -35.88 4.86
CA PRO P 45 62.31 -36.63 6.09
C PRO P 45 63.62 -36.17 6.73
N GLY P 46 63.55 -35.91 8.03
CA GLY P 46 64.69 -35.35 8.74
C GLY P 46 64.79 -33.84 8.67
N GLN P 47 63.76 -33.15 8.14
CA GLN P 47 63.77 -31.71 8.05
C GLN P 47 62.42 -31.15 8.44
N SER P 48 62.39 -29.86 8.70
CA SER P 48 61.18 -29.12 9.02
C SER P 48 60.39 -28.82 7.75
N PRO P 49 59.07 -28.73 7.85
CA PRO P 49 58.28 -28.30 6.69
C PRO P 49 58.56 -26.85 6.32
N LYS P 50 58.44 -26.55 5.03
CA LYS P 50 58.80 -25.24 4.51
C LYS P 50 57.72 -24.76 3.56
N LEU P 51 57.77 -23.47 3.27
CA LEU P 51 56.81 -22.82 2.37
C LEU P 51 57.05 -23.24 0.93
N LEU P 52 55.97 -23.29 0.16
CA LEU P 52 56.05 -23.09 -1.29
C LEU P 52 55.26 -21.87 -1.73
N ILE P 53 53.98 -21.81 -1.42
CA ILE P 53 53.10 -20.72 -1.86
C ILE P 53 52.29 -20.26 -0.66
N TYR P 54 52.22 -18.95 -0.44
CA TYR P 54 51.51 -18.43 0.73
C TYR P 54 50.13 -17.86 0.40
N LYS P 55 49.70 -17.91 -0.85
CA LYS P 55 48.40 -17.40 -1.28
C LYS P 55 47.90 -18.30 -2.40
N VAL P 56 46.98 -17.78 -3.22
CA VAL P 56 46.44 -18.54 -4.34
C VAL P 56 47.54 -18.92 -5.32
N SER P 57 48.22 -17.90 -5.88
CA SER P 57 49.31 -18.15 -6.81
C SER P 57 50.51 -17.24 -6.52
N ARG P 58 50.55 -16.63 -5.34
CA ARG P 58 51.66 -15.77 -4.94
C ARG P 58 52.62 -16.62 -4.13
N ARG P 59 53.64 -17.12 -4.80
CA ARG P 59 54.61 -18.02 -4.20
C ARG P 59 55.59 -17.25 -3.31
N PHE P 60 56.22 -17.99 -2.40
CA PHE P 60 57.23 -17.40 -1.54
C PHE P 60 58.51 -17.11 -2.32
N SER P 61 59.21 -16.06 -1.90
CA SER P 61 60.48 -15.68 -2.51
C SER P 61 61.54 -16.73 -2.21
N GLY P 62 62.00 -17.43 -3.24
CA GLY P 62 62.93 -18.54 -3.07
C GLY P 62 62.46 -19.75 -3.84
N VAL P 63 61.45 -19.54 -4.66
CA VAL P 63 60.82 -20.60 -5.46
C VAL P 63 61.14 -20.33 -6.92
N PRO P 64 61.62 -21.33 -7.68
CA PRO P 64 61.91 -21.10 -9.11
C PRO P 64 60.67 -20.95 -9.98
N ASP P 65 60.87 -20.81 -11.27
CA ASP P 65 59.78 -20.51 -12.21
C ASP P 65 59.11 -21.77 -12.73
N ARG P 66 58.68 -22.65 -11.82
CA ARG P 66 58.03 -23.89 -12.20
C ARG P 66 56.74 -24.08 -11.41
N PHE P 67 56.76 -23.65 -10.15
CA PHE P 67 55.64 -23.85 -9.24
C PHE P 67 54.56 -22.80 -9.47
N SER P 68 53.31 -23.24 -9.43
CA SER P 68 52.19 -22.31 -9.49
C SER P 68 50.96 -22.93 -8.84
N GLY P 69 50.20 -22.11 -8.13
CA GLY P 69 48.91 -22.53 -7.64
C GLY P 69 47.79 -22.01 -8.54
N SER P 70 46.68 -22.74 -8.57
CA SER P 70 45.54 -22.33 -9.37
C SER P 70 44.27 -22.89 -8.73
N GLY P 71 43.13 -22.47 -9.25
CA GLY P 71 41.86 -22.94 -8.77
C GLY P 71 40.99 -21.80 -8.29
N SER P 72 39.81 -22.17 -7.77
CA SER P 72 38.81 -21.20 -7.37
C SER P 72 37.89 -21.79 -6.31
N GLY P 73 37.56 -20.98 -5.31
CA GLY P 73 36.42 -21.20 -4.46
C GLY P 73 36.62 -22.32 -3.46
N THR P 74 36.51 -23.54 -3.95
CA THR P 74 36.74 -24.74 -3.16
C THR P 74 37.69 -25.74 -3.79
N ASP P 75 37.95 -25.65 -5.10
CA ASP P 75 38.76 -26.63 -5.80
C ASP P 75 40.04 -25.97 -6.30
N PHE P 76 41.20 -26.53 -5.92
CA PHE P 76 42.48 -25.90 -6.19
C PHE P 76 43.48 -26.96 -6.64
N THR P 77 44.50 -26.52 -7.39
CA THR P 77 45.40 -27.44 -8.09
C THR P 77 46.78 -26.80 -8.21
N LEU P 78 47.81 -27.58 -7.92
CA LEU P 78 49.21 -27.17 -8.09
C LEU P 78 49.69 -27.54 -9.49
N LYS P 79 50.73 -26.83 -9.95
CA LYS P 79 51.29 -27.07 -11.27
C LYS P 79 52.81 -26.92 -11.21
N ILE P 80 53.51 -27.97 -11.62
CA ILE P 80 54.97 -28.03 -11.68
C ILE P 80 55.35 -28.51 -13.07
N SER P 81 56.27 -27.80 -13.72
CA SER P 81 56.71 -28.22 -15.05
C SER P 81 57.63 -29.44 -14.97
N ARG P 82 58.74 -29.30 -14.25
CA ARG P 82 59.75 -30.34 -14.19
C ARG P 82 60.02 -30.72 -12.74
N VAL P 83 60.02 -32.02 -12.47
CA VAL P 83 60.23 -32.54 -11.11
C VAL P 83 61.70 -32.77 -10.88
N GLU P 84 62.23 -32.23 -9.78
CA GLU P 84 63.62 -32.35 -9.41
C GLU P 84 63.78 -33.29 -8.22
N THR P 85 65.04 -33.53 -7.86
CA THR P 85 65.33 -34.21 -6.60
C THR P 85 65.04 -33.30 -5.41
N GLU P 86 65.22 -31.99 -5.58
CA GLU P 86 64.80 -31.04 -4.56
C GLU P 86 63.29 -30.90 -4.50
N ASP P 87 62.59 -31.22 -5.60
CA ASP P 87 61.15 -31.13 -5.66
C ASP P 87 60.45 -32.40 -5.20
N LEU P 88 61.19 -33.34 -4.61
CA LEU P 88 60.64 -34.59 -4.10
C LEU P 88 60.00 -34.35 -2.73
N GLY P 89 59.64 -35.42 -2.05
CA GLY P 89 59.12 -35.34 -0.71
C GLY P 89 57.60 -35.31 -0.67
N VAL P 90 57.09 -34.74 0.43
CA VAL P 90 55.65 -34.68 0.69
C VAL P 90 55.21 -33.24 0.53
N TYR P 91 54.09 -33.02 -0.16
CA TYR P 91 53.49 -31.70 -0.27
C TYR P 91 52.19 -31.65 0.52
N TYR P 92 51.74 -30.42 0.78
CA TYR P 92 50.59 -30.16 1.64
C TYR P 92 49.83 -28.94 1.17
N CYS P 93 48.50 -29.02 1.28
CA CYS P 93 47.58 -27.90 1.28
C CYS P 93 47.30 -27.45 2.72
N PHE P 94 46.78 -26.23 2.84
CA PHE P 94 46.54 -25.61 4.13
C PHE P 94 45.63 -24.41 3.97
N GLN P 95 44.72 -24.24 4.94
CA GLN P 95 43.87 -23.06 5.00
C GLN P 95 44.33 -22.16 6.13
N GLY P 96 44.60 -20.90 5.81
CA GLY P 96 44.76 -19.87 6.81
C GLY P 96 43.54 -18.97 6.81
N SER P 97 42.43 -19.51 6.33
CA SER P 97 41.20 -18.75 6.13
C SER P 97 40.57 -18.31 7.44
N HIS P 98 40.17 -19.27 8.26
CA HIS P 98 39.56 -18.96 9.54
C HIS P 98 39.74 -20.12 10.50
N VAL P 99 39.80 -19.78 11.78
CA VAL P 99 40.00 -20.74 12.88
C VAL P 99 38.82 -21.69 12.93
N PRO P 100 39.03 -23.01 13.04
CA PRO P 100 40.31 -23.73 13.14
C PRO P 100 40.98 -23.93 11.81
N TYR P 101 42.32 -24.02 11.84
CA TYR P 101 43.08 -24.24 10.63
C TYR P 101 43.19 -25.73 10.37
N THR P 102 43.23 -26.10 9.10
CA THR P 102 43.34 -27.49 8.71
C THR P 102 44.44 -27.66 7.67
N PHE P 103 45.12 -28.79 7.74
CA PHE P 103 46.06 -29.21 6.72
C PHE P 103 45.39 -30.23 5.81
N GLY P 104 46.16 -30.81 4.91
CA GLY P 104 45.68 -31.86 4.03
C GLY P 104 46.02 -33.24 4.55
N GLY P 105 46.38 -34.13 3.63
CA GLY P 105 46.71 -35.50 4.00
C GLY P 105 48.08 -35.94 3.54
N GLY P 106 48.84 -35.05 2.91
CA GLY P 106 50.18 -35.38 2.50
C GLY P 106 50.25 -36.07 1.15
N THR P 107 51.10 -35.57 0.26
CA THR P 107 51.27 -36.17 -1.07
C THR P 107 52.75 -36.48 -1.30
N LYS P 108 53.07 -37.76 -1.47
CA LYS P 108 54.44 -38.19 -1.71
C LYS P 108 54.73 -38.22 -3.20
N LEU P 109 55.82 -37.57 -3.61
CA LEU P 109 56.28 -37.58 -4.99
C LEU P 109 57.46 -38.54 -5.10
N GLU P 110 57.33 -39.54 -5.96
CA GLU P 110 58.39 -40.50 -6.25
C GLU P 110 58.71 -40.50 -7.74
N ILE P 111 59.66 -41.35 -8.12
CA ILE P 111 60.17 -41.42 -9.48
C ILE P 111 59.67 -42.71 -10.12
N LYS P 112 59.25 -42.60 -11.38
CA LYS P 112 58.87 -43.78 -12.15
C LYS P 112 60.08 -44.66 -12.42
N ARG P 113 59.87 -45.97 -12.30
CA ARG P 113 60.92 -46.94 -12.59
C ARG P 113 60.33 -48.27 -13.07
N ALA Q 1 -0.89 7.21 50.53
CA ALA Q 1 -0.03 6.04 50.63
C ALA Q 1 1.12 6.12 49.63
N VAL Q 2 0.92 6.90 48.57
CA VAL Q 2 1.98 7.07 47.59
C VAL Q 2 2.96 8.15 48.04
N GLY Q 3 2.50 9.12 48.81
CA GLY Q 3 3.39 10.21 49.20
C GLY Q 3 3.43 11.32 48.18
N ILE Q 4 3.59 12.54 48.68
CA ILE Q 4 3.64 13.71 47.80
C ILE Q 4 4.97 13.80 47.07
N GLY Q 5 6.06 13.39 47.73
CA GLY Q 5 7.36 13.44 47.09
C GLY Q 5 7.55 12.45 45.97
N ALA Q 6 6.81 11.35 45.98
CA ALA Q 6 6.91 10.36 44.91
C ALA Q 6 6.36 10.90 43.60
N VAL Q 7 5.17 11.50 43.66
CA VAL Q 7 4.63 12.15 42.46
C VAL Q 7 5.28 13.50 42.20
N PHE Q 8 6.04 14.03 43.16
CA PHE Q 8 6.91 15.16 42.87
C PHE Q 8 8.03 14.75 41.93
N LEU Q 9 8.54 13.53 42.09
CA LEU Q 9 9.65 13.03 41.29
C LEU Q 9 9.20 12.41 39.98
N GLY Q 10 7.92 12.53 39.62
CA GLY Q 10 7.43 12.04 38.36
C GLY Q 10 7.74 13.00 37.23
N PHE Q 11 7.20 12.67 36.06
CA PHE Q 11 7.38 13.49 34.88
C PHE Q 11 6.54 14.76 35.00
N LEU Q 12 7.19 15.92 34.79
CA LEU Q 12 6.61 17.25 34.97
C LEU Q 12 6.07 17.47 36.39
N GLY Q 13 6.68 16.81 37.37
CA GLY Q 13 6.17 16.88 38.72
C GLY Q 13 6.43 18.16 39.45
N ALA Q 14 7.28 19.04 38.90
CA ALA Q 14 7.65 20.27 39.57
C ALA Q 14 7.27 21.51 38.77
N ALA Q 15 6.27 21.39 37.90
CA ALA Q 15 5.91 22.51 37.05
C ALA Q 15 5.23 23.65 37.81
N GLY Q 16 4.69 23.37 38.98
CA GLY Q 16 4.13 24.43 39.80
C GLY Q 16 5.03 24.81 40.95
N SER Q 17 6.11 24.06 41.13
CA SER Q 17 7.08 24.34 42.17
C SER Q 17 7.93 25.54 41.78
N THR Q 18 8.68 26.05 42.77
CA THR Q 18 9.64 27.10 42.48
C THR Q 18 10.80 26.54 41.66
N MET Q 19 11.37 27.39 40.81
CA MET Q 19 12.40 26.93 39.89
C MET Q 19 13.69 26.57 40.60
N GLY Q 20 13.93 27.14 41.79
CA GLY Q 20 15.01 26.65 42.63
C GLY Q 20 14.76 25.24 43.12
N ALA Q 21 13.52 24.94 43.49
CA ALA Q 21 13.17 23.58 43.90
C ALA Q 21 12.98 22.68 42.69
N ALA Q 22 12.57 23.24 41.56
CA ALA Q 22 12.44 22.45 40.34
C ALA Q 22 13.79 22.09 39.74
N SER Q 23 14.84 22.82 40.11
CA SER Q 23 16.18 22.53 39.60
C SER Q 23 16.75 21.23 40.13
N MET Q 24 16.22 20.71 41.25
CA MET Q 24 16.73 19.47 41.83
C MET Q 24 16.40 18.27 40.95
N THR Q 25 15.32 18.34 40.18
CA THR Q 25 14.92 17.25 39.30
C THR Q 25 14.75 17.76 37.87
N LEU Q 26 15.81 17.62 37.09
CA LEU Q 26 15.74 17.90 35.66
C LEU Q 26 15.95 16.67 34.82
N THR Q 27 16.53 15.61 35.37
CA THR Q 27 16.79 14.40 34.61
C THR Q 27 15.52 13.64 34.26
N VAL Q 28 14.44 13.84 35.02
CA VAL Q 28 13.19 13.14 34.74
C VAL Q 28 12.55 13.69 33.48
N GLN Q 29 12.51 15.02 33.33
CA GLN Q 29 11.99 15.62 32.11
C GLN Q 29 12.92 15.38 30.93
N ALA Q 30 14.22 15.23 31.20
CA ALA Q 30 15.16 14.94 30.12
C ALA Q 30 15.12 13.48 29.70
N ARG Q 31 14.59 12.59 30.54
CA ARG Q 31 14.57 11.18 30.17
C ARG Q 31 13.31 10.79 29.42
N ASN Q 32 12.15 11.29 29.84
CA ASN Q 32 10.90 11.03 29.10
C ASN Q 32 10.70 12.05 27.99
N LEU Q 33 11.75 12.20 27.19
CA LEU Q 33 11.85 13.10 26.06
C LEU Q 33 12.47 12.40 24.87
N LEU Q 34 13.03 11.21 25.08
CA LEU Q 34 13.68 10.45 24.03
C LEU Q 34 12.98 9.13 23.74
N SER Q 35 12.79 8.29 24.76
CA SER Q 35 12.30 6.93 24.55
C SER Q 35 10.78 6.88 24.56
N GLY Q 36 10.18 7.29 25.66
CA GLY Q 36 8.73 7.21 25.81
C GLY Q 36 8.34 6.47 27.08
N THR Q 58 -1.05 -1.17 8.99
CA THR Q 58 -0.23 -1.32 7.81
C THR Q 58 0.22 0.05 7.26
N VAL Q 59 -0.52 1.09 7.62
CA VAL Q 59 -0.21 2.47 7.24
C VAL Q 59 0.26 3.18 8.50
N TRP Q 60 -0.24 2.72 9.64
CA TRP Q 60 0.05 3.31 10.94
C TRP Q 60 1.52 3.20 11.34
N GLY Q 61 2.25 2.23 10.78
CA GLY Q 61 3.67 2.13 11.02
C GLY Q 61 4.42 3.34 10.51
N ILE Q 62 3.96 3.92 9.40
CA ILE Q 62 4.58 5.13 8.87
C ILE Q 62 4.33 6.32 9.81
N LYS Q 63 3.13 6.40 10.39
CA LYS Q 63 2.82 7.51 11.29
C LYS Q 63 3.61 7.41 12.59
N GLN Q 64 3.67 6.21 13.18
CA GLN Q 64 4.48 6.05 14.38
C GLN Q 64 5.97 6.17 14.09
N LEU Q 65 6.38 5.81 12.87
CA LEU Q 65 7.78 5.88 12.52
C LEU Q 65 8.21 7.33 12.34
N GLN Q 66 7.34 8.17 11.75
CA GLN Q 66 7.69 9.57 11.62
C GLN Q 66 7.56 10.31 12.94
N ALA Q 67 6.70 9.83 13.85
CA ALA Q 67 6.69 10.39 15.19
C ALA Q 67 7.99 10.09 15.94
N ARG Q 68 8.49 8.85 15.82
CA ARG Q 68 9.74 8.49 16.47
C ARG Q 68 10.93 9.25 15.89
N VAL Q 69 10.96 9.44 14.57
CA VAL Q 69 12.10 10.19 14.04
C VAL Q 69 11.97 11.67 14.29
N LEU Q 70 10.75 12.20 14.47
CA LEU Q 70 10.61 13.59 14.91
C LEU Q 70 11.13 13.75 16.32
N ALA Q 71 10.87 12.77 17.19
CA ALA Q 71 11.35 12.82 18.56
C ALA Q 71 12.88 12.78 18.61
N VAL Q 72 13.49 11.86 17.87
CA VAL Q 72 14.95 11.77 17.96
C VAL Q 72 15.62 12.93 17.23
N GLU Q 73 14.97 13.49 16.20
CA GLU Q 73 15.57 14.60 15.49
C GLU Q 73 15.49 15.88 16.31
N ARG Q 74 14.41 16.06 17.06
CA ARG Q 74 14.31 17.20 17.96
C ARG Q 74 15.28 17.07 19.13
N TYR Q 75 15.48 15.84 19.63
CA TYR Q 75 16.47 15.62 20.68
C TYR Q 75 17.88 15.91 20.18
N LEU Q 76 18.15 15.58 18.92
CA LEU Q 76 19.46 15.88 18.36
C LEU Q 76 19.64 17.37 18.10
N ARG Q 77 18.58 18.08 17.72
CA ARG Q 77 18.66 19.54 17.60
C ARG Q 77 18.97 20.18 18.94
N ASP Q 78 18.34 19.68 20.01
CA ASP Q 78 18.61 20.23 21.33
C ASP Q 78 20.02 19.88 21.81
N GLN Q 79 20.48 18.66 21.58
CA GLN Q 79 21.83 18.31 21.98
C GLN Q 79 22.88 19.02 21.13
N GLN Q 80 22.55 19.40 19.91
CA GLN Q 80 23.50 20.18 19.13
C GLN Q 80 23.55 21.62 19.62
N LEU Q 81 22.39 22.19 19.96
CA LEU Q 81 22.39 23.54 20.52
C LEU Q 81 23.09 23.60 21.86
N LEU Q 82 23.07 22.50 22.63
CA LEU Q 82 23.98 22.44 23.76
C LEU Q 82 25.42 22.32 23.31
N GLY Q 83 25.68 21.47 22.32
CA GLY Q 83 27.05 21.14 21.95
C GLY Q 83 27.81 22.28 21.31
N ILE Q 84 27.10 23.21 20.66
CA ILE Q 84 27.75 24.41 20.14
C ILE Q 84 28.02 25.44 21.22
N TRP Q 85 27.45 25.26 22.40
CA TRP Q 85 27.77 26.04 23.58
C TRP Q 85 28.83 25.26 24.37
N GLY Q 86 29.07 25.68 25.61
CA GLY Q 86 30.18 25.12 26.38
C GLY Q 86 29.99 23.70 26.84
N CYS Q 87 28.76 23.22 26.92
CA CYS Q 87 28.49 21.97 27.61
C CYS Q 87 27.88 20.95 26.68
N SER Q 88 28.42 19.74 26.72
CA SER Q 88 27.89 18.67 25.88
C SER Q 88 26.89 17.81 26.64
N GLY Q 89 27.25 17.38 27.85
CA GLY Q 89 26.36 16.54 28.62
C GLY Q 89 26.34 16.87 30.10
N LYS Q 90 26.58 18.12 30.45
CA LYS Q 90 26.69 18.49 31.86
C LYS Q 90 25.33 18.63 32.53
N LEU Q 91 24.32 19.06 31.75
CA LEU Q 91 22.90 19.25 32.10
C LEU Q 91 22.67 20.48 32.98
N ILE Q 92 23.74 21.05 33.53
CA ILE Q 92 23.77 22.33 34.21
C ILE Q 92 25.03 23.02 33.72
N CYS Q 93 24.89 24.19 33.11
CA CYS Q 93 25.99 24.74 32.34
C CYS Q 93 26.30 26.14 32.79
N CYS Q 94 27.38 26.29 33.56
CA CYS Q 94 27.97 27.61 33.77
C CYS Q 94 28.53 28.11 32.45
N THR Q 95 28.39 29.41 32.19
CA THR Q 95 28.98 30.01 31.00
C THR Q 95 29.36 31.44 31.30
N ASN Q 96 29.86 32.14 30.28
CA ASN Q 96 30.61 33.37 30.47
C ASN Q 96 30.07 34.49 29.59
N VAL Q 97 28.77 34.76 29.66
CA VAL Q 97 28.20 36.01 29.18
C VAL Q 97 27.40 36.61 30.32
N PRO Q 98 27.57 37.89 30.62
CA PRO Q 98 26.86 38.48 31.75
C PRO Q 98 25.38 38.69 31.44
N TRP Q 99 24.57 38.54 32.46
CA TRP Q 99 23.14 38.77 32.33
C TRP Q 99 22.89 40.26 32.19
N ASN Q 100 22.51 40.71 31.00
CA ASN Q 100 22.07 42.08 30.80
C ASN Q 100 20.80 42.29 31.61
N SER Q 101 20.87 43.16 32.63
CA SER Q 101 19.78 43.29 33.58
C SER Q 101 18.55 43.97 32.99
N SER Q 102 18.66 44.54 31.79
CA SER Q 102 17.48 45.03 31.10
C SER Q 102 16.59 43.91 30.58
N TRP Q 103 17.06 42.67 30.59
CA TRP Q 103 16.28 41.56 30.09
C TRP Q 103 15.13 41.20 31.02
N SER Q 104 15.39 41.23 32.34
CA SER Q 104 14.38 40.82 33.30
C SER Q 104 14.20 41.75 34.49
N ASN Q 105 15.21 42.55 34.86
CA ASN Q 105 15.32 43.49 35.99
C ASN Q 105 14.68 43.02 37.30
N ARG Q 106 14.86 41.75 37.62
CA ARG Q 106 14.36 41.16 38.85
C ARG Q 106 15.54 40.76 39.75
N ASN Q 107 15.27 40.69 41.05
CA ASN Q 107 16.27 40.27 42.00
C ASN Q 107 16.49 38.76 41.87
N LEU Q 108 17.57 38.27 42.50
CA LEU Q 108 17.94 36.87 42.40
C LEU Q 108 17.03 36.00 43.25
N SER Q 109 16.95 36.32 44.54
CA SER Q 109 16.19 35.50 45.48
C SER Q 109 14.68 35.61 45.28
N GLU Q 110 14.20 36.59 44.53
CA GLU Q 110 12.79 36.61 44.20
C GLU Q 110 12.47 35.67 43.04
N ILE Q 111 13.40 35.46 42.10
CA ILE Q 111 13.09 34.55 41.01
C ILE Q 111 13.42 33.11 41.35
N TRP Q 112 14.37 32.87 42.25
CA TRP Q 112 14.61 31.47 42.59
C TRP Q 112 13.68 30.95 43.67
N ASP Q 113 12.86 31.81 44.25
CA ASP Q 113 11.91 31.39 45.28
C ASP Q 113 10.48 31.81 45.01
N ASN Q 114 10.22 32.61 43.98
CA ASN Q 114 8.86 33.08 43.70
C ASN Q 114 8.23 32.29 42.56
N MET Q 115 8.85 32.31 41.39
CA MET Q 115 8.18 31.89 40.16
C MET Q 115 8.50 30.46 39.79
N THR Q 116 7.64 29.90 38.95
CA THR Q 116 7.86 28.60 38.34
C THR Q 116 8.69 28.79 37.08
N TRP Q 117 8.83 27.72 36.29
CA TRP Q 117 9.47 27.87 35.00
C TRP Q 117 8.49 28.35 33.94
N LEU Q 118 7.23 27.90 34.03
CA LEU Q 118 6.19 28.37 33.12
C LEU Q 118 5.98 29.88 33.24
N GLN Q 119 6.10 30.41 34.44
CA GLN Q 119 5.92 31.84 34.62
C GLN Q 119 7.15 32.62 34.16
N TRP Q 120 8.32 31.98 34.17
CA TRP Q 120 9.55 32.65 33.77
C TRP Q 120 9.72 32.72 32.26
N ASP Q 121 9.21 31.71 31.56
CA ASP Q 121 9.41 31.63 30.11
C ASP Q 121 8.67 32.73 29.39
N LYS Q 122 7.46 33.08 29.86
CA LYS Q 122 6.75 34.21 29.29
C LYS Q 122 7.44 35.53 29.59
N GLU Q 123 8.19 35.59 30.70
CA GLU Q 123 8.96 36.79 30.98
C GLU Q 123 10.20 36.89 30.12
N ILE Q 124 10.73 35.77 29.63
CA ILE Q 124 11.93 35.84 28.80
C ILE Q 124 11.69 35.36 27.37
N SER Q 125 10.44 35.17 26.96
CA SER Q 125 10.18 34.76 25.59
C SER Q 125 10.51 35.88 24.60
N ASN Q 126 10.34 37.13 25.02
CA ASN Q 126 10.63 38.25 24.14
C ASN Q 126 12.13 38.43 23.95
N TYR Q 127 12.91 38.21 24.99
CA TYR Q 127 14.36 38.37 24.94
C TYR Q 127 14.98 36.98 24.87
N THR Q 128 14.95 36.41 23.67
CA THR Q 128 15.55 35.12 23.36
C THR Q 128 15.89 35.20 21.89
N GLN Q 129 16.88 34.41 21.46
CA GLN Q 129 17.65 34.38 20.22
C GLN Q 129 18.68 35.52 20.20
N ILE Q 130 18.60 36.46 21.13
CA ILE Q 130 19.75 37.29 21.46
C ILE Q 130 20.70 36.51 22.35
N ILE Q 131 20.15 35.81 23.34
CA ILE Q 131 20.93 35.05 24.31
C ILE Q 131 21.66 33.90 23.63
N TYR Q 132 21.02 33.27 22.65
CA TYR Q 132 21.63 32.12 21.99
C TYR Q 132 22.79 32.56 21.11
N GLY Q 133 22.64 33.70 20.44
CA GLY Q 133 23.74 34.25 19.66
C GLY Q 133 24.89 34.72 20.52
N LEU Q 134 24.58 35.26 21.69
CA LEU Q 134 25.64 35.64 22.63
C LEU Q 134 26.38 34.43 23.16
N LEU Q 135 25.67 33.32 23.38
CA LEU Q 135 26.32 32.08 23.81
C LEU Q 135 27.22 31.52 22.73
N GLU Q 136 26.79 31.57 21.46
CA GLU Q 136 27.63 31.08 20.38
C GLU Q 136 28.86 31.95 20.18
N GLU Q 137 28.70 33.27 20.33
CA GLU Q 137 29.84 34.17 20.25
C GLU Q 137 30.82 33.92 21.38
N SER Q 138 30.29 33.67 22.59
CA SER Q 138 31.15 33.36 23.73
C SER Q 138 31.92 32.07 23.53
N GLN Q 139 31.26 31.07 22.94
CA GLN Q 139 31.95 29.79 22.74
C GLN Q 139 32.99 29.89 21.62
N ASN Q 140 32.70 30.67 20.57
CA ASN Q 140 33.69 30.88 19.52
C ASN Q 140 34.90 31.64 20.06
N GLN Q 141 34.66 32.63 20.91
CA GLN Q 141 35.75 33.38 21.54
C GLN Q 141 36.55 32.50 22.49
N GLN Q 142 35.88 31.62 23.22
CA GLN Q 142 36.56 30.71 24.13
C GLN Q 142 37.40 29.69 23.38
N GLU Q 143 36.90 29.20 22.25
CA GLU Q 143 37.66 28.23 21.46
C GLU Q 143 38.88 28.87 20.81
N LYS Q 144 38.75 30.11 20.31
CA LYS Q 144 39.93 30.73 19.73
C LYS Q 144 40.94 31.16 20.81
N ASN Q 145 40.48 31.53 22.00
CA ASN Q 145 41.40 31.86 23.08
C ASN Q 145 42.12 30.62 23.59
N GLU Q 146 41.40 29.49 23.69
CA GLU Q 146 42.04 28.24 24.07
C GLU Q 146 43.00 27.75 22.99
N GLN Q 147 42.66 28.00 21.71
CA GLN Q 147 43.57 27.66 20.62
C GLN Q 147 44.85 28.48 20.71
N ASP Q 148 44.75 29.77 21.01
CA ASP Q 148 45.94 30.60 21.16
C ASP Q 148 46.75 30.19 22.39
N LEU Q 149 46.07 29.84 23.49
CA LEU Q 149 46.75 29.46 24.72
C LEU Q 149 47.51 28.16 24.55
N LEU Q 150 46.90 27.16 23.93
CA LEU Q 150 47.61 25.93 23.63
C LEU Q 150 48.55 26.06 22.45
N ALA Q 151 48.44 27.16 21.69
CA ALA Q 151 49.39 27.42 20.61
C ALA Q 151 50.71 27.96 21.15
N LEU Q 152 50.66 28.90 22.08
CA LEU Q 152 51.91 29.44 22.62
C LEU Q 152 52.58 28.49 23.60
N ASP Q 153 51.87 27.46 24.09
CA ASP Q 153 52.47 26.49 24.97
C ASP Q 153 53.21 25.41 24.18
N ALA R 1 28.90 39.76 42.91
CA ALA R 1 27.59 39.14 43.08
C ALA R 1 26.56 39.77 42.16
N GLU R 2 26.65 41.11 42.01
CA GLU R 2 25.76 41.83 41.12
C GLU R 2 26.05 41.55 39.65
N ASN R 3 27.22 41.04 39.34
CA ASN R 3 27.55 40.56 37.99
C ASN R 3 26.94 39.18 37.81
N LEU R 4 25.63 39.17 37.56
CA LEU R 4 24.91 37.92 37.37
C LEU R 4 25.27 37.31 36.02
N TRP R 5 25.52 36.00 36.02
CA TRP R 5 25.87 35.29 34.82
C TRP R 5 24.71 34.39 34.41
N VAL R 6 24.62 34.11 33.14
CA VAL R 6 23.53 33.26 32.68
C VAL R 6 23.99 31.82 32.77
N THR R 7 23.03 30.91 32.95
CA THR R 7 23.26 29.47 32.90
C THR R 7 22.08 28.81 32.22
N VAL R 8 22.35 27.87 31.33
CA VAL R 8 21.25 27.15 30.70
C VAL R 8 20.94 25.93 31.55
N TYR R 9 19.71 25.44 31.42
CA TYR R 9 19.22 24.30 32.18
C TYR R 9 18.48 23.41 31.21
N TYR R 10 18.95 22.19 31.00
CA TYR R 10 18.33 21.27 30.06
C TYR R 10 17.41 20.33 30.82
N GLY R 11 16.22 20.11 30.27
CA GLY R 11 15.26 19.22 30.91
C GLY R 11 14.34 19.96 31.84
N VAL R 12 13.89 21.13 31.42
CA VAL R 12 13.14 22.06 32.25
C VAL R 12 11.65 21.81 32.04
N PRO R 13 10.84 21.68 33.09
CA PRO R 13 9.39 21.59 32.88
C PRO R 13 8.78 22.92 32.48
N VAL R 14 8.53 23.06 31.18
CA VAL R 14 7.84 24.20 30.60
C VAL R 14 7.38 23.77 29.21
N TRP R 15 6.17 24.18 28.84
CA TRP R 15 5.57 23.68 27.62
C TRP R 15 4.81 24.77 26.90
N LYS R 16 4.47 24.48 25.65
CA LYS R 16 3.48 25.22 24.89
C LYS R 16 2.53 24.22 24.22
N ASP R 17 1.46 24.75 23.65
CA ASP R 17 0.50 23.89 22.97
C ASP R 17 1.06 23.46 21.63
N ALA R 18 0.58 22.31 21.15
CA ALA R 18 1.07 21.78 19.88
C ALA R 18 0.00 20.92 19.24
N GLU R 19 0.24 20.58 17.98
CA GLU R 19 -0.65 19.72 17.20
C GLU R 19 0.20 18.63 16.60
N THR R 20 0.04 17.41 17.09
CA THR R 20 0.79 16.28 16.60
C THR R 20 -0.14 15.09 16.46
N THR R 21 0.32 14.07 15.76
CA THR R 21 -0.43 12.83 15.68
C THR R 21 -0.25 12.05 16.97
N LEU R 22 -1.33 11.52 17.49
CA LEU R 22 -1.26 10.70 18.69
C LEU R 22 -1.25 9.24 18.26
N PHE R 23 -1.25 8.36 19.24
CA PHE R 23 -1.05 6.95 18.99
C PHE R 23 -2.05 6.13 19.78
N CYS R 24 -2.81 5.29 19.09
CA CYS R 24 -3.85 4.49 19.72
C CYS R 24 -3.24 3.29 20.41
N ALA R 25 -3.94 2.81 21.43
CA ALA R 25 -3.58 1.59 22.14
C ALA R 25 -4.81 1.14 22.89
N SER R 26 -5.16 -0.13 22.78
CA SER R 26 -6.33 -0.65 23.47
C SER R 26 -5.93 -1.66 24.52
N ASP R 27 -6.90 -2.07 25.33
CA ASP R 27 -6.65 -2.89 26.51
C ASP R 27 -6.29 -4.31 26.12
N ALA R 28 -5.52 -4.97 26.99
CA ALA R 28 -4.94 -6.28 26.69
C ALA R 28 -5.98 -7.38 26.63
N LYS R 29 -7.15 -7.20 27.25
CA LYS R 29 -8.22 -8.19 27.13
C LYS R 29 -8.78 -8.24 25.72
N ALA R 30 -8.76 -7.11 25.00
CA ALA R 30 -9.09 -7.13 23.58
C ALA R 30 -8.01 -7.83 22.77
N TYR R 31 -6.76 -7.80 23.24
CA TYR R 31 -5.68 -8.54 22.60
C TYR R 31 -5.65 -10.02 22.98
N GLU R 32 -6.41 -10.41 24.00
CA GLU R 32 -6.53 -11.83 24.32
C GLU R 32 -7.27 -12.59 23.21
N THR R 33 -8.19 -11.93 22.52
CA THR R 33 -8.82 -12.48 21.33
C THR R 33 -8.10 -11.90 20.11
N GLU R 34 -7.99 -12.69 19.05
CA GLU R 34 -6.98 -12.47 18.03
C GLU R 34 -7.59 -12.42 16.63
N LYS R 35 -6.76 -11.93 15.70
CA LYS R 35 -6.91 -12.08 14.25
C LYS R 35 -8.21 -11.47 13.72
N HIS R 36 -8.27 -10.14 13.84
CA HIS R 36 -9.23 -9.29 13.12
C HIS R 36 -10.68 -9.57 13.54
N ASN R 37 -10.89 -9.85 14.83
CA ASN R 37 -12.24 -9.95 15.35
C ASN R 37 -12.97 -8.62 15.25
N VAL R 38 -12.29 -7.53 15.63
CA VAL R 38 -12.72 -6.16 15.43
C VAL R 38 -11.54 -5.39 14.86
N TRP R 39 -11.77 -4.11 14.58
CA TRP R 39 -10.72 -3.29 14.02
C TRP R 39 -9.64 -2.96 15.04
N ALA R 40 -8.44 -2.71 14.52
CA ALA R 40 -7.25 -2.29 15.26
C ALA R 40 -6.86 -3.28 16.37
N THR R 41 -7.01 -4.57 16.11
CA THR R 41 -6.26 -5.54 16.91
C THR R 41 -4.81 -5.59 16.50
N HIS R 42 -4.48 -5.07 15.31
CA HIS R 42 -3.11 -4.97 14.83
C HIS R 42 -2.65 -3.53 14.66
N ALA R 43 -3.58 -2.59 14.47
CA ALA R 43 -3.24 -1.20 14.21
C ALA R 43 -2.84 -0.44 15.46
N CYS R 44 -3.12 -0.96 16.65
CA CYS R 44 -2.73 -0.35 17.91
C CYS R 44 -1.80 -1.29 18.64
N VAL R 45 -1.12 -0.78 19.66
CA VAL R 45 -0.23 -1.61 20.48
C VAL R 45 -1.03 -2.04 21.71
N PRO R 46 -0.68 -3.14 22.36
CA PRO R 46 -1.16 -3.35 23.73
C PRO R 46 -0.57 -2.32 24.68
N THR R 47 -1.41 -1.84 25.59
CA THR R 47 -0.99 -0.79 26.51
C THR R 47 0.03 -1.32 27.50
N ASP R 48 1.00 -0.49 27.82
CA ASP R 48 1.61 -0.59 29.13
C ASP R 48 0.52 -0.34 30.14
N PRO R 49 0.34 -1.22 31.14
CA PRO R 49 -0.78 -1.04 32.07
C PRO R 49 -0.59 0.14 33.01
N ASN R 50 -1.58 0.36 33.90
CA ASN R 50 -1.71 1.31 35.01
C ASN R 50 -1.05 2.66 34.74
N PRO R 51 -1.58 3.44 33.78
CA PRO R 51 -0.83 4.59 33.25
C PRO R 51 -0.63 5.69 34.27
N GLN R 52 0.54 6.31 34.19
CA GLN R 52 1.00 7.24 35.22
C GLN R 52 0.18 8.52 35.17
N GLU R 53 -0.87 8.56 35.98
CA GLU R 53 -1.69 9.76 36.13
C GLU R 53 -1.23 10.40 37.42
N ILE R 54 -0.29 11.33 37.31
CA ILE R 54 0.32 11.95 38.47
C ILE R 54 -0.14 13.39 38.56
N HIS R 55 -0.43 13.81 39.79
CA HIS R 55 -1.01 15.12 40.01
C HIS R 55 0.05 16.19 39.82
N LEU R 56 -0.40 17.39 39.53
CA LEU R 56 0.48 18.50 39.20
C LEU R 56 -0.13 19.73 39.82
N GLU R 57 0.61 20.41 40.68
CA GLU R 57 0.03 21.42 41.56
C GLU R 57 0.31 22.83 41.07
N ASN R 58 -0.47 23.78 41.60
CA ASN R 58 -0.24 25.22 41.51
C ASN R 58 -0.16 25.71 40.06
N VAL R 59 -1.06 25.20 39.24
CA VAL R 59 -0.93 25.28 37.79
C VAL R 59 -2.29 25.69 37.23
N THR R 60 -2.27 26.56 36.22
CA THR R 60 -3.49 27.09 35.64
C THR R 60 -3.32 27.08 34.12
N GLU R 61 -3.72 25.97 33.51
CA GLU R 61 -3.70 25.85 32.06
C GLU R 61 -5.11 26.05 31.54
N GLU R 62 -5.27 27.02 30.65
CA GLU R 62 -6.59 27.25 30.06
C GLU R 62 -6.86 26.17 29.02
N PHE R 63 -8.04 25.59 29.07
CA PHE R 63 -8.39 24.55 28.11
C PHE R 63 -9.42 25.13 27.14
N ASN R 64 -9.69 24.37 26.09
CA ASN R 64 -10.70 24.73 25.10
C ASN R 64 -11.08 23.45 24.39
N MET R 65 -12.29 22.95 24.62
CA MET R 65 -12.68 21.74 23.90
C MET R 65 -13.13 22.04 22.48
N TRP R 66 -13.40 23.29 22.15
CA TRP R 66 -14.02 23.59 20.86
C TRP R 66 -12.99 23.82 19.77
N LYS R 67 -11.91 24.52 20.08
CA LYS R 67 -10.75 24.58 19.20
C LYS R 67 -9.73 23.53 19.55
N ASN R 68 -10.15 22.46 20.23
CA ASN R 68 -9.27 21.37 20.59
C ASN R 68 -8.86 20.59 19.34
N ASN R 69 -7.62 20.12 19.33
CA ASN R 69 -7.24 19.13 18.35
C ASN R 69 -7.48 17.76 19.00
N MET R 70 -6.99 16.69 18.35
CA MET R 70 -7.10 15.26 18.69
C MET R 70 -8.54 14.74 18.67
N VAL R 71 -9.51 15.61 18.41
CA VAL R 71 -10.88 15.22 18.14
C VAL R 71 -11.06 15.36 16.65
N GLU R 72 -10.29 16.27 16.05
CA GLU R 72 -10.23 16.36 14.60
C GLU R 72 -9.55 15.14 14.02
N GLN R 73 -8.39 14.77 14.58
CA GLN R 73 -7.67 13.65 14.00
C GLN R 73 -8.29 12.33 14.38
N MET R 74 -9.03 12.25 15.49
CA MET R 74 -9.76 11.02 15.78
C MET R 74 -10.93 10.83 14.82
N HIS R 75 -11.63 11.92 14.50
CA HIS R 75 -12.67 11.87 13.48
C HIS R 75 -12.10 11.53 12.10
N THR R 76 -10.86 11.92 11.83
CA THR R 76 -10.22 11.44 10.60
C THR R 76 -9.85 9.97 10.70
N ASP R 77 -9.32 9.54 11.85
CA ASP R 77 -8.76 8.20 12.00
C ASP R 77 -9.83 7.14 11.99
N ILE R 78 -10.98 7.40 12.62
CA ILE R 78 -12.02 6.38 12.67
C ILE R 78 -12.70 6.22 11.32
N ILE R 79 -12.83 7.31 10.56
CA ILE R 79 -13.33 7.21 9.18
C ILE R 79 -12.35 6.42 8.32
N SER R 80 -11.06 6.74 8.42
CA SER R 80 -10.05 6.05 7.60
C SER R 80 -9.95 4.58 7.96
N LEU R 81 -10.04 4.25 9.24
CA LEU R 81 -10.00 2.87 9.68
C LEU R 81 -11.30 2.14 9.38
N TRP R 82 -12.42 2.86 9.34
CA TRP R 82 -13.69 2.29 8.90
C TRP R 82 -13.61 1.90 7.44
N ASP R 83 -12.92 2.71 6.64
CA ASP R 83 -12.64 2.32 5.26
C ASP R 83 -11.64 1.18 5.17
N GLN R 84 -10.65 1.13 6.07
CA GLN R 84 -9.65 0.07 6.02
C GLN R 84 -10.19 -1.28 6.45
N SER R 85 -11.37 -1.34 7.06
CA SER R 85 -11.99 -2.61 7.40
C SER R 85 -13.03 -3.04 6.37
N LEU R 86 -12.98 -2.47 5.17
CA LEU R 86 -13.88 -2.84 4.09
C LEU R 86 -13.18 -3.29 2.83
N LYS R 87 -11.87 -3.14 2.74
CA LYS R 87 -11.16 -3.60 1.55
C LYS R 87 -11.13 -5.13 1.38
N PRO R 88 -10.97 -5.98 2.40
CA PRO R 88 -11.07 -7.43 2.14
C PRO R 88 -12.47 -7.95 1.90
N CYS R 89 -13.51 -7.13 2.04
CA CYS R 89 -14.87 -7.63 2.01
C CYS R 89 -15.45 -7.67 0.60
N VAL R 90 -16.64 -8.24 0.49
CA VAL R 90 -17.25 -8.56 -0.79
C VAL R 90 -17.93 -7.32 -1.36
N LYS R 91 -17.65 -7.02 -2.63
CA LYS R 91 -18.38 -5.97 -3.32
C LYS R 91 -19.71 -6.53 -3.85
N LEU R 92 -20.76 -5.71 -3.75
CA LEU R 92 -22.07 -6.08 -4.29
C LEU R 92 -22.31 -5.46 -5.64
N THR R 93 -21.26 -5.38 -6.45
CA THR R 93 -21.41 -5.08 -7.87
C THR R 93 -22.32 -6.05 -8.64
N PRO R 94 -22.25 -7.38 -8.50
CA PRO R 94 -23.17 -8.22 -9.31
C PRO R 94 -24.61 -8.22 -8.85
N LEU R 95 -24.94 -7.52 -7.76
CA LEU R 95 -26.29 -7.63 -7.22
C LEU R 95 -27.18 -6.46 -7.63
N CYS R 96 -26.63 -5.41 -8.22
CA CYS R 96 -27.47 -4.35 -8.79
C CYS R 96 -28.15 -4.89 -10.03
N VAL R 97 -29.43 -5.26 -9.87
CA VAL R 97 -30.13 -6.07 -10.86
C VAL R 97 -31.61 -5.79 -10.70
N THR R 98 -32.40 -6.13 -11.71
CA THR R 98 -33.84 -6.00 -11.63
C THR R 98 -34.40 -6.94 -10.58
N LEU R 99 -35.17 -6.41 -9.64
CA LEU R 99 -35.79 -7.19 -8.59
C LEU R 99 -37.27 -7.34 -8.90
N GLN R 100 -37.82 -8.53 -8.65
CA GLN R 100 -39.24 -8.78 -8.81
C GLN R 100 -39.80 -8.97 -7.41
N CYS R 101 -40.18 -7.87 -6.78
CA CYS R 101 -40.57 -7.87 -5.38
C CYS R 101 -42.08 -8.06 -5.25
N THR R 102 -42.48 -8.54 -4.08
CA THR R 102 -43.88 -8.68 -3.73
C THR R 102 -44.00 -8.57 -2.23
N ASN R 103 -45.24 -8.46 -1.75
CA ASN R 103 -45.49 -8.37 -0.33
C ASN R 103 -45.14 -9.66 0.38
N VAL R 104 -44.65 -9.53 1.61
CA VAL R 104 -44.38 -10.69 2.44
C VAL R 104 -45.70 -11.32 2.86
N THR R 105 -45.68 -12.63 3.13
CA THR R 105 -46.85 -13.31 3.66
C THR R 105 -47.15 -12.74 5.02
N ASN R 106 -48.23 -11.97 5.12
CA ASN R 106 -48.64 -11.26 6.33
C ASN R 106 -50.06 -10.76 6.11
N ASN R 107 -50.79 -10.63 7.20
CA ASN R 107 -52.15 -10.16 7.14
C ASN R 107 -51.98 -8.79 6.57
N ILE R 108 -52.73 -8.48 5.53
CA ILE R 108 -52.58 -7.18 4.87
C ILE R 108 -53.79 -6.24 4.92
N THR R 109 -53.51 -4.99 5.28
CA THR R 109 -54.51 -3.94 5.35
C THR R 109 -54.04 -2.83 4.41
N ASP R 110 -54.97 -2.24 3.67
CA ASP R 110 -54.63 -1.20 2.71
C ASP R 110 -53.99 0.04 3.34
N ASP R 111 -54.52 0.49 4.47
CA ASP R 111 -53.97 1.67 5.12
C ASP R 111 -52.53 1.46 5.60
N MET R 112 -52.26 0.29 6.16
CA MET R 112 -50.92 -0.04 6.65
C MET R 112 -49.93 -0.37 5.55
N ARG R 113 -48.66 -0.07 5.80
CA ARG R 113 -47.58 -0.35 4.85
C ARG R 113 -46.59 -1.31 5.50
N GLY R 114 -46.24 -2.38 4.81
CA GLY R 114 -45.31 -3.34 5.35
C GLY R 114 -43.89 -2.82 5.27
N GLU R 115 -43.08 -3.17 6.25
CA GLU R 115 -41.69 -2.73 6.28
C GLU R 115 -40.78 -3.68 5.53
N LEU R 116 -41.33 -4.80 5.07
CA LEU R 116 -40.54 -5.78 4.35
C LEU R 116 -41.16 -6.18 3.03
N LYS R 117 -40.29 -6.46 2.07
CA LYS R 117 -40.68 -6.96 0.76
C LYS R 117 -39.94 -8.25 0.48
N ASN R 118 -40.57 -9.09 -0.34
CA ASN R 118 -40.10 -10.44 -0.64
C ASN R 118 -39.68 -10.45 -2.11
N CYS R 119 -38.38 -10.29 -2.35
CA CYS R 119 -37.89 -9.95 -3.68
C CYS R 119 -37.15 -11.14 -4.27
N SER R 120 -37.60 -11.59 -5.44
CA SER R 120 -36.95 -12.66 -6.20
C SER R 120 -36.21 -12.04 -7.38
N PHE R 121 -35.09 -12.67 -7.75
CA PHE R 121 -34.24 -12.11 -8.80
C PHE R 121 -33.27 -13.18 -9.29
N ASN R 122 -32.76 -12.96 -10.50
CA ASN R 122 -31.71 -13.80 -11.07
C ASN R 122 -30.39 -13.44 -10.40
N MET R 123 -29.53 -14.43 -10.23
CA MET R 123 -28.23 -14.16 -9.66
C MET R 123 -27.24 -15.14 -10.27
N THR R 124 -26.02 -14.67 -10.47
CA THR R 124 -24.98 -15.51 -11.03
C THR R 124 -24.55 -16.58 -10.02
N THR R 125 -23.83 -17.58 -10.52
CA THR R 125 -23.40 -18.69 -9.70
C THR R 125 -21.88 -18.81 -9.78
N GLU R 126 -21.38 -19.93 -9.27
CA GLU R 126 -19.98 -20.30 -9.46
C GLU R 126 -19.65 -20.45 -10.94
N LEU R 127 -20.61 -20.92 -11.73
CA LEU R 127 -20.42 -21.18 -13.15
C LEU R 127 -20.95 -20.00 -13.93
N ARG R 128 -20.13 -19.47 -14.84
CA ARG R 128 -20.50 -18.29 -15.59
C ARG R 128 -21.61 -18.53 -16.59
N ASP R 129 -21.81 -19.78 -17.02
CA ASP R 129 -22.89 -20.07 -17.95
C ASP R 129 -24.24 -20.13 -17.26
N LYS R 130 -24.27 -20.61 -16.03
CA LYS R 130 -25.52 -20.88 -15.34
C LYS R 130 -25.84 -19.77 -14.36
N LYS R 131 -27.13 -19.63 -14.05
CA LYS R 131 -27.59 -18.66 -13.08
C LYS R 131 -28.79 -19.24 -12.37
N GLN R 132 -29.24 -18.56 -11.31
CA GLN R 132 -30.22 -19.13 -10.41
C GLN R 132 -31.25 -18.08 -10.01
N LYS R 133 -32.48 -18.51 -9.88
CA LYS R 133 -33.54 -17.66 -9.34
C LYS R 133 -33.52 -17.80 -7.83
N VAL R 134 -33.32 -16.70 -7.13
CA VAL R 134 -33.21 -16.73 -5.68
C VAL R 134 -33.94 -15.53 -5.10
N TYR R 135 -34.47 -15.70 -3.89
CA TYR R 135 -35.27 -14.67 -3.25
C TYR R 135 -34.67 -14.28 -1.92
N SER R 136 -35.03 -13.09 -1.47
CA SER R 136 -34.57 -12.56 -0.20
C SER R 136 -35.67 -11.68 0.38
N LEU R 137 -35.46 -11.21 1.61
CA LEU R 137 -36.33 -10.22 2.21
C LEU R 137 -35.56 -8.91 2.39
N PHE R 138 -36.18 -7.82 2.01
CA PHE R 138 -35.56 -6.51 2.08
C PHE R 138 -36.48 -5.58 2.84
N TYR R 139 -35.92 -4.48 3.32
CA TYR R 139 -36.76 -3.46 3.92
C TYR R 139 -37.30 -2.53 2.84
N ARG R 140 -38.31 -1.73 3.21
CA ARG R 140 -38.85 -0.73 2.29
C ARG R 140 -37.81 0.31 1.95
N LEU R 141 -36.90 0.60 2.87
CA LEU R 141 -35.97 1.70 2.71
C LEU R 141 -34.78 1.34 1.83
N ASP R 142 -34.57 0.06 1.56
CA ASP R 142 -33.47 -0.35 0.70
C ASP R 142 -33.87 -0.45 -0.76
N VAL R 143 -35.14 -0.63 -1.05
CA VAL R 143 -35.59 -0.79 -2.42
C VAL R 143 -36.36 0.45 -2.85
N VAL R 144 -36.27 0.76 -4.14
CA VAL R 144 -37.11 1.77 -4.77
C VAL R 144 -37.75 1.14 -6.00
N GLN R 145 -38.78 1.80 -6.50
CA GLN R 145 -39.51 1.29 -7.65
C GLN R 145 -38.98 1.94 -8.92
N ILE R 146 -38.70 1.12 -9.92
CA ILE R 146 -38.30 1.59 -11.23
C ILE R 146 -39.50 1.46 -12.16
N ASN R 147 -39.72 2.49 -12.97
CA ASN R 147 -40.95 2.57 -13.76
C ASN R 147 -40.72 3.49 -14.96
N SER R 157 -50.46 -3.19 -13.30
CA SER R 157 -49.47 -3.99 -14.01
C SER R 157 -48.54 -4.72 -13.05
N ASN R 158 -47.28 -4.85 -13.45
CA ASN R 158 -46.28 -5.51 -12.62
C ASN R 158 -45.71 -4.53 -11.60
N LYS R 159 -44.82 -5.05 -10.75
CA LYS R 159 -44.22 -4.24 -9.70
C LYS R 159 -42.79 -4.75 -9.50
N GLU R 160 -41.85 -4.11 -10.17
CA GLU R 160 -40.45 -4.53 -10.13
C GLU R 160 -39.60 -3.42 -9.55
N TYR R 161 -38.65 -3.80 -8.71
CA TYR R 161 -37.87 -2.86 -7.92
C TYR R 161 -36.39 -2.98 -8.24
N ARG R 162 -35.61 -2.16 -7.55
CA ARG R 162 -34.16 -2.28 -7.51
C ARG R 162 -33.69 -1.62 -6.23
N LEU R 163 -32.41 -1.81 -5.93
CA LEU R 163 -31.88 -1.17 -4.74
C LEU R 163 -31.63 0.31 -5.00
N ILE R 164 -31.59 1.08 -3.91
CA ILE R 164 -31.53 2.53 -4.04
C ILE R 164 -30.13 2.99 -4.47
N ASN R 165 -29.09 2.34 -3.98
CA ASN R 165 -27.74 2.83 -4.21
C ASN R 165 -27.18 2.44 -5.57
N CYS R 166 -27.93 1.70 -6.37
CA CYS R 166 -27.43 1.25 -7.67
C CYS R 166 -27.07 2.38 -8.62
N ASN R 167 -27.81 3.47 -8.59
CA ASN R 167 -27.55 4.57 -9.50
C ASN R 167 -26.43 5.51 -9.06
N THR R 168 -25.81 5.27 -7.91
CA THR R 168 -24.77 6.17 -7.46
C THR R 168 -23.49 5.49 -7.01
N SER R 169 -23.55 4.28 -6.48
CA SER R 169 -22.36 3.67 -5.89
C SER R 169 -22.54 2.17 -5.78
N ALA R 170 -21.52 1.43 -6.21
CA ALA R 170 -21.48 0.01 -5.91
C ALA R 170 -21.23 -0.20 -4.43
N CYS R 171 -21.87 -1.22 -3.86
CA CYS R 171 -21.93 -1.30 -2.41
C CYS R 171 -21.06 -2.45 -1.93
N THR R 172 -20.69 -2.37 -0.65
CA THR R 172 -19.77 -3.31 -0.04
C THR R 172 -20.46 -3.97 1.14
N GLN R 173 -20.56 -5.30 1.11
CA GLN R 173 -21.07 -6.01 2.25
C GLN R 173 -20.07 -5.94 3.38
N ALA R 174 -20.55 -5.78 4.60
CA ALA R 174 -19.66 -5.95 5.74
C ALA R 174 -19.33 -7.43 5.88
N CYS R 175 -18.09 -7.72 6.22
CA CYS R 175 -17.73 -9.10 6.49
C CYS R 175 -18.38 -9.53 7.80
N PRO R 176 -19.10 -10.66 7.83
CA PRO R 176 -19.75 -11.10 9.08
C PRO R 176 -18.77 -11.56 10.12
N LYS R 177 -17.51 -11.81 9.75
CA LYS R 177 -16.50 -12.20 10.72
C LYS R 177 -16.14 -11.04 11.63
N VAL R 178 -15.95 -9.85 11.08
CA VAL R 178 -15.59 -8.69 11.88
C VAL R 178 -16.85 -8.15 12.55
N SER R 179 -16.68 -7.57 13.73
CA SER R 179 -17.78 -7.01 14.51
C SER R 179 -17.69 -5.49 14.53
N PHE R 180 -18.77 -4.87 15.03
CA PHE R 180 -18.86 -3.43 15.10
C PHE R 180 -18.88 -2.90 16.52
N GLU R 181 -18.66 -3.75 17.53
CA GLU R 181 -18.80 -3.32 18.90
C GLU R 181 -17.65 -2.40 19.30
N PRO R 182 -17.89 -1.47 20.21
CA PRO R 182 -16.79 -0.58 20.65
C PRO R 182 -15.79 -1.30 21.52
N ILE R 183 -14.51 -1.10 21.23
CA ILE R 183 -13.44 -1.49 22.14
C ILE R 183 -12.74 -0.20 22.55
N PRO R 184 -12.39 -0.02 23.82
CA PRO R 184 -11.93 1.30 24.28
C PRO R 184 -10.52 1.61 23.78
N ILE R 185 -10.37 2.77 23.14
CA ILE R 185 -9.08 3.26 22.70
C ILE R 185 -8.47 4.09 23.84
N HIS R 186 -7.17 3.97 24.04
CA HIS R 186 -6.43 4.88 24.89
C HIS R 186 -5.45 5.63 24.00
N TYR R 187 -5.69 6.93 23.81
CA TYR R 187 -4.78 7.75 23.01
C TYR R 187 -3.57 8.13 23.83
N CYS R 188 -2.39 7.90 23.27
CA CYS R 188 -1.13 8.05 23.98
C CYS R 188 -0.26 9.07 23.29
N ALA R 189 0.42 9.88 24.07
CA ALA R 189 1.29 10.88 23.50
C ALA R 189 2.64 10.27 23.16
N PRO R 190 3.27 10.70 22.07
CA PRO R 190 4.60 10.16 21.74
C PRO R 190 5.69 10.79 22.59
N ALA R 191 6.95 10.46 22.30
CA ALA R 191 8.05 11.01 23.08
C ALA R 191 8.27 12.47 22.73
N GLY R 192 8.33 13.30 23.75
CA GLY R 192 8.44 14.73 23.56
C GLY R 192 7.14 15.49 23.65
N PHE R 193 6.07 14.87 24.12
CA PHE R 193 4.79 15.51 24.31
C PHE R 193 4.18 15.03 25.60
N ALA R 194 3.04 15.58 25.96
CA ALA R 194 2.33 15.17 27.16
C ALA R 194 0.86 15.48 27.00
N ILE R 195 0.05 14.75 27.75
CA ILE R 195 -1.40 14.92 27.74
C ILE R 195 -1.82 15.45 29.11
N LEU R 196 -2.42 16.62 29.13
CA LEU R 196 -2.94 17.19 30.37
C LEU R 196 -4.41 16.87 30.50
N LYS R 197 -4.85 16.71 31.75
CA LYS R 197 -6.22 16.33 32.05
C LYS R 197 -6.76 17.26 33.12
N CYS R 198 -7.93 17.86 32.87
CA CYS R 198 -8.57 18.74 33.84
C CYS R 198 -9.23 17.87 34.90
N LYS R 199 -8.71 17.90 36.11
CA LYS R 199 -9.29 17.15 37.21
C LYS R 199 -10.37 17.95 37.93
N ASP R 200 -10.70 19.14 37.43
CA ASP R 200 -11.69 19.99 38.08
C ASP R 200 -13.09 19.42 37.88
N LYS R 201 -13.98 19.78 38.81
CA LYS R 201 -15.35 19.29 38.87
C LYS R 201 -16.29 20.14 38.04
N LYS R 202 -16.33 21.44 38.30
CA LYS R 202 -17.25 22.38 37.66
C LYS R 202 -16.46 23.08 36.55
N PHE R 203 -16.60 22.57 35.34
CA PHE R 203 -15.71 22.98 34.26
C PHE R 203 -16.44 22.90 32.93
N ASN R 204 -16.76 24.06 32.36
CA ASN R 204 -17.47 24.13 31.09
C ASN R 204 -16.56 24.01 29.88
N GLY R 205 -15.30 23.58 30.04
CA GLY R 205 -14.46 23.31 28.90
C GLY R 205 -13.86 24.52 28.25
N THR R 206 -13.85 25.66 28.91
CA THR R 206 -13.28 26.87 28.34
C THR R 206 -12.73 27.73 29.47
N GLY R 207 -11.48 28.11 29.36
CA GLY R 207 -10.87 28.94 30.37
C GLY R 207 -10.05 28.13 31.36
N PRO R 208 -9.79 28.69 32.53
CA PRO R 208 -8.82 28.09 33.44
C PRO R 208 -9.32 26.85 34.15
N CYS R 209 -8.46 25.85 34.23
CA CYS R 209 -8.69 24.65 35.04
C CYS R 209 -7.67 24.66 36.16
N PRO R 210 -8.08 24.77 37.42
CA PRO R 210 -7.10 24.98 38.50
C PRO R 210 -6.34 23.72 38.87
N SER R 211 -6.91 22.55 38.60
CA SER R 211 -6.29 21.28 38.95
C SER R 211 -6.13 20.45 37.68
N VAL R 212 -4.96 20.56 37.04
CA VAL R 212 -4.65 19.72 35.90
C VAL R 212 -3.67 18.65 36.35
N SER R 213 -3.56 17.61 35.54
CA SER R 213 -2.64 16.52 35.84
C SER R 213 -2.21 15.89 34.53
N THR R 214 -0.91 15.69 34.37
CA THR R 214 -0.45 14.98 33.19
C THR R 214 -0.76 13.50 33.29
N VAL R 215 -0.80 12.84 32.14
CA VAL R 215 -1.12 11.42 32.08
C VAL R 215 -0.39 10.83 30.88
N GLN R 216 -0.06 9.55 30.99
CA GLN R 216 0.59 8.85 29.88
C GLN R 216 -0.37 8.69 28.71
N CYS R 217 -1.50 8.04 28.95
CA CYS R 217 -2.50 7.79 27.93
C CYS R 217 -3.87 8.19 28.47
N THR R 218 -4.81 8.46 27.55
CA THR R 218 -6.16 8.77 27.96
C THR R 218 -6.86 7.54 28.51
N HIS R 219 -8.01 7.75 29.13
CA HIS R 219 -8.75 6.64 29.72
C HIS R 219 -9.55 5.94 28.63
N GLY R 220 -10.43 5.03 29.04
CA GLY R 220 -11.18 4.22 28.10
C GLY R 220 -12.21 4.99 27.31
N ILE R 221 -11.95 5.18 26.02
CA ILE R 221 -12.85 5.90 25.14
C ILE R 221 -13.47 4.86 24.22
N LYS R 222 -14.66 4.40 24.56
CA LYS R 222 -15.31 3.47 23.66
C LYS R 222 -15.98 4.24 22.53
N PRO R 223 -15.75 3.86 21.29
CA PRO R 223 -16.35 4.59 20.17
C PRO R 223 -17.79 4.18 19.91
N VAL R 224 -18.73 5.05 20.24
CA VAL R 224 -20.12 4.82 19.92
C VAL R 224 -20.49 5.64 18.70
N VAL R 225 -21.26 5.03 17.80
CA VAL R 225 -21.86 5.74 16.69
C VAL R 225 -23.32 6.01 17.04
N SER R 226 -23.66 7.29 17.18
CA SER R 226 -24.99 7.69 17.64
C SER R 226 -25.17 9.16 17.30
N THR R 227 -26.36 9.52 16.84
CA THR R 227 -26.56 10.90 16.43
C THR R 227 -27.13 11.74 17.55
N GLN R 228 -28.33 11.42 18.00
CA GLN R 228 -28.84 11.97 19.25
C GLN R 228 -28.59 10.95 20.34
N LEU R 229 -28.62 11.40 21.59
CA LEU R 229 -28.64 10.55 22.79
C LEU R 229 -27.42 9.63 22.83
N LEU R 230 -26.25 10.25 23.01
CA LEU R 230 -25.00 9.51 22.99
C LEU R 230 -24.92 8.50 24.14
N LEU R 231 -24.51 7.29 23.80
CA LEU R 231 -24.70 6.10 24.62
C LEU R 231 -23.37 5.61 25.17
N ASN R 232 -23.46 4.93 26.33
CA ASN R 232 -22.34 4.25 26.98
C ASN R 232 -21.16 5.18 27.22
N GLY R 233 -21.45 6.42 27.59
CA GLY R 233 -20.46 7.44 27.73
C GLY R 233 -19.90 7.53 29.13
N SER R 234 -19.27 8.65 29.42
CA SER R 234 -18.66 8.91 30.72
C SER R 234 -19.59 9.84 31.50
N LEU R 235 -19.99 9.40 32.69
CA LEU R 235 -20.90 10.18 33.50
C LEU R 235 -20.15 11.33 34.19
N ALA R 236 -20.91 12.35 34.59
CA ALA R 236 -20.34 13.46 35.33
C ALA R 236 -20.08 13.04 36.78
N GLU R 237 -19.43 13.92 37.53
CA GLU R 237 -19.10 13.58 38.92
C GLU R 237 -20.32 13.70 39.82
N GLU R 238 -20.84 14.92 40.00
CA GLU R 238 -22.00 15.07 40.85
C GLU R 238 -23.16 15.80 40.21
N GLU R 239 -22.90 16.84 39.43
CA GLU R 239 -23.96 17.65 38.86
C GLU R 239 -24.41 17.09 37.52
N VAL R 240 -25.21 17.86 36.81
CA VAL R 240 -25.47 17.69 35.38
C VAL R 240 -24.90 18.92 34.70
N MET R 241 -23.97 18.72 33.78
CA MET R 241 -23.27 19.85 33.19
C MET R 241 -23.63 19.99 31.73
N ILE R 242 -24.11 21.17 31.37
CA ILE R 242 -24.32 21.53 29.98
C ILE R 242 -23.10 22.30 29.50
N ARG R 243 -22.83 22.20 28.21
CA ARG R 243 -21.57 22.66 27.64
C ARG R 243 -21.83 23.21 26.27
N SER R 244 -21.29 24.40 25.99
CA SER R 244 -21.41 24.97 24.66
C SER R 244 -20.22 25.87 24.41
N GLU R 245 -20.03 26.23 23.15
CA GLU R 245 -18.98 27.16 22.81
C GLU R 245 -19.43 28.60 23.00
N ASN R 246 -20.69 28.89 22.69
CA ASN R 246 -21.24 30.22 22.89
C ASN R 246 -22.75 30.03 22.99
N ILE R 247 -23.27 30.08 24.22
CA ILE R 247 -24.66 29.66 24.48
C ILE R 247 -25.64 30.63 23.86
N THR R 248 -25.29 31.91 23.80
CA THR R 248 -26.15 32.91 23.15
C THR R 248 -26.25 32.70 21.65
N ASN R 249 -25.28 32.02 21.04
CA ASN R 249 -25.40 31.54 19.67
C ASN R 249 -26.29 30.29 19.66
N ASN R 250 -26.97 30.07 18.53
CA ASN R 250 -27.83 28.92 18.38
C ASN R 250 -27.33 27.89 17.38
N ALA R 251 -26.41 28.26 16.49
CA ALA R 251 -25.89 27.29 15.54
C ALA R 251 -24.90 26.32 16.16
N LYS R 252 -24.43 26.59 17.36
CA LYS R 252 -23.56 25.67 18.09
C LYS R 252 -24.40 24.79 18.98
N ASN R 253 -24.07 23.50 19.00
CA ASN R 253 -24.85 22.53 19.77
C ASN R 253 -24.60 22.70 21.26
N ILE R 254 -25.49 22.14 22.06
CA ILE R 254 -25.40 22.19 23.50
C ILE R 254 -25.21 20.76 23.98
N LEU R 255 -23.99 20.41 24.32
CA LEU R 255 -23.69 19.07 24.81
C LEU R 255 -24.08 18.96 26.27
N VAL R 256 -25.07 18.12 26.57
CA VAL R 256 -25.54 17.90 27.92
C VAL R 256 -24.91 16.61 28.41
N GLN R 257 -24.46 16.59 29.66
CA GLN R 257 -23.93 15.38 30.27
C GLN R 257 -24.55 15.26 31.65
N PHE R 258 -25.31 14.19 31.89
CA PHE R 258 -25.99 14.03 33.15
C PHE R 258 -25.38 12.91 33.99
N ASN R 259 -25.69 12.97 35.28
CA ASN R 259 -24.97 12.20 36.28
C ASN R 259 -25.45 10.75 36.35
N THR R 260 -26.69 10.55 36.72
CA THR R 260 -27.21 9.20 36.79
C THR R 260 -27.68 8.77 35.40
N PRO R 261 -27.21 7.63 34.89
CA PRO R 261 -27.55 7.25 33.53
C PRO R 261 -28.97 6.74 33.44
N VAL R 262 -29.56 6.89 32.26
CA VAL R 262 -30.87 6.34 31.96
C VAL R 262 -30.65 5.05 31.19
N GLN R 263 -31.14 3.94 31.72
CA GLN R 263 -31.04 2.68 31.04
C GLN R 263 -32.03 2.63 29.89
N ILE R 264 -31.56 2.23 28.72
CA ILE R 264 -32.42 2.04 27.55
C ILE R 264 -32.32 0.60 27.11
N ASN R 265 -33.47 0.02 26.79
CA ASN R 265 -33.55 -1.36 26.32
C ASN R 265 -34.14 -1.36 24.92
N CYS R 266 -33.31 -1.73 23.95
CA CYS R 266 -33.73 -1.77 22.57
C CYS R 266 -33.68 -3.20 22.07
N THR R 267 -34.66 -3.55 21.24
CA THR R 267 -34.76 -4.92 20.79
C THR R 267 -35.34 -5.00 19.40
N ARG R 268 -35.18 -6.16 18.78
CA ARG R 268 -35.81 -6.50 17.52
C ARG R 268 -36.50 -7.83 17.71
N PRO R 269 -37.83 -7.87 17.79
CA PRO R 269 -38.52 -9.12 18.10
C PRO R 269 -38.61 -10.11 16.95
N ASN R 270 -38.12 -9.76 15.76
CA ASN R 270 -38.17 -10.71 14.65
C ASN R 270 -37.08 -11.76 14.80
N ASN R 271 -37.37 -12.96 14.32
CA ASN R 271 -36.45 -14.08 14.32
C ASN R 271 -36.05 -14.32 12.88
N ASN R 272 -34.95 -13.71 12.47
CA ASN R 272 -34.46 -13.84 11.11
C ASN R 272 -33.68 -15.14 10.92
N THR R 273 -33.71 -15.64 9.69
CA THR R 273 -32.87 -16.73 9.24
C THR R 273 -32.03 -16.21 8.10
N ARG R 274 -30.71 -16.26 8.23
CA ARG R 274 -29.92 -15.82 7.08
C ARG R 274 -29.82 -16.95 6.08
N LYS R 275 -29.30 -16.62 4.91
CA LYS R 275 -29.26 -17.54 3.79
C LYS R 275 -28.06 -17.19 2.95
N SER R 276 -27.07 -18.08 2.90
CA SER R 276 -25.89 -17.82 2.10
C SER R 276 -26.21 -18.04 0.64
N ILE R 277 -26.02 -17.00 -0.17
CA ILE R 277 -26.19 -17.07 -1.61
C ILE R 277 -24.82 -16.88 -2.23
N ARG R 278 -24.36 -17.86 -2.98
CA ARG R 278 -23.09 -17.73 -3.66
C ARG R 278 -23.23 -16.82 -4.87
N ILE R 279 -22.33 -15.85 -4.98
CA ILE R 279 -22.27 -14.97 -6.13
C ILE R 279 -21.25 -15.46 -7.16
N GLY R 280 -20.06 -15.84 -6.69
CA GLY R 280 -18.99 -16.30 -7.53
C GLY R 280 -18.10 -17.24 -6.74
N PRO R 281 -16.90 -17.49 -7.24
CA PRO R 281 -15.94 -18.29 -6.47
C PRO R 281 -15.49 -17.55 -5.22
N GLY R 282 -15.73 -18.17 -4.07
CA GLY R 282 -15.40 -17.56 -2.79
C GLY R 282 -16.18 -16.30 -2.47
N GLN R 283 -17.39 -16.17 -2.99
CA GLN R 283 -18.21 -14.98 -2.78
C GLN R 283 -19.52 -15.41 -2.18
N ALA R 284 -19.84 -14.88 -1.00
CA ALA R 284 -21.07 -15.24 -0.31
C ALA R 284 -21.85 -13.99 0.04
N PHE R 285 -23.11 -13.95 -0.38
CA PHE R 285 -24.03 -12.87 -0.05
C PHE R 285 -25.02 -13.39 0.99
N TYR R 286 -25.08 -12.71 2.13
CA TYR R 286 -25.90 -13.16 3.25
C TYR R 286 -27.24 -12.42 3.20
N ALA R 287 -28.27 -13.11 2.72
CA ALA R 287 -29.59 -12.55 2.58
C ALA R 287 -30.45 -12.88 3.79
N THR R 288 -31.72 -12.51 3.75
CA THR R 288 -32.67 -12.86 4.78
C THR R 288 -33.59 -13.96 4.26
N GLY R 289 -33.62 -15.09 4.95
CA GLY R 289 -34.53 -16.15 4.57
C GLY R 289 -35.92 -15.92 5.12
N ASP R 290 -36.50 -16.92 5.76
CA ASP R 290 -37.86 -16.81 6.27
C ASP R 290 -37.87 -16.09 7.61
N ILE R 291 -39.01 -15.47 7.92
CA ILE R 291 -39.31 -15.00 9.27
C ILE R 291 -39.97 -16.15 10.01
N ILE R 292 -39.43 -16.49 11.17
CA ILE R 292 -39.96 -17.59 11.95
C ILE R 292 -40.65 -16.99 13.16
N GLY R 293 -41.98 -16.92 13.12
CA GLY R 293 -42.76 -16.34 14.18
C GLY R 293 -43.54 -15.13 13.72
N ASP R 294 -43.81 -14.23 14.66
CA ASP R 294 -44.65 -13.08 14.40
C ASP R 294 -43.85 -11.96 13.75
N ILE R 295 -44.45 -11.33 12.74
CA ILE R 295 -43.88 -10.13 12.15
C ILE R 295 -44.25 -8.96 13.04
N ARG R 296 -43.24 -8.35 13.66
CA ARG R 296 -43.45 -7.29 14.64
C ARG R 296 -42.54 -6.12 14.31
N GLN R 297 -42.73 -5.03 15.04
CA GLN R 297 -41.97 -3.81 14.82
C GLN R 297 -41.01 -3.60 15.99
N ALA R 298 -39.75 -3.31 15.66
CA ALA R 298 -38.73 -3.10 16.67
C ALA R 298 -38.96 -1.79 17.42
N HIS R 299 -38.38 -1.70 18.61
CA HIS R 299 -38.65 -0.58 19.49
C HIS R 299 -37.53 -0.45 20.51
N CYS R 300 -37.62 0.62 21.30
CA CYS R 300 -36.74 0.84 22.45
C CYS R 300 -37.59 1.23 23.65
N ASN R 301 -37.08 0.91 24.84
CA ASN R 301 -37.78 1.22 26.08
C ASN R 301 -36.86 1.99 27.00
N VAL R 302 -37.39 3.08 27.56
CA VAL R 302 -36.79 3.73 28.71
C VAL R 302 -37.86 3.78 29.79
N SER R 303 -37.43 4.03 31.01
CA SER R 303 -38.36 4.15 32.13
C SER R 303 -38.89 5.57 32.19
N LYS R 304 -40.18 5.69 32.51
CA LYS R 304 -40.82 7.00 32.52
C LYS R 304 -40.32 7.84 33.68
N ALA R 305 -40.12 7.23 34.85
CA ALA R 305 -39.76 7.97 36.06
C ALA R 305 -38.35 8.53 35.96
N THR R 306 -37.39 7.69 35.57
CA THR R 306 -36.01 8.14 35.46
C THR R 306 -35.83 9.16 34.35
N TRP R 307 -36.58 9.02 33.25
CA TRP R 307 -36.46 10.00 32.18
C TRP R 307 -37.06 11.34 32.57
N ASN R 308 -38.21 11.33 33.27
CA ASN R 308 -38.77 12.60 33.73
C ASN R 308 -37.90 13.23 34.80
N GLU R 309 -37.23 12.41 35.61
CA GLU R 309 -36.28 12.93 36.60
C GLU R 309 -35.08 13.59 35.93
N THR R 310 -34.51 12.94 34.91
CA THR R 310 -33.36 13.53 34.25
C THR R 310 -33.73 14.75 33.41
N LEU R 311 -34.96 14.79 32.89
CA LEU R 311 -35.41 16.03 32.26
C LEU R 311 -35.58 17.14 33.29
N GLY R 312 -36.03 16.80 34.51
CA GLY R 312 -36.08 17.79 35.56
C GLY R 312 -34.71 18.32 35.92
N LYS R 313 -33.71 17.44 35.95
CA LYS R 313 -32.34 17.85 36.20
C LYS R 313 -31.81 18.77 35.11
N VAL R 314 -32.07 18.43 33.84
CA VAL R 314 -31.52 19.27 32.78
C VAL R 314 -32.28 20.59 32.67
N VAL R 315 -33.55 20.65 33.07
CA VAL R 315 -34.23 21.94 33.16
C VAL R 315 -33.62 22.79 34.28
N LYS R 316 -33.39 22.16 35.44
CA LYS R 316 -32.77 22.83 36.59
C LYS R 316 -31.39 23.38 36.26
N GLN R 317 -30.65 22.69 35.40
CA GLN R 317 -29.33 23.19 35.00
C GLN R 317 -29.36 24.15 33.83
N LEU R 318 -30.33 24.02 32.91
CA LEU R 318 -30.48 24.98 31.83
C LEU R 318 -31.01 26.32 32.30
N ARG R 319 -31.66 26.36 33.47
CA ARG R 319 -32.11 27.66 33.97
C ARG R 319 -31.00 28.50 34.58
N LYS R 320 -29.77 27.98 34.66
CA LYS R 320 -28.68 28.80 35.16
C LYS R 320 -28.26 29.85 34.14
N HIS R 321 -28.49 29.60 32.86
CA HIS R 321 -28.06 30.52 31.82
C HIS R 321 -29.19 31.34 31.23
N PHE R 322 -30.44 31.00 31.53
CA PHE R 322 -31.59 31.53 30.81
C PHE R 322 -32.62 32.16 31.74
N GLY R 323 -32.24 32.46 32.97
CA GLY R 323 -33.18 33.04 33.93
C GLY R 323 -34.00 31.97 34.63
N ASN R 324 -34.42 32.30 35.86
CA ASN R 324 -35.26 31.38 36.62
C ASN R 324 -36.71 31.47 36.20
N ASN R 325 -37.16 32.61 35.71
CA ASN R 325 -38.55 32.81 35.30
C ASN R 325 -38.70 32.57 33.80
N THR R 326 -38.34 31.36 33.37
CA THR R 326 -38.27 31.05 31.96
C THR R 326 -38.94 29.71 31.70
N ILE R 327 -39.80 29.66 30.69
CA ILE R 327 -40.42 28.41 30.28
C ILE R 327 -39.46 27.69 29.34
N ILE R 328 -39.21 26.42 29.62
CA ILE R 328 -38.34 25.58 28.79
C ILE R 328 -39.16 24.38 28.34
N ARG R 329 -39.26 24.20 27.03
CA ARG R 329 -40.00 23.10 26.45
C ARG R 329 -39.12 22.39 25.43
N PHE R 330 -39.54 21.19 25.04
CA PHE R 330 -38.80 20.41 24.06
C PHE R 330 -39.71 20.10 22.87
N ALA R 331 -39.09 19.65 21.79
CA ALA R 331 -39.83 19.24 20.61
C ALA R 331 -39.05 18.12 19.93
N ASN R 332 -39.66 17.52 18.92
CA ASN R 332 -38.91 16.61 18.08
C ASN R 332 -38.14 17.40 17.02
N SER R 333 -37.44 16.69 16.15
CA SER R 333 -36.56 17.33 15.19
C SER R 333 -37.35 18.03 14.10
N SER R 334 -36.77 19.10 13.57
CA SER R 334 -37.45 19.89 12.54
C SER R 334 -37.46 19.17 11.20
N GLY R 335 -36.48 18.35 10.94
CA GLY R 335 -36.42 17.64 9.68
C GLY R 335 -34.98 17.40 9.27
N GLY R 336 -34.84 16.75 8.13
CA GLY R 336 -33.56 16.35 7.62
C GLY R 336 -33.62 14.93 7.11
N ASP R 337 -32.46 14.32 6.98
CA ASP R 337 -32.39 12.93 6.60
C ASP R 337 -32.77 12.07 7.80
N LEU R 338 -33.01 10.77 7.54
CA LEU R 338 -33.53 9.86 8.55
C LEU R 338 -32.58 9.74 9.74
N GLU R 339 -31.28 9.66 9.46
CA GLU R 339 -30.28 9.51 10.49
C GLU R 339 -29.83 10.85 11.06
N VAL R 340 -30.65 11.90 10.96
CA VAL R 340 -30.49 13.06 11.83
C VAL R 340 -31.81 13.51 12.45
N THR R 341 -32.98 13.14 11.89
CA THR R 341 -34.24 13.44 12.53
C THR R 341 -34.47 12.59 13.75
N THR R 342 -33.82 11.43 13.81
CA THR R 342 -33.95 10.55 14.94
C THR R 342 -32.63 9.89 15.23
N HIS R 343 -32.53 9.27 16.39
CA HIS R 343 -31.23 8.80 16.85
C HIS R 343 -30.97 7.44 16.25
N SER R 344 -29.81 7.32 15.62
CA SER R 344 -29.32 6.10 15.01
C SER R 344 -28.36 5.46 15.99
N PHE R 345 -28.35 4.13 15.99
CA PHE R 345 -27.30 3.42 16.72
C PHE R 345 -27.12 2.04 16.11
N ASN R 346 -26.23 1.27 16.72
CA ASN R 346 -26.01 -0.10 16.34
C ASN R 346 -26.21 -0.97 17.58
N CYS R 347 -26.83 -2.13 17.40
CA CYS R 347 -27.17 -3.02 18.51
C CYS R 347 -26.86 -4.45 18.08
N GLY R 348 -25.67 -4.93 18.40
CA GLY R 348 -25.30 -6.28 18.05
C GLY R 348 -25.00 -6.49 16.60
N GLY R 349 -24.80 -5.41 15.84
CA GLY R 349 -24.50 -5.52 14.43
C GLY R 349 -25.62 -5.16 13.50
N GLU R 350 -26.63 -4.41 13.95
CA GLU R 350 -27.71 -4.01 13.07
C GLU R 350 -28.17 -2.62 13.47
N PHE R 351 -28.43 -1.78 12.47
CA PHE R 351 -28.60 -0.35 12.70
C PHE R 351 -30.06 0.00 12.94
N PHE R 352 -30.29 0.80 13.97
CA PHE R 352 -31.63 1.26 14.33
C PHE R 352 -31.71 2.76 14.15
N TYR R 353 -32.90 3.22 13.74
CA TYR R 353 -33.22 4.62 13.53
C TYR R 353 -34.50 4.87 14.32
N CYS R 354 -34.37 5.13 15.61
CA CYS R 354 -35.48 4.87 16.52
C CYS R 354 -36.11 6.19 16.96
N ASN R 355 -37.38 6.39 16.62
CA ASN R 355 -38.05 7.69 16.71
C ASN R 355 -38.10 8.22 18.12
N THR R 356 -37.82 9.52 18.29
CA THR R 356 -37.77 10.14 19.61
C THR R 356 -38.78 11.27 19.76
N SER R 357 -39.96 11.15 19.17
CA SER R 357 -40.96 12.17 19.45
C SER R 357 -41.64 11.92 20.79
N GLY R 358 -41.48 10.71 21.36
CA GLY R 358 -42.08 10.44 22.65
C GLY R 358 -41.29 10.98 23.83
N LEU R 359 -39.97 11.03 23.70
CA LEU R 359 -39.13 11.51 24.80
C LEU R 359 -39.18 13.03 24.92
N PHE R 360 -38.95 13.71 23.80
CA PHE R 360 -38.73 15.15 23.79
C PHE R 360 -40.05 15.89 23.52
N ASN R 361 -41.03 15.61 24.36
CA ASN R 361 -42.31 16.33 24.33
C ASN R 361 -42.67 16.69 25.76
N SER R 362 -42.51 17.97 26.11
CA SER R 362 -42.68 18.44 27.48
C SER R 362 -42.75 19.95 27.45
N THR R 363 -43.08 20.52 28.60
CA THR R 363 -42.95 21.95 28.87
C THR R 363 -42.82 22.11 30.37
N TRP R 364 -42.11 23.15 30.79
CA TRP R 364 -41.72 23.27 32.19
C TRP R 364 -41.99 24.68 32.69
N ILE R 365 -42.52 24.77 33.90
CA ILE R 365 -42.95 26.03 34.49
C ILE R 365 -41.96 26.39 35.59
N SER R 366 -41.76 27.69 35.81
CA SER R 366 -40.71 28.25 36.66
C SER R 366 -40.87 27.94 38.16
N ASN R 367 -41.82 27.15 38.65
CA ASN R 367 -41.92 26.87 40.08
C ASN R 367 -40.77 26.00 40.60
N ASN R 379 -43.82 2.21 37.49
CA ASN R 379 -43.33 1.02 36.79
C ASN R 379 -43.70 1.05 35.31
N ASP R 380 -44.05 2.24 34.83
CA ASP R 380 -44.37 2.42 33.42
C ASP R 380 -43.10 2.50 32.59
N SER R 381 -43.27 2.64 31.28
CA SER R 381 -42.16 2.77 30.36
C SER R 381 -42.66 3.46 29.10
N ILE R 382 -41.71 3.93 28.29
CA ILE R 382 -42.00 4.56 27.01
C ILE R 382 -41.55 3.62 25.91
N THR R 383 -42.49 3.24 25.04
CA THR R 383 -42.17 2.44 23.88
C THR R 383 -42.07 3.38 22.68
N LEU R 384 -40.87 3.50 22.13
CA LEU R 384 -40.65 4.37 21.00
C LEU R 384 -40.13 3.56 19.82
N PRO R 385 -40.76 3.68 18.65
CA PRO R 385 -40.54 2.68 17.60
C PRO R 385 -39.34 2.97 16.72
N CYS R 386 -38.77 1.90 16.19
CA CYS R 386 -37.53 1.98 15.43
C CYS R 386 -37.78 1.65 13.96
N ARG R 387 -36.73 1.84 13.16
CA ARG R 387 -36.66 1.33 11.80
C ARG R 387 -35.27 0.76 11.59
N ILE R 388 -35.16 -0.14 10.61
CA ILE R 388 -33.90 -0.80 10.32
C ILE R 388 -33.60 -0.65 8.83
N LYS R 389 -32.52 0.03 8.51
CA LYS R 389 -31.93 -0.05 7.19
C LYS R 389 -30.90 -1.17 7.18
N GLN R 390 -30.60 -1.66 5.98
CA GLN R 390 -29.49 -2.59 5.83
C GLN R 390 -28.31 -1.97 5.10
N ILE R 391 -28.53 -1.10 4.13
CA ILE R 391 -27.42 -0.31 3.63
C ILE R 391 -27.32 0.96 4.46
N ILE R 392 -26.10 1.47 4.60
CA ILE R 392 -25.86 2.71 5.31
C ILE R 392 -24.94 3.58 4.47
N ASN R 393 -24.91 4.86 4.80
CA ASN R 393 -24.10 5.83 4.10
C ASN R 393 -23.40 6.74 5.10
N MET R 394 -22.74 6.13 6.08
CA MET R 394 -22.17 6.87 7.21
C MET R 394 -21.09 7.85 6.78
N TRP R 395 -21.18 9.05 7.35
CA TRP R 395 -20.40 10.26 7.09
C TRP R 395 -20.64 10.87 5.72
N GLN R 396 -21.60 10.33 4.95
CA GLN R 396 -22.14 10.93 3.72
C GLN R 396 -21.03 11.16 2.69
N ARG R 397 -20.47 10.06 2.21
CA ARG R 397 -19.46 10.10 1.17
C ARG R 397 -20.14 10.17 -0.19
N ILE R 398 -19.38 10.01 -1.27
CA ILE R 398 -19.92 10.21 -2.59
C ILE R 398 -20.12 8.89 -3.32
N GLY R 399 -19.34 7.88 -2.97
CA GLY R 399 -19.41 6.61 -3.65
C GLY R 399 -19.22 5.44 -2.72
N GLN R 400 -19.58 5.62 -1.45
CA GLN R 400 -19.36 4.61 -0.44
C GLN R 400 -20.67 4.27 0.26
N CYS R 401 -20.95 2.97 0.36
CA CYS R 401 -22.04 2.49 1.20
C CYS R 401 -21.61 1.15 1.78
N MET R 402 -22.41 0.67 2.73
CA MET R 402 -22.11 -0.58 3.42
C MET R 402 -23.39 -1.38 3.57
N TYR R 403 -23.44 -2.56 2.99
CA TYR R 403 -24.57 -3.45 3.18
C TYR R 403 -24.32 -4.26 4.45
N ALA R 404 -25.00 -3.89 5.52
CA ALA R 404 -24.85 -4.64 6.76
C ALA R 404 -25.62 -5.94 6.67
N PRO R 405 -24.99 -7.08 6.92
CA PRO R 405 -25.67 -8.36 6.78
C PRO R 405 -26.65 -8.57 7.91
N PRO R 406 -27.69 -9.38 7.69
CA PRO R 406 -28.59 -9.72 8.78
C PRO R 406 -27.91 -10.66 9.76
N ILE R 407 -28.49 -10.74 10.95
CA ILE R 407 -27.96 -11.57 12.02
C ILE R 407 -29.08 -12.44 12.58
N GLN R 408 -28.70 -13.62 13.05
CA GLN R 408 -29.68 -14.62 13.46
C GLN R 408 -30.39 -14.25 14.75
N GLY R 409 -31.65 -14.66 14.84
CA GLY R 409 -32.35 -14.67 16.10
C GLY R 409 -32.86 -13.32 16.54
N VAL R 410 -33.61 -13.34 17.64
CA VAL R 410 -34.08 -12.11 18.27
C VAL R 410 -32.91 -11.39 18.91
N ILE R 411 -32.79 -10.10 18.61
CA ILE R 411 -31.65 -9.30 19.02
C ILE R 411 -32.10 -8.26 20.03
N ARG R 412 -31.35 -8.14 21.12
CA ARG R 412 -31.62 -7.08 22.08
C ARG R 412 -30.27 -6.66 22.69
N CYS R 413 -30.25 -5.44 23.20
CA CYS R 413 -29.08 -4.95 23.92
C CYS R 413 -29.50 -3.91 24.94
N VAL R 414 -28.63 -3.68 25.90
CA VAL R 414 -28.86 -2.76 27.01
C VAL R 414 -27.78 -1.69 26.97
N SER R 415 -28.18 -0.43 27.04
CA SER R 415 -27.22 0.64 27.05
C SER R 415 -27.65 1.69 28.05
N ASN R 416 -26.67 2.46 28.51
CA ASN R 416 -26.90 3.57 29.43
C ASN R 416 -26.84 4.84 28.61
N ILE R 417 -27.95 5.56 28.51
CA ILE R 417 -27.90 6.90 27.96
C ILE R 417 -27.11 7.76 28.92
N THR R 418 -26.10 8.44 28.40
CA THR R 418 -25.20 9.26 29.20
C THR R 418 -25.42 10.75 29.00
N GLY R 419 -25.51 11.18 27.76
CA GLY R 419 -25.67 12.59 27.49
C GLY R 419 -26.68 12.89 26.39
N LEU R 420 -26.73 14.15 25.96
CA LEU R 420 -27.63 14.59 24.92
C LEU R 420 -26.91 15.57 24.02
N ILE R 421 -27.51 15.84 22.86
CA ILE R 421 -27.11 16.95 22.02
C ILE R 421 -28.36 17.75 21.68
N LEU R 422 -28.37 19.02 22.03
CA LEU R 422 -29.56 19.84 21.89
C LEU R 422 -29.27 21.03 20.98
N THR R 423 -30.33 21.76 20.63
CA THR R 423 -30.22 22.94 19.79
C THR R 423 -31.36 23.88 20.14
N ARG R 424 -31.02 25.14 20.38
CA ARG R 424 -32.03 26.17 20.63
C ARG R 424 -32.53 26.72 19.30
N ASP R 425 -33.76 27.23 19.31
CA ASP R 425 -34.29 27.95 18.16
C ASP R 425 -34.02 29.44 18.27
N GLY R 426 -33.87 30.08 17.12
CA GLY R 426 -33.58 31.51 17.08
C GLY R 426 -34.79 32.37 17.32
N GLY R 427 -35.23 32.43 18.57
CA GLY R 427 -36.48 33.08 18.89
C GLY R 427 -36.43 34.57 19.09
N SER R 428 -36.80 35.32 18.07
CA SER R 428 -36.98 36.76 18.19
C SER R 428 -38.43 37.04 18.60
N THR R 429 -38.81 38.32 18.57
CA THR R 429 -40.17 38.83 18.84
C THR R 429 -40.67 38.41 20.23
N ASN R 430 -39.86 38.73 21.25
CA ASN R 430 -40.21 38.60 22.67
C ASN R 430 -40.55 37.15 23.03
N SER R 431 -39.59 36.26 22.81
CA SER R 431 -39.81 34.84 23.03
C SER R 431 -39.61 34.53 24.51
N THR R 432 -40.70 34.13 25.18
CA THR R 432 -40.59 33.74 26.57
C THR R 432 -40.17 32.28 26.70
N THR R 433 -40.83 31.39 25.96
CA THR R 433 -40.40 30.01 25.91
C THR R 433 -39.13 29.89 25.07
N GLU R 434 -38.29 28.91 25.43
CA GLU R 434 -37.06 28.65 24.69
C GLU R 434 -37.01 27.16 24.38
N THR R 435 -37.54 26.79 23.23
CA THR R 435 -37.69 25.38 22.89
C THR R 435 -36.35 24.79 22.46
N PHE R 436 -36.19 23.49 22.76
CA PHE R 436 -34.94 22.77 22.55
C PHE R 436 -35.22 21.52 21.73
N ARG R 437 -34.57 21.40 20.61
CA ARG R 437 -34.77 20.27 19.72
C ARG R 437 -33.48 19.47 19.60
N PRO R 438 -33.55 18.15 19.53
CA PRO R 438 -32.32 17.36 19.38
C PRO R 438 -31.80 17.42 17.97
N GLY R 439 -30.50 17.25 17.83
CA GLY R 439 -29.94 17.10 16.50
C GLY R 439 -28.53 16.55 16.49
N GLY R 440 -28.31 15.50 15.70
CA GLY R 440 -27.00 14.90 15.65
C GLY R 440 -26.00 15.71 14.86
N GLY R 441 -26.21 15.80 13.54
CA GLY R 441 -25.31 16.55 12.68
C GLY R 441 -23.94 15.92 12.56
N ASP R 442 -22.92 16.64 13.01
CA ASP R 442 -21.56 16.14 12.98
C ASP R 442 -21.39 15.04 14.02
N MET R 443 -20.57 14.04 13.66
CA MET R 443 -20.23 13.00 14.62
C MET R 443 -19.27 13.50 15.69
N ARG R 444 -18.57 14.62 15.43
CA ARG R 444 -17.52 15.10 16.32
C ARG R 444 -18.07 15.55 17.65
N ASP R 445 -19.33 15.95 17.71
CA ASP R 445 -19.95 16.29 18.99
C ASP R 445 -20.13 15.06 19.87
N ASN R 446 -20.24 13.88 19.27
CA ASN R 446 -20.08 12.66 20.05
C ASN R 446 -18.67 12.55 20.60
N TRP R 447 -17.68 12.87 19.78
CA TRP R 447 -16.30 12.66 20.18
C TRP R 447 -15.82 13.74 21.13
N ARG R 448 -16.33 14.96 20.96
CA ARG R 448 -15.93 16.06 21.82
C ARG R 448 -16.47 15.89 23.24
N SER R 449 -17.52 15.10 23.42
CA SER R 449 -18.06 14.84 24.75
C SER R 449 -17.19 13.93 25.59
N GLU R 450 -16.15 13.33 25.02
CA GLU R 450 -15.23 12.51 25.78
C GLU R 450 -13.82 13.06 25.86
N LEU R 451 -13.44 13.98 24.98
CA LEU R 451 -12.12 14.60 25.02
C LEU R 451 -12.17 16.01 25.60
N TYR R 452 -13.16 16.30 26.43
CA TYR R 452 -13.23 17.62 27.03
C TYR R 452 -12.20 17.81 28.13
N LYS R 453 -11.75 16.70 28.71
CA LYS R 453 -10.74 16.78 29.76
C LYS R 453 -9.34 16.94 29.18
N TYR R 454 -9.10 16.49 27.97
CA TYR R 454 -7.73 16.29 27.49
C TYR R 454 -7.28 17.42 26.58
N LYS R 455 -6.02 17.80 26.71
CA LYS R 455 -5.32 18.58 25.70
C LYS R 455 -3.89 18.03 25.60
N VAL R 456 -3.20 18.45 24.55
CA VAL R 456 -1.84 18.00 24.29
C VAL R 456 -0.91 19.20 24.28
N VAL R 457 0.28 19.03 24.85
CA VAL R 457 1.29 20.07 24.91
C VAL R 457 2.62 19.48 24.45
N LYS R 458 3.55 20.36 24.10
CA LYS R 458 4.88 19.96 23.67
C LYS R 458 5.89 20.33 24.75
N ILE R 459 6.64 19.35 25.23
CA ILE R 459 7.69 19.62 26.20
C ILE R 459 8.81 20.40 25.52
N GLU R 460 9.17 21.54 26.09
CA GLU R 460 10.28 22.33 25.59
C GLU R 460 11.35 22.44 26.66
N PRO R 461 12.37 21.61 26.61
CA PRO R 461 13.52 21.79 27.50
C PRO R 461 14.41 22.94 27.09
N LEU R 462 15.60 23.00 27.68
CA LEU R 462 16.62 24.03 27.45
C LEU R 462 16.06 25.36 27.92
N GLY R 463 15.75 25.44 29.20
CA GLY R 463 15.49 26.73 29.81
C GLY R 463 16.78 27.46 30.11
N VAL R 464 16.67 28.79 30.16
CA VAL R 464 17.83 29.64 30.39
C VAL R 464 17.48 30.64 31.47
N ALA R 465 18.45 30.93 32.34
CA ALA R 465 18.17 31.69 33.55
C ALA R 465 19.46 32.30 34.06
N PRO R 466 19.41 33.46 34.71
CA PRO R 466 20.59 33.99 35.37
C PRO R 466 20.76 33.48 36.78
N THR R 467 22.02 33.29 37.17
CA THR R 467 22.37 32.95 38.55
C THR R 467 23.76 33.51 38.83
N ARG R 468 24.30 33.16 39.99
CA ARG R 468 25.57 33.73 40.44
C ARG R 468 26.60 32.63 40.48
N CYS R 469 27.24 32.38 39.34
CA CYS R 469 28.35 31.45 39.16
C CYS R 469 28.95 31.70 37.79
N LYS R 470 30.24 31.44 37.66
CA LYS R 470 30.97 31.82 36.46
C LYS R 470 31.89 30.69 36.04
N ARG R 471 31.85 30.35 34.75
CA ARG R 471 32.64 29.24 34.25
C ARG R 471 34.12 29.61 34.18
N ARG R 472 34.96 28.74 34.76
CA ARG R 472 36.39 29.00 34.83
C ARG R 472 37.05 28.74 33.48
N VAL R 473 38.33 29.12 33.39
CA VAL R 473 39.11 28.93 32.18
C VAL R 473 39.74 27.54 32.17
N THR S 3 -60.38 -39.42 6.94
CA THR S 3 -59.81 -38.84 8.15
C THR S 3 -60.59 -39.27 9.38
N PHE S 4 -60.59 -40.57 9.65
CA PHE S 4 -61.31 -41.10 10.81
C PHE S 4 -60.33 -41.72 11.78
N VAL S 5 -60.44 -41.33 13.05
CA VAL S 5 -59.58 -41.89 14.07
C VAL S 5 -60.40 -42.48 15.20
N SER S 6 -60.13 -43.74 15.53
CA SER S 6 -60.82 -44.42 16.61
C SER S 6 -59.77 -45.10 17.49
N VAL S 7 -59.94 -45.01 18.80
CA VAL S 7 -59.01 -45.64 19.73
C VAL S 7 -59.76 -46.26 20.90
N ALA S 8 -60.02 -47.55 20.80
CA ALA S 8 -60.76 -48.27 21.81
C ALA S 8 -61.25 -47.27 22.87
N PRO S 9 -62.40 -47.55 23.50
CA PRO S 9 -62.89 -46.63 24.54
C PRO S 9 -62.01 -46.62 25.78
N GLY S 10 -61.86 -45.44 26.36
CA GLY S 10 -60.96 -45.23 27.47
C GLY S 10 -59.53 -44.91 27.07
N GLN S 11 -59.17 -45.06 25.80
CA GLN S 11 -57.81 -44.83 25.36
C GLN S 11 -57.62 -43.36 25.00
N THR S 12 -56.48 -43.05 24.39
CA THR S 12 -56.13 -41.70 24.00
C THR S 12 -56.36 -41.50 22.50
N ALA S 13 -56.37 -40.24 22.08
CA ALA S 13 -56.55 -39.89 20.69
C ALA S 13 -55.94 -38.52 20.44
N ARG S 14 -55.29 -38.36 19.31
CA ARG S 14 -54.69 -37.09 18.90
C ARG S 14 -55.23 -36.75 17.52
N ILE S 15 -56.10 -35.75 17.47
CA ILE S 15 -56.80 -35.38 16.24
C ILE S 15 -56.16 -34.09 15.75
N THR S 16 -55.43 -34.17 14.64
CA THR S 16 -54.84 -32.98 14.06
C THR S 16 -55.81 -32.36 13.05
N CYS S 17 -55.66 -31.05 12.85
CA CYS S 17 -56.52 -30.34 11.91
C CYS S 17 -55.83 -29.07 11.47
N GLY S 18 -56.09 -28.68 10.22
CA GLY S 18 -55.71 -27.36 9.74
C GLY S 18 -54.29 -27.26 9.24
N GLU S 19 -53.97 -26.06 8.78
CA GLU S 19 -52.68 -25.75 8.18
C GLU S 19 -51.62 -25.60 9.26
N GLU S 20 -50.37 -25.84 8.88
CA GLU S 20 -49.25 -25.63 9.78
C GLU S 20 -49.09 -24.14 10.07
N SER S 21 -48.68 -23.84 11.30
CA SER S 21 -48.69 -22.47 11.81
C SER S 21 -47.61 -21.62 11.15
N LEU S 22 -47.89 -20.32 11.06
CA LEU S 22 -46.95 -19.33 10.58
C LEU S 22 -46.57 -18.32 11.65
N GLY S 23 -47.53 -17.81 12.40
CA GLY S 23 -47.26 -16.93 13.51
C GLY S 23 -47.96 -17.42 14.76
N SER S 24 -48.42 -16.47 15.57
CA SER S 24 -49.23 -16.80 16.73
C SER S 24 -50.65 -17.13 16.30
N ARG S 25 -51.23 -18.16 16.91
CA ARG S 25 -52.57 -18.58 16.53
C ARG S 25 -53.48 -18.62 17.76
N SER S 26 -54.77 -18.43 17.50
CA SER S 26 -55.83 -18.67 18.47
C SER S 26 -56.81 -19.63 17.82
N VAL S 27 -56.58 -20.92 18.01
CA VAL S 27 -57.40 -21.95 17.37
C VAL S 27 -58.70 -22.09 18.15
N ILE S 28 -59.75 -22.53 17.48
CA ILE S 28 -61.04 -22.81 18.11
C ILE S 28 -61.51 -24.18 17.66
N TRP S 29 -61.76 -25.07 18.62
CA TRP S 29 -62.21 -26.43 18.35
C TRP S 29 -63.71 -26.54 18.59
N TYR S 30 -64.42 -27.05 17.59
CA TYR S 30 -65.83 -27.37 17.63
C TYR S 30 -66.03 -28.87 17.49
N GLN S 31 -67.19 -29.36 17.92
CA GLN S 31 -67.61 -30.72 17.61
C GLN S 31 -69.03 -30.71 17.06
N GLN S 32 -69.39 -31.84 16.46
CA GLN S 32 -70.63 -31.96 15.69
C GLN S 32 -71.14 -33.38 15.86
N ARG S 33 -72.11 -33.56 16.74
CA ARG S 33 -72.82 -34.82 16.80
C ARG S 33 -73.70 -34.95 15.56
N PRO S 34 -73.89 -36.18 15.06
CA PRO S 34 -74.57 -36.36 13.76
C PRO S 34 -76.03 -35.93 13.81
N GLY S 35 -76.40 -35.03 12.90
CA GLY S 35 -77.74 -34.50 12.82
C GLY S 35 -78.00 -33.27 13.66
N GLN S 36 -77.11 -32.95 14.59
CA GLN S 36 -77.34 -31.87 15.52
C GLN S 36 -76.71 -30.57 15.01
N ALA S 37 -76.76 -29.54 15.84
CA ALA S 37 -76.01 -28.31 15.64
C ALA S 37 -74.57 -28.55 16.10
N PRO S 38 -73.65 -27.64 15.79
CA PRO S 38 -72.32 -27.72 16.43
C PRO S 38 -72.39 -27.37 17.90
N SER S 39 -71.24 -27.54 18.56
CA SER S 39 -71.09 -27.10 19.93
C SER S 39 -69.62 -26.83 20.17
N LEU S 40 -69.33 -25.69 20.79
CA LEU S 40 -67.96 -25.33 21.10
C LEU S 40 -67.42 -26.25 22.17
N ILE S 41 -66.17 -26.70 22.01
CA ILE S 41 -65.47 -27.39 23.06
C ILE S 41 -64.25 -26.60 23.54
N ILE S 42 -63.50 -25.98 22.63
CA ILE S 42 -62.30 -25.22 23.00
C ILE S 42 -62.36 -23.88 22.28
N TYR S 43 -62.19 -22.78 23.03
CA TYR S 43 -62.31 -21.45 22.43
C TYR S 43 -60.99 -20.70 22.31
N ASN S 44 -59.93 -21.17 22.94
CA ASN S 44 -58.60 -20.58 22.81
C ASN S 44 -57.70 -21.75 22.42
N ASN S 45 -56.39 -21.58 22.55
CA ASN S 45 -55.49 -22.69 22.30
C ASN S 45 -55.67 -23.81 23.31
N ASN S 46 -55.81 -23.47 24.59
CA ASN S 46 -56.00 -24.49 25.63
C ASN S 46 -57.00 -24.01 26.69
N ASP S 47 -58.10 -23.40 26.26
CA ASP S 47 -59.08 -22.90 27.22
C ASP S 47 -60.46 -23.40 26.82
N ARG S 48 -61.19 -23.92 27.81
CA ARG S 48 -62.51 -24.47 27.61
C ARG S 48 -63.55 -23.73 28.44
N PRO S 49 -64.78 -23.62 27.96
CA PRO S 49 -65.83 -23.00 28.77
C PRO S 49 -66.48 -24.00 29.71
N SER S 50 -67.54 -23.57 30.39
CA SER S 50 -68.31 -24.48 31.23
C SER S 50 -69.09 -25.46 30.37
N GLY S 51 -69.47 -26.58 30.97
CA GLY S 51 -70.21 -27.62 30.29
C GLY S 51 -69.35 -28.72 29.69
N ILE S 52 -68.23 -28.34 29.09
CA ILE S 52 -67.30 -29.33 28.54
C ILE S 52 -66.26 -29.63 29.62
N PRO S 53 -66.01 -30.90 29.90
CA PRO S 53 -65.05 -31.25 30.96
C PRO S 53 -63.62 -31.16 30.45
N ASP S 54 -62.69 -31.56 31.32
CA ASP S 54 -61.28 -31.61 30.98
C ASP S 54 -60.94 -32.84 30.16
N ARG S 55 -59.64 -33.15 30.06
CA ARG S 55 -58.98 -34.15 29.22
C ARG S 55 -59.01 -33.78 27.74
N PHE S 56 -59.61 -32.65 27.38
CA PHE S 56 -59.61 -32.15 26.00
C PHE S 56 -58.55 -31.07 25.90
N SER S 57 -57.29 -31.49 25.79
CA SER S 57 -56.18 -30.57 25.73
C SER S 57 -55.95 -30.10 24.29
N GLY S 58 -55.41 -28.90 24.17
CA GLY S 58 -55.12 -28.33 22.86
C GLY S 58 -53.68 -27.87 22.80
N SER S 59 -53.14 -27.92 21.58
CA SER S 59 -51.76 -27.48 21.37
C SER S 59 -51.67 -25.97 21.51
N PRO S 60 -50.63 -25.46 22.18
CA PRO S 60 -50.53 -24.01 22.39
C PRO S 60 -50.16 -23.30 21.10
N GLY S 61 -50.56 -22.04 21.03
CA GLY S 61 -50.30 -21.20 19.88
C GLY S 61 -48.94 -20.55 19.84
N SER S 62 -48.13 -20.74 20.89
CA SER S 62 -46.79 -20.16 20.90
C SER S 62 -45.83 -20.93 20.01
N THR S 63 -46.18 -22.15 19.62
CA THR S 63 -45.28 -22.97 18.83
C THR S 63 -45.34 -22.54 17.37
N PHE S 64 -44.19 -22.48 16.72
CA PHE S 64 -44.06 -21.93 15.38
C PHE S 64 -43.76 -23.05 14.39
N GLY S 65 -44.64 -23.21 13.41
CA GLY S 65 -44.44 -24.25 12.42
C GLY S 65 -44.84 -25.62 12.89
N THR S 66 -45.99 -25.73 13.55
CA THR S 66 -46.60 -27.01 13.87
C THR S 66 -48.08 -26.98 13.50
N THR S 67 -48.69 -28.16 13.53
CA THR S 67 -50.07 -28.34 13.14
C THR S 67 -50.93 -28.42 14.41
N ALA S 68 -52.12 -27.82 14.34
CA ALA S 68 -53.01 -27.78 15.50
C ALA S 68 -53.53 -29.18 15.82
N THR S 69 -53.41 -29.57 17.09
CA THR S 69 -53.82 -30.88 17.56
C THR S 69 -54.88 -30.74 18.64
N LEU S 70 -55.58 -31.84 18.89
CA LEU S 70 -56.56 -31.93 19.95
C LEU S 70 -56.39 -33.30 20.60
N THR S 71 -56.01 -33.31 21.87
CA THR S 71 -55.67 -34.54 22.58
C THR S 71 -56.78 -34.89 23.55
N ILE S 72 -57.31 -36.10 23.43
CA ILE S 72 -58.35 -36.61 24.31
C ILE S 72 -57.83 -37.86 25.01
N THR S 73 -58.02 -37.92 26.33
CA THR S 73 -57.80 -39.14 27.08
C THR S 73 -59.13 -39.58 27.68
N SER S 74 -59.24 -40.90 27.89
CA SER S 74 -60.45 -41.57 28.39
C SER S 74 -61.66 -41.26 27.52
N VAL S 75 -61.61 -41.74 26.28
CA VAL S 75 -62.64 -41.47 25.29
C VAL S 75 -63.89 -42.29 25.58
N GLU S 76 -64.98 -41.95 24.91
CA GLU S 76 -66.25 -42.63 25.12
C GLU S 76 -67.07 -42.56 23.84
N ALA S 77 -68.28 -43.13 23.88
CA ALA S 77 -69.20 -43.06 22.75
C ALA S 77 -69.82 -41.68 22.59
N GLY S 78 -69.90 -40.90 23.66
CA GLY S 78 -70.29 -39.51 23.55
C GLY S 78 -69.25 -38.63 22.90
N ASP S 79 -67.99 -39.08 22.89
CA ASP S 79 -66.94 -38.37 22.18
C ASP S 79 -66.98 -38.62 20.69
N GLU S 80 -67.71 -39.64 20.25
CA GLU S 80 -67.79 -40.01 18.84
C GLU S 80 -68.62 -38.96 18.09
N ALA S 81 -67.93 -38.06 17.40
CA ALA S 81 -68.56 -36.96 16.68
C ALA S 81 -67.58 -36.47 15.62
N ASP S 82 -67.98 -35.41 14.93
CA ASP S 82 -67.15 -34.80 13.90
C ASP S 82 -66.49 -33.54 14.46
N TYR S 83 -65.17 -33.53 14.48
CA TYR S 83 -64.45 -32.41 15.07
C TYR S 83 -64.06 -31.40 14.00
N TYR S 84 -63.91 -30.15 14.42
CA TYR S 84 -63.56 -29.08 13.50
C TYR S 84 -62.58 -28.14 14.17
N CYS S 85 -61.66 -27.62 13.38
CA CYS S 85 -60.71 -26.62 13.83
C CYS S 85 -60.98 -25.32 13.10
N HIS S 86 -60.67 -24.21 13.76
CA HIS S 86 -60.81 -22.88 13.16
C HIS S 86 -59.59 -22.10 13.62
N ILE S 87 -58.58 -22.02 12.77
CA ILE S 87 -57.35 -21.36 13.15
C ILE S 87 -57.47 -19.88 12.87
N TRP S 88 -56.80 -19.09 13.70
CA TRP S 88 -56.77 -17.64 13.60
C TRP S 88 -55.30 -17.25 13.70
N ASP S 89 -54.60 -17.29 12.58
CA ASP S 89 -53.17 -17.01 12.62
C ASP S 89 -52.96 -15.51 12.60
N SER S 90 -51.89 -15.07 13.27
CA SER S 90 -51.52 -13.66 13.32
C SER S 90 -50.84 -13.20 12.05
N ARG S 91 -50.61 -14.11 11.10
CA ARG S 91 -49.97 -13.78 9.84
C ARG S 91 -50.88 -14.02 8.65
N ARG S 92 -51.54 -15.17 8.58
CA ARG S 92 -52.50 -15.41 7.51
C ARG S 92 -53.78 -14.61 7.75
N PRO S 93 -54.52 -14.26 6.69
CA PRO S 93 -55.77 -13.51 6.89
C PRO S 93 -56.90 -14.36 7.45
N THR S 94 -58.09 -13.76 7.49
CA THR S 94 -59.22 -14.32 8.23
C THR S 94 -59.79 -15.53 7.51
N ASN S 95 -59.98 -16.62 8.25
CA ASN S 95 -60.54 -17.84 7.70
C ASN S 95 -62.04 -17.82 7.91
N TRP S 96 -62.78 -17.46 6.85
CA TRP S 96 -64.23 -17.43 6.91
C TRP S 96 -64.86 -18.81 6.79
N VAL S 97 -64.08 -19.82 6.45
CA VAL S 97 -64.56 -21.20 6.40
C VAL S 97 -63.67 -22.01 7.32
N PHE S 98 -64.24 -23.07 7.90
CA PHE S 98 -63.54 -23.87 8.90
C PHE S 98 -62.56 -24.80 8.21
N GLY S 99 -61.91 -25.66 8.99
CA GLY S 99 -60.94 -26.61 8.47
C GLY S 99 -61.57 -27.79 7.77
N GLU S 100 -60.88 -28.92 7.82
CA GLU S 100 -61.42 -30.16 7.25
C GLU S 100 -62.06 -30.98 8.36
N GLY S 101 -63.18 -31.62 8.03
CA GLY S 101 -63.92 -32.38 9.00
C GLY S 101 -63.19 -33.64 9.38
N THR S 102 -62.85 -33.78 10.65
CA THR S 102 -62.21 -34.97 11.16
C THR S 102 -63.23 -35.76 11.98
N THR S 103 -63.25 -37.07 11.76
CA THR S 103 -64.28 -37.94 12.30
C THR S 103 -63.66 -38.90 13.32
N LEU S 104 -64.31 -39.02 14.47
CA LEU S 104 -63.86 -39.95 15.50
C LEU S 104 -64.84 -41.13 15.55
N ILE S 105 -64.30 -42.33 15.74
CA ILE S 105 -65.10 -43.53 15.96
C ILE S 105 -64.51 -44.29 17.14
N VAL S 106 -65.36 -45.10 17.79
CA VAL S 106 -65.00 -45.81 18.99
C VAL S 106 -65.52 -47.24 18.89
N LEU S 107 -64.87 -48.15 19.60
CA LEU S 107 -65.31 -49.54 19.65
C LEU S 107 -66.44 -49.70 20.66
N GLN T 1 -79.63 -19.45 30.19
CA GLN T 1 -80.30 -20.44 29.35
C GLN T 1 -80.82 -19.76 28.09
N VAL T 2 -80.16 -20.04 26.97
CA VAL T 2 -80.57 -19.50 25.68
C VAL T 2 -80.70 -20.65 24.68
N HIS T 3 -81.67 -20.52 23.77
CA HIS T 3 -81.77 -21.41 22.63
C HIS T 3 -82.44 -20.64 21.50
N LEU T 4 -82.00 -20.89 20.28
CA LEU T 4 -82.46 -20.14 19.13
C LEU T 4 -83.36 -21.01 18.26
N GLN T 5 -84.07 -20.36 17.35
CA GLN T 5 -84.99 -21.04 16.45
C GLN T 5 -85.05 -20.28 15.15
N GLU T 6 -84.67 -20.94 14.06
CA GLU T 6 -84.74 -20.34 12.74
C GLU T 6 -86.06 -20.66 12.07
N SER T 7 -86.35 -19.93 10.99
CA SER T 7 -87.53 -20.19 10.19
C SER T 7 -87.31 -19.68 8.78
N GLY T 8 -87.73 -20.46 7.79
CA GLY T 8 -87.54 -20.11 6.41
C GLY T 8 -88.44 -20.88 5.47
N PRO T 9 -88.32 -20.60 4.16
CA PRO T 9 -89.20 -21.26 3.18
C PRO T 9 -88.88 -22.74 2.97
N GLY T 10 -87.60 -23.08 2.84
CA GLY T 10 -87.18 -24.46 2.59
C GLY T 10 -87.11 -24.83 1.13
N LEU T 11 -88.08 -24.41 0.34
CA LEU T 11 -88.09 -24.63 -1.11
C LEU T 11 -87.83 -23.30 -1.79
N VAL T 12 -86.78 -23.26 -2.61
CA VAL T 12 -86.32 -22.02 -3.23
C VAL T 12 -86.27 -22.21 -4.74
N LYS T 13 -86.95 -21.33 -5.46
CA LYS T 13 -86.70 -21.25 -6.89
C LYS T 13 -85.49 -20.37 -7.16
N PRO T 14 -84.66 -20.70 -8.14
CA PRO T 14 -83.40 -19.95 -8.34
C PRO T 14 -83.64 -18.53 -8.81
N SER T 15 -82.56 -17.73 -8.66
CA SER T 15 -82.55 -16.27 -8.92
C SER T 15 -83.64 -15.55 -8.13
N GLU T 16 -83.77 -15.90 -6.86
CA GLU T 16 -84.78 -15.32 -5.99
C GLU T 16 -84.14 -15.03 -4.64
N THR T 17 -84.53 -13.92 -4.03
CA THR T 17 -83.90 -13.46 -2.79
C THR T 17 -84.35 -14.34 -1.62
N LEU T 18 -83.40 -15.11 -1.08
CA LEU T 18 -83.66 -15.90 0.11
C LEU T 18 -83.64 -15.03 1.35
N SER T 19 -84.58 -15.27 2.26
CA SER T 19 -84.66 -14.53 3.50
C SER T 19 -84.91 -15.50 4.64
N LEU T 20 -84.28 -15.23 5.79
CA LEU T 20 -84.47 -16.06 6.96
C LEU T 20 -84.65 -15.20 8.20
N THR T 21 -85.26 -15.82 9.22
CA THR T 21 -85.44 -15.18 10.52
C THR T 21 -84.91 -16.09 11.61
N CYS T 22 -84.74 -15.51 12.79
CA CYS T 22 -84.19 -16.21 13.96
C CYS T 22 -84.79 -15.59 15.21
N ASN T 23 -85.45 -16.41 16.02
CA ASN T 23 -86.06 -15.94 17.25
C ASN T 23 -85.02 -15.84 18.36
N VAL T 24 -85.47 -15.45 19.55
CA VAL T 24 -84.61 -15.37 20.72
C VAL T 24 -85.27 -16.16 21.85
N SER T 25 -84.49 -16.40 22.90
CA SER T 25 -85.00 -16.96 24.15
C SER T 25 -84.05 -16.59 25.27
N GLY T 26 -84.51 -15.79 26.23
CA GLY T 26 -83.70 -15.40 27.35
C GLY T 26 -82.94 -14.10 27.17
N THR T 27 -81.94 -14.11 26.29
CA THR T 27 -81.07 -12.95 26.08
C THR T 27 -81.50 -12.20 24.83
N LEU T 28 -81.63 -10.88 24.95
CA LEU T 28 -82.17 -10.05 23.88
C LEU T 28 -81.12 -9.83 22.79
N VAL T 29 -81.49 -8.99 21.80
CA VAL T 29 -80.68 -8.82 20.61
C VAL T 29 -79.53 -7.83 20.85
N ARG T 30 -79.69 -6.89 21.76
CA ARG T 30 -78.66 -5.87 21.99
C ARG T 30 -77.48 -6.43 22.78
N ASP T 31 -77.74 -7.44 23.61
CA ASP T 31 -76.81 -7.82 24.67
C ASP T 31 -75.60 -8.61 24.15
N ASN T 32 -75.58 -9.01 22.87
CA ASN T 32 -74.49 -9.84 22.39
C ASN T 32 -74.39 -9.68 20.87
N TYR T 33 -73.27 -10.14 20.32
CA TYR T 33 -73.08 -10.24 18.89
C TYR T 33 -74.02 -11.28 18.28
N TRP T 34 -74.14 -11.26 16.96
CA TRP T 34 -74.89 -12.29 16.25
C TRP T 34 -74.10 -12.72 15.03
N SER T 35 -74.34 -13.95 14.58
CA SER T 35 -73.56 -14.50 13.48
C SER T 35 -74.41 -15.49 12.71
N TRP T 36 -74.11 -15.60 11.42
CA TRP T 36 -74.74 -16.56 10.53
C TRP T 36 -73.68 -17.47 9.93
N ILE T 37 -74.03 -18.76 9.88
CA ILE T 37 -73.15 -19.85 9.48
C ILE T 37 -73.96 -20.72 8.52
N ARG T 38 -73.32 -21.25 7.48
CA ARG T 38 -74.01 -22.24 6.67
C ARG T 38 -73.18 -23.50 6.57
N GLN T 39 -73.86 -24.63 6.41
CA GLN T 39 -73.13 -25.88 6.25
C GLN T 39 -73.82 -26.76 5.22
N PRO T 40 -73.11 -27.18 4.18
CA PRO T 40 -73.67 -28.16 3.25
C PRO T 40 -73.69 -29.55 3.87
N LEU T 41 -74.27 -30.49 3.12
CA LEU T 41 -74.43 -31.84 3.63
C LEU T 41 -73.09 -32.57 3.60
N GLY T 42 -72.71 -33.14 4.74
CA GLY T 42 -71.45 -33.86 4.86
C GLY T 42 -70.22 -33.00 4.67
N LYS T 43 -70.30 -31.72 5.03
CA LYS T 43 -69.23 -30.77 4.77
C LYS T 43 -68.89 -30.00 6.04
N GLN T 44 -67.77 -29.30 6.00
CA GLN T 44 -67.44 -28.37 7.07
C GLN T 44 -68.34 -27.15 6.97
N PRO T 45 -68.61 -26.48 8.09
CA PRO T 45 -69.45 -25.28 8.04
C PRO T 45 -68.75 -24.13 7.36
N GLU T 46 -69.55 -23.15 6.96
CA GLU T 46 -69.06 -21.93 6.33
C GLU T 46 -69.65 -20.75 7.09
N TRP T 47 -68.80 -20.04 7.82
CA TRP T 47 -69.24 -18.92 8.64
C TRP T 47 -69.52 -17.73 7.73
N ILE T 48 -70.81 -17.43 7.52
CA ILE T 48 -71.21 -16.40 6.58
C ILE T 48 -70.80 -15.02 7.10
N GLY T 49 -70.90 -14.81 8.39
CA GLY T 49 -70.41 -13.57 8.96
C GLY T 49 -71.10 -13.23 10.26
N TYR T 50 -70.94 -11.97 10.66
CA TYR T 50 -71.48 -11.52 11.92
C TYR T 50 -72.11 -10.14 11.76
N VAL T 51 -73.08 -9.86 12.63
CA VAL T 51 -73.79 -8.59 12.68
C VAL T 51 -73.91 -8.18 14.14
N HIS T 52 -73.76 -6.88 14.38
CA HIS T 52 -74.03 -6.26 15.66
C HIS T 52 -74.31 -4.79 15.42
N ASP T 53 -75.01 -4.17 16.36
CA ASP T 53 -75.18 -2.73 16.40
C ASP T 53 -73.82 -2.03 16.47
N SER T 54 -73.82 -0.76 16.03
CA SER T 54 -72.64 0.10 15.91
C SER T 54 -71.59 -0.50 14.97
N GLY T 55 -72.03 -0.82 13.75
CA GLY T 55 -71.14 -1.09 12.64
C GLY T 55 -70.38 -2.39 12.67
N ASP T 56 -70.60 -3.26 13.66
CA ASP T 56 -69.88 -4.52 13.77
C ASP T 56 -70.56 -5.56 12.88
N THR T 57 -70.44 -5.33 11.57
CA THR T 57 -71.24 -6.04 10.56
C THR T 57 -70.36 -6.42 9.38
N ASN T 58 -69.26 -7.14 9.65
CA ASN T 58 -68.40 -7.58 8.56
C ASN T 58 -68.93 -8.87 7.95
N TYR T 59 -68.71 -9.01 6.64
CA TYR T 59 -69.27 -10.10 5.86
C TYR T 59 -68.15 -10.98 5.32
N ASN T 60 -68.54 -12.16 4.84
CA ASN T 60 -67.63 -13.01 4.08
C ASN T 60 -67.32 -12.32 2.77
N PRO T 61 -66.05 -12.00 2.47
CA PRO T 61 -65.73 -11.31 1.22
C PRO T 61 -65.92 -12.16 -0.02
N SER T 62 -66.12 -13.47 0.11
CA SER T 62 -66.48 -14.29 -1.03
C SER T 62 -67.86 -13.90 -1.56
N LEU T 63 -68.83 -13.74 -0.67
CA LEU T 63 -70.16 -13.32 -1.11
C LEU T 63 -70.22 -11.81 -1.27
N LYS T 64 -70.15 -11.08 -0.15
CA LYS T 64 -69.77 -9.67 -0.01
C LYS T 64 -70.79 -8.68 -0.58
N SER T 65 -71.69 -9.13 -1.43
CA SER T 65 -72.69 -8.26 -2.02
C SER T 65 -74.09 -8.84 -1.94
N ARG T 66 -74.22 -10.16 -2.10
CA ARG T 66 -75.52 -10.81 -2.16
C ARG T 66 -75.97 -11.33 -0.81
N VAL T 67 -75.46 -10.76 0.28
CA VAL T 67 -75.86 -11.14 1.63
C VAL T 67 -75.95 -9.88 2.48
N HIS T 68 -77.02 -9.77 3.27
CA HIS T 68 -77.25 -8.61 4.11
C HIS T 68 -77.87 -9.08 5.42
N LEU T 69 -77.18 -8.80 6.51
CA LEU T 69 -77.61 -9.27 7.82
C LEU T 69 -78.36 -8.14 8.51
N SER T 70 -79.29 -8.49 9.40
CA SER T 70 -80.15 -7.48 9.99
C SER T 70 -80.64 -7.95 11.35
N LEU T 71 -81.12 -6.99 12.14
CA LEU T 71 -81.66 -7.26 13.46
C LEU T 71 -83.12 -6.81 13.51
N ASP T 72 -83.76 -7.06 14.64
CA ASP T 72 -85.14 -6.64 14.89
C ASP T 72 -85.21 -6.26 16.37
N LYS T 73 -84.97 -4.99 16.66
CA LYS T 73 -85.03 -4.50 18.03
C LYS T 73 -86.46 -4.25 18.49
N SER T 74 -87.39 -4.06 17.55
CA SER T 74 -88.79 -3.93 17.91
C SER T 74 -89.36 -5.28 18.39
N LYS T 75 -89.11 -6.34 17.64
CA LYS T 75 -89.63 -7.65 17.97
C LYS T 75 -88.62 -8.56 18.64
N ASN T 76 -87.36 -8.13 18.76
CA ASN T 76 -86.24 -8.90 19.32
C ASN T 76 -86.02 -10.20 18.53
N LEU T 77 -85.63 -10.02 17.27
CA LEU T 77 -85.24 -11.14 16.41
C LEU T 77 -83.97 -10.79 15.65
N VAL T 78 -83.46 -11.77 14.89
CA VAL T 78 -82.34 -11.59 13.97
C VAL T 78 -82.87 -12.02 12.60
N SER T 79 -82.38 -11.40 11.53
CA SER T 79 -82.83 -11.76 10.19
C SER T 79 -81.69 -11.70 9.20
N LEU T 80 -81.92 -12.31 8.04
CA LEU T 80 -80.94 -12.40 6.98
C LEU T 80 -81.66 -12.25 5.65
N ARG T 81 -81.00 -11.57 4.71
CA ARG T 81 -81.43 -11.49 3.33
C ARG T 81 -80.29 -11.97 2.45
N LEU T 82 -80.62 -12.81 1.46
CA LEU T 82 -79.65 -13.30 0.50
C LEU T 82 -80.15 -12.90 -0.89
N THR T 83 -79.27 -12.94 -1.88
CA THR T 83 -79.63 -12.53 -3.23
C THR T 83 -79.07 -13.52 -4.23
N GLY T 84 -79.91 -13.95 -5.17
CA GLY T 84 -79.47 -14.78 -6.27
C GLY T 84 -79.08 -16.19 -5.85
N VAL T 85 -80.06 -17.00 -5.46
CA VAL T 85 -79.80 -18.36 -5.02
C VAL T 85 -79.39 -19.22 -6.20
N THR T 86 -78.23 -19.86 -6.10
CA THR T 86 -77.78 -20.85 -7.05
C THR T 86 -77.89 -22.23 -6.41
N ALA T 87 -77.40 -23.25 -7.11
CA ALA T 87 -77.51 -24.62 -6.64
C ALA T 87 -76.65 -24.90 -5.42
N ALA T 88 -75.59 -24.12 -5.21
CA ALA T 88 -74.71 -24.34 -4.06
C ALA T 88 -75.31 -23.84 -2.76
N ASP T 89 -76.33 -22.99 -2.82
CA ASP T 89 -76.88 -22.35 -1.63
C ASP T 89 -77.75 -23.28 -0.79
N SER T 90 -78.03 -24.49 -1.27
CA SER T 90 -78.80 -25.46 -0.49
C SER T 90 -77.93 -25.99 0.64
N ALA T 91 -78.17 -25.48 1.86
CA ALA T 91 -77.37 -25.82 3.02
C ALA T 91 -78.20 -25.48 4.26
N ILE T 92 -77.79 -26.04 5.40
CA ILE T 92 -78.48 -25.74 6.65
C ILE T 92 -77.83 -24.52 7.29
N TYR T 93 -78.65 -23.54 7.65
CA TYR T 93 -78.15 -22.24 8.07
C TYR T 93 -78.40 -22.04 9.56
N TYR T 94 -77.54 -21.25 10.19
CA TYR T 94 -77.44 -21.17 11.64
C TYR T 94 -77.31 -19.71 12.05
N CYS T 95 -78.21 -19.24 12.89
CA CYS T 95 -77.99 -18.05 13.69
C CYS T 95 -77.36 -18.45 15.02
N ALA T 96 -76.40 -17.65 15.50
CA ALA T 96 -75.67 -18.04 16.70
C ALA T 96 -75.08 -16.80 17.37
N THR T 97 -74.93 -16.88 18.68
CA THR T 97 -74.20 -15.85 19.41
C THR T 97 -72.70 -16.13 19.31
N THR T 98 -71.91 -15.07 19.33
CA THR T 98 -70.47 -15.23 19.33
C THR T 98 -69.86 -14.21 20.27
N LYS T 99 -68.63 -14.51 20.71
CA LYS T 99 -67.92 -13.70 21.68
C LYS T 99 -66.52 -13.41 21.16
N HIS T 100 -66.07 -12.18 21.32
CA HIS T 100 -64.77 -11.74 20.85
C HIS T 100 -63.72 -12.02 21.92
N GLY T 101 -62.53 -11.46 21.76
CA GLY T 101 -61.44 -11.64 22.69
C GLY T 101 -60.11 -11.38 22.01
N ARG T 102 -59.22 -10.66 22.68
CA ARG T 102 -57.99 -10.18 22.07
C ARG T 102 -56.87 -11.19 22.30
N ARG T 103 -56.31 -11.71 21.22
CA ARG T 103 -55.05 -12.41 21.25
C ARG T 103 -53.96 -11.37 21.05
N ILE T 104 -53.16 -11.15 22.10
CA ILE T 104 -52.09 -10.18 22.09
C ILE T 104 -50.77 -10.94 22.02
N TYR T 105 -49.96 -10.64 21.02
CA TYR T 105 -48.68 -11.32 20.85
C TYR T 105 -47.48 -10.38 20.90
N GLY T 106 -47.70 -9.08 20.84
CA GLY T 106 -46.59 -8.14 20.92
C GLY T 106 -46.95 -6.90 21.69
N VAL T 107 -46.52 -5.74 21.21
CA VAL T 107 -46.78 -4.49 21.89
C VAL T 107 -48.22 -4.06 21.58
N VAL T 108 -48.93 -3.61 22.62
CA VAL T 108 -50.34 -3.29 22.48
C VAL T 108 -50.54 -2.03 21.66
N ALA T 109 -49.70 -1.01 21.91
CA ALA T 109 -49.84 0.26 21.21
C ALA T 109 -49.41 0.21 19.76
N PHE T 110 -48.70 -0.84 19.34
CA PHE T 110 -48.25 -0.98 17.96
C PHE T 110 -49.20 -1.82 17.13
N LYS T 111 -50.42 -2.06 17.63
CA LYS T 111 -51.46 -2.86 16.98
C LYS T 111 -50.99 -4.29 16.69
N GLU T 112 -50.19 -4.84 17.60
CA GLU T 112 -49.68 -6.20 17.43
C GLU T 112 -50.57 -7.19 18.19
N TRP T 113 -51.82 -7.23 17.78
CA TRP T 113 -52.84 -8.08 18.39
C TRP T 113 -53.98 -8.23 17.41
N PHE T 114 -54.86 -9.20 17.68
CA PHE T 114 -56.05 -9.36 16.86
C PHE T 114 -57.19 -9.85 17.74
N THR T 115 -58.39 -9.86 17.17
CA THR T 115 -59.58 -10.30 17.88
C THR T 115 -60.15 -11.52 17.17
N TYR T 116 -60.16 -12.65 17.85
CA TYR T 116 -60.78 -13.86 17.34
C TYR T 116 -62.21 -13.93 17.81
N PHE T 117 -63.00 -14.74 17.11
CA PHE T 117 -64.39 -14.98 17.48
C PHE T 117 -64.59 -16.46 17.76
N TYR T 118 -65.59 -16.74 18.59
CA TYR T 118 -65.96 -18.11 18.89
C TYR T 118 -67.44 -18.15 19.22
N MET T 119 -68.16 -19.10 18.64
CA MET T 119 -69.60 -19.21 18.78
C MET T 119 -69.92 -20.19 19.91
N ASP T 120 -70.51 -19.68 20.99
CA ASP T 120 -70.74 -20.46 22.19
C ASP T 120 -72.00 -21.31 22.10
N VAL T 121 -73.13 -20.71 21.74
CA VAL T 121 -74.35 -21.49 21.50
C VAL T 121 -74.76 -21.27 20.05
N TRP T 122 -75.82 -21.97 19.64
CA TRP T 122 -76.12 -22.12 18.23
C TRP T 122 -77.63 -22.04 18.05
N GLY T 123 -78.06 -22.07 16.80
CA GLY T 123 -79.45 -22.24 16.45
C GLY T 123 -79.80 -23.71 16.35
N LYS T 124 -80.83 -24.01 15.55
CA LYS T 124 -81.19 -25.39 15.28
C LYS T 124 -81.25 -25.72 13.80
N GLY T 125 -81.43 -24.75 12.93
CA GLY T 125 -81.21 -24.97 11.52
C GLY T 125 -82.50 -24.87 10.71
N THR T 126 -82.32 -24.53 9.44
CA THR T 126 -83.39 -24.57 8.45
C THR T 126 -82.81 -25.23 7.19
N SER T 127 -83.31 -26.41 6.86
CA SER T 127 -82.80 -27.15 5.71
C SER T 127 -83.28 -26.50 4.43
N VAL T 128 -82.58 -25.44 3.99
CA VAL T 128 -82.96 -24.72 2.80
C VAL T 128 -82.52 -25.52 1.59
N THR T 129 -83.43 -25.68 0.63
CA THR T 129 -83.15 -26.47 -0.57
C THR T 129 -83.65 -25.70 -1.79
N VAL T 130 -82.79 -25.61 -2.80
CA VAL T 130 -83.14 -24.95 -4.05
C VAL T 130 -83.52 -26.02 -5.07
N SER T 131 -84.71 -25.87 -5.64
CA SER T 131 -85.28 -26.85 -6.57
C SER T 131 -86.38 -26.19 -7.37
N SER T 132 -86.66 -26.75 -8.54
CA SER T 132 -87.71 -26.24 -9.40
C SER T 132 -88.79 -27.29 -9.65
N GLU U 1 -34.23 37.91 23.72
CA GLU U 1 -33.79 38.43 22.44
C GLU U 1 -32.87 39.63 22.62
N ILE U 2 -32.09 39.92 21.59
CA ILE U 2 -31.15 41.04 21.59
C ILE U 2 -31.68 42.11 20.65
N VAL U 3 -31.84 43.32 21.19
CA VAL U 3 -32.38 44.44 20.43
C VAL U 3 -31.24 45.40 20.13
N LEU U 4 -30.92 45.55 18.85
CA LEU U 4 -29.87 46.44 18.41
C LEU U 4 -30.47 47.81 18.11
N THR U 5 -29.83 48.86 18.61
CA THR U 5 -30.29 50.22 18.39
C THR U 5 -29.14 51.04 17.82
N GLN U 6 -29.34 51.58 16.62
CA GLN U 6 -28.35 52.46 16.03
C GLN U 6 -28.74 53.91 16.28
N SER U 7 -27.79 54.71 16.75
CA SER U 7 -28.12 56.07 17.17
C SER U 7 -28.37 57.07 16.05
N PRO U 8 -27.50 57.24 15.03
CA PRO U 8 -27.62 58.48 14.23
C PRO U 8 -28.80 58.51 13.29
N GLY U 9 -29.26 57.36 12.79
CA GLY U 9 -30.32 57.37 11.81
C GLY U 9 -29.81 57.85 10.48
N ILE U 10 -30.21 59.04 10.07
CA ILE U 10 -29.73 59.65 8.84
C ILE U 10 -28.50 60.48 9.15
N LEU U 11 -27.44 60.27 8.37
CA LEU U 11 -26.18 60.99 8.55
C LEU U 11 -25.83 61.67 7.22
N SER U 12 -25.90 63.00 7.20
CA SER U 12 -25.66 63.78 5.99
C SER U 12 -24.29 64.43 6.10
N LEU U 13 -23.36 63.99 5.25
CA LEU U 13 -21.99 64.48 5.26
C LEU U 13 -21.53 64.72 3.84
N SER U 14 -20.35 65.30 3.72
CA SER U 14 -19.75 65.62 2.43
C SER U 14 -18.73 64.56 2.06
N PRO U 15 -18.45 64.38 0.77
CA PRO U 15 -17.37 63.47 0.36
C PRO U 15 -16.02 63.97 0.80
N GLY U 16 -15.13 63.03 1.09
CA GLY U 16 -13.83 63.33 1.64
C GLY U 16 -13.79 63.44 3.16
N GLU U 17 -14.93 63.68 3.80
CA GLU U 17 -15.00 63.77 5.24
C GLU U 17 -14.92 62.38 5.87
N THR U 18 -14.89 62.36 7.20
CA THR U 18 -14.97 61.12 7.95
C THR U 18 -16.37 60.97 8.55
N ALA U 19 -16.64 59.80 9.09
CA ALA U 19 -17.96 59.48 9.63
C ALA U 19 -17.80 58.46 10.75
N THR U 20 -18.74 58.49 11.70
CA THR U 20 -18.73 57.57 12.82
C THR U 20 -20.16 57.14 13.11
N LEU U 21 -20.46 55.87 12.88
CA LEU U 21 -21.73 55.29 13.21
C LEU U 21 -21.63 54.47 14.49
N PHE U 22 -22.76 54.34 15.17
CA PHE U 22 -22.79 53.82 16.53
C PHE U 22 -23.92 52.83 16.67
N CYS U 23 -23.66 51.71 17.35
CA CYS U 23 -24.76 50.83 17.70
C CYS U 23 -24.62 50.35 19.14
N LYS U 24 -25.77 50.13 19.76
CA LYS U 24 -25.87 49.73 21.15
C LYS U 24 -26.69 48.46 21.23
N ALA U 25 -26.19 47.49 21.98
CA ALA U 25 -26.85 46.21 22.15
C ALA U 25 -27.40 46.09 23.56
N SER U 26 -28.49 45.33 23.69
CA SER U 26 -29.09 45.14 25.00
C SER U 26 -28.28 44.21 25.87
N GLN U 27 -27.63 43.20 25.27
CA GLN U 27 -26.83 42.23 26.00
C GLN U 27 -25.37 42.37 25.58
N GLY U 28 -24.51 42.64 26.54
CA GLY U 28 -23.10 42.76 26.26
C GLY U 28 -22.35 41.45 26.39
N GLY U 29 -21.22 41.37 25.70
CA GLY U 29 -20.34 40.22 25.78
C GLY U 29 -20.06 39.52 24.47
N ASN U 30 -20.58 39.99 23.34
CA ASN U 30 -20.46 39.30 22.08
C ASN U 30 -19.80 40.21 21.04
N ALA U 31 -19.60 39.67 19.85
CA ALA U 31 -19.01 40.41 18.75
C ALA U 31 -20.09 41.22 18.03
N MET U 32 -19.70 41.87 16.93
CA MET U 32 -20.64 42.70 16.19
C MET U 32 -20.21 42.75 14.73
N THR U 33 -21.18 42.69 13.84
CA THR U 33 -20.95 42.59 12.40
C THR U 33 -21.51 43.84 11.72
N TRP U 34 -20.77 44.38 10.77
CA TRP U 34 -21.17 45.58 10.05
C TRP U 34 -21.28 45.26 8.56
N TYR U 35 -22.45 45.57 8.00
CA TYR U 35 -22.80 45.34 6.60
C TYR U 35 -22.99 46.67 5.88
N GLN U 36 -22.62 46.67 4.60
CA GLN U 36 -22.87 47.78 3.70
C GLN U 36 -23.86 47.35 2.64
N LYS U 37 -24.89 48.17 2.41
CA LYS U 37 -25.84 47.94 1.33
C LYS U 37 -26.08 49.24 0.60
N ARG U 38 -25.74 49.27 -0.68
CA ARG U 38 -25.98 50.45 -1.51
C ARG U 38 -27.42 50.43 -2.01
N ARG U 39 -27.76 51.37 -2.88
CA ARG U 39 -29.12 51.50 -3.38
C ARG U 39 -29.37 50.44 -4.44
N GLY U 40 -30.21 49.47 -4.11
CA GLY U 40 -30.64 48.47 -5.08
C GLY U 40 -29.58 47.49 -5.50
N GLN U 41 -28.69 47.09 -4.59
CA GLN U 41 -27.65 46.12 -4.89
C GLN U 41 -27.59 45.07 -3.79
N VAL U 42 -26.75 44.07 -4.03
CA VAL U 42 -26.52 43.00 -3.06
C VAL U 42 -25.75 43.56 -1.87
N PRO U 43 -26.10 43.21 -0.62
CA PRO U 43 -25.31 43.66 0.54
C PRO U 43 -23.89 43.11 0.57
N ARG U 44 -23.12 43.56 1.56
CA ARG U 44 -21.67 43.37 1.52
C ARG U 44 -21.13 43.46 2.94
N LEU U 45 -20.34 42.47 3.33
CA LEU U 45 -19.84 42.39 4.69
C LEU U 45 -18.63 43.30 4.82
N LEU U 46 -18.76 44.34 5.63
CA LEU U 46 -17.60 45.15 5.95
C LEU U 46 -16.77 44.52 7.06
N ILE U 47 -17.37 44.37 8.24
CA ILE U 47 -16.63 44.05 9.45
C ILE U 47 -17.26 42.82 10.11
N TYR U 48 -16.45 41.84 10.45
CA TYR U 48 -16.85 40.82 11.41
C TYR U 48 -15.93 40.90 12.61
N ASP U 49 -16.39 40.31 13.72
CA ASP U 49 -15.67 40.19 15.00
C ASP U 49 -15.29 41.56 15.58
N THR U 50 -16.06 42.59 15.19
CA THR U 50 -16.11 43.96 15.72
C THR U 50 -14.87 44.78 15.35
N SER U 51 -13.81 44.15 14.87
CA SER U 51 -12.63 44.90 14.47
C SER U 51 -11.93 44.35 13.24
N ARG U 52 -12.38 43.24 12.68
CA ARG U 52 -11.68 42.59 11.57
C ARG U 52 -12.33 43.00 10.25
N ARG U 53 -11.50 43.37 9.28
CA ARG U 53 -11.99 43.72 7.96
C ARG U 53 -12.10 42.47 7.11
N ALA U 54 -13.12 42.43 6.27
CA ALA U 54 -13.39 41.26 5.44
C ALA U 54 -12.51 41.29 4.19
N SER U 55 -12.77 40.39 3.26
CA SER U 55 -12.06 40.38 1.99
C SER U 55 -12.54 41.54 1.12
N GLY U 56 -11.59 42.20 0.45
CA GLY U 56 -11.91 43.30 -0.42
C GLY U 56 -12.43 44.54 0.29
N VAL U 57 -11.99 44.77 1.51
CA VAL U 57 -12.41 45.92 2.29
C VAL U 57 -11.20 46.83 2.44
N PRO U 58 -11.29 48.10 2.03
CA PRO U 58 -10.16 49.01 2.24
C PRO U 58 -10.03 49.39 3.70
N ASP U 59 -8.80 49.73 4.09
CA ASP U 59 -8.44 49.96 5.49
C ASP U 59 -9.00 51.26 6.07
N ARG U 60 -9.77 52.04 5.32
CA ARG U 60 -10.42 53.21 5.89
C ARG U 60 -11.60 52.83 6.78
N PHE U 61 -12.11 51.60 6.66
CA PHE U 61 -13.16 51.12 7.53
C PHE U 61 -12.53 50.57 8.81
N VAL U 62 -12.85 51.17 9.95
CA VAL U 62 -12.29 50.77 11.23
C VAL U 62 -13.43 50.46 12.19
N GLY U 63 -13.43 49.26 12.75
CA GLY U 63 -14.40 48.87 13.74
C GLY U 63 -13.76 48.88 15.10
N SER U 64 -14.56 49.21 16.12
CA SER U 64 -14.08 49.19 17.49
C SER U 64 -15.28 49.08 18.42
N GLY U 65 -15.01 48.96 19.71
CA GLY U 65 -16.04 48.99 20.71
C GLY U 65 -15.93 47.81 21.66
N SER U 66 -16.77 47.86 22.68
CA SER U 66 -16.79 46.83 23.71
C SER U 66 -18.10 46.93 24.48
N GLY U 67 -18.42 45.85 25.18
CA GLY U 67 -19.59 45.80 26.04
C GLY U 67 -20.87 45.91 25.25
N THR U 68 -21.51 47.06 25.35
CA THR U 68 -22.68 47.37 24.54
C THR U 68 -22.40 48.37 23.43
N ASP U 69 -21.33 49.15 23.53
CA ASP U 69 -21.13 50.29 22.64
C ASP U 69 -20.15 49.93 21.54
N PHE U 70 -20.58 50.09 20.29
CA PHE U 70 -19.80 49.65 19.13
C PHE U 70 -19.73 50.77 18.10
N PHE U 71 -18.52 51.02 17.59
CA PHE U 71 -18.21 52.13 16.70
C PHE U 71 -17.81 51.58 15.34
N LEU U 72 -18.33 52.19 14.28
CA LEU U 72 -17.86 51.96 12.92
C LEU U 72 -17.44 53.30 12.33
N THR U 73 -16.14 53.47 12.11
CA THR U 73 -15.57 54.72 11.62
C THR U 73 -15.15 54.55 10.17
N ILE U 74 -15.54 55.49 9.33
CA ILE U 74 -15.08 55.55 7.95
C ILE U 74 -14.25 56.82 7.79
N ASN U 75 -13.03 56.67 7.30
CA ASN U 75 -12.11 57.79 7.15
C ASN U 75 -12.01 58.15 5.68
N LYS U 76 -12.20 59.44 5.37
CA LYS U 76 -12.08 59.99 4.01
C LYS U 76 -13.05 59.30 3.05
N LEU U 77 -14.33 59.62 3.26
CA LEU U 77 -15.44 59.07 2.49
C LEU U 77 -15.25 59.22 0.98
N ASP U 78 -15.79 58.26 0.25
CA ASP U 78 -15.93 58.31 -1.20
C ASP U 78 -17.42 58.34 -1.52
N ARG U 79 -17.74 58.71 -2.77
CA ARG U 79 -19.14 58.74 -3.20
C ARG U 79 -19.74 57.34 -3.27
N GLU U 80 -18.92 56.31 -3.46
CA GLU U 80 -19.40 54.94 -3.40
C GLU U 80 -19.83 54.56 -1.99
N ASP U 81 -19.23 55.19 -0.98
CA ASP U 81 -19.43 54.79 0.41
C ASP U 81 -20.71 55.34 1.01
N PHE U 82 -21.46 56.17 0.31
CA PHE U 82 -22.73 56.67 0.80
C PHE U 82 -23.79 55.59 0.59
N ALA U 83 -24.12 54.88 1.65
CA ALA U 83 -25.01 53.73 1.57
C ALA U 83 -25.68 53.53 2.92
N VAL U 84 -26.38 52.42 3.07
CA VAL U 84 -27.01 52.05 4.33
C VAL U 84 -26.09 51.08 5.04
N TYR U 85 -25.95 51.24 6.36
CA TYR U 85 -25.00 50.44 7.11
C TYR U 85 -25.72 49.74 8.25
N TYR U 86 -25.65 48.41 8.26
CA TYR U 86 -26.38 47.58 9.20
C TYR U 86 -25.45 46.96 10.22
N CYS U 87 -25.97 46.77 11.43
CA CYS U 87 -25.27 46.07 12.49
C CYS U 87 -25.97 44.76 12.78
N GLN U 88 -25.21 43.68 12.91
CA GLN U 88 -25.84 42.39 13.15
C GLN U 88 -25.14 41.57 14.20
N GLN U 89 -25.89 41.14 15.21
CA GLN U 89 -25.34 40.28 16.22
C GLN U 89 -26.19 39.04 16.11
N PHE U 90 -25.56 37.91 15.84
CA PHE U 90 -26.27 36.64 15.68
C PHE U 90 -27.38 36.78 14.65
N GLU U 91 -28.59 36.38 15.00
CA GLU U 91 -29.68 36.50 14.05
C GLU U 91 -30.42 37.83 14.11
N PHE U 92 -30.03 38.75 14.99
CA PHE U 92 -30.78 39.99 15.04
C PHE U 92 -30.12 41.04 14.17
N PHE U 93 -30.87 42.10 13.90
CA PHE U 93 -30.37 43.16 13.04
C PHE U 93 -30.83 44.51 13.55
N GLY U 94 -30.04 45.53 13.26
CA GLY U 94 -30.50 46.88 13.46
C GLY U 94 -31.30 47.36 12.28
N LEU U 95 -31.94 48.51 12.45
CA LEU U 95 -32.73 49.07 11.38
C LEU U 95 -31.90 49.83 10.36
N GLY U 96 -30.59 49.95 10.56
CA GLY U 96 -29.73 50.50 9.55
C GLY U 96 -29.65 52.01 9.55
N SER U 97 -28.43 52.53 9.48
CA SER U 97 -28.19 53.96 9.41
C SER U 97 -27.92 54.36 7.97
N GLU U 98 -28.54 55.45 7.54
CA GLU U 98 -28.42 55.93 6.17
C GLU U 98 -27.37 57.01 6.10
N LEU U 99 -26.47 56.91 5.13
CA LEU U 99 -25.41 57.87 4.92
C LEU U 99 -25.72 58.65 3.65
N GLU U 100 -25.78 59.97 3.75
CA GLU U 100 -26.30 60.81 2.69
C GLU U 100 -25.30 61.90 2.34
N VAL U 101 -25.29 62.30 1.06
CA VAL U 101 -24.38 63.32 0.56
C VAL U 101 -24.95 64.69 0.92
N HIS U 102 -24.24 65.42 1.77
CA HIS U 102 -24.65 66.78 2.13
C HIS U 102 -24.40 67.76 0.99
N GLN V 1 -13.60 30.58 -6.89
CA GLN V 1 -14.73 31.47 -6.64
C GLN V 1 -15.78 30.76 -5.79
N VAL V 2 -16.69 31.53 -5.21
CA VAL V 2 -17.85 31.01 -4.50
C VAL V 2 -19.08 31.66 -5.10
N GLN V 3 -19.94 30.86 -5.72
CA GLN V 3 -21.11 31.40 -6.41
C GLN V 3 -22.38 30.85 -5.80
N LEU V 4 -23.36 31.73 -5.67
CA LEU V 4 -24.71 31.41 -5.20
C LEU V 4 -25.68 31.96 -6.23
N VAL V 5 -26.42 31.06 -6.88
CA VAL V 5 -27.33 31.42 -7.96
C VAL V 5 -28.74 31.06 -7.52
N GLN V 6 -29.62 32.03 -7.45
CA GLN V 6 -30.99 31.76 -7.04
C GLN V 6 -31.87 31.59 -8.28
N SER V 7 -33.18 31.55 -8.05
CA SER V 7 -34.14 31.53 -9.14
C SER V 7 -34.65 32.94 -9.39
N GLY V 8 -35.42 33.09 -10.46
CA GLY V 8 -35.96 34.39 -10.81
C GLY V 8 -37.05 34.83 -9.85
N ALA V 9 -37.35 36.12 -9.91
CA ALA V 9 -38.42 36.69 -9.10
C ALA V 9 -39.77 36.15 -9.57
N VAL V 10 -40.66 35.92 -8.60
CA VAL V 10 -41.90 35.21 -8.86
C VAL V 10 -43.05 35.98 -8.22
N ILE V 11 -44.22 35.89 -8.84
CA ILE V 11 -45.44 36.52 -8.35
C ILE V 11 -46.38 35.42 -7.90
N LYS V 12 -46.84 35.49 -6.66
CA LYS V 12 -47.72 34.47 -6.11
C LYS V 12 -49.01 35.11 -5.60
N THR V 13 -49.93 34.25 -5.22
CA THR V 13 -51.22 34.63 -4.66
C THR V 13 -51.22 34.39 -3.16
N PRO V 14 -52.10 35.06 -2.40
CA PRO V 14 -52.21 34.75 -0.97
C PRO V 14 -52.71 33.34 -0.73
N GLY V 15 -52.09 32.67 0.23
CA GLY V 15 -52.40 31.29 0.52
C GLY V 15 -51.62 30.27 -0.27
N SER V 16 -50.72 30.70 -1.14
CA SER V 16 -49.95 29.79 -1.98
C SER V 16 -48.68 29.36 -1.24
N SER V 17 -47.76 28.71 -1.95
CA SER V 17 -46.51 28.24 -1.36
C SER V 17 -45.42 28.42 -2.40
N VAL V 18 -44.40 29.19 -2.07
CA VAL V 18 -43.32 29.50 -3.01
C VAL V 18 -42.16 28.55 -2.73
N LYS V 19 -41.51 28.08 -3.79
CA LYS V 19 -40.30 27.30 -3.68
C LYS V 19 -39.16 28.05 -4.35
N ILE V 20 -38.11 28.32 -3.60
CA ILE V 20 -36.98 29.10 -4.07
C ILE V 20 -35.72 28.26 -3.94
N SER V 21 -35.00 28.11 -5.03
CA SER V 21 -33.79 27.30 -5.06
C SER V 21 -32.57 28.21 -4.93
N CYS V 22 -31.47 27.60 -4.48
CA CYS V 22 -30.20 28.30 -4.25
C CYS V 22 -29.08 27.33 -4.62
N ARG V 23 -28.60 27.42 -5.85
CA ARG V 23 -27.51 26.56 -6.29
C ARG V 23 -26.18 27.16 -5.86
N ALA V 24 -25.36 26.36 -5.20
CA ALA V 24 -24.08 26.78 -4.67
C ALA V 24 -22.97 26.04 -5.39
N SER V 25 -21.89 26.76 -5.70
CA SER V 25 -20.80 26.16 -6.45
C SER V 25 -19.49 26.82 -6.08
N GLY V 26 -18.43 26.03 -6.11
CA GLY V 26 -17.09 26.54 -5.87
C GLY V 26 -16.49 26.19 -4.53
N TYR V 27 -17.10 25.27 -3.78
CA TYR V 27 -16.56 24.84 -2.50
C TYR V 27 -17.14 23.47 -2.20
N ASN V 28 -16.62 22.82 -1.18
CA ASN V 28 -17.18 21.55 -0.75
C ASN V 28 -18.50 21.83 -0.04
N PHE V 29 -19.61 21.49 -0.71
CA PHE V 29 -20.94 21.90 -0.28
C PHE V 29 -21.38 21.24 1.01
N ARG V 30 -20.77 20.11 1.38
CA ARG V 30 -21.16 19.39 2.58
C ARG V 30 -20.63 20.03 3.87
N ASP V 31 -19.77 21.04 3.78
CA ASP V 31 -19.11 21.54 4.97
C ASP V 31 -19.82 22.73 5.61
N TYR V 32 -20.27 23.68 4.80
CA TYR V 32 -20.71 24.97 5.31
C TYR V 32 -22.23 25.07 5.35
N SER V 33 -22.74 25.68 6.41
CA SER V 33 -24.17 25.88 6.56
C SER V 33 -24.67 26.93 5.59
N ILE V 34 -25.95 26.84 5.24
CA ILE V 34 -26.62 27.80 4.38
C ILE V 34 -27.71 28.48 5.20
N HIS V 35 -27.64 29.80 5.29
CA HIS V 35 -28.65 30.56 5.99
C HIS V 35 -29.59 31.22 4.98
N TRP V 36 -30.81 31.50 5.42
CA TRP V 36 -31.78 32.22 4.63
C TRP V 36 -32.22 33.46 5.39
N VAL V 37 -32.23 34.59 4.69
CA VAL V 37 -32.56 35.87 5.32
C VAL V 37 -33.48 36.62 4.37
N ARG V 38 -34.34 37.46 4.92
CA ARG V 38 -35.32 38.19 4.13
C ARG V 38 -35.12 39.68 4.33
N LEU V 39 -35.54 40.46 3.34
CA LEU V 39 -35.47 41.92 3.39
C LEU V 39 -36.83 42.47 3.03
N ILE V 40 -37.47 43.09 4.00
CA ILE V 40 -38.79 43.71 3.85
C ILE V 40 -38.60 45.21 3.87
N PRO V 41 -39.24 45.96 2.96
CA PRO V 41 -39.20 47.43 3.08
C PRO V 41 -39.94 47.88 4.33
N ASP V 42 -39.37 48.90 4.98
CA ASP V 42 -39.82 49.46 6.27
C ASP V 42 -39.82 48.45 7.40
N LYS V 43 -39.10 47.33 7.27
CA LYS V 43 -38.94 46.37 8.35
C LYS V 43 -37.51 45.88 8.53
N GLY V 44 -36.63 46.10 7.54
CA GLY V 44 -35.26 45.66 7.66
C GLY V 44 -35.11 44.18 7.41
N PHE V 45 -33.98 43.65 7.86
CA PHE V 45 -33.67 42.24 7.73
C PHE V 45 -34.46 41.41 8.74
N GLU V 46 -34.63 40.14 8.41
CA GLU V 46 -35.17 39.16 9.35
C GLU V 46 -34.65 37.79 8.97
N TRP V 47 -34.22 37.04 9.96
CA TRP V 47 -33.63 35.73 9.73
C TRP V 47 -34.72 34.68 9.61
N ILE V 48 -34.51 33.71 8.73
CA ILE V 48 -35.48 32.66 8.46
C ILE V 48 -35.05 31.32 9.03
N GLY V 49 -33.85 30.87 8.69
CA GLY V 49 -33.37 29.60 9.22
C GLY V 49 -32.01 29.26 8.65
N TRP V 50 -31.47 28.14 9.12
CA TRP V 50 -30.29 27.55 8.50
C TRP V 50 -30.49 26.08 8.23
N ILE V 51 -29.65 25.58 7.32
CA ILE V 51 -29.60 24.17 6.95
C ILE V 51 -28.15 23.74 6.85
N LYS V 52 -27.80 22.63 7.49
CA LYS V 52 -26.48 22.04 7.35
C LYS V 52 -26.54 20.97 6.29
N PRO V 53 -25.93 21.16 5.12
CA PRO V 53 -26.18 20.26 3.98
C PRO V 53 -25.53 18.89 4.10
N LEU V 54 -24.80 18.59 5.17
CA LEU V 54 -24.21 17.27 5.33
C LEU V 54 -25.29 16.21 5.54
N TRP V 55 -26.19 16.43 6.49
CA TRP V 55 -27.34 15.56 6.64
C TRP V 55 -28.65 16.24 6.31
N GLY V 56 -28.69 17.56 6.33
CA GLY V 56 -29.94 18.27 6.15
C GLY V 56 -30.58 18.74 7.42
N ALA V 57 -29.86 18.77 8.53
CA ALA V 57 -30.42 19.25 9.78
C ALA V 57 -30.66 20.75 9.69
N VAL V 58 -31.89 21.16 9.99
CA VAL V 58 -32.32 22.53 9.80
C VAL V 58 -32.69 23.12 11.14
N SER V 59 -32.76 24.44 11.17
CA SER V 59 -33.33 25.15 12.30
C SER V 59 -34.02 26.38 11.78
N TYR V 60 -35.21 26.63 12.30
CA TYR V 60 -36.09 27.65 11.75
C TYR V 60 -36.20 28.79 12.75
N ALA V 61 -36.58 29.96 12.24
CA ALA V 61 -36.99 31.03 13.13
C ALA V 61 -38.26 30.63 13.87
N ARG V 62 -38.37 31.10 15.11
CA ARG V 62 -39.46 30.66 15.97
C ARG V 62 -40.81 31.15 15.48
N GLN V 63 -40.86 32.38 14.98
CA GLN V 63 -42.12 32.94 14.52
C GLN V 63 -42.46 32.56 13.09
N LEU V 64 -41.66 31.71 12.44
CA LEU V 64 -41.97 31.19 11.12
C LEU V 64 -42.20 29.68 11.11
N GLN V 65 -42.31 29.05 12.27
CA GLN V 65 -42.49 27.61 12.29
C GLN V 65 -43.91 27.24 11.88
N GLY V 66 -44.02 26.11 11.19
CA GLY V 66 -45.26 25.70 10.59
C GLY V 66 -45.47 26.20 9.18
N ARG V 67 -44.73 27.22 8.76
CA ARG V 67 -44.84 27.78 7.42
C ARG V 67 -43.66 27.43 6.53
N VAL V 68 -42.45 27.46 7.07
CA VAL V 68 -41.25 27.35 6.28
C VAL V 68 -40.83 25.87 6.24
N SER V 69 -40.08 25.50 5.20
CA SER V 69 -39.49 24.18 5.11
C SER V 69 -38.25 24.28 4.23
N MET V 70 -37.19 23.58 4.63
CA MET V 70 -35.91 23.67 3.94
C MET V 70 -35.39 22.28 3.64
N THR V 71 -35.02 22.04 2.39
CA THR V 71 -34.41 20.78 1.98
C THR V 71 -33.15 21.09 1.18
N ARG V 72 -32.37 20.06 0.89
CA ARG V 72 -31.18 20.23 0.08
C ARG V 72 -31.01 19.03 -0.85
N GLN V 73 -30.17 19.21 -1.85
CA GLN V 73 -29.79 18.17 -2.79
C GLN V 73 -28.28 18.20 -2.95
N LEU V 74 -27.65 17.07 -2.69
CA LEU V 74 -26.21 16.94 -2.76
C LEU V 74 -25.80 16.43 -4.14
N SER V 75 -24.49 16.45 -4.38
CA SER V 75 -23.91 16.00 -5.63
C SER V 75 -23.22 14.68 -5.40
N GLN V 76 -23.71 13.63 -6.04
CA GLN V 76 -23.19 12.27 -5.85
C GLN V 76 -22.55 11.81 -7.16
N ASP V 77 -21.29 12.20 -7.34
CA ASP V 77 -20.42 11.76 -8.41
C ASP V 77 -18.99 12.07 -8.01
N PRO V 78 -18.01 11.27 -8.39
CA PRO V 78 -16.63 11.57 -8.03
C PRO V 78 -15.97 12.60 -8.95
N ASP V 79 -16.75 13.27 -9.79
CA ASP V 79 -16.23 14.28 -10.70
C ASP V 79 -16.59 15.70 -10.29
N ASP V 80 -17.84 15.95 -9.89
CA ASP V 80 -18.28 17.27 -9.43
C ASP V 80 -18.84 17.19 -8.01
N PRO V 81 -17.98 17.09 -6.99
CA PRO V 81 -18.49 17.11 -5.62
C PRO V 81 -18.75 18.52 -5.10
N ASP V 82 -18.49 19.54 -5.90
CA ASP V 82 -18.51 20.91 -5.41
C ASP V 82 -19.93 21.46 -5.33
N TRP V 83 -20.73 21.29 -6.38
CA TRP V 83 -22.00 21.99 -6.46
C TRP V 83 -23.02 21.33 -5.54
N GLY V 84 -24.08 22.07 -5.26
CA GLY V 84 -25.20 21.56 -4.49
C GLY V 84 -26.35 22.52 -4.63
N VAL V 85 -27.53 22.08 -4.21
CA VAL V 85 -28.71 22.94 -4.28
C VAL V 85 -29.35 22.97 -2.89
N ALA V 86 -29.71 24.17 -2.44
CA ALA V 86 -30.60 24.31 -1.30
C ALA V 86 -31.97 24.74 -1.79
N TYR V 87 -32.99 24.50 -0.99
CA TYR V 87 -34.33 24.91 -1.33
C TYR V 87 -34.98 25.56 -0.12
N MET V 88 -36.04 26.31 -0.40
CA MET V 88 -36.87 26.85 0.67
C MET V 88 -38.30 26.89 0.15
N GLU V 89 -39.16 26.05 0.73
CA GLU V 89 -40.59 26.14 0.51
C GLU V 89 -41.15 27.02 1.62
N PHE V 90 -41.52 28.24 1.27
CA PHE V 90 -42.12 29.18 2.20
C PHE V 90 -43.62 29.21 1.91
N SER V 91 -44.41 28.77 2.88
CA SER V 91 -45.82 28.52 2.68
C SER V 91 -46.65 29.41 3.58
N GLY V 92 -47.97 29.38 3.37
CA GLY V 92 -48.87 30.25 4.07
C GLY V 92 -48.64 31.70 3.70
N LEU V 93 -48.67 31.99 2.40
CA LEU V 93 -48.31 33.32 1.92
C LEU V 93 -49.38 34.34 2.24
N THR V 94 -48.95 35.47 2.76
CA THR V 94 -49.75 36.61 3.14
C THR V 94 -49.29 37.81 2.32
N PRO V 95 -50.11 38.88 2.22
CA PRO V 95 -49.62 40.09 1.53
C PRO V 95 -48.47 40.78 2.24
N ALA V 96 -48.24 40.52 3.53
CA ALA V 96 -47.10 41.11 4.22
C ALA V 96 -45.78 40.49 3.82
N ASP V 97 -45.79 39.31 3.22
CA ASP V 97 -44.56 38.58 2.90
C ASP V 97 -43.92 39.02 1.58
N THR V 98 -44.35 40.14 1.00
CA THR V 98 -43.69 40.66 -0.19
C THR V 98 -42.32 41.19 0.19
N ALA V 99 -41.26 40.52 -0.26
CA ALA V 99 -39.93 40.79 0.28
C ALA V 99 -38.90 40.19 -0.67
N GLU V 100 -37.64 40.56 -0.46
CA GLU V 100 -36.53 40.01 -1.23
C GLU V 100 -35.76 39.02 -0.37
N TYR V 101 -35.56 37.81 -0.89
CA TYR V 101 -35.01 36.71 -0.11
C TYR V 101 -33.58 36.43 -0.56
N PHE V 102 -32.71 36.13 0.40
CA PHE V 102 -31.30 35.89 0.15
C PHE V 102 -30.89 34.58 0.81
N CYS V 103 -30.02 33.83 0.13
CA CYS V 103 -29.40 32.64 0.69
C CYS V 103 -27.91 32.92 0.83
N VAL V 104 -27.39 32.78 2.04
CA VAL V 104 -26.06 33.25 2.35
C VAL V 104 -25.21 32.15 2.97
N ARG V 105 -23.90 32.35 2.88
CA ARG V 105 -22.92 31.44 3.45
C ARG V 105 -21.91 32.28 4.22
N ARG V 106 -21.40 31.71 5.31
CA ARG V 106 -20.40 32.37 6.12
C ARG V 106 -19.05 32.39 5.41
N GLY V 107 -18.08 33.03 6.05
CA GLY V 107 -16.72 33.04 5.55
C GLY V 107 -16.00 31.75 5.85
N SER V 108 -14.75 31.69 5.41
CA SER V 108 -13.93 30.51 5.62
C SER V 108 -12.74 30.76 6.54
N CYS V 109 -12.70 31.90 7.23
CA CYS V 109 -11.56 32.18 8.07
C CYS V 109 -11.70 31.43 9.39
N ASP V 110 -10.63 31.50 10.20
CA ASP V 110 -10.63 30.80 11.48
C ASP V 110 -11.47 31.52 12.52
N TYR V 111 -11.42 32.85 12.55
CA TYR V 111 -12.21 33.62 13.48
C TYR V 111 -13.58 33.98 12.93
N CYS V 112 -13.93 33.49 11.75
CA CYS V 112 -15.27 33.66 11.23
C CYS V 112 -16.25 32.86 12.07
N GLY V 113 -17.35 33.50 12.46
CA GLY V 113 -18.46 32.80 13.09
C GLY V 113 -19.32 32.12 12.06
N ASP V 114 -20.57 31.86 12.44
CA ASP V 114 -21.53 31.33 11.48
C ASP V 114 -22.35 32.43 10.83
N PHE V 115 -22.79 33.39 11.62
CA PHE V 115 -23.51 34.57 11.21
C PHE V 115 -22.77 35.69 10.46
N PRO V 116 -21.42 35.83 10.53
CA PRO V 116 -20.77 36.72 9.55
C PRO V 116 -20.88 36.21 8.12
N TRP V 117 -22.04 36.48 7.53
CA TRP V 117 -22.45 35.97 6.23
C TRP V 117 -21.64 36.62 5.13
N GLN V 118 -20.63 35.91 4.63
CA GLN V 118 -19.74 36.48 3.63
C GLN V 118 -20.38 36.50 2.25
N TYR V 119 -20.80 35.34 1.75
CA TYR V 119 -21.26 35.22 0.38
C TYR V 119 -22.78 35.27 0.32
N TRP V 120 -23.29 35.96 -0.69
CA TRP V 120 -24.69 36.32 -0.79
C TRP V 120 -25.24 35.93 -2.16
N GLY V 121 -26.45 35.40 -2.17
CA GLY V 121 -27.16 35.25 -3.43
C GLY V 121 -27.62 36.59 -3.97
N GLN V 122 -28.02 36.60 -5.24
CA GLN V 122 -28.44 37.85 -5.84
C GLN V 122 -29.83 38.30 -5.41
N GLY V 123 -30.57 37.47 -4.70
CA GLY V 123 -31.84 37.90 -4.18
C GLY V 123 -32.99 37.52 -5.09
N THR V 124 -34.12 37.18 -4.48
CA THR V 124 -35.31 36.80 -5.23
C THR V 124 -36.49 37.57 -4.65
N VAL V 125 -37.16 38.35 -5.48
CA VAL V 125 -38.24 39.20 -5.02
C VAL V 125 -39.56 38.44 -5.13
N VAL V 126 -40.28 38.34 -4.02
CA VAL V 126 -41.56 37.65 -3.97
C VAL V 126 -42.63 38.70 -3.69
N VAL V 127 -43.58 38.82 -4.60
CA VAL V 127 -44.70 39.74 -4.47
C VAL V 127 -45.97 38.92 -4.41
N VAL V 128 -46.78 39.14 -3.39
CA VAL V 128 -47.96 38.33 -3.16
C VAL V 128 -49.21 39.02 -3.67
N GLN W 1 8.03 7.37 72.42
CA GLN W 1 9.04 7.65 71.41
C GLN W 1 8.39 7.82 70.05
N VAL W 2 7.48 6.92 69.71
CA VAL W 2 6.80 6.96 68.42
C VAL W 2 5.59 7.86 68.60
N GLN W 3 5.81 9.17 68.48
CA GLN W 3 4.79 10.14 68.82
C GLN W 3 4.79 11.28 67.82
N LEU W 4 3.69 12.02 67.82
CA LEU W 4 3.51 13.23 67.02
C LEU W 4 2.96 14.27 67.99
N LEU W 5 3.85 14.93 68.71
CA LEU W 5 3.46 15.88 69.76
C LEU W 5 2.85 17.11 69.13
N GLN W 6 1.55 17.25 69.23
CA GLN W 6 0.85 18.41 68.72
C GLN W 6 0.72 19.46 69.82
N SER W 7 0.03 20.54 69.52
CA SER W 7 -0.26 21.55 70.53
C SER W 7 -1.51 21.13 71.31
N GLY W 8 -1.98 22.00 72.19
CA GLY W 8 -3.21 21.77 72.90
C GLY W 8 -4.42 22.25 72.12
N ALA W 9 -5.54 22.40 72.82
CA ALA W 9 -6.73 22.98 72.23
C ALA W 9 -6.49 24.44 71.90
N GLU W 10 -7.14 24.91 70.83
CA GLU W 10 -6.91 26.25 70.31
C GLU W 10 -8.24 26.97 70.17
N LEU W 11 -8.59 27.75 71.18
CA LEU W 11 -9.78 28.62 71.16
C LEU W 11 -9.41 29.90 70.43
N VAL W 12 -9.68 29.94 69.13
CA VAL W 12 -9.31 31.07 68.28
C VAL W 12 -10.59 31.72 67.75
N ARG W 13 -10.68 33.03 67.89
CA ARG W 13 -11.79 33.80 67.36
C ARG W 13 -11.77 33.76 65.83
N PRO W 14 -12.93 33.91 65.18
CA PRO W 14 -12.95 33.97 63.72
C PRO W 14 -12.33 35.25 63.19
N GLY W 15 -11.85 35.16 61.95
CA GLY W 15 -11.18 36.27 61.31
C GLY W 15 -9.69 36.34 61.55
N ALA W 16 -9.17 35.59 62.52
CA ALA W 16 -7.76 35.64 62.86
C ALA W 16 -6.99 34.57 62.07
N SER W 17 -5.73 34.34 62.44
CA SER W 17 -4.89 33.34 61.81
C SER W 17 -4.55 32.25 62.82
N VAL W 18 -4.39 31.02 62.31
CA VAL W 18 -4.19 29.84 63.14
C VAL W 18 -2.93 29.12 62.67
N THR W 19 -2.02 28.84 63.60
CA THR W 19 -0.85 28.03 63.36
C THR W 19 -0.96 26.72 64.13
N LEU W 20 -0.09 25.78 63.79
CA LEU W 20 0.01 24.52 64.53
C LEU W 20 1.48 24.15 64.67
N SER W 21 1.74 23.09 65.43
CA SER W 21 3.09 22.60 65.63
C SER W 21 3.02 21.10 65.89
N CYS W 22 3.77 20.33 65.11
CA CYS W 22 3.86 18.88 65.27
C CYS W 22 5.28 18.58 65.70
N LYS W 23 5.52 18.63 67.01
CA LYS W 23 6.86 18.50 67.57
C LYS W 23 7.20 17.02 67.76
N ALA W 24 7.32 16.33 66.63
CA ALA W 24 7.46 14.88 66.62
C ALA W 24 8.83 14.46 67.13
N SER W 25 8.95 13.17 67.43
CA SER W 25 10.18 12.61 67.97
C SER W 25 10.24 11.14 67.60
N GLY W 26 11.42 10.56 67.79
CA GLY W 26 11.55 9.12 67.71
C GLY W 26 12.40 8.60 66.57
N TYR W 27 12.23 9.17 65.38
CA TYR W 27 12.86 8.64 64.18
C TYR W 27 13.49 9.77 63.38
N ALA W 28 14.02 9.41 62.22
CA ALA W 28 14.40 10.41 61.25
C ALA W 28 13.17 11.12 60.72
N PHE W 29 13.33 12.41 60.45
CA PHE W 29 12.19 13.23 60.05
C PHE W 29 12.15 13.53 58.57
N SER W 30 13.28 13.40 57.87
CA SER W 30 13.29 13.55 56.42
C SER W 30 12.59 12.38 55.75
N ASP W 31 12.86 11.16 56.22
CA ASP W 31 12.36 9.95 55.56
C ASP W 31 10.87 9.74 55.74
N TYR W 32 10.22 10.49 56.63
CA TYR W 32 8.79 10.35 56.86
C TYR W 32 8.08 11.64 56.48
N GLU W 33 6.90 11.51 55.88
CA GLU W 33 6.12 12.66 55.42
C GLU W 33 5.36 13.29 56.59
N ILE W 34 4.63 14.36 56.29
CA ILE W 34 3.66 14.95 57.21
C ILE W 34 2.41 15.30 56.40
N HIS W 35 1.28 14.72 56.77
CA HIS W 35 -0.02 14.97 56.17
C HIS W 35 -0.95 15.53 57.25
N TRP W 36 -2.16 15.92 56.85
CA TRP W 36 -3.05 16.60 57.79
C TRP W 36 -4.49 16.21 57.52
N VAL W 37 -5.15 15.66 58.53
CA VAL W 37 -6.49 15.11 58.44
C VAL W 37 -7.41 15.86 59.39
N LYS W 38 -8.62 16.17 58.93
CA LYS W 38 -9.68 16.75 59.75
C LYS W 38 -10.63 15.67 60.25
N GLN W 39 -11.27 15.97 61.38
CA GLN W 39 -12.42 15.22 61.88
C GLN W 39 -13.57 16.19 62.12
N THR W 40 -14.53 16.11 61.32
CA THR W 40 -15.80 16.63 61.77
C THR W 40 -16.71 15.47 62.12
N PRO W 41 -17.60 15.61 63.12
CA PRO W 41 -18.63 14.59 63.33
C PRO W 41 -19.71 14.61 62.25
N VAL W 42 -19.80 15.68 61.47
CA VAL W 42 -20.78 15.75 60.40
C VAL W 42 -20.31 14.92 59.20
N ARG W 43 -19.16 15.27 58.64
CA ARG W 43 -18.67 14.58 57.45
C ARG W 43 -17.88 13.34 57.81
N GLY W 44 -17.07 13.41 58.86
CA GLY W 44 -16.17 12.35 59.23
C GLY W 44 -14.71 12.77 59.11
N LEU W 45 -14.00 12.22 58.15
CA LEU W 45 -12.59 12.50 57.95
C LEU W 45 -12.39 13.29 56.66
N ASP W 46 -11.57 14.33 56.74
CA ASP W 46 -11.32 15.24 55.63
C ASP W 46 -9.84 15.52 55.53
N TRP W 47 -9.44 16.30 54.53
CA TRP W 47 -8.04 16.57 54.26
C TRP W 47 -7.67 18.05 54.41
N ILE W 48 -6.37 18.28 54.57
CA ILE W 48 -5.78 19.58 54.33
C ILE W 48 -4.74 19.45 53.24
N GLY W 49 -3.68 18.67 53.49
CA GLY W 49 -2.60 18.57 52.52
C GLY W 49 -1.38 17.80 52.97
N ALA W 50 -0.21 18.27 52.55
CA ALA W 50 1.04 17.54 52.76
C ALA W 50 2.23 18.46 52.65
N PHE W 51 3.28 18.14 53.42
CA PHE W 51 4.59 18.76 53.29
C PHE W 51 5.64 17.66 53.19
N ASP W 52 6.52 17.78 52.20
CA ASP W 52 7.62 16.84 52.03
C ASP W 52 8.86 17.44 52.65
N PRO W 53 9.46 16.82 53.66
CA PRO W 53 10.66 17.40 54.29
C PRO W 53 11.92 17.24 53.46
N LYS W 54 12.02 16.17 52.68
CA LYS W 54 13.21 15.97 51.84
C LYS W 54 13.24 16.96 50.68
N SER W 55 12.24 16.88 49.80
CA SER W 55 12.26 17.66 48.57
C SER W 55 11.77 19.10 48.78
N GLY W 56 11.12 19.38 49.89
CA GLY W 56 10.49 20.68 50.06
C GLY W 56 9.13 20.80 49.40
N ALA W 57 8.55 19.69 48.94
CA ALA W 57 7.26 19.74 48.28
C ALA W 57 6.15 19.89 49.30
N SER W 58 5.05 20.50 48.85
CA SER W 58 3.89 20.73 49.70
C SER W 58 2.70 20.94 48.79
N ALA W 59 1.52 20.56 49.29
CA ALA W 59 0.28 20.78 48.54
C ALA W 59 -0.88 20.85 49.51
N SER W 60 -1.99 21.37 49.01
CA SER W 60 -3.23 21.48 49.77
C SER W 60 -4.39 21.35 48.80
N ASN W 61 -5.45 20.68 49.24
CA ASN W 61 -6.59 20.46 48.36
C ASN W 61 -7.42 21.73 48.24
N GLN W 62 -8.41 21.68 47.33
CA GLN W 62 -9.05 22.88 46.81
C GLN W 62 -9.88 23.60 47.86
N LYS W 63 -10.45 22.88 48.83
CA LYS W 63 -11.22 23.53 49.88
C LYS W 63 -10.32 24.33 50.81
N VAL W 64 -9.12 23.80 51.08
CA VAL W 64 -8.18 24.49 51.96
C VAL W 64 -7.22 25.35 51.15
N LYS W 65 -7.24 25.24 49.81
CA LYS W 65 -6.38 26.02 48.95
C LYS W 65 -6.75 27.51 49.02
N GLY W 66 -5.72 28.35 48.97
CA GLY W 66 -5.89 29.77 49.21
C GLY W 66 -5.72 30.18 50.65
N ARG W 67 -5.69 29.22 51.58
CA ARG W 67 -5.42 29.52 52.97
C ARG W 67 -4.10 28.90 53.44
N ALA W 68 -3.95 27.58 53.33
CA ALA W 68 -2.93 26.88 54.09
C ALA W 68 -1.57 26.95 53.41
N ILE W 69 -0.55 27.29 54.18
CA ILE W 69 0.84 27.24 53.74
C ILE W 69 1.59 26.32 54.70
N LEU W 70 2.08 25.20 54.17
CA LEU W 70 2.74 24.17 54.97
C LEU W 70 4.25 24.38 54.92
N THR W 71 4.82 24.72 56.07
CA THR W 71 6.27 24.83 56.25
C THR W 71 6.67 23.98 57.45
N ALA W 72 7.98 23.76 57.57
CA ALA W 72 8.50 22.98 58.68
C ALA W 72 9.95 23.36 58.93
N ASP W 73 10.35 23.28 60.19
CA ASP W 73 11.75 23.44 60.58
C ASP W 73 12.32 22.04 60.76
N LYS W 74 13.22 21.65 59.85
CA LYS W 74 13.71 20.28 59.82
C LYS W 74 14.62 19.97 61.01
N SER W 75 15.33 20.97 61.52
CA SER W 75 16.22 20.75 62.65
C SER W 75 15.44 20.53 63.94
N SER W 76 14.42 21.35 64.20
CA SER W 76 13.61 21.19 65.38
C SER W 76 12.45 20.22 65.21
N SER W 77 12.24 19.75 63.97
CA SER W 77 11.23 18.74 63.62
C SER W 77 9.82 19.18 64.00
N THR W 78 9.48 20.42 63.61
CA THR W 78 8.18 21.02 63.92
C THR W 78 7.49 21.38 62.62
N ALA W 79 6.34 20.76 62.36
CA ALA W 79 5.49 21.18 61.26
C ALA W 79 4.76 22.46 61.63
N TYR W 80 4.12 23.08 60.64
CA TYR W 80 3.45 24.35 60.88
C TYR W 80 2.18 24.44 60.05
N MET W 81 1.41 25.48 60.35
CA MET W 81 0.19 25.83 59.64
C MET W 81 0.09 27.34 59.52
N GLU W 82 -0.61 27.77 58.48
CA GLU W 82 -1.08 29.16 58.36
C GLU W 82 -2.51 29.08 57.81
N LEU W 83 -3.47 28.99 58.71
CA LEU W 83 -4.87 29.08 58.30
C LEU W 83 -5.30 30.54 58.36
N ARG W 84 -6.17 30.92 57.42
CA ARG W 84 -6.53 32.33 57.22
C ARG W 84 -8.04 32.45 57.16
N SER W 85 -8.61 33.12 58.17
CA SER W 85 -10.04 33.51 58.23
C SER W 85 -10.96 32.29 58.14
N LEU W 86 -10.89 31.45 59.17
CA LEU W 86 -11.66 30.22 59.20
C LEU W 86 -13.14 30.51 59.49
N THR W 87 -13.96 29.46 59.43
CA THR W 87 -15.35 29.52 59.81
C THR W 87 -15.59 28.57 60.97
N SER W 88 -16.86 28.41 61.36
CA SER W 88 -17.22 27.41 62.35
C SER W 88 -17.22 26.00 61.78
N GLU W 89 -17.27 25.87 60.45
CA GLU W 89 -17.12 24.56 59.82
C GLU W 89 -15.67 24.09 59.87
N ASP W 90 -14.73 25.01 59.94
CA ASP W 90 -13.32 24.66 60.06
C ASP W 90 -12.93 24.26 61.47
N SER W 91 -13.81 24.48 62.45
CA SER W 91 -13.60 24.01 63.81
C SER W 91 -13.68 22.49 63.82
N ALA W 92 -12.53 21.84 63.97
CA ALA W 92 -12.45 20.39 63.84
C ALA W 92 -11.24 19.88 64.62
N VAL W 93 -11.07 18.57 64.58
CA VAL W 93 -9.99 17.89 65.28
C VAL W 93 -8.93 17.54 64.25
N TYR W 94 -7.80 18.25 64.29
CA TYR W 94 -6.74 18.12 63.30
C TYR W 94 -5.69 17.12 63.75
N TYR W 95 -4.99 16.56 62.77
CA TYR W 95 -4.08 15.43 62.99
C TYR W 95 -2.83 15.59 62.12
N CYS W 96 -1.70 15.81 62.75
CA CYS W 96 -0.42 15.55 62.12
C CYS W 96 -0.22 14.05 61.98
N THR W 97 0.26 13.61 60.82
CA THR W 97 0.49 12.19 60.55
C THR W 97 1.86 12.03 59.88
N ARG W 98 2.13 10.81 59.38
CA ARG W 98 3.35 10.51 58.66
C ARG W 98 3.07 9.52 57.53
N LEU W 99 3.76 9.69 56.40
CA LEU W 99 3.83 8.67 55.36
C LEU W 99 5.28 8.42 54.98
N ARG W 100 5.49 7.25 54.38
CA ARG W 100 6.72 6.96 53.66
C ARG W 100 6.49 7.14 52.17
N TYR W 101 7.58 7.12 51.42
CA TYR W 101 7.47 6.93 49.98
C TYR W 101 7.01 5.50 49.73
N PHE W 102 5.79 5.39 49.18
CA PHE W 102 5.09 4.12 48.93
C PHE W 102 4.90 3.32 50.22
N GLY W 103 4.66 4.01 51.32
CA GLY W 103 4.44 3.35 52.60
C GLY W 103 3.01 3.48 53.08
N TYR W 104 2.83 3.73 54.38
CA TYR W 104 1.51 3.86 54.97
C TYR W 104 1.63 4.64 56.27
N PHE W 105 0.49 5.03 56.81
CA PHE W 105 0.43 5.90 57.98
C PHE W 105 0.83 5.18 59.26
N ASP W 106 2.13 5.22 59.59
CA ASP W 106 2.63 4.55 60.78
C ASP W 106 2.10 5.17 62.05
N VAL W 107 2.33 6.46 62.23
CA VAL W 107 2.10 7.15 63.50
C VAL W 107 0.86 8.02 63.32
N TRP W 108 0.18 8.30 64.44
CA TRP W 108 -0.99 9.15 64.43
C TRP W 108 -0.88 10.16 65.58
N GLY W 109 -1.14 11.42 65.27
CA GLY W 109 -1.10 12.45 66.27
C GLY W 109 -2.28 12.40 67.21
N THR W 110 -2.25 13.26 68.22
CA THR W 110 -3.25 13.21 69.28
C THR W 110 -4.56 13.86 68.84
N GLY W 111 -4.48 14.96 68.09
CA GLY W 111 -5.67 15.66 67.65
C GLY W 111 -5.84 17.00 68.34
N THR W 112 -5.64 18.09 67.62
CA THR W 112 -5.89 19.43 68.14
C THR W 112 -7.31 19.83 67.81
N THR W 113 -8.12 20.07 68.84
CA THR W 113 -9.52 20.45 68.67
C THR W 113 -9.58 21.95 68.51
N VAL W 114 -9.40 22.41 67.28
CA VAL W 114 -9.48 23.84 67.01
C VAL W 114 -10.95 24.20 66.87
N THR W 115 -11.47 24.92 67.85
CA THR W 115 -12.89 25.28 67.90
C THR W 115 -13.00 26.79 67.80
N VAL W 116 -13.69 27.26 66.76
CA VAL W 116 -13.79 28.68 66.49
C VAL W 116 -15.22 29.17 66.73
N ASP X 1 -11.33 14.33 41.85
CA ASP X 1 -11.97 13.76 43.02
C ASP X 1 -12.41 12.34 42.76
N VAL X 2 -11.98 11.43 43.62
CA VAL X 2 -12.19 9.99 43.43
C VAL X 2 -13.09 9.57 44.58
N LEU X 3 -14.07 10.42 44.91
CA LEU X 3 -14.98 10.37 46.05
C LEU X 3 -15.52 8.98 46.34
N MET X 4 -15.28 8.50 47.57
CA MET X 4 -15.62 7.15 48.00
C MET X 4 -17.02 7.11 48.58
N THR X 5 -17.66 5.94 48.43
CA THR X 5 -18.98 5.69 49.01
C THR X 5 -18.92 4.45 49.88
N GLN X 6 -19.51 4.54 51.07
CA GLN X 6 -19.56 3.44 52.02
C GLN X 6 -20.99 2.95 52.18
N THR X 7 -21.19 1.64 52.04
CA THR X 7 -22.48 1.01 52.23
C THR X 7 -22.28 -0.24 53.07
N PRO X 8 -23.08 -0.45 54.14
CA PRO X 8 -24.09 0.47 54.66
C PRO X 8 -23.51 1.38 55.74
N LEU X 9 -24.30 2.32 56.26
CA LEU X 9 -23.80 3.23 57.28
C LEU X 9 -23.75 2.56 58.65
N SER X 10 -24.90 2.16 59.17
CA SER X 10 -24.99 1.61 60.51
C SER X 10 -25.13 0.09 60.45
N LEU X 11 -24.50 -0.59 61.41
CA LEU X 11 -24.56 -2.05 61.51
C LEU X 11 -24.67 -2.48 62.96
N PRO X 12 -25.88 -2.65 63.47
CA PRO X 12 -26.05 -3.35 64.75
C PRO X 12 -25.71 -4.83 64.60
N VAL X 13 -24.61 -5.27 65.21
CA VAL X 13 -24.17 -6.66 65.14
C VAL X 13 -23.84 -7.11 66.56
N SER X 14 -24.47 -8.20 66.99
CA SER X 14 -24.22 -8.76 68.32
C SER X 14 -22.76 -9.22 68.43
N LEU X 15 -22.25 -9.19 69.66
CA LEU X 15 -20.85 -9.52 69.92
C LEU X 15 -20.61 -11.00 69.67
N GLY X 16 -19.64 -11.29 68.81
CA GLY X 16 -19.46 -12.63 68.27
C GLY X 16 -20.04 -12.81 66.89
N GLY X 17 -20.95 -11.94 66.47
CA GLY X 17 -21.54 -12.02 65.15
C GLY X 17 -20.57 -11.56 64.07
N GLN X 18 -21.07 -11.61 62.84
CA GLN X 18 -20.28 -11.26 61.66
C GLN X 18 -20.66 -9.88 61.16
N ALA X 19 -19.71 -9.22 60.51
CA ALA X 19 -19.93 -7.89 59.95
C ALA X 19 -19.10 -7.72 58.69
N SER X 20 -19.64 -6.95 57.74
CA SER X 20 -18.97 -6.69 56.48
C SER X 20 -19.35 -5.31 55.97
N ILE X 21 -18.35 -4.55 55.55
CA ILE X 21 -18.52 -3.16 55.13
C ILE X 21 -18.02 -3.04 53.70
N SER X 22 -18.86 -2.49 52.82
CA SER X 22 -18.54 -2.35 51.41
C SER X 22 -18.22 -0.90 51.08
N CYS X 23 -17.29 -0.72 50.14
CA CYS X 23 -16.90 0.58 49.64
C CYS X 23 -16.79 0.54 48.12
N ARG X 24 -17.12 1.68 47.51
CA ARG X 24 -17.12 1.82 46.06
C ARG X 24 -16.46 3.13 45.69
N SER X 25 -15.64 3.09 44.65
CA SER X 25 -14.93 4.26 44.14
C SER X 25 -15.59 4.75 42.85
N SER X 26 -15.16 5.94 42.42
CA SER X 26 -15.60 6.49 41.15
C SER X 26 -14.60 6.26 40.02
N GLN X 27 -13.34 5.97 40.35
CA GLN X 27 -12.34 5.58 39.37
C GLN X 27 -11.67 4.30 39.84
N SER X 28 -10.75 3.79 39.02
CA SER X 28 -9.91 2.71 39.48
C SER X 28 -8.90 3.24 40.49
N VAL X 29 -8.58 2.39 41.48
CA VAL X 29 -7.66 2.78 42.53
C VAL X 29 -6.21 2.42 42.15
N VAL X 30 -6.01 1.91 40.93
CA VAL X 30 -4.73 1.31 40.56
C VAL X 30 -3.70 2.40 40.32
N TYR X 31 -2.55 2.27 40.97
CA TYR X 31 -1.40 3.13 40.72
C TYR X 31 -0.41 2.40 39.80
N SER X 32 0.58 3.15 39.30
CA SER X 32 1.56 2.65 38.34
C SER X 32 2.36 1.44 38.83
N ASP X 33 2.48 1.25 40.14
CA ASP X 33 3.19 0.09 40.67
C ASP X 33 2.36 -1.18 40.66
N GLY X 34 1.08 -1.10 40.28
CA GLY X 34 0.20 -2.24 40.31
C GLY X 34 -0.48 -2.48 41.64
N ASP X 35 0.02 -1.87 42.71
CA ASP X 35 -0.56 -2.03 44.03
C ASP X 35 -1.58 -0.92 44.24
N THR X 36 -2.86 -1.28 44.26
CA THR X 36 -3.89 -0.31 44.61
C THR X 36 -3.78 0.01 46.10
N TYR X 37 -3.91 1.29 46.43
CA TYR X 37 -3.61 1.76 47.77
C TYR X 37 -4.93 2.06 48.49
N LEU X 38 -5.42 1.05 49.21
CA LEU X 38 -6.61 1.17 50.03
C LEU X 38 -6.24 0.93 51.49
N GLU X 39 -6.78 1.75 52.39
CA GLU X 39 -6.40 1.70 53.79
C GLU X 39 -7.66 1.74 54.64
N TRP X 40 -7.97 0.61 55.28
CA TRP X 40 -9.10 0.48 56.19
C TRP X 40 -8.66 0.91 57.59
N TYR X 41 -9.51 1.68 58.27
CA TYR X 41 -9.11 2.35 59.51
C TYR X 41 -10.04 2.08 60.68
N LEU X 42 -9.73 2.75 61.78
CA LEU X 42 -10.45 2.75 63.04
C LEU X 42 -10.83 4.19 63.41
N GLN X 43 -11.81 4.32 64.30
CA GLN X 43 -12.03 5.54 65.07
C GLN X 43 -12.87 5.20 66.29
N LYS X 44 -12.39 5.60 67.46
CA LYS X 44 -13.14 5.52 68.70
C LYS X 44 -13.29 6.93 69.29
N PRO X 45 -14.40 7.22 69.96
CA PRO X 45 -14.59 8.56 70.51
C PRO X 45 -13.62 8.84 71.65
N GLY X 46 -12.97 10.00 71.57
CA GLY X 46 -11.93 10.34 72.51
C GLY X 46 -10.56 9.80 72.17
N GLN X 47 -10.38 9.24 70.97
CA GLN X 47 -9.10 8.71 70.55
C GLN X 47 -8.84 9.08 69.10
N SER X 48 -7.57 8.94 68.71
CA SER X 48 -7.12 9.17 67.35
C SER X 48 -7.48 7.99 66.46
N PRO X 49 -7.72 8.23 65.17
CA PRO X 49 -7.92 7.12 64.24
C PRO X 49 -6.65 6.29 64.07
N LYS X 50 -6.84 5.00 63.82
CA LYS X 50 -5.73 4.06 63.74
C LYS X 50 -5.90 3.15 62.54
N LEU X 51 -4.82 2.48 62.18
CA LEU X 51 -4.80 1.57 61.06
C LEU X 51 -5.59 0.30 61.34
N LEU X 52 -6.17 -0.27 60.29
CA LEU X 52 -6.44 -1.70 60.26
C LEU X 52 -5.69 -2.38 59.13
N ILE X 53 -5.87 -1.93 57.89
CA ILE X 53 -5.27 -2.56 56.72
C ILE X 53 -4.66 -1.46 55.86
N TYR X 54 -3.42 -1.65 55.41
CA TYR X 54 -2.75 -0.61 54.63
C TYR X 54 -2.71 -0.90 53.14
N LYS X 55 -3.29 -2.01 52.69
CA LYS X 55 -3.30 -2.39 51.28
C LYS X 55 -4.63 -3.11 51.01
N VAL X 56 -4.67 -3.92 49.95
CA VAL X 56 -5.88 -4.66 49.62
C VAL X 56 -6.25 -5.62 50.74
N SER X 57 -5.34 -6.56 51.06
CA SER X 57 -5.58 -7.50 52.14
C SER X 57 -4.36 -7.66 53.03
N ARG X 58 -3.40 -6.75 52.94
CA ARG X 58 -2.19 -6.79 53.76
C ARG X 58 -2.43 -5.89 54.96
N ARG X 59 -2.84 -6.52 56.07
CA ARG X 59 -3.20 -5.79 57.27
C ARG X 59 -1.96 -5.34 58.02
N PHE X 60 -2.14 -4.34 58.87
CA PHE X 60 -1.07 -3.84 59.71
C PHE X 60 -0.73 -4.84 60.81
N SER X 61 0.55 -4.87 61.18
CA SER X 61 1.03 -5.72 62.27
C SER X 61 0.45 -5.25 63.59
N GLY X 62 -0.41 -6.08 64.19
CA GLY X 62 -1.10 -5.70 65.41
C GLY X 62 -2.58 -5.99 65.30
N VAL X 63 -2.94 -6.69 64.23
CA VAL X 63 -4.32 -7.03 63.91
C VAL X 63 -4.48 -8.54 64.07
N PRO X 64 -5.51 -9.02 64.79
CA PRO X 64 -5.71 -10.47 64.95
C PRO X 64 -6.18 -11.16 63.67
N ASP X 65 -6.44 -12.46 63.78
CA ASP X 65 -6.77 -13.28 62.61
C ASP X 65 -8.26 -13.29 62.31
N ARG X 66 -8.86 -12.11 62.20
CA ARG X 66 -10.28 -11.99 61.93
C ARG X 66 -10.53 -11.01 60.78
N PHE X 67 -9.71 -9.97 60.72
CA PHE X 67 -9.89 -8.90 59.75
C PHE X 67 -9.30 -9.29 58.41
N SER X 68 -10.02 -8.95 57.34
CA SER X 68 -9.49 -9.14 55.99
C SER X 68 -10.16 -8.18 55.04
N GLY X 69 -9.39 -7.64 54.09
CA GLY X 69 -9.94 -6.88 53.00
C GLY X 69 -10.06 -7.74 51.75
N SER X 70 -11.02 -7.39 50.90
CA SER X 70 -11.22 -8.11 49.65
C SER X 70 -11.85 -7.17 48.64
N GLY X 71 -11.94 -7.63 47.40
CA GLY X 71 -12.54 -6.87 46.34
C GLY X 71 -11.57 -6.65 45.19
N SER X 72 -12.05 -5.89 44.21
CA SER X 72 -11.30 -5.68 42.98
C SER X 72 -11.73 -4.37 42.32
N GLY X 73 -10.74 -3.64 41.81
CA GLY X 73 -10.97 -2.61 40.82
C GLY X 73 -11.59 -1.34 41.38
N THR X 74 -12.89 -1.42 41.62
CA THR X 74 -13.65 -0.33 42.21
C THR X 74 -14.51 -0.76 43.39
N ASP X 75 -14.80 -2.05 43.56
CA ASP X 75 -15.71 -2.52 44.59
C ASP X 75 -14.94 -3.36 45.61
N PHE X 76 -15.02 -2.98 46.89
CA PHE X 76 -14.20 -3.61 47.91
C PHE X 76 -15.05 -3.85 49.16
N THR X 77 -14.63 -4.83 49.98
CA THR X 77 -15.45 -5.32 51.07
C THR X 77 -14.55 -5.82 52.21
N LEU X 78 -14.89 -5.45 53.43
CA LEU X 78 -14.21 -5.92 54.63
C LEU X 78 -14.88 -7.19 55.14
N LYS X 79 -14.13 -7.99 55.90
CA LYS X 79 -14.63 -9.24 56.46
C LYS X 79 -14.07 -9.42 57.86
N ILE X 80 -14.98 -9.58 58.83
CA ILE X 80 -14.66 -9.82 60.24
C ILE X 80 -15.46 -11.03 60.68
N SER X 81 -14.80 -11.99 61.33
CA SER X 81 -15.50 -13.17 61.80
C SER X 81 -16.33 -12.85 63.05
N ARG X 82 -15.68 -12.36 64.10
CA ARG X 82 -16.34 -12.12 65.38
C ARG X 82 -16.12 -10.67 65.80
N VAL X 83 -17.21 -10.01 66.20
CA VAL X 83 -17.18 -8.61 66.60
C VAL X 83 -16.92 -8.53 68.09
N GLU X 84 -15.93 -7.73 68.48
CA GLU X 84 -15.54 -7.53 69.87
C GLU X 84 -15.95 -6.14 70.34
N THR X 85 -15.71 -5.90 71.63
CA THR X 85 -15.84 -4.54 72.15
C THR X 85 -14.70 -3.66 71.66
N GLU X 86 -13.52 -4.25 71.44
CA GLU X 86 -12.43 -3.53 70.81
C GLU X 86 -12.68 -3.31 69.32
N ASP X 87 -13.52 -4.14 68.71
CA ASP X 87 -13.85 -4.04 67.30
C ASP X 87 -15.02 -3.11 67.02
N LEU X 88 -15.48 -2.37 68.04
CA LEU X 88 -16.58 -1.44 67.89
C LEU X 88 -16.07 -0.13 67.28
N GLY X 89 -16.92 0.89 67.26
CA GLY X 89 -16.54 2.20 66.80
C GLY X 89 -16.90 2.44 65.34
N VAL X 90 -16.16 3.35 64.73
CA VAL X 90 -16.38 3.77 63.35
C VAL X 90 -15.25 3.25 62.50
N TYR X 91 -15.58 2.68 61.34
CA TYR X 91 -14.57 2.26 60.38
C TYR X 91 -14.61 3.16 59.15
N TYR X 92 -13.52 3.09 58.37
CA TYR X 92 -13.31 3.97 57.24
C TYR X 92 -12.56 3.26 56.13
N CYS X 93 -12.95 3.57 54.89
CA CYS X 93 -12.16 3.35 53.69
C CYS X 93 -11.36 4.59 53.34
N PHE X 94 -10.36 4.41 52.50
CA PHE X 94 -9.43 5.47 52.14
C PHE X 94 -8.64 5.08 50.90
N GLN X 95 -8.40 6.05 50.02
CA GLN X 95 -7.54 5.87 48.88
C GLN X 95 -6.22 6.59 49.09
N GLY X 96 -5.11 5.87 48.96
CA GLY X 96 -3.81 6.47 48.86
C GLY X 96 -3.32 6.36 47.44
N SER X 97 -4.26 6.23 46.51
CA SER X 97 -3.96 5.97 45.11
C SER X 97 -3.29 7.15 44.44
N HIS X 98 -3.99 8.28 44.36
CA HIS X 98 -3.44 9.47 43.74
C HIS X 98 -4.13 10.71 44.29
N VAL X 99 -3.38 11.81 44.31
CA VAL X 99 -3.82 13.10 44.82
C VAL X 99 -4.98 13.61 43.98
N PRO X 100 -6.08 14.09 44.58
CA PRO X 100 -6.36 14.22 46.01
C PRO X 100 -6.81 12.94 46.66
N TYR X 101 -6.54 12.81 47.95
CA TYR X 101 -6.92 11.64 48.70
C TYR X 101 -8.34 11.84 49.23
N THR X 102 -9.09 10.75 49.32
CA THR X 102 -10.45 10.79 49.82
C THR X 102 -10.66 9.72 50.88
N PHE X 103 -11.48 10.04 51.86
CA PHE X 103 -11.95 9.08 52.85
C PHE X 103 -13.35 8.62 52.46
N GLY X 104 -13.98 7.85 53.34
CA GLY X 104 -15.35 7.41 53.14
C GLY X 104 -16.34 8.28 53.89
N GLY X 105 -17.35 7.64 54.46
CA GLY X 105 -18.38 8.36 55.19
C GLY X 105 -18.58 7.88 56.61
N GLY X 106 -17.77 6.92 57.04
CA GLY X 106 -17.85 6.44 58.41
C GLY X 106 -18.90 5.37 58.62
N THR X 107 -18.53 4.26 59.25
CA THR X 107 -19.47 3.19 59.54
C THR X 107 -19.44 2.85 61.02
N LYS X 108 -20.57 3.04 61.70
CA LYS X 108 -20.68 2.75 63.12
C LYS X 108 -21.12 1.32 63.36
N LEU X 109 -20.38 0.59 64.18
CA LEU X 109 -20.74 -0.75 64.57
C LEU X 109 -21.33 -0.74 65.98
N GLU X 110 -22.57 -1.22 66.11
CA GLU X 110 -23.24 -1.33 67.39
C GLU X 110 -23.65 -2.78 67.62
N ILE X 111 -24.30 -3.01 68.76
CA ILE X 111 -24.69 -4.34 69.23
C ILE X 111 -26.19 -4.48 69.10
N LYS X 112 -26.63 -5.64 68.61
CA LYS X 112 -28.05 -5.95 68.55
C LYS X 112 -28.63 -6.09 69.96
N ARG X 113 -29.83 -5.55 70.15
CA ARG X 113 -30.52 -5.68 71.43
C ARG X 113 -32.04 -5.64 71.23
C1 NAG Y . 55.87 8.85 8.24
C2 NAG Y . 55.26 7.52 8.66
C3 NAG Y . 56.31 6.42 8.64
C4 NAG Y . 56.99 6.34 7.27
C5 NAG Y . 57.52 7.73 6.88
C6 NAG Y . 58.08 7.77 5.47
C7 NAG Y . 53.38 7.26 10.23
C8 NAG Y . 52.91 7.43 11.63
N2 NAG Y . 54.64 7.62 9.98
O3 NAG Y . 55.69 5.17 8.95
O4 NAG Y . 58.07 5.42 7.33
O5 NAG Y . 56.47 8.70 6.94
O6 NAG Y . 59.47 7.49 5.45
O7 NAG Y . 52.65 6.82 9.33
C1 NAG Y . 57.80 4.24 6.52
C2 NAG Y . 58.96 3.26 6.68
C3 NAG Y . 58.68 1.98 5.88
C4 NAG Y . 57.32 1.39 6.25
C5 NAG Y . 56.23 2.46 6.11
C6 NAG Y . 54.87 1.98 6.59
C7 NAG Y . 61.38 3.59 6.86
C8 NAG Y . 62.58 4.31 6.30
N2 NAG Y . 60.22 3.86 6.27
O3 NAG Y . 59.71 1.04 6.11
O4 NAG Y . 57.02 0.30 5.39
O5 NAG Y . 56.56 3.60 6.91
O6 NAG Y . 54.05 3.08 6.96
O7 NAG Y . 61.47 2.81 7.80
C1 BMA Y . 57.10 -0.96 6.10
C2 BMA Y . 55.70 -1.64 6.05
C3 BMA Y . 55.77 -3.06 6.65
C4 BMA Y . 56.94 -3.88 6.05
C5 BMA Y . 58.26 -3.09 6.20
C6 BMA Y . 59.44 -3.80 5.58
O2 BMA Y . 55.24 -1.77 4.71
O3 BMA Y . 54.55 -3.76 6.47
O4 BMA Y . 57.05 -5.12 6.71
O5 BMA Y . 58.11 -1.81 5.54
O6 BMA Y . 59.40 -5.17 5.96
C1 NAG Z . 39.19 33.87 -3.60
C2 NAG Z . 40.66 34.28 -3.66
C3 NAG Z . 41.24 34.39 -2.25
C4 NAG Z . 40.35 35.25 -1.35
C5 NAG Z . 38.91 34.77 -1.41
C6 NAG Z . 37.95 35.64 -0.64
C7 NAG Z . 41.47 33.36 -5.79
C8 NAG Z . 42.32 32.29 -6.43
N2 NAG Z . 41.43 33.33 -4.45
O3 NAG Z . 42.55 34.93 -2.32
O4 NAG Z . 40.82 35.14 -0.01
O5 NAG Z . 38.47 34.77 -2.77
O6 NAG Z . 38.29 37.01 -0.75
O7 NAG Z . 40.88 34.20 -6.45
C1 NAG Z . 41.39 36.37 0.46
C2 NAG Z . 41.20 36.41 1.98
C3 NAG Z . 41.85 37.65 2.56
C4 NAG Z . 43.33 37.68 2.19
C5 NAG Z . 43.46 37.65 0.67
C6 NAG Z . 44.88 37.58 0.18
C7 NAG Z . 39.19 35.24 2.76
C8 NAG Z . 37.74 35.36 3.10
N2 NAG Z . 39.80 36.36 2.34
O3 NAG Z . 41.69 37.66 3.97
O4 NAG Z . 43.96 38.85 2.72
O5 NAG Z . 42.80 36.47 0.15
O6 NAG Z . 44.95 37.11 -1.15
O7 NAG Z . 39.79 34.18 2.85
C1 BMA Z . 44.89 38.49 3.78
C2 BMA Z . 45.25 39.77 4.56
C3 BMA Z . 46.07 39.42 5.81
C4 BMA Z . 45.41 38.31 6.65
C5 BMA Z . 45.19 37.07 5.76
C6 BMA Z . 44.50 35.93 6.47
O2 BMA Z . 44.07 40.44 5.01
O3 BMA Z . 46.33 40.57 6.60
O4 BMA Z . 46.23 37.96 7.75
O5 BMA Z . 44.35 37.47 4.64
O6 BMA Z . 45.09 35.79 7.77
C1 MAN Z . 47.62 41.09 6.22
C2 MAN Z . 48.39 41.50 7.53
C3 MAN Z . 47.88 42.85 8.08
C4 MAN Z . 47.79 43.92 6.98
C5 MAN Z . 46.90 43.40 5.83
C6 MAN Z . 46.79 44.38 4.69
O2 MAN Z . 49.78 41.69 7.28
O3 MAN Z . 48.68 43.32 9.16
O4 MAN Z . 47.24 45.12 7.50
O5 MAN Z . 47.48 42.18 5.31
O6 MAN Z . 46.47 43.64 3.51
C1 NAG AA . -19.49 6.94 -45.41
C2 NAG AA . -19.35 7.49 -46.83
C3 NAG AA . -18.63 6.50 -47.75
C4 NAG AA . -17.33 6.00 -47.11
C5 NAG AA . -17.58 5.51 -45.68
C6 NAG AA . -16.32 5.15 -44.93
C7 NAG AA . -21.70 7.12 -47.64
C8 NAG AA . -22.88 7.83 -48.23
N2 NAG AA . -20.63 7.90 -47.40
O3 NAG AA . -18.35 7.12 -48.99
O4 NAG AA . -16.80 4.93 -47.89
O5 NAG AA . -18.21 6.56 -44.92
O6 NAG AA . -16.40 5.56 -43.57
O7 NAG AA . -21.72 5.92 -47.40
C1 NAG AA . -15.51 5.22 -48.48
C2 NAG AA . -15.66 5.43 -49.99
C3 NAG AA . -14.30 5.78 -50.61
C4 NAG AA . -13.67 6.96 -49.89
C5 NAG AA . -13.59 6.69 -48.40
C6 NAG AA . -13.09 7.88 -47.61
C7 NAG AA . -17.04 4.34 -51.70
C8 NAG AA . -17.55 3.04 -52.24
N2 NAG AA . -16.24 4.26 -50.64
O3 NAG AA . -14.47 6.07 -51.99
O4 NAG AA . -12.36 7.18 -50.41
O5 NAG AA . -14.89 6.38 -47.88
O6 NAG AA . -13.79 8.03 -46.39
O7 NAG AA . -17.33 5.42 -52.21
C1 NAG BA . -20.10 19.43 -50.70
C2 NAG BA . -20.15 20.82 -51.32
C3 NAG BA . -20.01 20.72 -52.84
C4 NAG BA . -18.77 19.90 -53.22
C5 NAG BA . -18.81 18.56 -52.50
C6 NAG BA . -17.57 17.73 -52.74
C7 NAG BA . -21.51 22.33 -49.95
C8 NAG BA . -22.86 22.93 -49.73
N2 NAG BA . -21.39 21.50 -50.98
O3 NAG BA . -19.90 22.03 -53.38
O4 NAG BA . -18.80 19.65 -54.62
O5 NAG BA . -18.90 18.76 -51.09
O6 NAG BA . -17.77 16.37 -52.36
O7 NAG BA . -20.56 22.59 -49.21
C1 NAG BA . -17.79 20.34 -55.37
C2 NAG BA . -17.91 19.85 -56.82
C3 NAG BA . -16.99 20.63 -57.75
C4 NAG BA . -17.25 22.13 -57.61
C5 NAG BA . -17.00 22.52 -56.15
C6 NAG BA . -17.25 23.98 -55.88
C7 NAG BA . -18.55 17.48 -56.81
C8 NAG BA . -18.07 16.07 -56.92
N2 NAG BA . -17.61 18.42 -56.91
O3 NAG BA . -17.23 20.23 -59.09
O4 NAG BA . -16.55 22.93 -58.55
O5 NAG BA . -17.91 21.78 -55.33
O6 NAG BA . -18.55 24.19 -55.33
O7 NAG BA . -19.73 17.75 -56.64
C1 BMA BA . -15.11 22.82 -58.68
C2 BMA BA . -14.81 22.36 -60.14
C3 BMA BA . -13.32 22.45 -60.41
C4 BMA BA . -12.82 23.86 -60.15
C5 BMA BA . -13.05 24.19 -58.67
C6 BMA BA . -12.61 25.60 -58.31
O2 BMA BA . -15.43 23.22 -61.07
O3 BMA BA . -12.99 22.00 -61.71
O4 BMA BA . -11.44 23.95 -60.44
O5 BMA BA . -14.49 24.05 -58.37
O6 BMA BA . -12.90 26.46 -59.41
C1 MAN BA . -12.22 20.79 -61.56
C2 MAN BA . -11.47 20.50 -62.90
C3 MAN BA . -12.43 19.87 -63.94
C4 MAN BA . -13.20 18.69 -63.33
C5 MAN BA . -13.99 19.18 -62.12
C6 MAN BA . -14.81 18.10 -61.45
O2 MAN BA . -10.43 19.54 -62.72
O3 MAN BA . -11.75 19.47 -65.11
O4 MAN BA . -14.09 18.14 -64.29
O5 MAN BA . -13.04 19.69 -61.14
O6 MAN BA . -13.97 17.43 -60.51
C1 NAG CA . -24.83 9.87 -35.13
C2 NAG CA . -25.58 11.20 -35.08
C3 NAG CA . -26.85 11.05 -34.25
C4 NAG CA . -27.69 9.89 -34.77
C5 NAG CA . -26.85 8.62 -34.85
C6 NAG CA . -27.57 7.45 -35.48
C7 NAG CA . -24.01 13.06 -35.30
C8 NAG CA . -23.18 14.07 -34.58
N2 NAG CA . -24.73 12.24 -34.53
O3 NAG CA . -27.60 12.26 -34.31
O4 NAG CA . -28.80 9.69 -33.89
O5 NAG CA . -25.69 8.86 -35.64
O6 NAG CA . -28.51 6.87 -34.59
O7 NAG CA . -24.01 12.98 -36.52
C1 NAG CA . -30.06 9.96 -34.55
C2 NAG CA . -31.12 10.10 -33.47
C3 NAG CA . -32.48 10.41 -34.11
C4 NAG CA . -32.38 11.62 -35.04
C5 NAG CA . -31.24 11.42 -36.03
C6 NAG CA . -30.99 12.65 -36.90
C7 NAG CA . -30.87 8.90 -31.35
C8 NAG CA . -31.02 7.57 -30.66
N2 NAG CA . -31.20 8.92 -32.65
O3 NAG CA . -33.43 10.65 -33.07
O4 NAG CA . -33.61 11.76 -35.75
O5 NAG CA . -30.01 11.15 -35.34
O6 NAG CA . -29.99 13.48 -36.33
O7 NAG CA . -30.47 9.90 -30.78
C1 BMA CA . -34.34 12.92 -35.30
C2 BMA CA . -35.39 13.27 -36.37
C3 BMA CA . -36.27 14.43 -35.86
C4 BMA CA . -36.81 14.19 -34.45
C5 BMA CA . -35.66 13.82 -33.49
C6 BMA CA . -36.11 13.46 -32.09
O2 BMA CA . -36.24 12.18 -36.61
O3 BMA CA . -37.36 14.67 -36.74
O4 BMA CA . -37.46 15.35 -33.98
O5 BMA CA . -34.96 12.67 -34.04
O6 BMA CA . -36.71 12.17 -32.12
C1 MAN CA . -37.09 15.86 -37.48
C2 MAN CA . -38.46 16.53 -37.81
C3 MAN CA . -39.22 15.70 -38.85
C4 MAN CA . -38.33 15.34 -40.08
C5 MAN CA . -37.06 14.64 -39.57
C6 MAN CA . -36.10 14.28 -40.67
O2 MAN CA . -38.30 17.83 -38.37
O3 MAN CA . -40.39 16.37 -39.30
O4 MAN CA . -39.03 14.48 -40.95
O5 MAN CA . -36.37 15.54 -38.66
O6 MAN CA . -36.72 13.28 -41.48
C1 MAN CA . -38.02 12.25 -31.53
C2 MAN CA . -38.24 11.00 -30.64
C3 MAN CA . -38.48 9.76 -31.52
C4 MAN CA . -39.55 10.02 -32.60
C5 MAN CA . -39.13 11.23 -33.43
C6 MAN CA . -40.14 11.59 -34.50
O2 MAN CA . -39.42 11.13 -29.84
O3 MAN CA . -38.85 8.62 -30.74
O4 MAN CA . -39.67 8.89 -33.45
O5 MAN CA . -39.00 12.37 -32.55
O6 MAN CA . -39.41 11.97 -35.67
C1 NAG DA . -26.91 -3.92 -29.82
C2 NAG DA . -26.54 -4.19 -31.28
C3 NAG DA . -27.72 -4.78 -32.07
C4 NAG DA . -28.38 -5.93 -31.31
C5 NAG DA . -28.67 -5.53 -29.87
C6 NAG DA . -29.21 -6.66 -29.03
C7 NAG DA . -26.61 -1.84 -32.18
C8 NAG DA . -25.79 -0.81 -32.89
N2 NAG DA . -25.98 -3.02 -31.96
O3 NAG DA . -27.26 -5.25 -33.32
O4 NAG DA . -29.63 -6.21 -31.95
O5 NAG DA . -27.46 -5.08 -29.24
O6 NAG DA . -28.65 -7.90 -29.42
O7 NAG DA . -27.76 -1.62 -31.83
C1 NAG DA . -29.67 -7.50 -32.57
C2 NAG DA . -31.11 -7.68 -33.06
C3 NAG DA . -31.25 -9.02 -33.78
C4 NAG DA . -30.27 -9.07 -34.95
C5 NAG DA . -28.85 -8.90 -34.41
C6 NAG DA . -27.79 -8.88 -35.48
C7 NAG DA . -32.76 -6.47 -31.72
C8 NAG DA . -33.70 -6.54 -30.55
N2 NAG DA . -32.06 -7.58 -31.97
O3 NAG DA . -32.59 -9.15 -34.24
O4 NAG DA . -30.40 -10.27 -35.69
O5 NAG DA . -28.75 -7.65 -33.70
O6 NAG DA . -27.64 -7.57 -36.02
O7 NAG DA . -32.63 -5.46 -32.39
C1 BMA DA . -31.00 -9.92 -36.97
C2 BMA DA . -30.81 -11.08 -37.99
C3 BMA DA . -31.57 -10.72 -39.29
C4 BMA DA . -33.04 -10.31 -39.01
C5 BMA DA . -33.05 -9.17 -37.99
C6 BMA DA . -34.45 -8.74 -37.58
O2 BMA DA . -31.38 -12.28 -37.50
O3 BMA DA . -31.53 -11.80 -40.26
O4 BMA DA . -33.67 -9.87 -40.21
O5 BMA DA . -32.39 -9.64 -36.81
O6 BMA DA . -35.31 -9.85 -37.71
C1 MAN DA . -31.09 -11.41 -41.59
C2 MAN DA . -29.47 -11.32 -41.62
C3 MAN DA . -28.94 -9.92 -41.82
C4 MAN DA . -29.68 -9.23 -42.95
C5 MAN DA . -31.07 -8.94 -42.46
C6 MAN DA . -31.93 -8.19 -43.48
O2 MAN DA . -28.93 -12.09 -42.66
O3 MAN DA . -27.53 -9.92 -42.05
O4 MAN DA . -29.02 -8.01 -43.28
O5 MAN DA . -31.80 -10.20 -42.12
O6 MAN DA . -33.13 -7.82 -42.82
C1 MAN DA . -28.81 -13.46 -42.25
C2 MAN DA . -27.31 -13.75 -42.00
C3 MAN DA . -26.55 -13.83 -43.34
C4 MAN DA . -27.25 -14.77 -44.35
C5 MAN DA . -28.71 -14.33 -44.53
C6 MAN DA . -29.49 -15.24 -45.46
O2 MAN DA . -27.12 -15.02 -41.37
O3 MAN DA . -25.20 -14.23 -43.14
O4 MAN DA . -26.58 -14.73 -45.60
O5 MAN DA . -29.36 -14.34 -43.24
O6 MAN DA . -29.64 -16.50 -44.81
C1 MAN DA . -26.75 -14.79 -39.98
C2 MAN DA . -25.93 -16.02 -39.49
C3 MAN DA . -26.85 -17.23 -39.28
C4 MAN DA . -28.08 -16.88 -38.42
C5 MAN DA . -28.83 -15.70 -39.06
C6 MAN DA . -30.02 -15.24 -38.26
O2 MAN DA . -25.31 -15.76 -38.24
O3 MAN DA . -26.15 -18.32 -38.69
O4 MAN DA . -28.95 -17.99 -38.31
O5 MAN DA . -27.92 -14.58 -39.19
O6 MAN DA . -30.76 -14.32 -39.05
C1 MAN DA . -36.07 -10.00 -36.49
C2 MAN DA . -36.22 -11.53 -36.19
C3 MAN DA . -37.31 -12.18 -37.08
C4 MAN DA . -38.61 -11.33 -37.09
C5 MAN DA . -38.27 -9.90 -37.53
C6 MAN DA . -39.48 -8.99 -37.56
O2 MAN DA . -36.63 -11.77 -34.85
O3 MAN DA . -37.59 -13.53 -36.68
O4 MAN DA . -39.56 -11.89 -37.99
O5 MAN DA . -37.33 -9.34 -36.58
O6 MAN DA . -39.20 -7.93 -38.46
C1 MAN DA . -37.46 -14.43 -37.80
C2 MAN DA . -38.10 -15.79 -37.39
C3 MAN DA . -37.16 -16.58 -36.48
C4 MAN DA . -35.76 -16.71 -37.10
C5 MAN DA . -35.19 -15.29 -37.35
C6 MAN DA . -33.83 -15.32 -38.02
O2 MAN DA . -38.33 -16.62 -38.53
O3 MAN DA . -37.68 -17.87 -36.18
O4 MAN DA . -34.90 -17.41 -36.22
O5 MAN DA . -36.09 -14.56 -38.23
O6 MAN DA . -33.08 -16.39 -37.46
C1 NAG EA . -3.80 -6.00 -31.85
C2 NAG EA . -2.41 -6.28 -32.40
C3 NAG EA . -1.95 -5.13 -33.28
C4 NAG EA . -2.99 -4.79 -34.35
C5 NAG EA . -4.37 -4.63 -33.73
C6 NAG EA . -5.46 -4.49 -34.76
C7 NAG EA . -1.30 -7.68 -30.72
C8 NAG EA . -0.28 -7.72 -29.62
N2 NAG EA . -1.46 -6.50 -31.32
O3 NAG EA . -0.72 -5.48 -33.90
O4 NAG EA . -2.64 -3.56 -34.96
O5 NAG EA . -4.70 -5.76 -32.93
O6 NAG EA . -5.42 -5.57 -35.69
O7 NAG EA . -1.95 -8.68 -31.04
C1 NAG EA . -2.27 -3.69 -36.36
C2 NAG EA . -1.30 -2.56 -36.64
C3 NAG EA . -0.82 -2.62 -38.09
C4 NAG EA . -0.25 -3.99 -38.41
C5 NAG EA . -1.25 -5.09 -38.06
C6 NAG EA . -0.68 -6.49 -38.19
C7 NAG EA . -1.22 -0.22 -35.90
C8 NAG EA . -2.01 1.04 -35.66
N2 NAG EA . -1.90 -1.27 -36.36
O3 NAG EA . 0.16 -1.62 -38.31
O4 NAG EA . 0.18 -4.05 -39.78
O5 NAG EA . -1.65 -4.96 -36.67
O6 NAG EA . -1.71 -7.45 -38.39
O7 NAG EA . -0.01 -0.28 -35.67
C1 BMA EA . -0.83 -3.98 -40.81
C2 BMA EA . -0.64 -2.74 -41.72
C3 BMA EA . -1.66 -2.77 -42.85
C4 BMA EA . -1.53 -4.06 -43.66
C5 BMA EA . -1.65 -5.30 -42.74
C6 BMA EA . -1.26 -6.58 -43.47
O2 BMA EA . 0.64 -2.74 -42.32
O3 BMA EA . -1.53 -1.63 -43.69
O4 BMA EA . -2.54 -4.10 -44.65
O5 BMA EA . -0.77 -5.18 -41.59
O6 BMA EA . 0.16 -6.72 -43.37
C1 MAN EA . 0.74 -6.88 -44.67
C2 MAN EA . 1.96 -7.86 -44.55
C3 MAN EA . 3.16 -7.15 -43.91
C4 MAN EA . 3.47 -5.81 -44.61
C5 MAN EA . 2.21 -4.92 -44.56
C6 MAN EA . 2.41 -3.59 -45.27
O2 MAN EA . 2.41 -8.29 -45.85
O3 MAN EA . 4.32 -7.98 -43.91
O4 MAN EA . 4.55 -5.16 -43.96
O5 MAN EA . 1.11 -5.61 -45.22
O6 MAN EA . 3.72 -3.11 -44.97
C1 NAG FA . 31.54 22.36 -24.74
C2 NAG FA . 32.54 21.73 -25.70
C3 NAG FA . 33.69 21.11 -24.93
C4 NAG FA . 34.32 22.11 -23.96
C5 NAG FA . 33.24 22.74 -23.09
C6 NAG FA . 33.77 23.87 -22.22
C7 NAG FA . 32.27 20.55 -27.82
C8 NAG FA . 31.53 19.47 -28.56
N2 NAG FA . 31.91 20.74 -26.55
O3 NAG FA . 34.68 20.65 -25.84
O4 NAG FA . 35.26 21.42 -23.13
O5 NAG FA . 32.20 23.30 -23.90
O6 NAG FA . 32.72 24.73 -21.81
O7 NAG FA . 33.16 21.21 -28.35
C1 NAG FA . 36.63 21.76 -23.43
C2 NAG FA . 37.46 20.49 -23.22
C3 NAG FA . 38.92 20.78 -23.51
C4 NAG FA . 39.11 21.39 -24.89
C5 NAG FA . 38.19 22.60 -25.06
C6 NAG FA . 38.18 23.15 -26.46
C7 NAG FA . 36.48 18.94 -21.60
C8 NAG FA . 36.41 18.52 -20.16
N2 NAG FA . 37.28 19.96 -21.87
O3 NAG FA . 39.64 19.55 -23.39
O4 NAG FA . 40.44 21.87 -25.05
O5 NAG FA . 36.82 22.25 -24.76
O6 NAG FA . 37.14 24.12 -26.64
O7 NAG FA . 35.83 18.37 -22.47
C1 BMA FA . 41.29 20.97 -25.78
C2 BMA FA . 42.20 21.76 -26.77
C3 BMA FA . 43.31 20.85 -27.34
C4 BMA FA . 44.04 20.09 -26.22
C5 BMA FA . 43.02 19.29 -25.41
C6 BMA FA . 43.63 18.52 -24.26
O2 BMA FA . 42.86 22.84 -26.11
O3 BMA FA . 44.25 21.57 -28.13
O4 BMA FA . 44.99 19.20 -26.79
O5 BMA FA . 42.07 20.21 -24.84
O6 BMA FA . 43.58 19.35 -23.11
C1 NAG GA . 2.05 27.45 -21.00
C2 NAG GA . 0.95 26.40 -21.07
C3 NAG GA . -0.40 27.07 -21.26
C4 NAG GA . -0.65 28.12 -20.19
C5 NAG GA . 0.53 29.10 -20.13
C6 NAG GA . 0.44 30.07 -18.98
C7 NAG GA . 1.10 24.14 -21.98
C8 NAG GA . 1.41 23.30 -23.18
N2 NAG GA . 1.21 25.46 -22.14
O3 NAG GA . -1.43 26.08 -21.23
O4 NAG GA . -1.84 28.83 -20.52
O5 NAG GA . 1.76 28.38 -19.97
O6 NAG GA . -0.10 29.45 -17.83
O7 NAG GA . 0.77 23.64 -20.91
C1 NAG GA . -2.86 28.59 -19.51
C2 NAG GA . -3.95 29.64 -19.69
C3 NAG GA . -5.04 29.43 -18.64
C4 NAG GA . -5.56 27.99 -18.68
C5 NAG GA . -4.41 26.98 -18.62
C6 NAG GA . -4.86 25.56 -18.86
C7 NAG GA . -3.35 31.81 -20.65
C8 NAG GA . -2.75 33.15 -20.39
N2 NAG GA . -3.41 30.98 -19.60
O3 NAG GA . -6.09 30.35 -18.87
O4 NAG GA . -6.41 27.76 -17.56
O5 NAG GA . -3.43 27.28 -19.63
O6 NAG GA . -5.25 25.38 -20.21
O7 NAG GA . -3.75 31.47 -21.76
C1 BMA GA . -7.79 27.66 -17.95
C2 BMA GA . -8.54 26.97 -16.81
C3 BMA GA . -10.01 26.86 -17.14
C4 BMA GA . -10.64 28.21 -17.55
C5 BMA GA . -9.73 29.05 -18.50
C6 BMA GA . -10.09 30.53 -18.48
O2 BMA GA . -8.46 27.75 -15.64
O3 BMA GA . -10.72 26.36 -16.00
O4 BMA GA . -11.88 27.97 -18.18
O5 BMA GA . -8.33 28.95 -18.14
O6 BMA GA . -10.46 30.92 -17.14
C1 MAN GA . -11.13 25.00 -16.19
C2 MAN GA . -12.25 24.72 -15.18
C3 MAN GA . -11.62 24.86 -13.77
C4 MAN GA . -10.52 23.82 -13.58
C5 MAN GA . -9.44 24.05 -14.66
C6 MAN GA . -8.37 22.98 -14.66
O2 MAN GA . -12.68 23.36 -15.31
O3 MAN GA . -12.56 24.82 -12.69
O4 MAN GA . -9.94 23.97 -12.30
O5 MAN GA . -10.05 24.09 -15.99
O6 MAN GA . -7.88 22.85 -13.34
C1 MAN GA . -14.10 23.21 -15.05
C2 MAN GA . -14.44 21.67 -15.20
C3 MAN GA . -14.66 21.30 -16.66
C4 MAN GA . -15.67 22.23 -17.32
C5 MAN GA . -15.13 23.64 -17.29
C6 MAN GA . -16.09 24.65 -17.89
O2 MAN GA . -15.66 21.35 -14.52
O3 MAN GA . -15.06 19.95 -16.80
O4 MAN GA . -15.89 21.84 -18.67
O5 MAN GA . -14.91 24.05 -15.90
O6 MAN GA . -17.21 24.73 -17.02
C1 MAN GA . -9.34 31.55 -16.47
C2 MAN GA . -9.67 31.60 -14.94
C3 MAN GA . -10.68 32.73 -14.64
C4 MAN GA . -10.26 34.06 -15.27
C5 MAN GA . -10.05 33.87 -16.78
C6 MAN GA . -9.53 35.11 -17.45
O2 MAN GA . -8.51 31.93 -14.16
O3 MAN GA . -10.88 32.88 -13.24
O4 MAN GA . -11.28 35.02 -15.06
O5 MAN GA . -9.07 32.84 -17.01
O6 MAN GA . -8.10 35.05 -17.41
C1 NAG HA . -1.94 34.58 -30.55
C2 NAG HA . -1.51 35.60 -31.61
C3 NAG HA . -1.33 36.98 -30.97
C4 NAG HA . -2.58 37.39 -30.19
C5 NAG HA . -2.99 36.28 -29.22
C6 NAG HA . -4.32 36.54 -28.54
C7 NAG HA . -0.21 34.85 -33.55
C8 NAG HA . 1.13 34.43 -34.05
N2 NAG HA . -0.28 35.18 -32.25
O3 NAG HA . -1.06 37.94 -31.99
O4 NAG HA . -2.29 38.57 -29.45
O5 NAG HA . -3.14 35.04 -29.92
O6 NAG HA . -4.32 36.05 -27.20
O7 NAG HA . -1.20 34.88 -34.27
C1 NAG HA . -3.04 39.71 -29.90
C2 NAG HA . -2.44 40.96 -29.26
C3 NAG HA . -3.18 42.21 -29.74
C4 NAG HA . -3.21 42.28 -31.26
C5 NAG HA . -3.79 40.98 -31.82
C6 NAG HA . -3.77 40.93 -33.33
C7 NAG HA . -1.40 40.59 -27.07
C8 NAG HA . -1.61 40.53 -25.59
N2 NAG HA . -2.48 40.87 -27.81
O3 NAG HA . -2.54 43.37 -29.21
O4 NAG HA . -3.98 43.39 -31.69
O5 NAG HA . -3.04 39.86 -31.34
O6 NAG HA . -5.04 40.56 -33.85
O7 NAG HA . -0.30 40.39 -27.58
C1 NAG IA . -21.13 25.84 -28.10
C2 NAG IA . -21.08 27.34 -27.81
C3 NAG IA . -21.85 27.65 -26.53
C4 NAG IA . -23.26 27.10 -26.59
C5 NAG IA . -23.24 25.61 -26.96
C6 NAG IA . -24.62 25.04 -27.21
C7 NAG IA . -19.20 28.68 -28.59
C8 NAG IA . -17.77 29.07 -28.36
N2 NAG IA . -19.72 27.82 -27.72
O3 NAG IA . -21.88 29.05 -26.33
O4 NAG IA . -23.88 27.24 -25.31
O5 NAG IA . -22.50 25.42 -28.17
O6 NAG IA . -25.34 24.92 -25.99
O7 NAG IA . -19.85 29.14 -29.52
C1 NAG IA . -24.96 28.18 -25.33
C2 NAG IA . -25.65 28.15 -23.97
C3 NAG IA . -26.79 29.16 -23.93
C4 NAG IA . -26.29 30.56 -24.29
C5 NAG IA . -25.57 30.51 -25.65
C6 NAG IA . -24.93 31.82 -26.02
C7 NAG IA . -25.47 25.93 -22.95
C8 NAG IA . -26.13 24.60 -22.73
N2 NAG IA . -26.16 26.81 -23.67
O3 NAG IA . -27.36 29.19 -22.62
O4 NAG IA . -27.36 31.47 -24.36
O5 NAG IA . -24.52 29.52 -25.61
O6 NAG IA . -23.98 32.22 -25.03
O7 NAG IA . -24.36 26.18 -22.49
C1 NAG JA . 8.13 15.38 -44.88
C2 NAG JA . 6.92 14.55 -44.46
C3 NAG JA . 6.54 13.59 -45.60
C4 NAG JA . 6.37 14.33 -46.91
C5 NAG JA . 7.59 15.22 -47.20
C6 NAG JA . 7.40 16.13 -48.39
C7 NAG JA . 6.30 13.75 -42.24
C8 NAG JA . 6.72 12.95 -41.05
N2 NAG JA . 7.18 13.82 -43.24
O3 NAG JA . 5.34 12.93 -45.24
O4 NAG JA . 6.27 13.38 -47.97
O5 NAG JA . 7.86 16.07 -46.07
O6 NAG JA . 7.00 17.43 -47.98
O7 NAG JA . 5.22 14.31 -42.29
C1 NAG JA . 4.93 13.29 -48.47
C2 NAG JA . 4.97 12.67 -49.87
C3 NAG JA . 3.56 12.48 -50.41
C4 NAG JA . 2.72 11.67 -49.44
C5 NAG JA . 2.74 12.33 -48.06
C6 NAG JA . 2.02 11.52 -47.02
C7 NAG JA . 7.05 13.20 -51.05
C8 NAG JA . 7.73 14.13 -52.01
N2 NAG JA . 5.78 13.47 -50.77
O3 NAG JA . 3.63 11.83 -51.68
O4 NAG JA . 1.37 11.59 -49.89
O5 NAG JA . 4.10 12.49 -47.61
O6 NAG JA . 2.95 10.85 -46.17
O7 NAG JA . 7.63 12.24 -50.56
C1 BMA JA . 0.87 10.32 -50.45
C2 BMA JA . 1.86 9.08 -50.43
C3 BMA JA . 1.16 7.98 -51.21
C4 BMA JA . -0.19 7.61 -50.55
C5 BMA JA . -1.09 8.87 -50.36
C6 BMA JA . -2.31 8.60 -49.49
O2 BMA JA . 2.02 8.53 -49.14
O3 BMA JA . 1.99 6.83 -51.31
O4 BMA JA . -0.87 6.66 -51.35
O5 BMA JA . -0.32 9.93 -49.73
O6 BMA JA . -2.94 7.43 -49.96
C1 NAG KA . 2.51 17.61 -42.88
C2 NAG KA . 1.88 16.37 -43.49
C3 NAG KA . 2.29 16.23 -44.95
C4 NAG KA . 2.00 17.51 -45.74
C5 NAG KA . 2.61 18.70 -45.01
C6 NAG KA . 2.23 20.03 -45.64
C7 NAG KA . 1.39 14.16 -42.56
C8 NAG KA . 1.92 13.02 -41.75
N2 NAG KA . 2.23 15.18 -42.74
O3 NAG KA . 1.57 15.15 -45.53
O4 NAG KA . 2.59 17.42 -47.03
O5 NAG KA . 2.17 18.75 -43.66
O6 NAG KA . 1.51 20.84 -44.72
O7 NAG KA . 0.25 14.17 -43.00
C1 NAG KA . 1.64 17.27 -48.09
C2 NAG KA . 2.40 17.49 -49.40
C3 NAG KA . 1.53 17.20 -50.62
C4 NAG KA . 0.92 15.81 -50.50
C5 NAG KA . 0.13 15.72 -49.21
C6 NAG KA . -0.49 14.36 -48.98
C7 NAG KA . 4.08 19.17 -50.03
C8 NAG KA . 4.45 20.63 -50.01
N2 NAG KA . 2.91 18.86 -49.46
O3 NAG KA . 2.33 17.29 -51.78
O4 NAG KA . 0.16 15.39 -51.64
O5 NAG KA . 1.02 15.96 -48.10
O6 NAG KA . -0.84 14.17 -47.62
O7 NAG KA . 4.80 18.33 -50.55
C1 BMA KA . -0.74 16.31 -52.31
C2 BMA KA . -0.24 16.43 -53.77
C3 BMA KA . -1.22 17.25 -54.59
C4 BMA KA . -2.64 16.70 -54.50
C5 BMA KA . -3.08 16.61 -53.03
C6 BMA KA . -4.40 15.89 -52.91
O2 BMA KA . -0.20 15.14 -54.38
O3 BMA KA . -0.83 17.26 -55.96
O4 BMA KA . -3.53 17.53 -55.21
O5 BMA KA . -2.09 15.86 -52.25
O6 BMA KA . -4.28 14.67 -53.64
C1 MAN KA . -0.50 18.60 -56.33
C2 MAN KA . -1.26 18.89 -57.63
C3 MAN KA . -0.69 18.03 -58.78
C4 MAN KA . 0.85 18.12 -58.87
C5 MAN KA . 1.47 17.83 -57.49
C6 MAN KA . 2.96 18.06 -57.46
O2 MAN KA . -1.09 20.25 -58.05
O3 MAN KA . -1.27 18.38 -60.03
O4 MAN KA . 1.34 17.18 -59.80
O5 MAN KA . 0.89 18.72 -56.51
O6 MAN KA . 3.19 19.46 -57.54
C1 MAN KA . -5.58 14.13 -53.88
C2 MAN KA . -5.45 12.57 -53.97
C3 MAN KA . -4.93 12.14 -55.35
C4 MAN KA . -5.68 12.83 -56.49
C5 MAN KA . -5.54 14.35 -56.30
C6 MAN KA . -6.20 15.16 -57.40
O2 MAN KA . -6.72 11.92 -53.81
O3 MAN KA . -4.97 10.73 -55.52
O4 MAN KA . -5.16 12.44 -57.74
O5 MAN KA . -6.16 14.71 -55.05
O6 MAN KA . -5.58 16.44 -57.43
C1 NAG LA . 8.97 24.21 -47.58
C2 NAG LA . 7.51 23.89 -47.88
C3 NAG LA . 7.24 23.96 -49.39
C4 NAG LA . 7.78 25.25 -50.01
C5 NAG LA . 9.21 25.54 -49.54
C6 NAG LA . 9.70 26.91 -49.93
C7 NAG LA . 5.94 22.26 -46.94
C8 NAG LA . 5.76 20.85 -46.46
N2 NAG LA . 7.17 22.57 -47.37
O3 NAG LA . 5.84 23.86 -49.57
O4 NAG LA . 7.87 25.14 -51.43
O5 NAG LA . 9.28 25.48 -48.11
O6 NAG LA . 10.55 27.46 -48.94
O7 NAG LA . 5.02 23.07 -46.95
C1 NAG LA . 6.68 25.49 -52.20
C2 NAG LA . 6.85 26.79 -52.97
C3 NAG LA . 5.63 27.05 -53.85
C4 NAG LA . 5.34 25.86 -54.75
C5 NAG LA . 5.20 24.60 -53.90
C6 NAG LA . 5.03 23.35 -54.73
C7 NAG LA . 7.94 28.89 -52.31
C8 NAG LA . 8.03 29.98 -51.28
N2 NAG LA . 7.07 27.91 -52.07
O3 NAG LA . 5.84 28.22 -54.64
O4 NAG LA . 4.13 26.07 -55.46
O5 NAG LA . 6.40 24.41 -53.12
O6 NAG LA . 4.02 22.50 -54.20
O7 NAG LA . 8.65 28.90 -53.32
C1 NAG MA . -4.44 31.24 -36.92
C2 NAG MA . -5.76 31.59 -36.25
C3 NAG MA . -6.92 31.28 -37.18
C4 NAG MA . -6.74 31.94 -38.54
C5 NAG MA . -5.36 31.58 -39.11
C6 NAG MA . -5.04 32.30 -40.38
C7 NAG MA . -5.87 31.49 -33.80
C8 NAG MA . -6.02 30.61 -32.61
N2 NAG MA . -5.90 30.88 -34.99
O3 NAG MA . -8.13 31.72 -36.56
O4 NAG MA . -7.72 31.47 -39.46
O5 NAG MA . -4.34 31.92 -38.17
O6 NAG MA . -3.68 32.70 -40.43
O7 NAG MA . -5.71 32.70 -33.70
C1 NAG MA . -8.78 32.43 -39.68
C2 NAG MA . -9.33 32.23 -41.09
C3 NAG MA . -10.51 33.16 -41.34
C4 NAG MA . -11.57 33.03 -40.26
C5 NAG MA . -10.93 33.14 -38.87
C6 NAG MA . -11.89 32.81 -37.75
C7 NAG MA . -7.61 33.40 -42.48
C8 NAG MA . -6.66 33.21 -43.62
N2 NAG MA . -8.33 32.32 -42.14
O3 NAG MA . -11.02 32.85 -42.63
O4 NAG MA . -12.50 34.11 -40.32
O5 NAG MA . -9.81 32.25 -38.73
O6 NAG MA . -11.63 31.52 -37.24
O7 NAG MA . -7.69 34.47 -41.89
C1 BMA MA . -13.64 33.88 -41.16
C2 BMA MA . -14.87 34.39 -40.40
C3 BMA MA . -16.03 34.73 -41.35
C4 BMA MA . -15.55 35.53 -42.56
C5 BMA MA . -14.47 34.73 -43.28
C6 BMA MA . -13.94 35.43 -44.50
O2 BMA MA . -14.56 35.59 -39.75
O3 BMA MA . -17.00 35.44 -40.62
O4 BMA MA . -16.60 35.78 -43.48
O5 BMA MA . -13.39 34.58 -42.36
O6 BMA MA . -13.63 36.76 -44.13
C1 MAN MA . -18.35 34.97 -40.84
C2 MAN MA . -19.25 35.89 -39.96
C3 MAN MA . -19.11 35.50 -38.52
C4 MAN MA . -19.51 34.06 -38.32
C5 MAN MA . -18.55 33.17 -39.11
C6 MAN MA . -18.98 31.72 -39.11
O2 MAN MA . -20.62 35.68 -40.28
O3 MAN MA . -19.90 36.33 -37.68
O4 MAN MA . -19.41 33.72 -36.95
O5 MAN MA . -18.52 33.58 -40.52
O6 MAN MA . -19.62 31.45 -37.86
C1 MAN MA . -21.13 36.92 -40.80
C2 MAN MA . -22.66 36.90 -40.66
C3 MAN MA . -23.22 35.88 -41.63
C4 MAN MA . -22.78 36.21 -43.06
C5 MAN MA . -21.26 36.17 -43.13
C6 MAN MA . -20.72 36.56 -44.47
O2 MAN MA . -23.16 38.12 -41.15
O3 MAN MA . -24.62 35.83 -41.56
O4 MAN MA . -23.31 35.26 -43.96
O5 MAN MA . -20.71 37.10 -42.16
O6 MAN MA . -21.66 36.16 -45.46
C1 MAN MA . -23.91 38.84 -40.17
C2 MAN MA . -24.82 39.74 -40.97
C3 MAN MA . -23.94 40.62 -41.85
C4 MAN MA . -22.96 41.46 -40.99
C5 MAN MA . -22.17 40.56 -40.02
C6 MAN MA . -21.46 41.34 -38.94
O2 MAN MA . -25.54 40.64 -40.12
O3 MAN MA . -24.70 41.47 -42.70
O4 MAN MA . -22.05 42.12 -41.84
O5 MAN MA . -23.07 39.61 -39.35
O6 MAN MA . -20.66 40.46 -38.18
C1 MAN MA . -13.15 37.48 -45.28
C2 MAN MA . -12.42 38.73 -44.74
C3 MAN MA . -13.46 39.68 -44.14
C4 MAN MA . -14.52 40.04 -45.17
C5 MAN MA . -15.21 38.74 -45.63
C6 MAN MA . -16.29 38.95 -46.68
O2 MAN MA . -11.82 39.47 -45.81
O3 MAN MA . -12.86 40.85 -43.64
O4 MAN MA . -15.48 40.90 -44.58
O5 MAN MA . -14.20 37.84 -46.17
O6 MAN MA . -15.67 39.13 -47.95
C1 MAN MA . -13.06 40.87 -42.22
C2 MAN MA . -13.73 42.21 -41.85
C3 MAN MA . -12.77 43.36 -42.15
C4 MAN MA . -11.37 43.13 -41.52
C5 MAN MA . -10.83 41.74 -41.92
C6 MAN MA . -9.53 41.37 -41.24
O2 MAN MA . -14.01 42.29 -40.46
O3 MAN MA . -13.30 44.60 -41.73
O4 MAN MA . -10.47 44.12 -41.96
O5 MAN MA . -11.81 40.74 -41.57
O6 MAN MA . -9.13 42.43 -40.38
C1 MAN MA . -16.16 40.34 -48.54
C2 MAN MA . -16.57 40.05 -50.00
C3 MAN MA . -15.33 39.65 -50.80
C4 MAN MA . -14.19 40.69 -50.66
C5 MAN MA . -13.92 40.99 -49.16
C6 MAN MA . -12.96 42.14 -48.94
O2 MAN MA . -17.08 41.23 -50.63
O3 MAN MA . -15.64 39.45 -52.18
O4 MAN MA . -13.01 40.19 -51.26
O5 MAN MA . -15.17 41.33 -48.50
O6 MAN MA . -12.91 42.41 -47.53
C1 NAG NA . 5.27 33.76 -22.15
C2 NAG NA . 4.19 34.43 -21.27
C3 NAG NA . 4.02 35.91 -21.64
C4 NAG NA . 5.37 36.62 -21.58
C5 NAG NA . 6.35 35.90 -22.50
C6 NAG NA . 7.73 36.51 -22.50
C7 NAG NA . 2.12 33.54 -22.38
C8 NAG NA . 0.85 32.78 -22.12
N2 NAG NA . 2.91 33.72 -21.31
O3 NAG NA . 3.10 36.51 -20.74
O4 NAG NA . 5.22 37.98 -21.99
O5 NAG NA . 6.49 34.54 -22.08
O6 NAG NA . 7.74 37.77 -23.17
O7 NAG NA . 2.40 33.94 -23.51
C1 NAG NA . 5.39 38.89 -20.87
C2 NAG NA . 4.39 40.04 -21.03
C3 NAG NA . 4.49 41.00 -19.84
C4 NAG NA . 4.34 40.25 -18.53
C5 NAG NA . 5.36 39.12 -18.44
C6 NAG NA . 5.18 38.26 -17.22
C7 NAG NA . 3.60 41.00 -23.14
C8 NAG NA . 3.99 41.73 -24.39
N2 NAG NA . 4.59 40.74 -22.28
O3 NAG NA . 3.49 42.00 -19.97
O4 NAG NA . 4.53 41.14 -17.43
O5 NAG NA . 5.21 38.25 -19.58
O6 NAG NA . 3.82 37.91 -17.02
O7 NAG NA . 2.44 40.66 -22.91
C1 NAG OA . 32.14 12.58 -26.90
C2 NAG OA . 33.01 11.35 -26.68
C3 NAG OA . 33.26 11.14 -25.19
C4 NAG OA . 33.75 12.41 -24.50
C5 NAG OA . 32.87 13.59 -24.86
C6 NAG OA . 33.43 14.91 -24.37
C7 NAG OA . 33.05 9.30 -28.01
C8 NAG OA . 32.26 8.11 -28.48
N2 NAG OA . 32.39 10.16 -27.25
O3 NAG OA . 34.21 10.09 -25.04
O4 NAG OA . 33.65 12.23 -23.09
O5 NAG OA . 32.74 13.71 -26.28
O6 NAG OA . 33.81 15.75 -25.46
O7 NAG OA . 34.22 9.47 -28.33
C1 NAG OA . 34.83 11.86 -22.35
C2 NAG OA . 34.41 11.83 -20.89
C3 NAG OA . 35.53 11.30 -20.00
C4 NAG OA . 36.06 9.97 -20.52
C5 NAG OA . 36.49 10.13 -21.96
C6 NAG OA . 36.96 8.84 -22.60
C7 NAG OA . 32.70 13.51 -20.40
C8 NAG OA . 32.44 14.91 -19.91
N2 NAG OA . 33.99 13.15 -20.44
O3 NAG OA . 34.99 11.13 -18.68
O4 NAG OA . 37.10 9.38 -19.74
O5 NAG OA . 35.37 10.59 -22.74
O6 NAG OA . 37.79 9.11 -23.73
O7 NAG OA . 31.80 12.76 -20.74
C1 BMA OA . 38.08 10.23 -19.09
C2 BMA OA . 38.78 9.36 -18.00
C3 BMA OA . 40.32 9.53 -18.06
C4 BMA OA . 40.79 10.99 -18.32
C5 BMA OA . 39.90 11.73 -19.36
C6 BMA OA . 40.68 12.46 -20.42
O2 BMA OA . 38.50 7.98 -18.18
O3 BMA OA . 40.93 8.62 -18.99
O4 BMA OA . 40.83 11.73 -17.11
O5 BMA OA . 39.04 10.77 -19.98
O6 BMA OA . 40.57 11.71 -21.63
C1 MAN OA . 42.33 8.49 -18.67
C2 MAN OA . 43.15 8.51 -20.02
C3 MAN OA . 43.27 7.12 -20.66
C4 MAN OA . 43.61 6.04 -19.63
C5 MAN OA . 42.54 6.03 -18.55
C6 MAN OA . 42.76 4.97 -17.51
O2 MAN OA . 44.49 8.94 -19.81
O3 MAN OA . 44.23 7.11 -21.71
O4 MAN OA . 43.67 4.76 -20.25
O5 MAN OA . 42.58 7.31 -17.88
O6 MAN OA . 43.61 5.50 -16.51
C1 NAG PA . 25.52 -2.68 51.13
C2 NAG PA . 24.30 -1.79 50.95
C3 NAG PA . 23.57 -1.61 52.29
C4 NAG PA . 23.23 -2.97 52.89
C5 NAG PA . 24.49 -3.85 52.98
C6 NAG PA . 24.21 -5.26 53.44
C7 NAG PA . 24.09 0.01 49.31
C8 NAG PA . 24.58 1.36 48.87
N2 NAG PA . 24.66 -0.50 50.39
O3 NAG PA . 22.39 -0.86 52.08
O4 NAG PA . 22.69 -2.78 54.20
O5 NAG PA . 25.12 -3.95 51.69
O6 NAG PA . 24.32 -5.38 54.85
O7 NAG PA . 23.21 -0.59 48.70
C1 NAG PA . 21.30 -3.14 54.25
C2 NAG PA . 20.75 -2.86 55.66
C3 NAG PA . 19.26 -3.18 55.72
C4 NAG PA . 18.49 -2.47 54.63
C5 NAG PA . 19.12 -2.78 53.26
C6 NAG PA . 18.49 -2.00 52.13
C7 NAG PA . 21.76 -3.12 57.88
C8 NAG PA . 22.54 -4.02 58.79
N2 NAG PA . 21.50 -3.59 56.66
O3 NAG PA . 18.77 -2.81 57.01
O4 NAG PA . 17.13 -2.89 54.62
O5 NAG PA . 20.52 -2.42 53.27
O6 NAG PA . 19.39 -1.86 51.03
O7 NAG PA . 21.40 -2.00 58.23
C1 BMA PA . 16.26 -1.86 55.09
C2 BMA PA . 15.26 -1.50 53.95
C3 BMA PA . 14.19 -0.52 54.47
C4 BMA PA . 13.56 -0.98 55.80
C5 BMA PA . 14.67 -1.26 56.83
C6 BMA PA . 14.12 -1.79 58.15
O2 BMA PA . 14.56 -2.65 53.51
O3 BMA PA . 13.17 -0.29 53.51
O4 BMA PA . 12.67 0.01 56.30
O5 BMA PA . 15.57 -2.26 56.28
O6 BMA PA . 13.01 -0.99 58.53
C1 NAG QA . 39.81 -19.23 27.33
C2 NAG QA . 40.56 -19.62 28.61
C3 NAG QA . 41.27 -18.40 29.19
C4 NAG QA . 42.13 -17.70 28.14
C5 NAG QA . 41.29 -17.41 26.90
C6 NAG QA . 42.08 -16.82 25.76
C7 NAG QA . 39.22 -21.44 29.58
C8 NAG QA . 38.27 -21.84 30.66
N2 NAG QA . 39.64 -20.18 29.60
O3 NAG QA . 42.08 -18.81 30.29
O4 NAG QA . 42.60 -16.46 28.66
O5 NAG QA . 40.71 -18.63 26.42
O6 NAG QA . 43.37 -17.39 25.68
O7 NAG QA . 39.60 -22.25 28.73
C1 NAG QA . 44.01 -16.47 28.87
C2 NAG QA . 44.50 -15.03 28.74
C3 NAG QA . 46.00 -14.96 29.02
C4 NAG QA . 46.29 -15.52 30.42
C5 NAG QA . 45.78 -16.96 30.48
C6 NAG QA . 45.94 -17.58 31.85
C7 NAG QA . 43.18 -13.67 27.20
C8 NAG QA . 43.02 -13.18 25.80
N2 NAG QA . 44.21 -14.49 27.44
O3 NAG QA . 46.43 -13.61 28.93
O4 NAG QA . 47.68 -15.47 30.70
O5 NAG QA . 44.37 -16.99 30.18
O6 NAG QA . 45.08 -18.71 32.00
O7 NAG QA . 42.40 -13.34 28.09
C1 BMA QA . 47.95 -14.48 31.73
C2 BMA QA . 49.48 -14.19 31.72
C3 BMA QA . 49.80 -13.02 32.67
C4 BMA QA . 48.89 -11.79 32.40
C5 BMA QA . 47.42 -12.23 32.52
C6 BMA QA . 46.45 -11.10 32.23
O2 BMA QA . 49.92 -13.80 30.43
O3 BMA QA . 51.17 -12.65 32.62
O4 BMA QA . 49.16 -10.76 33.35
O5 BMA QA . 47.18 -13.27 31.56
O6 BMA QA . 46.91 -9.92 32.88
C1 MAN QA . 51.86 -13.34 33.68
C2 MAN QA . 52.86 -12.35 34.35
C3 MAN QA . 54.13 -12.18 33.49
C4 MAN QA . 54.71 -13.53 33.04
C5 MAN QA . 53.62 -14.33 32.29
C6 MAN QA . 54.10 -15.69 31.85
O2 MAN QA . 53.31 -12.84 35.61
O3 MAN QA . 55.13 -11.42 34.16
O4 MAN QA . 55.82 -13.33 32.18
O5 MAN QA . 52.50 -14.52 33.19
O6 MAN QA . 52.95 -16.53 31.71
C1 NAG RA . -13.99 -42.31 -22.54
C2 NAG RA . -13.93 -43.84 -22.63
C3 NAG RA . -14.94 -44.49 -21.69
C4 NAG RA . -14.84 -43.93 -20.28
C5 NAG RA . -14.87 -42.39 -20.32
C6 NAG RA . -14.62 -41.74 -18.98
C7 NAG RA . -15.15 -44.17 -24.81
C8 NAG RA . -15.02 -44.77 -26.18
N2 NAG RA . -14.08 -44.32 -24.00
O3 NAG RA . -14.72 -45.90 -21.67
O4 NAG RA . -15.93 -44.40 -19.50
O5 NAG RA . -13.84 -41.91 -21.19
O6 NAG RA . -13.81 -40.58 -19.11
O7 NAG RA . -16.18 -43.57 -24.46
C1 NAG RA . -15.53 -45.22 -18.38
C2 NAG RA . -15.87 -46.69 -18.65
C3 NAG RA . -15.42 -47.56 -17.48
C4 NAG RA . -13.94 -47.34 -17.19
C5 NAG RA . -13.65 -45.86 -16.96
C6 NAG RA . -12.18 -45.55 -16.81
C7 NAG RA . -17.80 -47.77 -19.71
C8 NAG RA . -19.28 -47.81 -19.84
N2 NAG RA . -17.29 -46.86 -18.88
O3 NAG RA . -15.65 -48.93 -17.79
O4 NAG RA . -13.57 -48.08 -16.03
O5 NAG RA . -14.11 -45.10 -18.11
O6 NAG RA . -11.83 -44.35 -17.47
O7 NAG RA . -17.07 -48.55 -20.33
C1 NAG SA . -4.61 -51.04 -27.04
C2 NAG SA . -3.58 -52.05 -27.52
C3 NAG SA . -4.13 -53.47 -27.41
C4 NAG SA . -4.68 -53.75 -26.02
C5 NAG SA . -5.67 -52.66 -25.62
C6 NAG SA . -6.17 -52.80 -24.20
C7 NAG SA . -2.11 -51.04 -29.21
C8 NAG SA . -1.86 -50.83 -30.66
N2 NAG SA . -3.18 -51.76 -28.89
O3 NAG SA . -3.10 -54.40 -27.72
O4 NAG SA . -5.37 -54.99 -26.02
O5 NAG SA . -5.03 -51.38 -25.71
O6 NAG SA . -7.32 -52.00 -23.99
O7 NAG SA . -1.38 -50.56 -28.34
C1 NAG SA . -4.74 -56.05 -25.29
C2 NAG SA . -5.70 -57.24 -25.32
C3 NAG SA . -5.05 -58.48 -24.72
C4 NAG SA . -3.72 -58.77 -25.40
C5 NAG SA . -2.82 -57.56 -25.22
C6 NAG SA . -1.47 -57.71 -25.88
C7 NAG SA . -8.01 -56.42 -25.24
C8 NAG SA . -9.19 -56.15 -24.36
N2 NAG SA . -6.94 -56.93 -24.63
O3 NAG SA . -5.92 -59.60 -24.88
O4 NAG SA . -3.13 -60.00 -25.01
O5 NAG SA . -3.46 -56.42 -25.84
O6 NAG SA . -1.44 -57.09 -27.15
O7 NAG SA . -8.01 -56.16 -26.44
C1 BMA SA . -2.90 -60.29 -23.61
C2 BMA SA . -3.71 -61.56 -23.25
C3 BMA SA . -3.32 -62.04 -21.87
C4 BMA SA . -1.83 -62.31 -21.80
C5 BMA SA . -1.11 -60.98 -22.05
C6 BMA SA . 0.41 -61.13 -22.03
O2 BMA SA . -3.40 -62.62 -24.14
O3 BMA SA . -4.08 -63.18 -21.47
O4 BMA SA . -1.48 -62.80 -20.51
O5 BMA SA . -1.50 -60.46 -23.36
O6 BMA SA . 0.75 -62.40 -22.60
C1 MAN SA . -4.92 -62.77 -20.37
C2 MAN SA . -5.44 -64.05 -19.63
C3 MAN SA . -6.61 -64.69 -20.41
C4 MAN SA . -7.68 -63.66 -20.77
C5 MAN SA . -7.03 -62.57 -21.62
C6 MAN SA . -8.00 -61.49 -22.05
O2 MAN SA . -5.97 -63.73 -18.35
O3 MAN SA . -7.18 -65.78 -19.69
O4 MAN SA . -8.73 -64.27 -21.49
O5 MAN SA . -5.99 -61.93 -20.82
O6 MAN SA . -8.07 -60.51 -21.01
C1 NAG TA . -9.32 -32.80 -28.07
C2 NAG TA . -8.31 -33.06 -29.18
C3 NAG TA . -8.50 -32.06 -30.31
C4 NAG TA . -9.95 -32.08 -30.80
C5 NAG TA . -10.90 -31.87 -29.62
C6 NAG TA . -12.35 -32.01 -29.99
C7 NAG TA . -6.28 -34.06 -28.23
C8 NAG TA . -4.90 -33.80 -27.72
N2 NAG TA . -6.96 -32.98 -28.65
O3 NAG TA . -7.62 -32.38 -31.38
O4 NAG TA . -10.12 -31.03 -31.76
O5 NAG TA . -10.64 -32.85 -28.61
O6 NAG TA . -12.83 -30.87 -30.69
O7 NAG TA . -6.77 -35.18 -28.26
C1 NAG TA . -10.42 -31.57 -33.06
C2 NAG TA . -10.21 -30.44 -34.08
C3 NAG TA . -10.51 -30.96 -35.49
C4 NAG TA . -9.70 -32.21 -35.80
C5 NAG TA . -9.91 -33.26 -34.69
C6 NAG TA . -9.03 -34.47 -34.84
C7 NAG TA . -10.55 -28.12 -33.39
C8 NAG TA . -11.54 -27.04 -33.10
N2 NAG TA . -11.05 -29.30 -33.77
O3 NAG TA . -10.20 -29.93 -36.42
O4 NAG TA . -10.13 -32.76 -37.03
O5 NAG TA . -9.60 -32.69 -33.41
O6 NAG TA . -7.82 -34.34 -34.12
O7 NAG TA . -9.34 -27.94 -33.27
C1 BMA TA . -9.13 -32.60 -38.05
C2 BMA TA . -9.44 -33.57 -39.20
C3 BMA TA . -8.46 -33.33 -40.37
C4 BMA TA . -8.36 -31.85 -40.75
C5 BMA TA . -8.06 -30.99 -39.50
C6 BMA TA . -8.04 -29.50 -39.78
O2 BMA TA . -10.75 -33.35 -39.71
O3 BMA TA . -8.82 -34.07 -41.51
O4 BMA TA . -7.31 -31.67 -41.70
O5 BMA TA . -9.10 -31.25 -38.52
O6 BMA TA . -9.37 -29.04 -39.95
C1 MAN TA . -7.93 -35.18 -41.65
C2 MAN TA . -7.79 -35.51 -43.16
C3 MAN TA . -9.09 -36.13 -43.69
C4 MAN TA . -9.58 -37.29 -42.78
C5 MAN TA . -9.71 -36.77 -41.34
C6 MAN TA . -10.17 -37.83 -40.37
O2 MAN TA . -6.77 -36.46 -43.41
O3 MAN TA . -8.94 -36.60 -45.02
O4 MAN TA . -10.84 -37.75 -43.24
O5 MAN TA . -8.42 -36.29 -40.91
O6 MAN TA . -11.49 -38.21 -40.70
C1 MAN TA . -9.44 -28.33 -41.21
C2 MAN TA . -10.35 -27.09 -41.02
C3 MAN TA . -11.83 -27.50 -40.92
C4 MAN TA . -12.23 -28.46 -42.07
C5 MAN TA . -11.29 -29.67 -42.06
C6 MAN TA . -11.60 -30.65 -43.17
O2 MAN TA . -10.26 -26.22 -42.15
O3 MAN TA . -12.68 -26.36 -40.90
O4 MAN TA . -13.57 -28.88 -41.87
O5 MAN TA . -9.94 -29.20 -42.23
O6 MAN TA . -11.45 -31.96 -42.65
C1 NAG UA . -20.58 -23.27 -25.78
C2 NAG UA . -21.22 -24.63 -25.40
C3 NAG UA . -22.33 -25.02 -26.39
C4 NAG UA . -23.29 -23.88 -26.65
C5 NAG UA . -22.52 -22.59 -26.99
C6 NAG UA . -23.41 -21.38 -27.13
C7 NAG UA . -19.41 -26.19 -26.19
C8 NAG UA . -18.50 -27.28 -25.75
N2 NAG UA . -20.24 -25.70 -25.25
O3 NAG UA . -23.05 -26.13 -25.86
O4 NAG UA . -24.08 -24.20 -27.78
O5 NAG UA . -21.59 -22.29 -25.94
O6 NAG UA . -24.52 -21.44 -26.25
O7 NAG UA . -19.40 -25.77 -27.35
C1 NAG UA . -25.47 -24.40 -27.47
C2 NAG UA . -26.18 -24.61 -28.81
C3 NAG UA . -27.66 -24.86 -28.58
C4 NAG UA . -27.84 -26.07 -27.68
C5 NAG UA . -27.13 -25.80 -26.35
C6 NAG UA . -27.19 -26.97 -25.39
C7 NAG UA . -25.07 -23.48 -30.68
C8 NAG UA . -24.99 -22.24 -31.51
N2 NAG UA . -25.97 -23.47 -29.69
O3 NAG UA . -28.29 -25.05 -29.85
O4 NAG UA . -29.21 -26.39 -27.49
O5 NAG UA . -25.74 -25.54 -26.60
O6 NAG UA . -26.15 -27.91 -25.66
O7 NAG UA . -24.35 -24.45 -30.89
C1 BMA UA . -29.48 -27.62 -28.22
C2 BMA UA . -30.81 -28.25 -27.74
C3 BMA UA . -31.13 -29.47 -28.63
C4 BMA UA . -31.05 -29.14 -30.13
C5 BMA UA . -29.68 -28.52 -30.44
C6 BMA UA . -29.52 -28.09 -31.89
O2 BMA UA . -31.89 -27.34 -27.90
O3 BMA UA . -32.41 -30.06 -28.31
O4 BMA UA . -31.21 -30.31 -30.92
O5 BMA UA . -29.53 -27.36 -29.62
O6 BMA UA . -30.81 -27.74 -32.39
C1 MAN UA . -32.39 -31.49 -28.06
C2 MAN UA . -31.89 -31.77 -26.53
C3 MAN UA . -30.55 -32.47 -26.46
C4 MAN UA . -30.50 -33.64 -27.42
C5 MAN UA . -30.43 -33.07 -28.82
C6 MAN UA . -30.33 -34.14 -29.90
O2 MAN UA . -32.79 -32.59 -25.85
O3 MAN UA . -30.26 -32.89 -25.12
O4 MAN UA . -29.33 -34.42 -27.16
O5 MAN UA . -31.66 -32.26 -29.11
O6 MAN UA . -30.09 -33.48 -31.13
C1 MAN UA . -33.87 -31.80 -25.32
C2 MAN UA . -33.65 -31.68 -23.79
C3 MAN UA . -33.97 -33.02 -23.09
C4 MAN UA . -35.34 -33.58 -23.52
C5 MAN UA . -35.38 -33.69 -25.06
C6 MAN UA . -36.73 -34.18 -25.57
O2 MAN UA . -34.53 -30.72 -23.20
O3 MAN UA . -33.91 -32.89 -21.68
O4 MAN UA . -35.54 -34.87 -22.95
O5 MAN UA . -35.14 -32.39 -25.62
O6 MAN UA . -37.69 -33.17 -25.32
C1 MAN UA . -33.77 -29.54 -22.86
C2 MAN UA . -34.50 -28.82 -21.69
C3 MAN UA . -35.77 -28.11 -22.20
C4 MAN UA . -35.48 -27.24 -23.45
C5 MAN UA . -34.83 -28.10 -24.53
C6 MAN UA . -34.46 -27.32 -25.77
O2 MAN UA . -33.69 -27.79 -21.12
O3 MAN UA . -36.38 -27.32 -21.19
O4 MAN UA . -36.69 -26.68 -23.94
O5 MAN UA . -33.61 -28.69 -24.00
O6 MAN UA . -34.09 -28.25 -26.79
C1 MAN UA . -30.73 -26.44 -33.01
C2 MAN UA . -32.06 -25.67 -32.70
C3 MAN UA . -33.23 -26.16 -33.58
C4 MAN UA . -32.80 -26.26 -35.07
C5 MAN UA . -31.57 -27.15 -35.19
C6 MAN UA . -31.08 -27.30 -36.61
O2 MAN UA . -31.94 -24.27 -32.96
O3 MAN UA . -34.38 -25.33 -33.42
O4 MAN UA . -33.86 -26.80 -35.86
O5 MAN UA . -30.50 -26.56 -34.41
O6 MAN UA . -30.34 -28.51 -36.71
C1 MAN UA . -35.54 -26.13 -33.10
C2 MAN UA . -36.81 -25.24 -33.29
C3 MAN UA . -36.97 -24.27 -32.12
C4 MAN UA . -36.92 -25.01 -30.77
C5 MAN UA . -35.58 -25.75 -30.65
C6 MAN UA . -35.45 -26.55 -29.38
O2 MAN UA . -38.00 -26.03 -33.32
O3 MAN UA . -38.18 -23.52 -32.21
O4 MAN UA . -37.03 -24.08 -29.69
O5 MAN UA . -35.44 -26.68 -31.77
O6 MAN UA . -36.05 -25.80 -28.32
C1 NAG VA . -17.05 -27.71 -3.18
C2 NAG VA . -17.11 -28.33 -1.80
C3 NAG VA . -16.24 -29.59 -1.74
C4 NAG VA . -16.57 -30.55 -2.87
C5 NAG VA . -16.58 -29.83 -4.22
C6 NAG VA . -17.09 -30.70 -5.34
C7 NAG VA . -17.52 -26.47 -0.25
C8 NAG VA . -16.93 -25.57 0.78
N2 NAG VA . -16.70 -27.38 -0.78
O3 NAG VA . -16.44 -30.23 -0.48
O4 NAG VA . -15.56 -31.56 -2.93
O5 NAG VA . -17.43 -28.68 -4.16
O6 NAG VA . -18.36 -31.24 -5.02
O7 NAG VA . -18.70 -26.39 -0.59
C1 NAG VA . -16.04 -32.88 -2.59
C2 NAG VA . -14.85 -33.63 -2.00
C3 NAG VA . -15.27 -35.04 -1.60
C4 NAG VA . -16.47 -35.00 -0.66
C5 NAG VA . -17.61 -34.19 -1.28
C6 NAG VA . -18.77 -33.96 -0.32
C7 NAG VA . -12.47 -33.65 -2.59
C8 NAG VA . -11.48 -33.70 -3.71
N2 NAG VA . -13.76 -33.67 -2.96
O3 NAG VA . -14.19 -35.69 -0.96
O4 NAG VA . -16.87 -36.33 -0.30
O5 NAG VA . -17.14 -32.87 -1.64
O6 NAG VA . -19.97 -33.72 -1.03
O7 NAG VA . -12.13 -33.59 -1.41
C1 BMA VA . -17.42 -37.18 -1.33
C2 BMA VA . -16.54 -38.45 -1.55
C3 BMA VA . -17.21 -39.36 -2.56
C4 BMA VA . -18.63 -39.74 -2.09
C5 BMA VA . -19.48 -38.48 -1.80
C6 BMA VA . -20.76 -38.83 -1.08
O2 BMA VA . -16.41 -39.19 -0.34
O3 BMA VA . -16.44 -40.53 -2.81
O4 BMA VA . -19.26 -40.53 -3.08
O5 BMA VA . -18.74 -37.56 -0.95
O6 BMA VA . -20.49 -38.88 0.33
C1 MAN VA . -20.91 -40.15 0.86
C2 MAN VA . -21.44 -39.91 2.32
C3 MAN VA . -20.27 -39.67 3.29
C4 MAN VA . -19.21 -40.79 3.16
C5 MAN VA . -18.71 -40.85 1.70
C6 MAN VA . -17.70 -41.94 1.47
O2 MAN VA . -22.14 -41.05 2.82
O3 MAN VA . -20.71 -39.57 4.64
O4 MAN VA . -18.11 -40.52 4.02
O5 MAN VA . -19.85 -41.09 0.83
O6 MAN VA . -16.82 -41.99 2.59
C1 NAG WA . 20.33 -34.56 22.51
C2 NAG WA . 19.71 -35.41 23.61
C3 NAG WA . 19.71 -34.65 24.94
C4 NAG WA . 21.10 -34.13 25.28
C5 NAG WA . 21.68 -33.35 24.10
C6 NAG WA . 23.12 -32.96 24.30
C7 NAG WA . 17.85 -37.01 23.61
C8 NAG WA . 16.44 -37.27 23.20
N2 NAG WA . 18.36 -35.82 23.26
O3 NAG WA . 19.24 -35.51 25.97
O4 NAG WA . 21.01 -33.27 26.40
O5 NAG WA . 21.64 -34.16 22.90
O6 NAG WA . 23.76 -32.68 23.06
O7 NAG WA . 18.51 -37.83 24.24
C1 NAG WA . 21.58 -33.84 27.61
C2 NAG WA . 20.71 -33.37 28.77
C3 NAG WA . 21.26 -33.92 30.08
C4 NAG WA . 21.41 -35.45 30.02
C5 NAG WA . 22.20 -35.85 28.77
C6 NAG WA . 22.23 -37.34 28.54
C7 NAG WA . 19.58 -31.23 28.37
C8 NAG WA . 19.66 -29.74 28.50
N2 NAG WA . 20.64 -31.91 28.82
O3 NAG WA . 20.38 -33.54 31.13
O4 NAG WA . 22.14 -35.92 31.15
O5 NAG WA . 21.61 -35.28 27.59
O6 NAG WA . 22.76 -37.65 27.27
O7 NAG WA . 18.61 -31.79 27.88
C1 BMA WA . 21.31 -36.45 32.20
C2 BMA WA . 21.93 -37.74 32.78
C3 BMA WA . 21.20 -38.15 34.09
C4 BMA WA . 21.07 -36.97 35.06
C5 BMA WA . 20.36 -35.82 34.35
C6 BMA WA . 20.22 -34.58 35.21
O2 BMA WA . 23.29 -37.54 33.12
O3 BMA WA . 21.83 -39.25 34.74
O4 BMA WA . 20.34 -37.36 36.20
O5 BMA WA . 21.13 -35.45 33.20
O6 BMA WA . 21.34 -33.74 34.97
C1 NAG XA . 18.39 -28.57 -6.98
C2 NAG XA . 17.13 -28.15 -7.71
C3 NAG XA . 17.31 -28.36 -9.22
C4 NAG XA . 18.55 -27.65 -9.72
C5 NAG XA . 19.77 -28.05 -8.88
C6 NAG XA . 21.01 -27.25 -9.20
C7 NAG XA . 14.82 -28.35 -6.95
C8 NAG XA . 13.74 -29.27 -6.47
N2 NAG XA . 15.99 -28.92 -7.24
O3 NAG XA . 16.16 -27.89 -9.90
O4 NAG XA . 18.79 -28.01 -11.08
O5 NAG XA . 19.50 -27.84 -7.48
O6 NAG XA . 20.69 -25.89 -9.49
O7 NAG XA . 14.63 -27.14 -7.08
C1 NAG XA . 18.62 -26.85 -11.94
C2 NAG XA . 19.23 -27.18 -13.30
C3 NAG XA . 19.10 -25.98 -14.23
C4 NAG XA . 17.65 -25.51 -14.31
C5 NAG XA . 17.06 -25.31 -12.91
C6 NAG XA . 15.57 -25.03 -12.93
C7 NAG XA . 21.03 -28.84 -13.40
C8 NAG XA . 22.49 -29.09 -13.22
N2 NAG XA . 20.62 -27.58 -13.17
O3 NAG XA . 19.57 -26.34 -15.51
O4 NAG XA . 17.59 -24.27 -15.00
O5 NAG XA . 17.25 -26.48 -12.11
O6 NAG XA . 14.85 -26.19 -13.31
O7 NAG XA . 20.26 -29.73 -13.72
C1 BMA XA . 17.01 -24.42 -16.32
C2 BMA XA . 16.56 -23.03 -16.76
C3 BMA XA . 15.95 -23.09 -18.16
C4 BMA XA . 16.88 -23.81 -19.17
C5 BMA XA . 17.56 -25.09 -18.58
C6 BMA XA . 18.82 -25.48 -19.37
O2 BMA XA . 17.68 -22.16 -16.87
O3 BMA XA . 15.71 -21.78 -18.63
O4 BMA XA . 16.13 -24.17 -20.32
O5 BMA XA . 17.97 -24.92 -17.20
O6 BMA XA . 19.51 -24.29 -19.78
C1 MAN XA . 14.30 -21.48 -18.64
C2 MAN XA . 14.09 -20.29 -19.58
C3 MAN XA . 14.85 -19.09 -18.96
C4 MAN XA . 14.26 -18.75 -17.59
C5 MAN XA . 14.40 -19.98 -16.68
C6 MAN XA . 13.71 -19.81 -15.35
O2 MAN XA . 12.70 -19.94 -19.60
O3 MAN XA . 14.93 -17.93 -19.80
O4 MAN XA . 14.98 -17.66 -17.03
O5 MAN XA . 13.83 -21.17 -17.33
O6 MAN XA . 14.17 -18.58 -14.78
C1 MAN XA . 12.27 -19.46 -20.90
C2 MAN XA . 10.75 -19.07 -20.77
C3 MAN XA . 9.87 -20.31 -20.93
C4 MAN XA . 10.21 -21.08 -22.21
C5 MAN XA . 11.66 -21.56 -22.10
C6 MAN XA . 12.11 -22.29 -23.34
O2 MAN XA . 10.36 -18.18 -21.82
O3 MAN XA . 8.48 -19.97 -20.93
O4 MAN XA . 9.36 -22.20 -22.36
O5 MAN XA . 12.55 -20.40 -21.96
O6 MAN XA . 12.18 -21.36 -24.41
C1 MAN XA . 20.61 -24.00 -18.87
C2 MAN XA . 21.09 -22.54 -19.14
C3 MAN XA . 21.92 -22.46 -20.42
C4 MAN XA . 23.03 -23.52 -20.44
C5 MAN XA . 22.42 -24.91 -20.25
C6 MAN XA . 23.45 -26.00 -20.14
O2 MAN XA . 21.94 -22.07 -18.09
O3 MAN XA . 22.49 -21.16 -20.59
O4 MAN XA . 23.72 -23.48 -21.67
O5 MAN XA . 21.67 -24.94 -19.00
O6 MAN XA . 23.79 -26.13 -18.76
C1 NAG YA . 20.62 -39.21 -13.30
C2 NAG YA . 21.30 -40.57 -13.23
C3 NAG YA . 22.80 -40.42 -13.44
C4 NAG YA . 23.11 -39.64 -14.72
C5 NAG YA . 22.32 -38.33 -14.75
C6 NAG YA . 22.43 -37.59 -16.05
C7 NAG YA . 20.31 -42.35 -11.86
C8 NAG YA . 20.12 -42.88 -10.47
N2 NAG YA . 21.02 -41.23 -11.96
O3 NAG YA . 23.40 -41.71 -13.51
O4 NAG YA . 24.49 -39.34 -14.76
O5 NAG YA . 20.92 -38.59 -14.54
O6 NAG YA . 22.43 -36.18 -15.86
O7 NAG YA . 19.82 -42.90 -12.83
C1 NAG YA . 25.18 -40.03 -15.83
C2 NAG YA . 26.68 -39.87 -15.60
C3 NAG YA . 27.47 -40.61 -16.69
C4 NAG YA . 27.01 -42.06 -16.79
C5 NAG YA . 25.49 -42.11 -17.01
C6 NAG YA . 24.95 -43.52 -17.03
C7 NAG YA . 27.36 -37.85 -14.40
C8 NAG YA . 27.74 -36.40 -14.52
N2 NAG YA . 27.09 -38.48 -15.54
O3 NAG YA . 28.85 -40.57 -16.40
O4 NAG YA . 27.66 -42.71 -17.88
O5 NAG YA . 24.83 -41.43 -15.93
O6 NAG YA . 24.11 -43.73 -18.16
O7 NAG YA . 27.30 -38.42 -13.31
C1 NAG ZA . 8.46 -31.60 -28.95
C2 NAG ZA . 9.91 -31.78 -29.33
C3 NAG ZA . 10.42 -30.56 -30.09
C4 NAG ZA . 9.53 -30.26 -31.28
C5 NAG ZA . 8.07 -30.15 -30.84
C6 NAG ZA . 7.11 -30.02 -31.99
C7 NAG ZA . 11.37 -33.19 -27.95
C8 NAG ZA . 12.18 -33.28 -26.69
N2 NAG ZA . 10.73 -32.04 -28.16
O3 NAG ZA . 11.76 -30.81 -30.53
O4 NAG ZA . 9.92 -29.02 -31.86
O5 NAG ZA . 7.69 -31.34 -30.12
O6 NAG ZA . 7.20 -28.74 -32.61
O7 NAG ZA . 11.30 -34.12 -28.74
C1 NAG ZA . 10.48 -29.18 -33.17
C2 NAG ZA . 10.71 -27.79 -33.76
C3 NAG ZA . 11.35 -27.90 -35.15
C4 NAG ZA . 12.63 -28.75 -35.08
C5 NAG ZA . 12.33 -30.11 -34.44
C6 NAG ZA . 13.56 -30.94 -34.23
C7 NAG ZA . 9.10 -26.17 -32.88
C8 NAG ZA . 7.80 -25.47 -33.11
N2 NAG ZA . 9.48 -27.03 -33.84
O3 NAG ZA . 11.65 -26.61 -35.63
O4 NAG ZA . 13.14 -28.95 -36.39
O5 NAG ZA . 11.72 -29.91 -33.15
O6 NAG ZA . 14.50 -30.27 -33.40
O7 NAG ZA . 9.77 -25.97 -31.88
C1 NAG AB . 1.11 -48.18 1.36
C2 NAG AB . 0.18 -47.37 0.47
C3 NAG AB . -1.16 -48.09 0.34
C4 NAG AB . -0.98 -49.54 -0.09
C5 NAG AB . 0.05 -50.24 0.79
C6 NAG AB . 0.43 -51.62 0.29
C7 NAG AB . 0.04 -44.95 0.21
C8 NAG AB . -0.18 -43.64 0.90
N2 NAG AB . 0.00 -46.03 0.98
O3 NAG AB . -1.97 -47.38 -0.59
O4 NAG AB . -2.22 -50.23 0.04
O5 NAG AB . 1.27 -49.49 0.84
O6 NAG AB . 1.63 -51.58 -0.46
O7 NAG AB . 0.24 -45.02 -1.00
C1 NAG AB . -2.82 -50.49 -1.24
C2 NAG AB . -3.84 -51.62 -1.07
C3 NAG AB . -4.56 -51.88 -2.39
C4 NAG AB . -5.19 -50.60 -2.92
C5 NAG AB . -4.13 -49.51 -3.03
C6 NAG AB . -4.70 -48.17 -3.42
C7 NAG AB . -3.21 -53.18 0.71
C8 NAG AB . -2.50 -54.46 1.04
N2 NAG AB . -3.20 -52.82 -0.58
O3 NAG AB . -5.55 -52.88 -2.19
O4 NAG AB . -5.77 -50.81 -4.20
O5 NAG AB . -3.47 -49.32 -1.76
O6 NAG AB . -4.79 -47.29 -2.31
O7 NAG AB . -3.76 -52.49 1.56
C1 BMA AB . -7.23 -50.88 -4.32
C2 BMA AB . -8.09 -50.62 -3.02
C3 BMA AB . -9.52 -50.92 -3.39
C4 BMA AB . -10.00 -50.00 -4.54
C5 BMA AB . -9.04 -50.09 -5.76
C6 BMA AB . -9.32 -49.02 -6.81
O2 BMA AB . -8.11 -49.25 -2.64
O3 BMA AB . -10.38 -50.78 -2.27
O4 BMA AB . -11.31 -50.37 -4.95
O5 BMA AB . -7.67 -49.92 -5.32
O6 BMA AB . -10.70 -49.01 -7.09
C1 NAG BB . 2.32 -46.22 -4.56
C2 NAG BB . 0.83 -46.32 -4.84
C3 NAG BB . 0.31 -47.71 -4.47
C4 NAG BB . 1.14 -48.80 -5.16
C5 NAG BB . 2.63 -48.58 -4.89
C6 NAG BB . 3.51 -49.52 -5.67
C7 NAG BB . -0.98 -44.70 -4.61
C8 NAG BB . -1.63 -43.66 -3.74
N2 NAG BB . 0.09 -45.30 -4.12
O3 NAG BB . -1.05 -47.82 -4.86
O4 NAG BB . 0.79 -50.07 -4.62
O5 NAG BB . 3.00 -47.25 -5.28
O6 NAG BB . 4.36 -48.80 -6.56
O7 NAG BB . -1.44 -44.97 -5.73
C1 NAG BB . 0.04 -50.90 -5.53
C2 NAG BB . 0.01 -52.30 -4.92
C3 NAG BB . -0.89 -53.24 -5.73
C4 NAG BB . -2.28 -52.63 -5.89
C5 NAG BB . -2.13 -51.28 -6.57
C6 NAG BB . -3.45 -50.56 -6.75
C7 NAG BB . 1.76 -53.64 -3.85
C8 NAG BB . 3.18 -54.11 -3.92
N2 NAG BB . 1.36 -52.85 -4.84
O3 NAG BB . -0.99 -54.48 -5.04
O4 NAG BB . -3.23 -53.46 -6.55
O5 NAG BB . -1.31 -50.43 -5.74
O6 NAG BB . -3.25 -49.16 -6.97
O7 NAG BB . 1.02 -53.97 -2.93
C1 BMA BB . -2.86 -54.25 -7.71
C2 BMA BB . -3.11 -55.73 -7.33
C3 BMA BB . -2.90 -56.63 -8.53
C4 BMA BB . -3.74 -56.17 -9.72
C5 BMA BB . -3.45 -54.70 -10.05
C6 BMA BB . -4.40 -54.19 -11.10
O2 BMA BB . -4.47 -55.91 -6.92
O3 BMA BB . -3.24 -57.96 -8.22
O4 BMA BB . -3.46 -56.98 -10.86
O5 BMA BB . -3.61 -53.88 -8.86
O6 BMA BB . -5.71 -54.51 -10.65
C1 MAN BB . -2.07 -58.78 -8.32
C2 MAN BB . -2.44 -60.00 -9.19
C3 MAN BB . -3.45 -60.89 -8.44
C4 MAN BB . -2.99 -61.21 -6.99
C5 MAN BB . -2.63 -59.90 -6.26
C6 MAN BB . -2.02 -60.15 -4.90
O2 MAN BB . -1.31 -60.82 -9.44
O3 MAN BB . -3.71 -62.09 -9.14
O4 MAN BB . -4.02 -61.87 -6.29
O5 MAN BB . -1.65 -59.18 -7.03
O6 MAN BB . -0.72 -60.69 -5.09
C1 MAN BB . -6.63 -54.40 -11.76
C2 MAN BB . -8.05 -54.02 -11.17
C3 MAN BB . -8.76 -55.26 -10.60
C4 MAN BB . -8.71 -56.44 -11.58
C5 MAN BB . -7.24 -56.76 -11.87
C6 MAN BB . -7.05 -57.94 -12.79
O2 MAN BB . -8.91 -53.51 -12.18
O3 MAN BB . -10.10 -54.98 -10.23
O4 MAN BB . -9.34 -57.58 -11.01
O5 MAN BB . -6.66 -55.60 -12.52
O6 MAN BB . -5.73 -58.45 -12.59
C1 NAG CB . 8.43 -53.55 -0.56
C2 NAG CB . 7.65 -53.54 -1.87
C3 NAG CB . 7.15 -54.95 -2.21
C4 NAG CB . 8.25 -56.00 -2.10
C5 NAG CB . 9.05 -55.84 -0.81
C6 NAG CB . 10.28 -56.70 -0.75
C7 NAG CB . 6.07 -51.94 -2.84
C8 NAG CB . 4.91 -51.03 -2.58
N2 NAG CB . 6.54 -52.61 -1.79
O3 NAG CB . 6.62 -54.90 -3.53
O4 NAG CB . 7.70 -57.31 -2.05
O5 NAG CB . 9.49 -54.48 -0.65
O6 NAG CB . 11.34 -56.04 -0.07
O7 NAG CB . 6.57 -52.06 -3.96
C1 NAG CB . 7.44 -57.98 -3.31
C2 NAG CB . 8.41 -59.13 -3.56
C3 NAG CB . 8.03 -59.87 -4.85
C4 NAG CB . 6.57 -60.31 -4.82
C5 NAG CB . 5.68 -59.11 -4.53
C6 NAG CB . 4.22 -59.49 -4.36
C7 NAG CB . 10.82 -59.31 -3.10
C8 NAG CB . 12.17 -58.68 -3.30
N2 NAG CB . 9.79 -58.65 -3.65
O3 NAG CB . 8.88 -61.01 -5.03
O4 NAG CB . 6.21 -60.88 -6.06
O5 NAG CB . 6.08 -58.47 -3.31
O6 NAG CB . 3.37 -58.59 -5.06
O7 NAG CB . 10.67 -60.35 -2.48
C1 NAG DB . 14.79 -43.84 -14.97
C2 NAG DB . 15.00 -43.13 -16.30
C3 NAG DB . 14.10 -43.75 -17.37
C4 NAG DB . 14.30 -45.26 -17.44
C5 NAG DB . 14.14 -45.87 -16.05
C6 NAG DB . 14.46 -47.35 -16.01
C7 NAG DB . 15.69 -40.79 -16.27
C8 NAG DB . 15.25 -39.37 -16.12
N2 NAG DB . 14.74 -41.71 -16.19
O3 NAG DB . 14.38 -43.15 -18.62
O4 NAG DB . 13.30 -45.86 -18.28
O5 NAG DB . 15.03 -45.23 -15.12
O6 NAG DB . 15.16 -47.69 -14.81
O7 NAG DB . 16.86 -41.08 -16.48
C1 NAG DB . 13.81 -46.21 -19.57
C2 NAG DB . 13.02 -47.40 -20.11
C3 NAG DB . 13.47 -47.76 -21.52
C4 NAG DB . 13.43 -46.55 -22.44
C5 NAG DB . 14.17 -45.37 -21.81
C6 NAG DB . 13.98 -44.08 -22.58
C7 NAG DB . 14.06 -49.31 -18.87
C8 NAG DB . 13.75 -50.45 -17.95
N2 NAG DB . 13.01 -48.56 -19.23
O3 NAG DB . 12.62 -48.82 -21.97
O4 NAG DB . 14.13 -46.82 -23.66
O5 NAG DB . 13.70 -45.12 -20.48
O6 NAG DB . 13.05 -43.23 -21.93
O7 NAG DB . 15.22 -49.07 -19.23
C1 BMA DB . 13.35 -47.39 -24.72
C2 BMA DB . 13.74 -46.66 -26.01
C3 BMA DB . 13.42 -47.50 -27.25
C4 BMA DB . 13.87 -48.96 -27.08
C5 BMA DB . 13.19 -49.52 -25.86
C6 BMA DB . 13.56 -50.96 -25.60
O2 BMA DB . 15.13 -46.46 -26.04
O3 BMA DB . 14.06 -46.90 -28.35
O4 BMA DB . 13.52 -49.75 -28.20
O5 BMA DB . 13.65 -48.77 -24.74
O6 BMA DB . 14.97 -51.06 -25.68
C1 MAN DB . 13.20 -46.77 -29.52
C2 MAN DB . 14.08 -46.11 -30.61
C3 MAN DB . 14.26 -44.65 -30.30
C4 MAN DB . 12.91 -43.96 -30.25
C5 MAN DB . 12.08 -44.56 -29.11
C6 MAN DB . 10.67 -44.05 -29.10
O2 MAN DB . 13.43 -46.15 -31.86
O3 MAN DB . 15.08 -44.00 -31.26
O4 MAN DB . 13.09 -42.58 -29.99
O5 MAN DB . 12.00 -46.02 -29.25
O6 MAN DB . 10.68 -42.71 -29.57
C1 MAN DB . 14.25 -46.95 -32.73
C2 MAN DB . 13.87 -46.62 -34.19
C3 MAN DB . 12.48 -47.13 -34.46
C4 MAN DB . 12.41 -48.64 -34.21
C5 MAN DB . 12.75 -48.90 -32.75
C6 MAN DB . 12.80 -50.37 -32.40
O2 MAN DB . 14.67 -47.38 -35.05
O3 MAN DB . 12.08 -46.86 -35.80
O4 MAN DB . 11.12 -49.12 -34.48
O5 MAN DB . 14.06 -48.35 -32.46
O6 MAN DB . 11.86 -51.05 -33.22
C1 MAN DB . 15.46 -46.57 -35.92
C2 MAN DB . 15.77 -47.48 -37.11
C3 MAN DB . 16.50 -48.69 -36.56
C4 MAN DB . 17.81 -48.28 -35.83
C5 MAN DB . 17.52 -47.19 -34.78
C6 MAN DB . 18.79 -46.52 -34.28
O2 MAN DB . 16.68 -46.85 -38.01
O3 MAN DB . 16.78 -49.64 -37.57
O4 MAN DB . 18.36 -49.41 -35.20
O5 MAN DB . 16.65 -46.14 -35.31
O6 MAN DB . 18.44 -45.64 -33.22
C1 MAN DB . 15.38 -52.44 -25.48
C2 MAN DB . 16.87 -52.41 -25.14
C3 MAN DB . 17.66 -52.00 -26.37
C4 MAN DB . 17.35 -52.93 -27.54
C5 MAN DB . 15.84 -52.87 -27.83
C6 MAN DB . 15.40 -53.78 -28.97
O2 MAN DB . 17.33 -53.72 -24.82
O3 MAN DB . 19.04 -51.96 -26.13
O4 MAN DB . 18.08 -52.51 -28.69
O5 MAN DB . 15.11 -53.24 -26.63
O6 MAN DB . 15.30 -55.11 -28.48
C1 MAN DB . 19.48 -50.60 -26.25
C2 MAN DB . 20.62 -50.58 -27.28
C3 MAN DB . 21.83 -51.35 -26.71
C4 MAN DB . 22.20 -50.88 -25.28
C5 MAN DB . 20.95 -50.89 -24.37
C6 MAN DB . 21.18 -50.32 -22.99
O2 MAN DB . 21.10 -49.26 -27.51
O3 MAN DB . 22.96 -51.25 -27.57
O4 MAN DB . 23.19 -51.72 -24.74
O5 MAN DB . 19.90 -50.13 -25.00
O6 MAN DB . 22.55 -49.89 -22.89
C1 MAN DB . 16.07 -55.97 -29.34
C2 MAN DB . 15.21 -57.20 -29.71
C3 MAN DB . 14.91 -58.00 -28.44
C4 MAN DB . 16.21 -58.34 -27.64
C5 MAN DB . 17.04 -57.06 -27.42
C6 MAN DB . 18.41 -57.33 -26.82
O2 MAN DB . 15.93 -58.09 -30.56
O3 MAN DB . 14.20 -59.20 -28.72
O4 MAN DB . 15.85 -58.91 -26.40
O5 MAN DB . 17.25 -56.37 -28.68
O6 MAN DB . 19.13 -56.10 -26.80
C1 NAG EB . 24.58 -32.02 -5.81
C2 NAG EB . 25.18 -31.26 -7.00
C3 NAG EB . 26.36 -32.04 -7.62
C4 NAG EB . 27.38 -32.39 -6.54
C5 NAG EB . 26.68 -33.17 -5.43
C6 NAG EB . 27.60 -33.54 -4.29
C7 NAG EB . 23.46 -31.74 -8.77
C8 NAG EB . 22.53 -31.09 -9.74
N2 NAG EB . 24.20 -30.91 -8.02
O3 NAG EB . 26.96 -31.25 -8.64
O4 NAG EB . 28.44 -33.17 -7.09
O5 NAG EB . 25.62 -32.38 -4.87
O6 NAG EB . 28.51 -34.56 -4.68
O7 NAG EB . 23.52 -32.97 -8.66
C1 NAG EB . 29.68 -32.41 -7.14
C2 NAG EB . 30.39 -32.78 -8.45
C3 NAG EB . 31.69 -31.98 -8.58
C4 NAG EB . 31.41 -30.48 -8.46
C5 NAG EB . 30.69 -30.20 -7.15
C6 NAG EB . 30.27 -28.75 -7.01
C7 NAG EB . 30.35 -34.95 -9.57
C8 NAG EB . 30.71 -36.41 -9.47
N2 NAG EB . 30.67 -34.20 -8.51
O3 NAG EB . 32.28 -32.26 -9.84
O4 NAG EB . 32.63 -29.76 -8.49
O5 NAG EB . 29.48 -30.98 -7.08
O6 NAG EB . 29.65 -28.28 -8.20
O7 NAG EB . 29.81 -34.48 -10.57
C1 NAG FB . 10.91 -33.68 25.87
C2 NAG FB . 10.11 -33.21 27.08
C3 NAG FB . 10.48 -31.77 27.44
C4 NAG FB . 11.98 -31.58 27.57
C5 NAG FB . 12.71 -32.16 26.36
C6 NAG FB . 14.21 -32.19 26.52
C7 NAG FB . 7.82 -33.84 27.66
C8 NAG FB . 6.38 -33.81 27.24
N2 NAG FB . 8.68 -33.29 26.80
O3 NAG FB . 9.83 -31.44 28.66
O4 NAG FB . 12.27 -30.19 27.58
O5 NAG FB . 12.30 -33.53 26.15
O6 NAG FB . 14.70 -33.52 26.60
O7 NAG FB . 8.17 -34.35 28.71
C1 NAG FB . 12.49 -29.55 28.85
C2 NAG FB . 12.84 -28.09 28.52
C3 NAG FB . 12.95 -27.24 29.78
C4 NAG FB . 11.71 -27.40 30.65
C5 NAG FB . 11.50 -28.88 30.95
C6 NAG FB . 10.25 -29.14 31.76
C7 NAG FB . 14.08 -27.92 26.42
C8 NAG FB . 15.43 -27.85 25.78
N2 NAG FB . 14.07 -28.02 27.75
O3 NAG FB . 13.09 -25.88 29.38
O4 NAG FB . 11.72 -26.63 31.86
O5 NAG FB . 11.35 -29.58 29.72
O6 NAG FB . 10.32 -30.39 32.42
O7 NAG FB . 13.05 -27.88 25.76
C1 BMA FB . 12.96 -26.41 32.57
C2 BMA FB . 12.72 -25.22 33.54
C3 BMA FB . 13.26 -25.53 34.96
C4 BMA FB . 14.63 -26.30 34.97
C5 BMA FB . 14.71 -27.37 33.86
C6 BMA FB . 15.22 -28.71 34.34
O2 BMA FB . 11.35 -24.93 33.67
O3 BMA FB . 12.29 -26.21 35.76
O4 BMA FB . 15.70 -25.38 34.84
O5 BMA FB . 13.40 -27.55 33.29
O6 BMA FB . 14.11 -29.60 34.40
C1 MAN FB . 12.65 -26.06 37.15
C2 MAN FB . 12.43 -27.46 37.88
C3 MAN FB . 10.99 -27.65 38.38
C4 MAN FB . 10.45 -26.39 39.06
C5 MAN FB . 10.52 -25.22 38.08
C6 MAN FB . 9.96 -23.94 38.65
O2 MAN FB . 13.25 -27.57 39.03
O3 MAN FB . 10.88 -28.77 39.25
O4 MAN FB . 9.10 -26.59 39.47
O5 MAN FB . 11.91 -24.99 37.77
O6 MAN FB . 11.00 -23.28 39.35
C1 NAG GB . 21.45 45.54 27.29
C2 NAG GB . 21.87 45.27 25.86
C3 NAG GB . 22.29 46.57 25.17
C4 NAG GB . 21.17 47.60 25.27
C5 NAG GB . 20.75 47.78 26.73
C6 NAG GB . 19.54 48.69 26.89
C7 NAG GB . 22.90 43.19 25.06
C8 NAG GB . 24.11 42.30 25.13
N2 NAG GB . 22.96 44.29 25.80
O3 NAG GB . 22.59 46.30 23.80
O4 NAG GB . 21.63 48.85 24.75
O5 NAG GB . 20.39 46.52 27.30
O6 NAG GB . 19.93 50.04 27.10
O7 NAG GB . 21.93 42.92 24.37
C1 NAG GB . 20.96 49.20 23.52
C2 NAG GB . 21.55 50.51 22.98
C3 NAG GB . 20.88 50.89 21.66
C4 NAG GB . 20.96 49.72 20.66
C5 NAG GB . 20.39 48.45 21.30
C6 NAG GB . 20.55 47.23 20.43
C7 NAG GB . 22.32 52.54 24.11
C8 NAG GB . 22.00 53.58 25.16
N2 NAG GB . 21.40 51.58 23.95
O3 NAG GB . 21.51 52.04 21.12
O4 NAG GB . 20.21 50.03 19.49
O5 NAG GB . 21.08 48.17 22.53
O6 NAG GB . 20.54 46.03 21.20
O7 NAG GB . 23.35 52.59 23.45
C1 BMA GB . 21.08 50.27 18.36
C2 BMA GB . 20.76 49.24 17.26
C3 BMA GB . 21.54 49.57 15.97
C4 BMA GB . 21.40 51.04 15.57
C5 BMA GB . 21.78 51.96 16.75
C6 BMA GB . 21.60 53.43 16.45
O2 BMA GB . 19.38 49.26 16.92
O3 BMA GB . 21.16 48.71 14.89
O4 BMA GB . 22.23 51.33 14.46
O5 BMA GB . 20.93 51.61 17.88
O6 BMA GB . 22.14 53.69 15.16
C1 NAG HB . 2.30 26.28 44.81
C2 NAG HB . 2.58 27.50 45.68
C3 NAG HB . 4.07 27.58 46.03
C4 NAG HB . 4.57 26.26 46.60
C5 NAG HB . 4.21 25.11 45.66
C6 NAG HB . 4.56 23.74 46.20
C7 NAG HB . 0.89 29.15 44.99
C8 NAG HB . 0.65 30.43 44.23
N2 NAG HB . 2.15 28.72 45.01
O3 NAG HB . 4.27 28.63 46.98
O4 NAG HB . 5.99 26.30 46.70
O5 NAG HB . 2.79 25.11 45.45
O6 NAG HB . 4.36 23.67 47.60
O7 NAG HB . -0.01 28.55 45.55
C1 NAG HB . 6.42 26.31 48.07
C2 NAG HB . 7.81 25.67 48.12
C3 NAG HB . 8.37 25.72 49.53
C4 NAG HB . 8.39 27.16 50.03
C5 NAG HB . 6.99 27.74 49.97
C6 NAG HB . 6.91 29.20 50.36
C7 NAG HB . 8.19 23.99 46.38
C8 NAG HB . 8.12 22.54 46.03
N2 NAG HB . 7.79 24.31 47.62
O3 NAG HB . 9.67 25.16 49.54
O4 NAG HB . 8.91 27.22 51.35
O5 NAG HB . 6.48 27.65 48.63
O6 NAG HB . 5.71 29.79 49.88
O7 NAG HB . 8.58 24.83 45.58
C1 BMA HB . 10.22 27.86 51.37
C2 BMA HB . 10.88 27.56 52.74
C3 BMA HB . 12.34 28.05 52.74
C4 BMA HB . 13.12 27.54 51.51
C5 BMA HB . 12.38 27.98 50.23
C6 BMA HB . 13.05 27.49 48.96
O2 BMA HB . 10.91 26.17 52.99
O3 BMA HB . 13.02 27.70 53.94
O4 BMA HB . 14.44 28.07 51.51
O5 BMA HB . 11.05 27.43 50.28
O6 BMA HB . 14.45 27.68 49.08
C1 MAN HB . 12.91 28.82 54.85
C2 MAN HB . 14.31 29.01 55.55
C3 MAN HB . 14.51 27.97 56.67
C4 MAN HB . 13.29 27.88 57.61
C5 MAN HB . 12.03 27.57 56.77
C6 MAN HB . 10.78 27.51 57.60
O2 MAN HB . 14.41 30.28 56.17
O3 MAN HB . 15.68 28.23 57.43
O4 MAN HB . 13.47 26.87 58.57
O5 MAN HB . 11.86 28.63 55.79
O6 MAN HB . 9.67 27.79 56.74
C1 NAG IB . -49.38 -6.32 -1.90
C2 NAG IB . -50.77 -5.95 -1.39
C3 NAG IB . -51.32 -4.72 -2.13
C4 NAG IB . -50.31 -3.59 -2.14
C5 NAG IB . -48.95 -4.08 -2.61
C6 NAG IB . -47.84 -3.06 -2.51
C7 NAG IB . -52.12 -7.73 -2.55
C8 NAG IB . -53.09 -8.85 -2.31
N2 NAG IB . -51.71 -7.07 -1.46
O3 NAG IB . -52.53 -4.31 -1.50
O4 NAG IB . -50.76 -2.56 -3.01
O5 NAG IB . -48.53 -5.19 -1.81
O6 NAG IB . -46.62 -3.65 -2.09
O7 NAG IB . -51.73 -7.45 -3.70
C1 NAG IB . -51.03 -1.30 -2.34
C2 NAG IB . -52.54 -1.06 -2.24
C3 NAG IB . -52.83 0.25 -1.51
C4 NAG IB . -52.14 0.25 -0.14
C5 NAG IB . -50.65 -0.04 -0.30
C6 NAG IB . -49.93 -0.18 1.03
C7 NAG IB . -54.39 -1.46 -3.81
C8 NAG IB . -54.86 -1.37 -5.23
N2 NAG IB . -53.15 -1.03 -3.57
O3 NAG IB . -54.23 0.42 -1.34
O4 NAG IB . -52.31 1.52 0.48
O5 NAG IB . -50.45 -1.27 -1.01
O6 NAG IB . -48.97 -1.22 0.98
O7 NAG IB . -55.11 -1.91 -2.92
C1 NAG JB . -56.30 -9.15 9.44
C2 NAG JB . -57.11 -9.44 10.70
C3 NAG JB . -58.51 -8.82 10.59
C4 NAG JB . -58.43 -7.35 10.21
C5 NAG JB . -57.58 -7.18 8.96
C6 NAG JB . -57.36 -5.73 8.59
C7 NAG JB . -56.36 -11.53 11.74
C8 NAG JB . -56.59 -13.00 11.86
N2 NAG JB . -57.21 -10.87 10.94
O3 NAG JB . -59.17 -8.97 11.84
O4 NAG JB . -59.74 -6.88 9.91
O5 NAG JB . -56.28 -7.74 9.18
O6 NAG JB . -56.87 -5.62 7.26
O7 NAG JB . -55.45 -10.96 12.33
C1 NAG JB . -60.29 -5.95 10.86
C2 NAG JB . -61.63 -5.49 10.28
C3 NAG JB . -62.38 -4.62 11.29
C4 NAG JB . -62.52 -5.35 12.63
C5 NAG JB . -61.13 -5.68 13.14
C6 NAG JB . -61.13 -6.43 14.44
C7 NAG JB . -61.47 -5.35 7.85
C8 NAG JB . -61.26 -4.44 6.67
N2 NAG JB . -61.45 -4.76 9.05
O3 NAG JB . -63.67 -4.31 10.77
O4 NAG JB . -63.35 -4.69 13.58
O5 NAG JB . -60.47 -6.52 12.17
O6 NAG JB . -60.98 -7.83 14.24
O7 NAG JB . -61.65 -6.55 7.71
C1 BMA JB . -63.09 -3.31 13.93
C2 BMA JB . -64.34 -2.47 13.54
C3 BMA JB . -64.20 -1.07 14.10
C4 BMA JB . -64.03 -1.12 15.61
C5 BMA JB . -62.72 -1.88 15.91
C6 BMA JB . -62.45 -2.01 17.40
O2 BMA JB . -65.51 -3.02 14.11
O3 BMA JB . -65.30 -0.25 13.73
O4 BMA JB . -63.96 0.18 16.14
O5 BMA JB . -62.79 -3.22 15.32
O6 BMA JB . -63.69 -2.20 18.06
C1 MAN JB . -64.79 0.78 12.86
C2 MAN JB . -65.84 1.94 12.77
C3 MAN JB . -66.98 1.56 11.82
C4 MAN JB . -66.44 1.05 10.47
C5 MAN JB . -65.57 -0.18 10.73
C6 MAN JB . -65.00 -0.77 9.47
O2 MAN JB . -65.26 3.11 12.22
O3 MAN JB . -67.87 2.65 11.61
O4 MAN JB . -67.52 0.70 9.62
O5 MAN JB . -64.46 0.24 11.57
O6 MAN JB . -63.79 -0.09 9.16
C1 NAG KB . -41.38 -15.09 -0.45
C2 NAG KB . -41.71 -16.18 0.55
C3 NAG KB . -41.24 -17.53 0.02
C4 NAG KB . -41.79 -17.80 -1.37
C5 NAG KB . -41.46 -16.62 -2.30
C6 NAG KB . -42.10 -16.73 -3.66
C7 NAG KB . -41.77 -15.27 2.81
C8 NAG KB . -41.01 -15.04 4.08
N2 NAG KB . -41.12 -15.90 1.84
O3 NAG KB . -41.66 -18.56 0.91
O4 NAG KB . -41.21 -18.99 -1.90
O5 NAG KB . -41.95 -15.40 -1.72
O6 NAG KB . -41.43 -17.68 -4.48
O7 NAG KB . -42.93 -14.89 2.68
C1 NAG KB . -42.21 -20.03 -2.08
C2 NAG KB . -41.49 -21.35 -2.25
C3 NAG KB . -42.49 -22.48 -2.44
C4 NAG KB . -43.53 -22.48 -1.31
C5 NAG KB . -44.15 -21.10 -1.16
C6 NAG KB . -45.07 -20.99 0.04
C7 NAG KB . -39.24 -21.36 -3.21
C8 NAG KB . -38.43 -21.30 -4.47
N2 NAG KB . -40.57 -21.30 -3.37
O3 NAG KB . -41.80 -23.71 -2.48
O4 NAG KB . -44.55 -23.43 -1.62
O5 NAG KB . -43.13 -20.11 -0.97
O6 NAG KB . -44.39 -20.50 1.17
O7 NAG KB . -38.71 -21.49 -2.11
C1 BMA KB . -44.46 -24.58 -0.75
C2 BMA KB . -45.82 -25.32 -0.81
C3 BMA KB . -45.73 -26.62 0.01
C4 BMA KB . -44.49 -27.45 -0.33
C5 BMA KB . -43.22 -26.58 -0.27
C6 BMA KB . -41.95 -27.30 -0.69
O2 BMA KB . -46.12 -25.69 -2.14
O3 BMA KB . -46.88 -27.43 -0.17
O4 BMA KB . -44.37 -28.54 0.57
O5 BMA KB . -43.40 -25.43 -1.13
O6 BMA KB . -41.95 -27.43 -2.10
C1 MAN KB . -47.69 -27.33 1.02
C2 MAN KB . -48.45 -28.67 1.17
C3 MAN KB . -49.54 -28.81 0.09
C4 MAN KB . -50.42 -27.53 0.00
C5 MAN KB . -49.50 -26.31 -0.22
C6 MAN KB . -50.26 -25.01 -0.29
O2 MAN KB . -49.13 -28.76 2.42
O3 MAN KB . -50.36 -29.94 0.32
O4 MAN KB . -51.32 -27.65 -1.09
O5 MAN KB . -48.58 -26.23 0.89
O6 MAN KB . -51.05 -25.03 -1.48
C1 MAN KB . -41.74 -28.82 -2.42
C2 MAN KB . -40.79 -28.90 -3.65
C3 MAN KB . -41.52 -28.48 -4.94
C4 MAN KB . -42.87 -29.21 -5.09
C5 MAN KB . -43.72 -28.96 -3.84
C6 MAN KB . -45.05 -29.66 -3.89
O2 MAN KB . -40.35 -30.24 -3.87
O3 MAN KB . -40.71 -28.69 -6.08
O4 MAN KB . -43.55 -28.73 -6.23
O5 MAN KB . -42.99 -29.45 -2.69
O6 MAN KB . -46.03 -28.78 -3.34
C1 NAG LB . -34.96 -14.33 -13.90
C2 NAG LB . -36.23 -13.47 -14.10
C3 NAG LB . -37.20 -14.13 -15.09
C4 NAG LB . -36.50 -14.61 -16.36
C5 NAG LB . -35.25 -15.41 -16.01
C6 NAG LB . -34.44 -15.81 -17.22
C7 NAG LB . -37.42 -13.98 -11.95
C8 NAG LB . -38.03 -13.35 -10.74
N2 NAG LB . -36.88 -13.13 -12.84
O3 NAG LB . -38.22 -13.20 -15.43
O4 NAG LB . -37.39 -15.46 -17.06
O5 NAG LB . -34.39 -14.65 -15.16
O6 NAG LB . -34.49 -14.80 -18.23
O7 NAG LB . -37.43 -15.20 -12.11
C1 NAG LB . -37.83 -14.91 -18.32
C2 NAG LB . -38.64 -16.02 -18.99
C3 NAG LB . -39.18 -15.53 -20.32
C4 NAG LB . -40.04 -14.27 -20.09
C5 NAG LB . -39.16 -13.21 -19.45
C6 NAG LB . -39.91 -11.94 -19.12
C7 NAG LB . -37.96 -18.27 -18.34
C8 NAG LB . -37.09 -19.45 -18.65
N2 NAG LB . -37.86 -17.23 -19.16
O3 NAG LB . -39.96 -16.57 -20.91
O4 NAG LB . -40.62 -13.81 -21.31
O5 NAG LB . -38.63 -13.71 -18.20
O6 NAG LB . -40.58 -12.04 -17.86
O7 NAG LB . -38.72 -18.27 -17.37
C1 BMA LB . -42.04 -14.09 -21.23
C2 BMA LB . -42.81 -13.26 -22.31
C3 BMA LB . -44.30 -13.68 -22.29
C4 BMA LB . -44.47 -15.22 -22.36
C5 BMA LB . -43.66 -15.88 -21.26
C6 BMA LB . -43.70 -17.40 -21.29
O2 BMA LB . -42.32 -13.55 -23.61
O3 BMA LB . -45.06 -13.02 -23.32
O4 BMA LB . -45.84 -15.57 -22.22
O5 BMA LB . -42.30 -15.48 -21.42
O6 BMA LB . -43.89 -17.80 -22.64
C1 MAN LB . -46.27 -12.36 -22.87
C2 MAN LB . -45.87 -10.91 -22.25
C3 MAN LB . -46.13 -10.80 -20.76
C4 MAN LB . -47.51 -11.34 -20.41
C5 MAN LB . -47.44 -12.84 -20.57
C6 MAN LB . -48.73 -13.55 -20.20
O2 MAN LB . -46.64 -9.88 -22.84
O3 MAN LB . -45.98 -9.45 -20.30
O4 MAN LB . -47.81 -11.02 -19.05
O5 MAN LB . -47.12 -13.21 -21.99
O6 MAN LB . -48.49 -14.94 -20.22
C1 MAN LB . -46.02 -9.48 -24.08
C2 MAN LB . -45.34 -8.10 -23.84
C3 MAN LB . -46.40 -6.99 -23.73
C4 MAN LB . -47.42 -7.04 -24.88
C5 MAN LB . -48.04 -8.44 -24.95
C6 MAN LB . -49.01 -8.60 -26.12
O2 MAN LB . -44.51 -7.73 -24.94
O3 MAN LB . -45.80 -5.70 -23.65
O4 MAN LB . -48.44 -6.07 -24.68
O5 MAN LB . -46.99 -9.41 -25.13
O6 MAN LB . -48.26 -8.55 -27.33
C1 MAN LB . -43.13 -7.87 -24.55
C2 MAN LB . -42.28 -6.89 -25.41
C3 MAN LB . -42.15 -7.42 -26.84
C4 MAN LB . -41.69 -8.89 -26.89
C5 MAN LB . -42.67 -9.74 -26.06
C6 MAN LB . -42.28 -11.20 -25.98
O2 MAN LB . -40.95 -6.78 -24.91
O3 MAN LB . -41.26 -6.62 -27.61
O4 MAN LB . -41.67 -9.37 -28.22
O5 MAN LB . -42.70 -9.22 -24.69
O6 MAN LB . -43.36 -11.92 -25.40
C1 MAN LB . -42.90 -18.80 -22.97
C2 MAN LB . -42.45 -18.55 -24.46
C3 MAN LB . -43.50 -19.08 -25.47
C4 MAN LB . -43.97 -20.52 -25.10
C5 MAN LB . -44.50 -20.51 -23.66
C6 MAN LB . -44.97 -21.88 -23.20
O2 MAN LB . -41.24 -19.25 -24.76
O3 MAN LB . -43.00 -19.04 -26.80
O4 MAN LB . -45.01 -20.95 -25.97
O5 MAN LB . -43.42 -20.10 -22.77
O6 MAN LB . -45.90 -21.69 -22.14
C1 MAN LB . -43.92 -18.32 -27.66
C2 MAN LB . -43.51 -18.60 -29.15
C3 MAN LB . -42.29 -17.78 -29.53
C4 MAN LB . -42.49 -16.29 -29.21
C5 MAN LB . -42.77 -16.13 -27.71
C6 MAN LB . -43.05 -14.70 -27.31
O2 MAN LB . -44.54 -18.22 -30.06
O3 MAN LB . -41.95 -17.94 -30.91
O4 MAN LB . -41.33 -15.55 -29.55
O5 MAN LB . -43.95 -16.91 -27.35
O6 MAN LB . -42.16 -13.85 -28.04
C1 NAG MB . -30.52 7.84 -8.29
C2 NAG MB . -30.63 9.35 -8.12
C3 NAG MB . -31.52 9.67 -6.90
C4 NAG MB . -32.86 8.94 -6.98
C5 NAG MB . -32.65 7.46 -7.25
C6 NAG MB . -33.94 6.72 -7.54
C7 NAG MB . -28.54 10.28 -8.98
C8 NAG MB . -27.22 10.89 -8.63
N2 NAG MB . -29.32 9.95 -7.95
O3 NAG MB . -31.74 11.08 -6.86
O4 NAG MB . -33.52 9.06 -5.73
O5 NAG MB . -31.82 7.27 -8.41
O6 NAG MB . -34.67 7.37 -8.58
O7 NAG MB . -28.89 10.10 -10.15
C1 NAG MB . -34.73 9.84 -5.79
C2 NAG MB . -34.91 10.46 -4.41
C3 NAG MB . -36.16 11.34 -4.38
C4 NAG MB . -36.12 12.38 -5.50
C5 NAG MB . -35.89 11.70 -6.85
C6 NAG MB . -35.68 12.69 -7.98
C7 NAG MB . -34.49 9.60 -2.15
C8 NAG MB . -34.65 8.43 -1.23
N2 NAG MB . -34.97 9.44 -3.39
O3 NAG MB . -36.25 12.00 -3.12
O4 NAG MB . -37.30 13.18 -5.48
O5 NAG MB . -34.71 10.89 -6.79
O6 NAG MB . -36.01 12.11 -9.24
O7 NAG MB . -33.96 10.65 -1.80
C1 BMA MB . -38.57 12.55 -5.79
C2 BMA MB . -39.55 12.61 -4.58
C3 BMA MB . -40.90 12.03 -5.00
C4 BMA MB . -41.46 12.77 -6.22
C5 BMA MB . -40.45 12.77 -7.39
C6 BMA MB . -40.86 13.74 -8.49
O2 BMA MB . -39.80 13.95 -4.19
O3 BMA MB . -41.83 12.05 -3.94
O4 BMA MB . -42.67 12.17 -6.64
O5 BMA MB . -39.13 13.20 -6.93
O6 BMA MB . -40.36 15.03 -8.16
C1 MAN MB . -41.44 15.99 -8.17
C2 MAN MB . -40.88 17.36 -8.68
C3 MAN MB . -40.05 18.04 -7.58
C4 MAN MB . -40.82 18.12 -6.25
C5 MAN MB . -41.22 16.70 -5.83
C6 MAN MB . -42.02 16.68 -4.54
O2 MAN MB . -41.93 18.27 -8.99
O3 MAN MB . -39.62 19.35 -7.98
O4 MAN MB . -39.99 18.70 -5.25
O5 MAN MB . -42.04 16.11 -6.87
O6 MAN MB . -41.45 17.63 -3.64
C1 NAG NB . -18.31 29.09 30.49
C2 NAG NB . -18.88 30.46 30.19
C3 NAG NB . -17.75 31.48 30.03
C4 NAG NB . -16.80 31.45 31.21
C5 NAG NB . -16.33 30.03 31.49
C6 NAG NB . -15.53 29.90 32.76
C7 NAG NB . -20.81 31.21 28.89
C8 NAG NB . -21.56 31.09 27.60
N2 NAG NB . -19.72 30.44 29.01
O3 NAG NB . -18.31 32.78 29.88
O4 NAG NB . -15.67 32.26 30.92
O5 NAG NB . -17.46 29.16 31.64
O6 NAG NB . -15.53 28.57 33.23
O7 NAG NB . -21.17 31.96 29.78
C1 NAG NB . -15.63 33.50 31.67
C2 NAG NB . -15.05 34.57 30.77
C3 NAG NB . -14.97 35.90 31.51
C4 NAG NB . -16.33 36.28 32.09
C5 NAG NB . -16.90 35.12 32.92
C6 NAG NB . -18.32 35.37 33.37
C7 NAG NB . -13.55 33.68 29.04
C8 NAG NB . -12.12 33.33 28.70
N2 NAG NB . -13.73 34.18 30.27
O3 NAG NB . -14.50 36.88 30.60
O4 NAG NB . -16.19 37.39 32.98
O5 NAG NB . -16.93 33.91 32.14
O6 NAG NB . -18.89 34.19 33.92
O7 NAG NB . -14.46 33.52 28.26
C1 BMA NB . -16.54 38.66 32.37
C2 BMA NB . -17.35 39.52 33.38
C3 BMA NB . -17.47 40.97 32.87
C4 BMA NB . -16.12 41.54 32.44
C5 BMA NB . -15.50 40.62 31.37
C6 BMA NB . -14.13 41.07 30.92
O2 BMA NB . -16.70 39.59 34.64
O3 BMA NB . -18.08 41.83 33.81
O4 BMA NB . -16.28 42.83 31.89
O5 BMA NB . -15.34 39.31 31.96
O6 BMA NB . -13.16 40.43 31.73
C1 NAG OB . -23.22 -0.28 25.66
C2 NAG OB . -23.43 -0.92 24.31
C3 NAG OB . -24.07 -2.29 24.47
C4 NAG OB . -23.25 -3.16 25.43
C5 NAG OB . -23.02 -2.41 26.74
C6 NAG OB . -22.08 -3.12 27.67
C7 NAG OB . -23.96 0.17 22.18
C8 NAG OB . -24.91 1.06 21.44
N2 NAG OB . -24.25 -0.08 23.45
O3 NAG OB . -24.16 -2.94 23.20
O4 NAG OB . -23.97 -4.36 25.69
O5 NAG OB . -22.44 -1.12 26.48
O6 NAG OB . -21.03 -3.77 26.97
O7 NAG OB . -22.96 -0.29 21.64
C1 NAG OB . -23.25 -5.50 25.17
C2 NAG OB . -23.85 -6.77 25.78
C3 NAG OB . -23.10 -7.99 25.27
C4 NAG OB . -23.09 -8.02 23.74
C5 NAG OB . -22.59 -6.69 23.18
C6 NAG OB . -22.74 -6.58 21.68
C7 NAG OB . -24.91 -6.59 27.98
C8 NAG OB . -24.69 -6.55 29.46
N2 NAG OB . -23.81 -6.71 27.23
O3 NAG OB . -23.73 -9.16 25.77
O4 NAG OB . -22.22 -9.05 23.29
O5 NAG OB . -23.34 -5.58 23.74
O6 NAG OB . -24.11 -6.49 21.31
O7 NAG OB . -26.03 -6.53 27.49
C1 BMA OB . -22.93 -10.16 22.73
C2 BMA OB . -21.94 -10.94 21.87
C3 BMA OB . -22.63 -12.16 21.26
C4 BMA OB . -23.37 -13.02 22.31
C5 BMA OB . -24.15 -12.16 23.36
C6 BMA OB . -24.44 -12.95 24.64
O2 BMA OB . -20.91 -11.46 22.68
O3 BMA OB . -21.67 -12.98 20.61
O4 BMA OB . -24.28 -13.88 21.64
O5 BMA OB . -23.43 -10.97 23.75
O6 BMA OB . -23.31 -13.80 24.94
C1 MAN OB . -21.77 -12.88 19.18
C2 MAN OB . -21.05 -14.10 18.59
C3 MAN OB . -19.57 -13.99 19.00
C4 MAN OB . -18.95 -12.73 18.39
C5 MAN OB . -19.73 -11.51 18.92
C6 MAN OB . -19.31 -10.22 18.26
O2 MAN OB . -21.11 -14.04 17.16
O3 MAN OB . -18.78 -15.15 18.69
O4 MAN OB . -17.60 -12.63 18.78
O5 MAN OB . -21.17 -11.68 18.69
O6 MAN OB . -17.89 -10.12 18.37
C1 MAN OB . -21.22 -15.36 16.56
C2 MAN OB . -21.23 -15.15 15.00
C3 MAN OB . -22.64 -14.80 14.50
C4 MAN OB . -23.66 -15.81 15.01
C5 MAN OB . -23.68 -15.76 16.53
C6 MAN OB . -24.65 -16.76 17.13
O2 MAN OB . -20.87 -16.35 14.32
O3 MAN OB . -22.69 -14.71 13.09
O4 MAN OB . -24.96 -15.50 14.51
O5 MAN OB . -22.36 -16.09 17.05
O6 MAN OB . -24.13 -18.06 16.87
C1 MAN OB . -22.46 -13.18 25.93
C2 MAN OB . -21.10 -13.95 25.95
C3 MAN OB . -21.24 -15.29 26.68
C4 MAN OB . -21.91 -15.13 28.05
C5 MAN OB . -23.27 -14.44 27.87
C6 MAN OB . -23.94 -14.14 29.19
O2 MAN OB . -20.11 -13.22 26.67
O3 MAN OB . -19.97 -15.93 26.83
O4 MAN OB . -22.11 -16.40 28.63
O5 MAN OB . -23.08 -13.17 27.23
O6 MAN OB . -23.52 -12.85 29.61
C1 NAG PB . -34.37 -3.26 30.64
C2 NAG PB . -35.41 -2.87 31.68
C3 NAG PB . -34.94 -3.31 33.07
C4 NAG PB . -34.58 -4.79 33.08
C5 NAG PB . -33.61 -5.12 31.94
C6 NAG PB . -33.34 -6.60 31.78
C7 NAG PB . -36.82 -0.89 31.31
C8 NAG PB . -36.89 0.60 31.36
N2 NAG PB . -35.64 -1.43 31.67
O3 NAG PB . -35.98 -3.06 34.01
O4 NAG PB . -33.96 -5.12 34.32
O5 NAG PB . -34.14 -4.66 30.69
O6 NAG PB . -32.01 -6.84 31.37
O7 NAG PB . -37.78 -1.58 30.98
C1 NAG PB . -34.75 -6.01 35.13
C2 NAG PB . -34.15 -6.04 36.54
C3 NAG PB . -34.96 -6.95 37.45
C4 NAG PB . -36.43 -6.54 37.44
C5 NAG PB . -36.95 -6.52 36.00
C6 NAG PB . -38.38 -6.03 35.88
C7 NAG PB . -31.73 -5.62 36.63
C8 NAG PB . -30.36 -6.24 36.57
N2 NAG PB . -32.76 -6.47 36.51
O3 NAG PB . -34.46 -6.88 38.78
O4 NAG PB . -37.21 -7.46 38.20
O5 NAG PB . -36.15 -5.63 35.21
O6 NAG PB . -39.16 -6.92 35.09
O7 NAG PB . -31.90 -4.42 36.78
C1 NAG QB . -35.90 -18.69 16.14
C2 NAG QB . -35.81 -19.19 17.56
C3 NAG QB . -34.83 -20.35 17.66
C4 NAG QB . -35.18 -21.44 16.68
C5 NAG QB . -35.32 -20.86 15.27
C6 NAG QB . -35.85 -21.86 14.26
C7 NAG QB . -36.24 -17.65 19.43
C8 NAG QB . -35.69 -16.55 20.28
N2 NAG QB . -35.43 -18.12 18.48
O3 NAG QB . -34.84 -20.86 18.99
O4 NAG QB . -34.14 -22.42 16.66
O5 NAG QB . -36.25 -19.77 15.27
O6 NAG QB . -34.86 -22.84 13.96
O7 NAG QB . -37.37 -18.11 19.60
C1 NAG QB . -34.58 -23.68 17.19
C2 NAG QB . -33.46 -24.70 16.98
C3 NAG QB . -33.86 -26.06 17.56
C4 NAG QB . -34.26 -25.91 19.03
C5 NAG QB . -35.36 -24.86 19.16
C6 NAG QB . -35.72 -24.56 20.59
C7 NAG QB . -32.13 -24.16 14.99
C8 NAG QB . -31.91 -24.41 13.54
N2 NAG QB . -33.12 -24.83 15.57
O3 NAG QB . -32.75 -26.96 17.45
O4 NAG QB . -34.75 -27.15 19.53
O5 NAG QB . -34.92 -23.61 18.59
O6 NAG QB . -34.59 -24.11 21.33
O7 NAG QB . -31.43 -23.36 15.62
C1 NAG RB . -42.74 15.95 15.25
C2 NAG RB . -42.57 14.99 14.09
C3 NAG RB . -43.60 15.26 13.01
C4 NAG RB . -45.01 15.27 13.59
C5 NAG RB . -45.09 16.18 14.82
C6 NAG RB . -46.40 16.09 15.55
C7 NAG RB . -40.49 14.01 13.22
C8 NAG RB . -39.14 14.29 12.66
N2 NAG RB . -41.22 15.08 13.53
O3 NAG RB . -43.50 14.28 11.99
O4 NAG RB . -45.92 15.78 12.62
O5 NAG RB . -44.07 15.84 15.76
O6 NAG RB . -46.30 15.21 16.67
O7 NAG RB . -40.91 12.87 13.39
C1 NAG RB . -46.75 14.74 12.06
C2 NAG RB . -47.97 15.39 11.43
C3 NAG RB . -48.84 14.32 10.76
C4 NAG RB . -48.02 13.52 9.77
C5 NAG RB . -46.80 12.93 10.45
C6 NAG RB . -45.87 12.22 9.49
C7 NAG RB . -48.63 17.46 12.56
C8 NAG RB . -49.49 18.07 13.63
N2 NAG RB . -48.74 16.13 12.41
O3 NAG RB . -49.94 14.95 10.11
O4 NAG RB . -48.79 12.45 9.22
O5 NAG RB . -46.03 13.97 11.07
O6 NAG RB . -44.73 13.02 9.20
O7 NAG RB . -47.87 18.13 11.88
C1 BMA RB . -49.28 12.55 7.83
C2 BMA RB . -48.85 13.82 6.99
C3 BMA RB . -49.62 13.76 5.69
C4 BMA RB . -49.30 12.45 4.92
C5 BMA RB . -49.52 11.20 5.82
C6 BMA RB . -48.98 9.92 5.20
O2 BMA RB . -47.49 13.76 6.59
O3 BMA RB . -49.34 14.89 4.87
O4 BMA RB . -50.10 12.36 3.76
O5 BMA RB . -48.87 11.37 7.09
O6 BMA RB . -49.44 9.84 3.86
C1 NAG SB . -42.63 9.60 15.58
C2 NAG SB . -43.21 9.57 14.17
C3 NAG SB . -44.48 10.42 14.11
C4 NAG SB . -45.47 10.00 15.19
C5 NAG SB . -44.79 9.98 16.55
C6 NAG SB . -45.67 9.41 17.64
C7 NAG SB . -42.14 9.53 11.98
C8 NAG SB . -41.08 10.12 11.10
N2 NAG SB . -42.24 10.04 13.21
O3 NAG SB . -45.07 10.27 12.82
O4 NAG SB . -46.55 10.94 15.24
O5 NAG SB . -43.62 9.15 16.51
O6 NAG SB . -45.10 8.24 18.20
O7 NAG SB . -42.88 8.63 11.58
C1 NAG SB . -47.79 10.44 14.73
C2 NAG SB . -48.86 11.44 15.14
C3 NAG SB . -50.23 11.10 14.52
C4 NAG SB . -50.08 10.94 13.02
C5 NAG SB . -49.05 9.86 12.73
C6 NAG SB . -48.81 9.66 11.25
C7 NAG SB . -49.26 12.64 17.26
C8 NAG SB . -49.34 12.51 18.74
N2 NAG SB . -48.98 11.51 16.60
O3 NAG SB . -51.14 12.14 14.82
O4 NAG SB . -51.31 10.71 12.32
O5 NAG SB . -47.80 10.27 13.30
O6 NAG SB . -47.57 9.00 11.01
O7 NAG SB . -49.45 13.70 16.67
C1 BMA SB . -52.31 9.82 12.86
C2 BMA SB . -53.59 10.66 13.06
C3 BMA SB . -54.76 9.77 13.48
C4 BMA SB . -54.96 8.62 12.49
C5 BMA SB . -53.66 7.82 12.33
C6 BMA SB . -53.79 6.81 11.22
O2 BMA SB . -53.98 11.27 11.84
O3 BMA SB . -55.95 10.52 13.56
O4 BMA SB . -55.99 7.76 12.96
O5 BMA SB . -52.55 8.71 11.99
O6 BMA SB . -54.29 7.50 10.08
C1 MAN SB . -56.41 10.51 14.91
C2 MAN SB . -57.89 10.12 14.88
C3 MAN SB . -58.72 11.24 14.21
C4 MAN SB . -58.40 12.64 14.79
C5 MAN SB . -56.89 12.88 14.79
C6 MAN SB . -56.50 14.15 15.50
O2 MAN SB . -58.43 9.98 16.20
O3 MAN SB . -60.11 10.98 14.29
O4 MAN SB . -59.04 13.64 14.04
O5 MAN SB . -56.22 11.79 15.49
O6 MAN SB . -56.71 13.96 16.90
C1 MAN SB . -54.78 6.55 9.13
C2 MAN SB . -54.62 7.17 7.70
C3 MAN SB . -55.75 8.19 7.40
C4 MAN SB . -57.13 7.62 7.75
C5 MAN SB . -57.13 7.25 9.24
C6 MAN SB . -58.46 6.72 9.73
O2 MAN SB . -54.72 6.18 6.68
O3 MAN SB . -55.73 8.63 6.05
O4 MAN SB . -58.14 8.59 7.50
O5 MAN SB . -56.14 6.20 9.43
O6 MAN SB . -58.50 6.90 11.14
C1 NAG TB . -46.33 14.80 23.73
C2 NAG TB . -46.95 13.68 22.93
C3 NAG TB . -48.48 13.85 22.84
C4 NAG TB . -49.10 14.12 24.21
C5 NAG TB . -48.31 15.18 24.98
C6 NAG TB . -48.75 15.34 26.42
C7 NAG TB . -46.24 12.47 20.92
C8 NAG TB . -45.63 12.59 19.55
N2 NAG TB . -46.38 13.61 21.60
O3 NAG TB . -49.00 12.66 22.28
O4 NAG TB . -50.42 14.65 24.07
O5 NAG TB . -46.92 14.86 25.01
O6 NAG TB . -47.65 15.63 27.27
O7 NAG TB . -46.61 11.39 21.37
C1 NAG TB . -51.51 13.69 23.97
C2 NAG TB . -52.38 13.68 25.23
C3 NAG TB . -53.58 12.75 25.03
C4 NAG TB . -54.35 13.11 23.76
C5 NAG TB . -53.41 13.14 22.57
C6 NAG TB . -54.07 13.61 21.30
C7 NAG TB . -51.75 13.84 27.60
C8 NAG TB . -50.90 13.29 28.69
N2 NAG TB . -51.62 13.27 26.40
O3 NAG TB . -54.44 12.82 26.16
O4 NAG TB . -55.39 12.16 23.53
O5 NAG TB . -52.32 14.04 22.82
O6 NAG TB . -53.72 12.80 20.18
O7 NAG TB . -52.53 14.77 27.79
C1 NAG UB . -40.65 -2.62 26.37
C2 NAG UB . -40.41 -4.12 26.30
C3 NAG UB . -41.56 -4.81 25.57
C4 NAG UB . -42.90 -4.44 26.20
C5 NAG UB . -43.03 -2.92 26.29
C6 NAG UB . -44.26 -2.47 27.03
C7 NAG UB . -38.09 -4.91 26.27
C8 NAG UB . -36.87 -5.13 25.44
N2 NAG UB . -39.14 -4.41 25.63
O3 NAG UB . -41.35 -6.22 25.62
O4 NAG UB . -43.97 -4.92 25.39
O5 NAG UB . -41.91 -2.37 27.00
O6 NAG UB . -44.00 -1.35 27.84
O7 NAG UB . -38.11 -5.16 27.47
C1 NAG UB . -44.60 -6.10 25.94
C2 NAG UB . -46.06 -6.13 25.49
C3 NAG UB . -46.74 -7.40 25.98
C4 NAG UB . -45.96 -8.64 25.55
C5 NAG UB . -44.49 -8.51 25.93
C6 NAG UB . -43.63 -9.60 25.34
C7 NAG UB . -47.10 -4.51 27.11
C8 NAG UB . -47.91 -3.26 27.19
N2 NAG UB . -46.81 -4.94 25.87
O3 NAG UB . -48.06 -7.39 25.46
O4 NAG UB . -46.42 -9.79 26.24
O5 NAG UB . -43.94 -7.27 25.46
O6 NAG UB . -42.88 -9.13 24.24
O7 NAG UB . -46.70 -5.09 28.13
C1 BMA UB . -47.49 -10.52 25.62
C2 BMA UB . -47.17 -12.01 25.72
C3 BMA UB . -48.42 -12.88 25.61
C4 BMA UB . -49.57 -12.34 26.47
C5 BMA UB . -49.84 -10.91 26.04
C6 BMA UB . -50.97 -10.28 26.84
O2 BMA UB . -46.62 -12.29 26.99
O3 BMA UB . -48.08 -14.19 26.01
O4 BMA UB . -50.74 -13.09 26.32
O5 BMA UB . -48.67 -10.15 26.31
O6 BMA UB . -50.72 -10.53 28.21
C1 MAN UB . -48.57 -15.21 25.09
C2 MAN UB . -48.11 -16.56 25.70
C3 MAN UB . -46.63 -16.74 25.45
C4 MAN UB . -46.35 -16.72 23.97
C5 MAN UB . -46.74 -15.35 23.40
C6 MAN UB . -46.64 -15.30 21.89
O2 MAN UB . -48.73 -17.64 25.04
O3 MAN UB . -46.16 -17.96 26.01
O4 MAN UB . -44.97 -16.92 23.73
O5 MAN UB . -48.12 -15.03 23.74
O6 MAN UB . -45.58 -16.17 21.50
C1 MAN UB . -49.54 -18.33 26.02
C2 MAN UB . -49.81 -19.75 25.49
C3 MAN UB . -50.74 -19.66 24.31
C4 MAN UB . -52.04 -18.95 24.69
C5 MAN UB . -51.69 -17.53 25.16
C6 MAN UB . -52.90 -16.77 25.65
O2 MAN UB . -50.58 -20.43 26.45
O3 MAN UB . -51.05 -20.95 23.78
O4 MAN UB . -52.91 -18.87 23.59
O5 MAN UB . -50.75 -17.61 26.26
O6 MAN UB . -54.03 -17.20 24.92
C1 MAN UB . -49.93 -21.62 26.92
C2 MAN UB . -51.06 -22.49 27.44
C3 MAN UB . -51.79 -21.70 28.52
C4 MAN UB . -50.83 -21.32 29.67
C5 MAN UB . -49.56 -20.61 29.12
C6 MAN UB . -48.46 -20.54 30.15
O2 MAN UB . -50.56 -23.66 28.09
O3 MAN UB . -52.92 -22.40 29.03
O4 MAN UB . -51.49 -20.44 30.56
O5 MAN UB . -49.03 -21.33 27.96
O6 MAN UB . -47.40 -19.76 29.61
C1 MAN UB . -51.78 -9.96 29.00
C2 MAN UB . -51.25 -9.84 30.44
C3 MAN UB . -51.09 -11.24 31.01
C4 MAN UB . -52.41 -12.02 30.95
C5 MAN UB . -52.84 -12.11 29.47
C6 MAN UB . -54.15 -12.84 29.27
O2 MAN UB . -52.21 -9.21 31.28
O3 MAN UB . -50.61 -11.21 32.34
O4 MAN UB . -52.21 -13.32 31.47
O5 MAN UB . -52.96 -10.76 28.94
O6 MAN UB . -55.23 -11.96 29.59
C1 MAN UB . -49.30 -11.81 32.35
C2 MAN UB . -49.32 -12.93 33.41
C3 MAN UB . -49.51 -12.33 34.80
C4 MAN UB . -48.51 -11.18 35.07
C5 MAN UB . -48.55 -10.15 33.92
C6 MAN UB . -47.50 -9.05 34.03
O2 MAN UB . -48.08 -13.62 33.45
O3 MAN UB . -49.42 -13.32 35.81
O4 MAN UB . -48.83 -10.53 36.29
O5 MAN UB . -48.34 -10.83 32.66
O6 MAN UB . -46.73 -9.27 35.20
C1 MAN UB . -56.09 -12.60 30.55
C2 MAN UB . -57.55 -12.46 30.07
C3 MAN UB . -57.94 -10.97 30.07
C4 MAN UB . -57.64 -10.30 31.44
C5 MAN UB . -56.18 -10.59 31.86
C6 MAN UB . -55.86 -10.13 33.28
O2 MAN UB . -58.45 -13.08 30.98
O3 MAN UB . -59.30 -10.78 29.72
O4 MAN UB . -57.84 -8.90 31.33
O5 MAN UB . -55.92 -12.02 31.81
O6 MAN UB . -54.55 -10.58 33.60
C1 NAG VB . -24.34 1.05 32.63
C2 NAG VB . -23.88 -0.39 32.93
C3 NAG VB . -24.47 -0.89 34.25
C4 NAG VB . -24.16 0.10 35.37
C5 NAG VB . -24.69 1.48 34.99
C6 NAG VB . -24.39 2.55 36.02
C7 NAG VB . -25.36 -1.67 31.35
C8 NAG VB . -25.34 -2.66 30.23
N2 NAG VB . -24.15 -1.32 31.84
O3 NAG VB . -23.94 -2.17 34.56
O4 NAG VB . -24.77 -0.33 36.59
O5 NAG VB . -24.06 1.89 33.76
O6 NAG VB . -25.21 2.36 37.17
O7 NAG VB . -26.41 -1.21 31.77
C1 NAG VB . -23.78 -0.77 37.55
C2 NAG VB . -24.36 -1.99 38.28
C3 NAG VB . -23.33 -2.54 39.29
C4 NAG VB . -22.02 -2.84 38.59
C5 NAG VB . -21.52 -1.60 37.87
C6 NAG VB . -20.27 -1.86 37.05
C7 NAG VB . -26.72 -2.38 38.85
C8 NAG VB . -27.91 -1.88 39.61
N2 NAG VB . -25.60 -1.65 38.97
O3 NAG VB . -23.85 -3.73 39.88
O4 NAG VB . -21.05 -3.25 39.55
O5 NAG VB . -22.52 -1.13 36.95
O6 NAG VB . -20.39 -3.04 36.28
O7 NAG VB . -26.76 -3.38 38.15
C1 NAG WB . -18.87 33.26 21.37
C2 NAG WB . -18.26 34.35 20.52
C3 NAG WB . -16.73 34.20 20.47
C4 NAG WB . -16.13 34.06 21.86
C5 NAG WB . -16.87 33.01 22.67
C6 NAG WB . -16.44 32.96 24.12
C7 NAG WB . -19.24 35.41 18.54
C8 NAG WB . -19.73 35.19 17.15
N2 NAG WB . -18.80 34.32 19.17
O3 NAG WB . -16.21 35.34 19.81
O4 NAG WB . -14.78 33.61 21.73
O5 NAG WB . -18.28 33.27 22.67
O6 NAG WB . -17.49 33.37 24.98
O7 NAG WB . -19.26 36.51 19.08
C1 NAG WB . -13.72 34.58 21.80
C2 NAG WB . -12.42 33.77 21.69
C3 NAG WB . -11.20 34.68 21.61
C4 NAG WB . -11.38 35.72 20.50
C5 NAG WB . -12.67 36.48 20.74
C6 NAG WB . -12.97 37.50 19.66
C7 NAG WB . -12.64 31.57 22.74
C8 NAG WB . -12.45 30.76 23.99
N2 NAG WB . -12.29 32.85 22.81
O3 NAG WB . -10.07 33.87 21.32
O4 NAG WB . -10.28 36.62 20.33
O5 NAG WB . -13.77 35.56 20.76
O6 NAG WB . -13.87 38.50 20.12
O7 NAG WB . -13.10 31.07 21.71
C1 BMA WB . -9.52 37.05 21.48
C2 BMA WB . -8.17 37.63 20.95
C3 BMA WB . -7.85 38.99 21.62
C4 BMA WB . -8.19 39.06 23.14
C5 BMA WB . -9.50 38.32 23.49
C6 BMA WB . -10.42 39.13 24.38
O2 BMA WB . -8.24 37.85 19.55
O3 BMA WB . -8.46 40.10 20.91
O4 BMA WB . -7.11 38.51 23.89
O5 BMA WB . -10.20 38.02 22.27
O6 BMA WB . -11.49 39.60 23.59
C1 MAN WB . -7.76 41.31 21.28
C2 MAN WB . -8.84 42.45 21.51
C3 MAN WB . -9.22 43.17 20.21
C4 MAN WB . -8.00 43.51 19.35
C5 MAN WB . -7.25 42.21 19.04
C6 MAN WB . -6.05 42.43 18.15
O2 MAN WB . -8.34 43.47 22.37
O3 MAN WB . -9.97 44.35 20.47
O4 MAN WB . -8.41 44.12 18.14
O5 MAN WB . -6.78 41.65 20.28
O6 MAN WB . -4.95 42.75 18.97
C1 NAG XB . 47.75 9.16 -3.59
C2 NAG XB . 48.29 10.04 -4.72
C3 NAG XB . 48.04 9.37 -6.07
C4 NAG XB . 48.61 7.96 -6.09
C5 NAG XB . 48.07 7.16 -4.91
C6 NAG XB . 48.69 5.79 -4.78
C7 NAG XB . 48.38 12.49 -4.58
C8 NAG XB . 47.58 13.75 -4.56
N2 NAG XB . 47.67 11.35 -4.69
O3 NAG XB . 48.65 10.15 -7.10
O4 NAG XB . 48.25 7.30 -7.30
O5 NAG XB . 48.34 7.85 -3.68
O6 NAG XB . 48.05 5.03 -3.76
O7 NAG XB . 49.60 12.48 -4.51
C1 NAG YB . 33.62 32.22 -38.08
C2 NAG YB . 35.13 32.35 -38.29
C3 NAG YB . 35.72 33.31 -37.26
C4 NAG YB . 34.99 34.64 -37.28
C5 NAG YB . 33.49 34.43 -37.12
C6 NAG YB . 32.69 35.70 -37.27
C7 NAG YB . 36.02 30.29 -39.28
C8 NAG YB . 36.69 28.98 -39.01
N2 NAG YB . 35.78 31.06 -38.21
O3 NAG YB . 37.10 33.50 -37.53
O4 NAG YB . 35.46 35.47 -36.23
O5 NAG YB . 33.01 33.53 -38.13
O6 NAG YB . 31.40 35.46 -37.77
O7 NAG YB . 35.70 30.64 -40.41
C1 NAG ZB . 19.71 -12.81 42.78
C2 NAG ZB . 20.27 -14.21 42.98
C3 NAG ZB . 19.16 -15.26 42.89
C4 NAG ZB . 18.02 -14.91 43.84
C5 NAG ZB . 17.55 -13.48 43.62
C6 NAG ZB . 16.52 -13.02 44.62
C7 NAG ZB . 22.56 -14.84 42.36
C8 NAG ZB . 23.51 -15.11 41.23
N2 NAG ZB . 21.32 -14.50 42.01
O3 NAG ZB . 19.68 -16.54 43.20
O4 NAG ZB . 16.93 -15.79 43.64
O5 NAG ZB . 18.66 -12.57 43.73
O6 NAG ZB . 15.99 -11.74 44.28
O7 NAG ZB . 22.90 -14.95 43.53
C1 NAG AC . 25.35 -50.44 21.03
C2 NAG AC . 25.80 -50.88 22.43
C3 NAG AC . 27.16 -50.28 22.76
C4 NAG AC . 28.18 -50.61 21.66
C5 NAG AC . 27.64 -50.20 20.29
C6 NAG AC . 28.53 -50.62 19.16
C7 NAG AC . 23.84 -51.30 23.83
C8 NAG AC . 22.92 -50.74 24.88
N2 NAG AC . 24.82 -50.49 23.43
O3 NAG AC . 27.62 -50.79 24.00
O4 NAG AC . 29.41 -49.94 21.92
O5 NAG AC . 26.36 -50.80 20.06
O6 NAG AC . 27.80 -50.83 17.96
O7 NAG AC . 23.70 -52.43 23.38
C1 NAG BC . 7.97 41.58 24.38
C2 NAG BC . 6.91 42.13 25.33
C3 NAG BC . 5.65 42.50 24.56
C4 NAG BC . 5.99 43.46 23.41
C5 NAG BC . 7.08 42.86 22.53
C6 NAG BC . 7.55 43.81 21.46
C7 NAG BC . 6.73 41.42 27.67
C8 NAG BC . 6.38 40.30 28.60
N2 NAG BC . 6.60 41.15 26.36
O3 NAG BC . 4.72 43.13 25.44
O4 NAG BC . 4.82 43.69 22.63
O5 NAG BC . 8.22 42.54 23.34
O6 NAG BC . 8.46 43.17 20.57
O7 NAG BC . 7.12 42.51 28.08
C1 NAG CC . -31.86 31.89 39.88
C2 NAG CC . -31.68 33.28 40.50
C3 NAG CC . -30.66 33.21 41.64
C4 NAG CC . -31.06 32.16 42.66
C5 NAG CC . -31.28 30.81 41.97
C6 NAG CC . -31.80 29.74 42.90
C7 NAG CC . -32.10 35.00 38.81
C8 NAG CC . -31.49 35.94 37.81
N2 NAG CC . -31.25 34.23 39.50
O3 NAG CC . -30.59 34.49 42.27
O4 NAG CC . -30.04 32.02 43.64
O5 NAG CC . -32.24 30.95 40.92
O6 NAG CC . -32.60 28.79 42.21
O7 NAG CC . -33.31 34.94 38.98
#